data_1MSH
#
_entry.id   1MSH
#
_cell.length_a   1.000
_cell.length_b   1.000
_cell.length_c   1.000
_cell.angle_alpha   90.00
_cell.angle_beta   90.00
_cell.angle_gamma   90.00
#
_symmetry.space_group_name_H-M   'P 1'
#
_entity_poly.entity_id   1
_entity_poly.type   'polypeptide(L)'
_entity_poly.pdbx_seq_one_letter_code
;ASVATELRCQCLQTLQGIHPKNIQSVNVKSPGPHCAQTEVIATLKNGRKACLNPASPIVKKIIEKMLNSDKS
;
_entity_poly.pdbx_strand_id   A,B
#
# COMPACT_ATOMS: atom_id res chain seq x y z
N ALA A 1 -28.31 -12.92 -8.36
CA ALA A 1 -29.24 -13.24 -7.24
C ALA A 1 -28.44 -13.77 -6.05
N SER A 2 -28.12 -12.91 -5.10
CA SER A 2 -27.34 -13.36 -3.91
C SER A 2 -27.43 -12.30 -2.80
N VAL A 3 -27.03 -12.64 -1.60
CA VAL A 3 -27.09 -11.66 -0.48
C VAL A 3 -25.68 -11.11 -0.20
N ALA A 4 -25.59 -9.86 0.18
CA ALA A 4 -24.25 -9.25 0.48
C ALA A 4 -24.06 -9.15 1.99
N THR A 5 -22.88 -9.46 2.47
CA THR A 5 -22.61 -9.39 3.95
C THR A 5 -22.36 -7.93 4.35
N GLU A 6 -22.27 -7.65 5.63
CA GLU A 6 -22.04 -6.24 6.07
C GLU A 6 -20.55 -6.01 6.40
N LEU A 7 -19.68 -6.67 5.68
CA LEU A 7 -18.22 -6.51 5.88
C LEU A 7 -17.61 -6.29 4.51
N ARG A 8 -17.72 -7.31 3.67
CA ARG A 8 -17.23 -7.28 2.29
C ARG A 8 -15.69 -7.23 2.28
N CYS A 9 -15.15 -6.12 2.69
CA CYS A 9 -13.68 -5.91 2.75
C CYS A 9 -12.97 -6.62 1.56
N GLN A 10 -11.75 -7.07 1.74
CA GLN A 10 -11.02 -7.74 0.61
C GLN A 10 -9.95 -8.73 1.12
N CYS A 11 -9.41 -8.54 2.30
CA CYS A 11 -8.35 -9.46 2.82
C CYS A 11 -8.75 -10.93 2.64
N LEU A 12 -7.80 -11.77 2.28
CA LEU A 12 -8.11 -13.22 2.13
C LEU A 12 -8.28 -13.79 3.55
N GLN A 13 -7.19 -13.82 4.28
CA GLN A 13 -7.19 -14.30 5.69
C GLN A 13 -5.81 -13.93 6.27
N THR A 14 -5.38 -12.72 5.98
CA THR A 14 -4.03 -12.20 6.41
C THR A 14 -3.00 -13.30 6.58
N LEU A 15 -2.20 -13.50 5.56
CA LEU A 15 -1.12 -14.51 5.64
C LEU A 15 0.03 -13.94 6.47
N GLN A 16 0.96 -14.77 6.87
CA GLN A 16 2.10 -14.28 7.69
C GLN A 16 3.34 -14.07 6.84
N GLY A 17 3.31 -13.07 6.00
CA GLY A 17 4.48 -12.75 5.13
C GLY A 17 4.84 -13.92 4.23
N ILE A 18 4.21 -14.00 3.09
CA ILE A 18 4.54 -15.10 2.14
C ILE A 18 5.79 -14.68 1.36
N HIS A 19 6.16 -15.43 0.35
CA HIS A 19 7.38 -15.05 -0.42
C HIS A 19 6.96 -14.16 -1.61
N PRO A 20 7.80 -13.19 -1.95
CA PRO A 20 7.51 -12.25 -3.04
C PRO A 20 7.72 -12.93 -4.41
N LYS A 21 8.54 -12.37 -5.29
CA LYS A 21 8.72 -12.97 -6.67
C LYS A 21 7.48 -12.62 -7.49
N ASN A 22 6.31 -12.90 -6.94
CA ASN A 22 5.04 -12.56 -7.61
C ASN A 22 4.60 -11.22 -7.01
N ILE A 23 4.54 -11.18 -5.71
CA ILE A 23 4.14 -9.97 -4.96
C ILE A 23 4.83 -8.73 -5.58
N GLN A 24 4.09 -7.92 -6.27
CA GLN A 24 4.66 -6.72 -6.92
C GLN A 24 4.28 -5.45 -6.14
N SER A 25 3.27 -5.50 -5.31
CA SER A 25 2.87 -4.29 -4.55
C SER A 25 1.97 -4.65 -3.38
N VAL A 26 1.49 -3.64 -2.70
CA VAL A 26 0.59 -3.86 -1.54
C VAL A 26 -0.19 -2.58 -1.24
N ASN A 27 -1.31 -2.74 -0.60
CA ASN A 27 -2.14 -1.59 -0.21
C ASN A 27 -2.37 -1.64 1.29
N VAL A 28 -2.42 -0.50 1.92
CA VAL A 28 -2.66 -0.48 3.39
C VAL A 28 -3.69 0.59 3.74
N LYS A 29 -4.86 0.16 4.18
CA LYS A 29 -5.93 1.14 4.55
C LYS A 29 -6.26 1.01 6.04
N SER A 30 -7.06 1.91 6.53
CA SER A 30 -7.47 1.88 7.96
C SER A 30 -8.96 1.49 8.06
N PRO A 31 -9.47 1.40 9.27
CA PRO A 31 -10.88 1.03 9.51
C PRO A 31 -11.81 2.22 9.20
N GLY A 32 -13.09 2.05 9.35
CA GLY A 32 -14.03 3.19 9.04
C GLY A 32 -15.48 2.70 9.03
N PRO A 33 -15.89 2.07 7.94
CA PRO A 33 -17.26 1.56 7.78
C PRO A 33 -17.46 0.28 8.62
N HIS A 34 -18.45 -0.52 8.30
CA HIS A 34 -18.71 -1.75 9.10
C HIS A 34 -17.51 -2.72 9.03
N CYS A 35 -16.65 -2.62 8.04
CA CYS A 35 -15.46 -3.52 8.02
C CYS A 35 -14.66 -3.16 9.28
N ALA A 36 -14.60 -1.88 9.58
CA ALA A 36 -13.93 -1.37 10.82
C ALA A 36 -12.65 -2.14 11.14
N GLN A 37 -11.87 -2.40 10.14
CA GLN A 37 -10.59 -3.13 10.32
C GLN A 37 -9.54 -2.50 9.42
N THR A 38 -8.29 -2.81 9.64
CA THR A 38 -7.21 -2.24 8.79
C THR A 38 -7.29 -2.82 7.38
N GLU A 39 -6.23 -2.69 6.63
CA GLU A 39 -6.19 -3.24 5.27
C GLU A 39 -4.74 -3.42 4.95
N VAL A 40 -4.41 -4.53 4.41
CA VAL A 40 -3.00 -4.79 4.12
C VAL A 40 -2.95 -5.79 2.97
N ILE A 41 -3.32 -5.34 1.79
CA ILE A 41 -3.40 -6.26 0.63
C ILE A 41 -2.16 -6.18 -0.26
N ALA A 42 -1.44 -7.26 -0.40
CA ALA A 42 -0.25 -7.27 -1.31
C ALA A 42 -0.71 -7.69 -2.69
N THR A 43 -0.66 -6.80 -3.66
CA THR A 43 -1.12 -7.18 -5.01
C THR A 43 -0.10 -8.10 -5.65
N LEU A 44 -0.54 -9.25 -6.07
CA LEU A 44 0.35 -10.24 -6.68
C LEU A 44 0.77 -9.82 -8.10
N LYS A 45 1.87 -10.35 -8.59
CA LYS A 45 2.38 -10.04 -9.94
C LYS A 45 1.32 -10.34 -11.00
N ASN A 46 0.61 -11.43 -10.84
CA ASN A 46 -0.45 -11.76 -11.84
C ASN A 46 -1.63 -10.76 -11.71
N GLY A 47 -1.53 -9.81 -10.82
CA GLY A 47 -2.63 -8.81 -10.63
C GLY A 47 -3.63 -9.37 -9.63
N ARG A 48 -3.14 -10.08 -8.64
CA ARG A 48 -4.04 -10.65 -7.60
C ARG A 48 -3.80 -9.87 -6.31
N LYS A 49 -4.31 -10.33 -5.21
CA LYS A 49 -4.09 -9.59 -3.94
C LYS A 49 -4.19 -10.54 -2.75
N ALA A 50 -3.46 -10.23 -1.72
CA ALA A 50 -3.51 -11.06 -0.47
C ALA A 50 -3.46 -10.13 0.72
N CYS A 51 -3.91 -10.58 1.86
CA CYS A 51 -3.80 -9.71 3.04
C CYS A 51 -2.84 -10.38 3.98
N LEU A 52 -2.14 -9.63 4.78
CA LEU A 52 -1.19 -10.23 5.74
C LEU A 52 -1.33 -9.50 7.07
N ASN A 53 -0.78 -10.03 8.12
CA ASN A 53 -0.94 -9.37 9.46
C ASN A 53 0.23 -8.40 9.72
N PRO A 54 0.05 -7.11 9.49
CA PRO A 54 1.14 -6.15 9.77
C PRO A 54 1.46 -6.17 11.26
N ALA A 55 0.50 -6.52 12.09
CA ALA A 55 0.79 -6.65 13.55
C ALA A 55 1.80 -7.78 13.70
N SER A 56 1.75 -8.75 12.80
CA SER A 56 2.71 -9.89 12.82
C SER A 56 4.13 -9.32 12.59
N PRO A 57 5.13 -9.96 13.14
CA PRO A 57 6.53 -9.51 12.98
C PRO A 57 7.03 -9.83 11.57
N ILE A 58 6.97 -11.07 11.17
CA ILE A 58 7.38 -11.47 9.79
C ILE A 58 6.64 -10.60 8.79
N VAL A 59 5.38 -10.44 9.02
CA VAL A 59 4.56 -9.64 8.08
C VAL A 59 4.99 -8.19 8.14
N LYS A 60 5.28 -7.66 9.30
CA LYS A 60 5.77 -6.26 9.37
C LYS A 60 7.01 -6.15 8.47
N LYS A 61 7.63 -7.29 8.19
CA LYS A 61 8.79 -7.36 7.28
C LYS A 61 8.24 -7.16 5.89
N ILE A 62 7.24 -7.93 5.56
CA ILE A 62 6.56 -7.83 4.25
C ILE A 62 6.39 -6.35 3.87
N ILE A 63 6.06 -5.50 4.82
CA ILE A 63 5.91 -4.05 4.50
C ILE A 63 7.28 -3.48 4.22
N GLU A 64 8.18 -3.68 5.13
CA GLU A 64 9.55 -3.13 4.99
C GLU A 64 10.26 -3.71 3.76
N LYS A 65 10.18 -5.01 3.57
CA LYS A 65 10.85 -5.63 2.40
C LYS A 65 10.17 -5.15 1.12
N MET A 66 8.87 -5.10 1.12
CA MET A 66 8.16 -4.58 -0.08
C MET A 66 8.66 -3.15 -0.31
N LEU A 67 8.90 -2.43 0.78
CA LEU A 67 9.44 -1.06 0.69
C LEU A 67 10.86 -1.13 0.09
N ASN A 68 11.60 -2.16 0.44
CA ASN A 68 13.00 -2.32 -0.11
C ASN A 68 12.94 -2.60 -1.62
N SER A 69 14.09 -2.72 -2.26
CA SER A 69 14.14 -2.99 -3.73
C SER A 69 13.99 -1.67 -4.50
N ASP A 70 14.99 -0.83 -4.42
CA ASP A 70 14.94 0.49 -5.14
C ASP A 70 16.38 0.99 -5.35
N LYS A 71 16.54 2.19 -5.88
CA LYS A 71 17.91 2.74 -6.13
C LYS A 71 18.62 1.88 -7.18
N SER A 72 17.96 1.63 -8.30
CA SER A 72 18.58 0.81 -9.37
C SER A 72 19.39 1.69 -10.32
N ALA B 1 -12.74 9.06 -28.42
CA ALA B 1 -11.78 9.41 -29.51
C ALA B 1 -10.57 10.15 -28.91
N SER B 2 -9.51 9.43 -28.62
CA SER B 2 -8.29 10.08 -28.04
C SER B 2 -7.09 9.14 -28.17
N VAL B 3 -5.90 9.64 -27.93
CA VAL B 3 -4.67 8.79 -28.03
C VAL B 3 -4.18 8.42 -26.63
N ALA B 4 -3.65 7.24 -26.47
CA ALA B 4 -3.14 6.82 -25.13
C ALA B 4 -1.61 6.89 -25.11
N THR B 5 -1.04 7.39 -24.03
CA THR B 5 0.45 7.49 -23.94
C THR B 5 1.04 6.12 -23.60
N GLU B 6 2.35 5.99 -23.63
CA GLU B 6 2.98 4.67 -23.31
C GLU B 6 3.48 4.64 -21.87
N LEU B 7 2.79 5.30 -20.98
CA LEU B 7 3.16 5.33 -19.55
C LEU B 7 1.88 5.03 -18.77
N ARG B 8 0.92 5.93 -18.90
CA ARG B 8 -0.39 5.82 -18.25
C ARG B 8 -0.26 5.96 -16.74
N CYS B 9 0.30 4.96 -16.12
CA CYS B 9 0.52 4.93 -14.64
C CYS B 9 -0.68 5.58 -13.90
N GLN B 10 -0.42 6.15 -12.75
CA GLN B 10 -1.51 6.79 -11.96
C GLN B 10 -0.97 7.97 -11.12
N CYS B 11 0.26 7.86 -10.65
CA CYS B 11 0.90 8.94 -9.82
C CYS B 11 0.48 10.34 -10.28
N LEU B 12 0.13 11.21 -9.36
CA LEU B 12 -0.23 12.62 -9.74
C LEU B 12 1.07 13.31 -10.14
N GLN B 13 1.91 13.54 -9.15
CA GLN B 13 3.24 14.17 -9.35
C GLN B 13 4.00 14.02 -8.02
N THR B 14 3.91 12.84 -7.44
CA THR B 14 4.53 12.53 -6.10
C THR B 14 4.68 13.75 -5.21
N LEU B 15 3.75 13.92 -4.32
CA LEU B 15 3.83 15.06 -3.36
C LEU B 15 4.84 14.70 -2.26
N GLN B 16 5.24 15.67 -1.47
CA GLN B 16 6.23 15.38 -0.40
C GLN B 16 5.55 15.23 0.95
N GLY B 17 4.83 14.15 1.11
CA GLY B 17 4.15 13.86 2.40
C GLY B 17 3.14 14.95 2.74
N ILE B 18 1.94 14.84 2.25
CA ILE B 18 0.91 15.85 2.59
C ILE B 18 0.32 15.50 3.96
N HIS B 19 -0.72 16.17 4.37
CA HIS B 19 -1.30 15.84 5.70
C HIS B 19 -2.42 14.79 5.52
N PRO B 20 -2.54 13.89 6.47
CA PRO B 20 -3.55 12.82 6.41
C PRO B 20 -4.95 13.36 6.71
N LYS B 21 -5.67 12.80 7.68
CA LYS B 21 -7.08 13.27 7.97
C LYS B 21 -7.98 12.70 6.87
N ASN B 22 -7.61 12.91 5.63
CA ASN B 22 -8.37 12.37 4.48
C ASN B 22 -7.66 11.07 4.10
N ILE B 23 -6.37 11.17 3.88
CA ILE B 23 -5.54 10.00 3.52
C ILE B 23 -5.92 8.80 4.39
N GLN B 24 -6.59 7.84 3.82
CA GLN B 24 -7.04 6.65 4.57
C GLN B 24 -6.17 5.43 4.23
N SER B 25 -5.46 5.47 3.12
CA SER B 25 -4.61 4.30 2.74
C SER B 25 -3.59 4.68 1.69
N VAL B 26 -2.84 3.70 1.23
CA VAL B 26 -1.82 3.96 0.18
C VAL B 26 -1.44 2.64 -0.49
N ASN B 27 -0.95 2.74 -1.69
CA ASN B 27 -0.52 1.55 -2.43
C ASN B 27 0.93 1.74 -2.84
N VAL B 28 1.70 0.69 -2.81
CA VAL B 28 3.13 0.81 -3.22
C VAL B 28 3.47 -0.30 -4.21
N LYS B 29 3.69 0.07 -5.44
CA LYS B 29 3.99 -0.93 -6.51
C LYS B 29 5.43 -0.72 -7.03
N SER B 30 5.91 -1.68 -7.79
CA SER B 30 7.30 -1.58 -8.35
C SER B 30 7.21 -1.35 -9.88
N PRO B 31 8.35 -1.18 -10.52
CA PRO B 31 8.40 -0.96 -11.99
C PRO B 31 8.14 -2.27 -12.75
N GLY B 32 8.14 -2.23 -14.07
CA GLY B 32 7.87 -3.48 -14.84
C GLY B 32 7.66 -3.16 -16.33
N PRO B 33 6.46 -2.71 -16.66
CA PRO B 33 6.11 -2.36 -18.05
C PRO B 33 6.77 -1.04 -18.48
N HIS B 34 6.25 -0.40 -19.50
CA HIS B 34 6.87 0.89 -19.97
C HIS B 34 6.84 1.97 -18.89
N CYS B 35 5.97 1.86 -17.90
CA CYS B 35 5.99 2.88 -16.81
C CYS B 35 7.36 2.74 -16.14
N ALA B 36 7.81 1.51 -15.98
CA ALA B 36 9.15 1.21 -15.41
C ALA B 36 9.51 2.15 -14.26
N GLN B 37 8.57 2.38 -13.40
CA GLN B 37 8.79 3.27 -12.22
C GLN B 37 8.09 2.67 -11.01
N THR B 38 8.39 3.14 -9.84
CA THR B 38 7.73 2.60 -8.62
C THR B 38 6.27 3.03 -8.58
N GLU B 39 5.67 2.94 -7.42
CA GLU B 39 4.27 3.35 -7.26
C GLU B 39 4.08 3.65 -5.81
N VAL B 40 3.45 4.72 -5.52
CA VAL B 40 3.29 5.08 -4.12
C VAL B 40 2.04 5.95 -4.03
N ILE B 41 0.89 5.35 -4.21
CA ILE B 41 -0.38 6.12 -4.24
C ILE B 41 -1.13 6.07 -2.89
N ALA B 42 -1.32 7.20 -2.27
CA ALA B 42 -2.09 7.24 -1.00
C ALA B 42 -3.55 7.46 -1.33
N THR B 43 -4.40 6.49 -1.08
CA THR B 43 -5.83 6.66 -1.41
C THR B 43 -6.46 7.62 -0.40
N LEU B 44 -7.05 8.66 -0.92
CA LEU B 44 -7.68 9.67 -0.05
C LEU B 44 -8.98 9.14 0.57
N LYS B 45 -9.41 9.74 1.67
CA LYS B 45 -10.66 9.33 2.36
C LYS B 45 -11.84 9.41 1.42
N ASN B 46 -11.89 10.42 0.59
CA ASN B 46 -13.03 10.54 -0.36
C ASN B 46 -12.92 9.44 -1.45
N GLY B 47 -11.91 8.60 -1.38
CA GLY B 47 -11.74 7.52 -2.39
C GLY B 47 -10.92 8.07 -3.55
N ARG B 48 -9.98 8.92 -3.25
CA ARG B 48 -9.11 9.51 -4.31
C ARG B 48 -7.72 8.90 -4.16
N LYS B 49 -6.74 9.41 -4.85
CA LYS B 49 -5.38 8.85 -4.69
C LYS B 49 -4.32 9.89 -5.02
N ALA B 50 -3.19 9.77 -4.40
CA ALA B 50 -2.07 10.72 -4.65
C ALA B 50 -0.77 9.95 -4.65
N CYS B 51 0.25 10.46 -5.25
CA CYS B 51 1.53 9.75 -5.21
C CYS B 51 2.50 10.61 -4.43
N LEU B 52 3.44 10.03 -3.78
CA LEU B 52 4.42 10.83 -3.01
C LEU B 52 5.80 10.23 -3.25
N ASN B 53 6.84 10.91 -2.89
CA ASN B 53 8.22 10.39 -3.15
C ASN B 53 8.72 9.59 -1.94
N PRO B 54 8.63 8.26 -1.97
CA PRO B 54 9.13 7.46 -0.84
C PRO B 54 10.64 7.67 -0.70
N ALA B 55 11.32 7.99 -1.79
CA ALA B 55 12.77 8.31 -1.69
C ALA B 55 12.90 9.57 -0.81
N SER B 56 11.89 10.42 -0.85
CA SER B 56 11.88 11.65 0.00
C SER B 56 11.87 11.21 1.48
N PRO B 57 12.44 12.01 2.36
CA PRO B 57 12.49 11.70 3.79
C PRO B 57 11.11 11.91 4.42
N ILE B 58 10.56 13.10 4.29
CA ILE B 58 9.20 13.39 4.83
C ILE B 58 8.23 12.35 4.30
N VAL B 59 8.33 12.07 3.04
CA VAL B 59 7.43 11.10 2.41
C VAL B 59 7.69 9.71 2.98
N LYS B 60 8.94 9.36 3.17
CA LYS B 60 9.22 8.02 3.78
C LYS B 60 8.48 7.95 5.12
N LYS B 61 8.14 9.11 5.65
CA LYS B 61 7.37 9.21 6.90
C LYS B 61 5.95 8.81 6.54
N ILE B 62 5.43 9.43 5.52
CA ILE B 62 4.07 9.11 5.01
C ILE B 62 3.85 7.59 5.02
N ILE B 63 4.86 6.82 4.67
CA ILE B 63 4.69 5.34 4.70
C ILE B 63 4.63 4.88 6.15
N GLU B 64 5.61 5.28 6.90
CA GLU B 64 5.68 4.86 8.33
C GLU B 64 4.47 5.39 9.12
N LYS B 65 4.12 6.64 8.93
CA LYS B 65 2.96 7.21 9.68
C LYS B 65 1.68 6.52 9.21
N MET B 66 1.54 6.33 7.92
CA MET B 66 0.35 5.62 7.42
C MET B 66 0.35 4.23 8.08
N LEU B 67 1.53 3.67 8.26
CA LEU B 67 1.66 2.35 8.93
C LEU B 67 1.22 2.51 10.39
N ASN B 68 1.52 3.64 10.99
CA ASN B 68 1.11 3.89 12.42
C ASN B 68 -0.42 4.01 12.51
N SER B 69 -0.95 4.19 13.71
CA SER B 69 -2.43 4.29 13.91
C SER B 69 -3.05 2.90 13.98
N ASP B 70 -2.76 2.17 15.04
CA ASP B 70 -3.31 0.80 15.20
C ASP B 70 -3.31 0.43 16.70
N LYS B 71 -3.68 -0.79 17.03
CA LYS B 71 -3.71 -1.23 18.47
C LYS B 71 -4.77 -0.40 19.21
N SER B 72 -5.97 -0.35 18.67
CA SER B 72 -7.07 0.42 19.33
C SER B 72 -7.81 -0.47 20.33
N ALA A 1 -30.31 -3.04 0.70
CA ALA A 1 -31.46 -3.19 1.65
C ALA A 1 -30.97 -3.78 2.98
N SER A 2 -30.43 -4.98 2.95
CA SER A 2 -29.94 -5.61 4.21
C SER A 2 -28.87 -6.66 3.88
N VAL A 3 -27.75 -6.62 4.56
CA VAL A 3 -26.67 -7.61 4.30
C VAL A 3 -26.15 -8.15 5.64
N ALA A 4 -25.67 -9.38 5.67
CA ALA A 4 -25.17 -9.96 6.95
C ALA A 4 -23.64 -10.11 6.89
N THR A 5 -22.92 -9.01 6.85
CA THR A 5 -21.43 -9.07 6.81
C THR A 5 -20.84 -7.83 7.49
N GLU A 6 -20.18 -8.00 8.61
CA GLU A 6 -19.59 -6.83 9.32
C GLU A 6 -18.08 -6.79 9.08
N LEU A 7 -17.66 -7.07 7.86
CA LEU A 7 -16.22 -7.03 7.51
C LEU A 7 -16.08 -6.16 6.29
N ARG A 8 -16.72 -6.58 5.21
CA ARG A 8 -16.70 -5.83 3.94
C ARG A 8 -15.33 -6.00 3.27
N CYS A 9 -14.29 -5.74 4.02
CA CYS A 9 -12.89 -5.87 3.50
C CYS A 9 -12.70 -7.19 2.73
N GLN A 10 -11.66 -7.27 1.94
CA GLN A 10 -11.41 -8.50 1.12
C GLN A 10 -10.30 -9.39 1.73
N CYS A 11 -9.54 -8.89 2.68
CA CYS A 11 -8.42 -9.69 3.29
C CYS A 11 -8.78 -11.19 3.38
N LEU A 12 -7.90 -12.04 2.92
CA LEU A 12 -8.17 -13.50 2.97
C LEU A 12 -8.15 -13.95 4.43
N GLN A 13 -6.99 -13.88 5.03
CA GLN A 13 -6.81 -14.26 6.45
C GLN A 13 -5.41 -13.79 6.87
N THR A 14 -5.05 -12.60 6.42
CA THR A 14 -3.71 -12.01 6.68
C THR A 14 -2.61 -13.06 6.79
N LEU A 15 -1.95 -13.31 5.71
CA LEU A 15 -0.84 -14.31 5.72
C LEU A 15 0.35 -13.71 6.49
N GLN A 16 1.25 -14.53 6.95
CA GLN A 16 2.42 -14.01 7.72
C GLN A 16 3.62 -13.81 6.81
N GLY A 17 3.53 -12.85 5.93
CA GLY A 17 4.67 -12.55 5.02
C GLY A 17 4.94 -13.72 4.10
N ILE A 18 4.26 -13.78 2.99
CA ILE A 18 4.51 -14.88 2.02
C ILE A 18 5.74 -14.51 1.18
N HIS A 19 6.04 -15.25 0.16
CA HIS A 19 7.22 -14.91 -0.67
C HIS A 19 6.74 -14.10 -1.89
N PRO A 20 7.51 -13.10 -2.29
CA PRO A 20 7.16 -12.23 -3.42
C PRO A 20 7.33 -12.96 -4.77
N LYS A 21 8.10 -12.41 -5.71
CA LYS A 21 8.23 -13.05 -7.06
C LYS A 21 6.95 -12.75 -7.85
N ASN A 22 5.82 -12.98 -7.24
CA ASN A 22 4.52 -12.68 -7.88
C ASN A 22 4.05 -11.34 -7.29
N ILE A 23 4.04 -11.28 -5.99
CA ILE A 23 3.64 -10.05 -5.26
C ILE A 23 4.33 -8.84 -5.88
N GLN A 24 3.56 -8.00 -6.55
CA GLN A 24 4.11 -6.81 -7.22
C GLN A 24 3.76 -5.54 -6.43
N SER A 25 2.70 -5.57 -5.65
CA SER A 25 2.31 -4.35 -4.88
C SER A 25 1.43 -4.69 -3.70
N VAL A 26 1.02 -3.69 -2.96
CA VAL A 26 0.14 -3.91 -1.78
C VAL A 26 -0.65 -2.64 -1.51
N ASN A 27 -1.77 -2.78 -0.85
CA ASN A 27 -2.60 -1.61 -0.50
C ASN A 27 -2.89 -1.63 0.99
N VAL A 28 -2.67 -0.52 1.66
CA VAL A 28 -2.92 -0.47 3.13
C VAL A 28 -3.98 0.60 3.43
N LYS A 29 -5.06 0.19 4.05
CA LYS A 29 -6.16 1.15 4.39
C LYS A 29 -6.44 1.08 5.90
N SER A 30 -6.98 2.14 6.45
CA SER A 30 -7.27 2.18 7.92
C SER A 30 -8.71 1.67 8.18
N PRO A 31 -9.11 1.66 9.46
CA PRO A 31 -10.45 1.18 9.86
C PRO A 31 -11.55 2.22 9.54
N GLY A 32 -12.77 1.96 9.95
CA GLY A 32 -13.86 2.94 9.65
C GLY A 32 -15.23 2.27 9.81
N PRO A 33 -15.60 1.45 8.85
CA PRO A 33 -16.90 0.74 8.86
C PRO A 33 -16.87 -0.42 9.87
N HIS A 34 -17.76 -1.38 9.72
CA HIS A 34 -17.78 -2.55 10.68
C HIS A 34 -16.46 -3.32 10.61
N CYS A 35 -15.71 -3.20 9.53
CA CYS A 35 -14.38 -3.88 9.47
C CYS A 35 -13.59 -3.32 10.66
N ALA A 36 -13.67 -2.00 10.82
CA ALA A 36 -13.03 -1.29 11.97
C ALA A 36 -11.61 -1.82 12.25
N GLN A 37 -10.95 -2.28 11.24
CA GLN A 37 -9.56 -2.78 11.40
C GLN A 37 -8.72 -2.15 10.29
N THR A 38 -7.50 -2.57 10.15
CA THR A 38 -6.65 -1.99 9.08
C THR A 38 -6.96 -2.68 7.75
N GLU A 39 -6.04 -2.56 6.82
CA GLU A 39 -6.20 -3.20 5.51
C GLU A 39 -4.81 -3.37 4.98
N VAL A 40 -4.51 -4.49 4.45
CA VAL A 40 -3.14 -4.69 3.99
C VAL A 40 -3.16 -5.74 2.88
N ILE A 41 -3.59 -5.36 1.70
CA ILE A 41 -3.70 -6.32 0.60
C ILE A 41 -2.50 -6.24 -0.34
N ALA A 42 -1.81 -7.33 -0.52
CA ALA A 42 -0.66 -7.36 -1.47
C ALA A 42 -1.17 -7.84 -2.82
N THR A 43 -1.18 -6.98 -3.80
CA THR A 43 -1.69 -7.40 -5.13
C THR A 43 -0.67 -8.32 -5.78
N LEU A 44 -1.11 -9.49 -6.14
CA LEU A 44 -0.21 -10.48 -6.76
C LEU A 44 0.13 -10.09 -8.20
N LYS A 45 1.21 -10.63 -8.73
CA LYS A 45 1.66 -10.37 -10.13
C LYS A 45 0.56 -10.69 -11.11
N ASN A 46 -0.14 -11.77 -10.89
CA ASN A 46 -1.25 -12.13 -11.84
C ASN A 46 -2.44 -11.16 -11.66
N GLY A 47 -2.30 -10.17 -10.80
CA GLY A 47 -3.41 -9.21 -10.56
C GLY A 47 -4.34 -9.78 -9.50
N ARG A 48 -3.78 -10.47 -8.53
CA ARG A 48 -4.60 -11.05 -7.44
C ARG A 48 -4.35 -10.24 -6.18
N LYS A 49 -4.78 -10.69 -5.04
CA LYS A 49 -4.53 -9.91 -3.81
C LYS A 49 -4.53 -10.81 -2.58
N ALA A 50 -3.78 -10.42 -1.59
CA ALA A 50 -3.71 -11.19 -0.30
C ALA A 50 -3.64 -10.22 0.84
N CYS A 51 -4.03 -10.60 2.01
CA CYS A 51 -3.89 -9.66 3.15
C CYS A 51 -2.84 -10.27 4.05
N LEU A 52 -2.07 -9.46 4.73
CA LEU A 52 -1.02 -10.02 5.62
C LEU A 52 -1.12 -9.28 6.96
N ASN A 53 -0.46 -9.76 7.96
CA ASN A 53 -0.56 -9.11 9.30
C ASN A 53 0.59 -8.10 9.49
N PRO A 54 0.36 -6.82 9.22
CA PRO A 54 1.42 -5.81 9.42
C PRO A 54 1.79 -5.76 10.91
N ALA A 55 0.85 -6.10 11.78
CA ALA A 55 1.17 -6.17 13.23
C ALA A 55 2.25 -7.25 13.40
N SER A 56 2.21 -8.26 12.54
CA SER A 56 3.23 -9.36 12.57
C SER A 56 4.60 -8.75 12.23
N PRO A 57 5.65 -9.33 12.77
CA PRO A 57 7.03 -8.83 12.51
C PRO A 57 7.47 -9.21 11.09
N ILE A 58 7.43 -10.48 10.77
CA ILE A 58 7.81 -10.94 9.40
C ILE A 58 7.01 -10.16 8.37
N VAL A 59 5.75 -10.02 8.63
CA VAL A 59 4.87 -9.31 7.71
C VAL A 59 5.23 -7.83 7.67
N LYS A 60 5.54 -7.24 8.80
CA LYS A 60 5.97 -5.81 8.79
C LYS A 60 7.17 -5.69 7.83
N LYS A 61 7.82 -6.82 7.60
CA LYS A 61 8.95 -6.89 6.65
C LYS A 61 8.35 -6.80 5.27
N ILE A 62 7.36 -7.62 5.03
CA ILE A 62 6.62 -7.62 3.74
C ILE A 62 6.36 -6.17 3.29
N ILE A 63 6.06 -5.28 4.20
CA ILE A 63 5.83 -3.86 3.81
C ILE A 63 7.16 -3.25 3.43
N GLU A 64 8.10 -3.35 4.33
CA GLU A 64 9.44 -2.75 4.10
C GLU A 64 10.12 -3.37 2.87
N LYS A 65 10.07 -4.66 2.74
CA LYS A 65 10.71 -5.34 1.57
C LYS A 65 9.96 -4.94 0.30
N MET A 66 8.66 -4.97 0.33
CA MET A 66 7.89 -4.53 -0.85
C MET A 66 8.29 -3.09 -1.17
N LEU A 67 8.54 -2.32 -0.13
CA LEU A 67 8.97 -0.90 -0.29
C LEU A 67 10.38 -0.88 -0.91
N ASN A 68 11.21 -1.86 -0.58
CA ASN A 68 12.60 -1.88 -1.13
C ASN A 68 12.59 -2.32 -2.60
N SER A 69 11.60 -3.07 -3.02
CA SER A 69 11.53 -3.54 -4.45
C SER A 69 12.63 -4.58 -4.69
N ASP A 70 12.24 -5.83 -4.79
CA ASP A 70 13.24 -6.93 -5.02
C ASP A 70 13.99 -6.70 -6.33
N LYS A 71 15.24 -6.33 -6.25
CA LYS A 71 16.05 -6.10 -7.50
C LYS A 71 17.49 -5.74 -7.11
N SER A 72 18.11 -6.52 -6.25
CA SER A 72 19.51 -6.23 -5.84
C SER A 72 20.50 -6.75 -6.91
N ALA B 1 -2.86 -0.18 -30.46
CA ALA B 1 -2.07 -0.07 -31.72
C ALA B 1 -0.76 0.70 -31.46
N SER B 2 -0.87 1.95 -31.04
CA SER B 2 0.36 2.76 -30.77
C SER B 2 0.02 3.89 -29.79
N VAL B 3 0.81 4.04 -28.75
CA VAL B 3 0.57 5.13 -27.76
C VAL B 3 1.88 5.85 -27.47
N ALA B 4 1.83 7.12 -27.12
CA ALA B 4 3.07 7.88 -26.84
C ALA B 4 3.16 8.21 -25.33
N THR B 5 3.34 7.20 -24.51
CA THR B 5 3.45 7.44 -23.04
C THR B 5 4.31 6.35 -22.41
N GLU B 6 5.47 6.71 -21.90
CA GLU B 6 6.38 5.70 -21.27
C GLU B 6 6.29 5.83 -19.74
N LEU B 7 5.11 6.04 -19.22
CA LEU B 7 4.91 6.14 -17.76
C LEU B 7 3.80 5.17 -17.39
N ARG B 8 2.64 5.36 -17.98
CA ARG B 8 1.48 4.47 -17.76
C ARG B 8 0.87 4.72 -16.38
N CYS B 9 1.66 4.60 -15.36
CA CYS B 9 1.17 4.80 -13.95
C CYS B 9 0.36 6.11 -13.82
N GLN B 10 -0.31 6.26 -12.71
CA GLN B 10 -1.16 7.47 -12.49
C GLN B 10 -0.44 8.53 -11.63
N CYS B 11 0.66 8.17 -10.99
CA CYS B 11 1.43 9.11 -10.10
C CYS B 11 1.24 10.58 -10.54
N LEU B 12 0.80 11.44 -9.63
CA LEU B 12 0.61 12.88 -9.98
C LEU B 12 1.99 13.51 -10.15
N GLN B 13 2.71 13.62 -9.08
CA GLN B 13 4.08 14.20 -9.09
C GLN B 13 4.69 13.95 -7.71
N THR B 14 4.43 12.78 -7.16
CA THR B 14 4.89 12.38 -5.80
C THR B 14 5.01 13.57 -4.86
N LEU B 15 3.99 13.79 -4.08
CA LEU B 15 4.01 14.90 -3.10
C LEU B 15 4.96 14.51 -1.96
N GLN B 16 5.43 15.47 -1.21
CA GLN B 16 6.38 15.17 -0.11
C GLN B 16 5.63 15.03 1.21
N GLY B 17 4.87 13.98 1.33
CA GLY B 17 4.12 13.71 2.58
C GLY B 17 3.10 14.81 2.85
N ILE B 18 1.91 14.67 2.30
CA ILE B 18 0.86 15.69 2.55
C ILE B 18 0.21 15.37 3.89
N HIS B 19 -0.83 16.03 4.25
CA HIS B 19 -1.49 15.75 5.54
C HIS B 19 -2.65 14.77 5.30
N PRO B 20 -2.85 13.84 6.21
CA PRO B 20 -3.91 12.81 6.09
C PRO B 20 -5.30 13.41 6.35
N LYS B 21 -6.09 12.87 7.28
CA LYS B 21 -7.49 13.37 7.51
C LYS B 21 -8.37 12.84 6.37
N ASN B 22 -7.92 13.01 5.15
CA ASN B 22 -8.65 12.49 3.98
C ASN B 22 -7.97 11.18 3.59
N ILE B 23 -6.67 11.26 3.42
CA ILE B 23 -5.86 10.07 3.07
C ILE B 23 -6.26 8.88 3.94
N GLN B 24 -6.90 7.90 3.36
CA GLN B 24 -7.36 6.71 4.10
C GLN B 24 -6.48 5.50 3.78
N SER B 25 -5.84 5.49 2.64
CA SER B 25 -4.98 4.31 2.30
C SER B 25 -3.94 4.67 1.24
N VAL B 26 -3.14 3.72 0.85
CA VAL B 26 -2.10 3.95 -0.18
C VAL B 26 -1.77 2.63 -0.86
N ASN B 27 -1.26 2.71 -2.06
CA ASN B 27 -0.86 1.49 -2.80
C ASN B 27 0.57 1.63 -3.28
N VAL B 28 1.38 0.64 -3.03
CA VAL B 28 2.80 0.70 -3.45
C VAL B 28 3.11 -0.44 -4.41
N LYS B 29 3.56 -0.11 -5.61
CA LYS B 29 3.88 -1.14 -6.62
C LYS B 29 5.34 -0.96 -7.10
N SER B 30 5.95 -2.02 -7.56
CA SER B 30 7.37 -1.94 -8.03
C SER B 30 7.42 -1.58 -9.53
N PRO B 31 8.63 -1.48 -10.08
CA PRO B 31 8.83 -1.12 -11.52
C PRO B 31 8.51 -2.31 -12.44
N GLY B 32 8.76 -2.16 -13.73
CA GLY B 32 8.46 -3.28 -14.67
C GLY B 32 8.38 -2.76 -16.11
N PRO B 33 7.29 -2.10 -16.43
CA PRO B 33 7.08 -1.54 -17.79
C PRO B 33 7.95 -0.29 -18.01
N HIS B 34 7.60 0.53 -18.98
CA HIS B 34 8.44 1.76 -19.26
C HIS B 34 8.47 2.67 -18.04
N CYS B 35 7.53 2.57 -17.12
CA CYS B 35 7.63 3.42 -15.89
C CYS B 35 8.94 3.02 -15.23
N ALA B 36 9.16 1.73 -15.13
CA ALA B 36 10.42 1.19 -14.56
C ALA B 36 10.80 1.91 -13.25
N GLN B 37 9.80 2.35 -12.54
CA GLN B 37 10.02 3.03 -11.23
C GLN B 37 9.09 2.40 -10.21
N THR B 38 9.01 2.94 -9.04
CA THR B 38 8.11 2.37 -8.01
C THR B 38 6.68 2.89 -8.22
N GLU B 39 5.88 2.78 -7.20
CA GLU B 39 4.49 3.27 -7.25
C GLU B 39 4.11 3.53 -5.84
N VAL B 40 3.48 4.62 -5.59
CA VAL B 40 3.16 4.95 -4.21
C VAL B 40 1.94 5.86 -4.19
N ILE B 41 0.77 5.32 -4.43
CA ILE B 41 -0.44 6.15 -4.50
C ILE B 41 -1.24 6.11 -3.20
N ALA B 42 -1.47 7.24 -2.60
CA ALA B 42 -2.28 7.29 -1.36
C ALA B 42 -3.72 7.57 -1.75
N THR B 43 -4.60 6.62 -1.55
CA THR B 43 -6.01 6.84 -1.94
C THR B 43 -6.65 7.81 -0.95
N LEU B 44 -7.18 8.87 -1.45
CA LEU B 44 -7.82 9.89 -0.60
C LEU B 44 -9.16 9.40 -0.04
N LYS B 45 -9.61 10.01 1.03
CA LYS B 45 -10.91 9.65 1.67
C LYS B 45 -12.05 9.74 0.67
N ASN B 46 -12.04 10.74 -0.17
CA ASN B 46 -13.13 10.88 -1.18
C ASN B 46 -12.97 9.80 -2.28
N GLY B 47 -11.99 8.92 -2.14
CA GLY B 47 -11.77 7.86 -3.16
C GLY B 47 -10.88 8.45 -4.26
N ARG B 48 -9.96 9.29 -3.89
CA ARG B 48 -9.04 9.90 -4.89
C ARG B 48 -7.67 9.24 -4.72
N LYS B 49 -6.65 9.81 -5.29
CA LYS B 49 -5.31 9.18 -5.14
C LYS B 49 -4.19 10.20 -5.36
N ALA B 50 -3.10 9.97 -4.70
CA ALA B 50 -1.92 10.88 -4.85
C ALA B 50 -0.66 10.04 -4.83
N CYS B 51 0.42 10.51 -5.38
CA CYS B 51 1.67 9.73 -5.28
C CYS B 51 2.59 10.52 -4.40
N LEU B 52 3.45 9.87 -3.68
CA LEU B 52 4.39 10.60 -2.80
C LEU B 52 5.77 10.01 -2.99
N ASN B 53 6.79 10.66 -2.52
CA ASN B 53 8.18 10.14 -2.72
C ASN B 53 8.60 9.28 -1.52
N PRO B 54 8.46 7.97 -1.59
CA PRO B 54 8.90 7.11 -0.46
C PRO B 54 10.40 7.26 -0.28
N ALA B 55 11.12 7.58 -1.34
CA ALA B 55 12.58 7.84 -1.20
C ALA B 55 12.74 9.05 -0.28
N SER B 56 11.77 9.95 -0.31
CA SER B 56 11.79 11.15 0.57
C SER B 56 11.67 10.67 2.03
N PRO B 57 12.24 11.42 2.96
CA PRO B 57 12.20 11.07 4.39
C PRO B 57 10.80 11.35 4.97
N ILE B 58 10.33 12.57 4.83
CA ILE B 58 8.96 12.92 5.32
C ILE B 58 7.96 11.96 4.74
N VAL B 59 8.10 11.70 3.48
CA VAL B 59 7.16 10.79 2.80
C VAL B 59 7.34 9.37 3.31
N LYS B 60 8.56 8.95 3.54
CA LYS B 60 8.76 7.58 4.11
C LYS B 60 7.96 7.51 5.42
N LYS B 61 7.66 8.67 5.97
CA LYS B 61 6.84 8.77 7.20
C LYS B 61 5.42 8.47 6.78
N ILE B 62 4.98 9.14 5.75
CA ILE B 62 3.63 8.93 5.17
C ILE B 62 3.32 7.42 5.11
N ILE B 63 4.30 6.60 4.80
CA ILE B 63 4.04 5.13 4.77
C ILE B 63 3.88 4.64 6.19
N GLU B 64 4.86 4.94 7.01
CA GLU B 64 4.85 4.48 8.41
C GLU B 64 3.64 5.04 9.17
N LYS B 65 3.36 6.30 9.00
CA LYS B 65 2.20 6.92 9.70
C LYS B 65 0.91 6.31 9.17
N MET B 66 0.79 6.19 7.87
CA MET B 66 -0.42 5.55 7.30
C MET B 66 -0.51 4.14 7.88
N LEU B 67 0.62 3.51 8.08
CA LEU B 67 0.67 2.16 8.67
C LEU B 67 0.23 2.22 10.14
N ASN B 68 0.53 3.32 10.81
CA ASN B 68 0.13 3.45 12.25
C ASN B 68 -1.38 3.73 12.39
N SER B 69 -1.99 4.31 11.38
CA SER B 69 -3.45 4.62 11.42
C SER B 69 -3.70 5.76 12.42
N ASP B 70 -3.98 6.93 11.93
CA ASP B 70 -4.22 8.11 12.83
C ASP B 70 -5.41 7.84 13.76
N LYS B 71 -5.15 7.63 15.03
CA LYS B 71 -6.26 7.37 16.00
C LYS B 71 -5.69 7.22 17.41
N SER B 72 -4.86 8.15 17.83
CA SER B 72 -4.26 8.07 19.20
C SER B 72 -5.27 8.59 20.24
N ALA A 1 -24.30 -16.68 15.14
CA ALA A 1 -22.92 -17.24 14.95
C ALA A 1 -22.02 -16.16 14.34
N SER A 2 -21.26 -15.47 15.15
CA SER A 2 -20.35 -14.41 14.64
C SER A 2 -18.92 -14.96 14.53
N VAL A 3 -18.33 -14.89 13.36
CA VAL A 3 -16.94 -15.40 13.19
C VAL A 3 -16.01 -14.23 12.84
N ALA A 4 -15.20 -13.80 13.78
CA ALA A 4 -14.26 -12.65 13.54
C ALA A 4 -15.04 -11.37 13.24
N THR A 5 -14.35 -10.27 13.00
CA THR A 5 -15.03 -8.99 12.72
C THR A 5 -14.43 -8.36 11.45
N GLU A 6 -14.63 -8.99 10.33
CA GLU A 6 -14.07 -8.44 9.05
C GLU A 6 -14.76 -9.10 7.85
N LEU A 7 -15.84 -8.52 7.36
CA LEU A 7 -16.55 -9.09 6.19
C LEU A 7 -16.34 -8.17 5.01
N ARG A 8 -16.66 -6.92 5.21
CA ARG A 8 -16.49 -5.89 4.15
C ARG A 8 -15.10 -6.01 3.53
N CYS A 9 -14.10 -6.07 4.36
CA CYS A 9 -12.69 -6.18 3.89
C CYS A 9 -12.50 -7.49 3.08
N GLN A 10 -11.43 -7.57 2.32
CA GLN A 10 -11.18 -8.79 1.48
C GLN A 10 -10.01 -9.63 2.03
N CYS A 11 -9.28 -9.12 2.99
CA CYS A 11 -8.10 -9.86 3.57
C CYS A 11 -8.38 -11.37 3.65
N LEU A 12 -7.41 -12.18 3.29
CA LEU A 12 -7.58 -13.66 3.35
C LEU A 12 -7.56 -14.07 4.83
N GLN A 13 -6.41 -13.92 5.44
CA GLN A 13 -6.22 -14.25 6.88
C GLN A 13 -4.85 -13.70 7.29
N THR A 14 -4.55 -12.51 6.84
CA THR A 14 -3.22 -11.83 7.09
C THR A 14 -2.09 -12.83 7.28
N LEU A 15 -1.39 -13.11 6.22
CA LEU A 15 -0.23 -14.04 6.28
C LEU A 15 0.96 -13.33 6.93
N GLN A 16 1.87 -14.07 7.51
CA GLN A 16 3.05 -13.45 8.18
C GLN A 16 4.18 -13.25 7.17
N GLY A 17 3.95 -12.41 6.20
CA GLY A 17 5.00 -12.11 5.19
C GLY A 17 5.28 -13.31 4.30
N ILE A 18 4.58 -13.43 3.21
CA ILE A 18 4.85 -14.56 2.28
C ILE A 18 6.03 -14.17 1.39
N HIS A 19 6.34 -14.94 0.40
CA HIS A 19 7.49 -14.58 -0.47
C HIS A 19 6.95 -13.83 -1.71
N PRO A 20 7.70 -12.84 -2.18
CA PRO A 20 7.29 -12.02 -3.33
C PRO A 20 7.44 -12.79 -4.65
N LYS A 21 8.18 -12.27 -5.63
CA LYS A 21 8.30 -12.95 -6.97
C LYS A 21 6.97 -12.75 -7.72
N ASN A 22 5.87 -13.04 -7.06
CA ASN A 22 4.54 -12.84 -7.66
C ASN A 22 4.03 -11.50 -7.13
N ILE A 23 4.07 -11.37 -5.82
CA ILE A 23 3.64 -10.13 -5.14
C ILE A 23 4.20 -8.90 -5.88
N GLN A 24 3.34 -8.19 -6.56
CA GLN A 24 3.77 -6.99 -7.32
C GLN A 24 3.34 -5.71 -6.60
N SER A 25 2.37 -5.78 -5.72
CA SER A 25 1.92 -4.54 -5.02
C SER A 25 1.11 -4.88 -3.77
N VAL A 26 0.69 -3.86 -3.07
CA VAL A 26 -0.14 -4.06 -1.85
C VAL A 26 -0.97 -2.80 -1.61
N ASN A 27 -2.06 -2.96 -0.91
CA ASN A 27 -2.92 -1.80 -0.60
C ASN A 27 -3.19 -1.74 0.90
N VAL A 28 -2.92 -0.61 1.48
CA VAL A 28 -3.16 -0.44 2.94
C VAL A 28 -4.24 0.62 3.16
N LYS A 29 -5.13 0.40 4.10
CA LYS A 29 -6.22 1.39 4.37
C LYS A 29 -6.56 1.41 5.86
N SER A 30 -7.46 2.28 6.24
CA SER A 30 -7.89 2.39 7.66
C SER A 30 -9.20 1.62 7.88
N PRO A 31 -9.66 1.56 9.12
CA PRO A 31 -10.91 0.86 9.50
C PRO A 31 -12.14 1.69 9.08
N GLY A 32 -13.34 1.23 9.37
CA GLY A 32 -14.54 2.03 8.97
C GLY A 32 -15.83 1.33 9.43
N PRO A 33 -16.30 0.40 8.63
CA PRO A 33 -17.54 -0.35 8.92
C PRO A 33 -17.31 -1.39 10.01
N HIS A 34 -18.17 -2.38 10.11
CA HIS A 34 -18.01 -3.44 11.17
C HIS A 34 -16.66 -4.16 11.01
N CYS A 35 -16.07 -4.15 9.83
CA CYS A 35 -14.73 -4.78 9.67
C CYS A 35 -13.80 -4.01 10.62
N ALA A 36 -14.00 -2.71 10.69
CA ALA A 36 -13.24 -1.81 11.63
C ALA A 36 -11.80 -2.26 11.84
N GLN A 37 -11.18 -2.69 10.80
CA GLN A 37 -9.77 -3.15 10.88
C GLN A 37 -8.98 -2.41 9.81
N THR A 38 -7.69 -2.46 9.89
CA THR A 38 -6.84 -1.78 8.89
C THR A 38 -7.03 -2.44 7.52
N GLU A 39 -6.10 -2.24 6.64
CA GLU A 39 -6.17 -2.86 5.30
C GLU A 39 -4.76 -3.12 4.89
N VAL A 40 -4.48 -4.25 4.36
CA VAL A 40 -3.11 -4.56 4.00
C VAL A 40 -3.12 -5.69 2.98
N ILE A 41 -3.60 -5.41 1.79
CA ILE A 41 -3.72 -6.46 0.77
C ILE A 41 -2.59 -6.40 -0.25
N ALA A 42 -1.81 -7.45 -0.36
CA ALA A 42 -0.71 -7.48 -1.36
C ALA A 42 -1.25 -8.06 -2.66
N THR A 43 -1.35 -7.27 -3.69
CA THR A 43 -1.88 -7.80 -4.97
C THR A 43 -0.81 -8.68 -5.60
N LEU A 44 -1.19 -9.88 -5.94
CA LEU A 44 -0.26 -10.84 -6.54
C LEU A 44 0.01 -10.52 -8.01
N LYS A 45 1.11 -11.02 -8.54
CA LYS A 45 1.49 -10.81 -9.97
C LYS A 45 0.39 -11.30 -10.88
N ASN A 46 -0.22 -12.41 -10.54
CA ASN A 46 -1.33 -12.95 -11.39
C ASN A 46 -2.58 -12.07 -11.22
N GLY A 47 -2.48 -10.97 -10.48
CA GLY A 47 -3.64 -10.06 -10.27
C GLY A 47 -4.50 -10.62 -9.15
N ARG A 48 -3.88 -11.17 -8.14
CA ARG A 48 -4.64 -11.73 -6.99
C ARG A 48 -4.40 -10.82 -5.78
N LYS A 49 -4.79 -11.22 -4.61
CA LYS A 49 -4.53 -10.34 -3.44
C LYS A 49 -4.46 -11.16 -2.16
N ALA A 50 -3.68 -10.69 -1.24
CA ALA A 50 -3.53 -11.38 0.08
C ALA A 50 -3.46 -10.34 1.17
N CYS A 51 -3.71 -10.70 2.40
CA CYS A 51 -3.58 -9.68 3.46
C CYS A 51 -2.48 -10.16 4.39
N LEU A 52 -1.79 -9.26 5.01
CA LEU A 52 -0.71 -9.67 5.94
C LEU A 52 -0.84 -8.84 7.21
N ASN A 53 -0.14 -9.19 8.25
CA ASN A 53 -0.29 -8.43 9.53
C ASN A 53 0.76 -7.31 9.62
N PRO A 54 0.38 -6.07 9.30
CA PRO A 54 1.33 -4.94 9.40
C PRO A 54 1.75 -4.79 10.87
N ALA A 55 0.87 -5.13 11.80
CA ALA A 55 1.24 -5.09 13.23
C ALA A 55 2.40 -6.09 13.42
N SER A 56 2.41 -7.13 12.62
CA SER A 56 3.51 -8.14 12.68
C SER A 56 4.80 -7.47 12.20
N PRO A 57 5.91 -7.83 12.81
CA PRO A 57 7.23 -7.26 12.43
C PRO A 57 7.69 -7.86 11.09
N ILE A 58 7.61 -9.16 10.97
CA ILE A 58 7.98 -9.85 9.69
C ILE A 58 7.18 -9.22 8.56
N VAL A 59 5.90 -9.09 8.77
CA VAL A 59 5.03 -8.53 7.74
C VAL A 59 5.34 -7.05 7.57
N LYS A 60 5.70 -6.36 8.63
CA LYS A 60 6.09 -4.94 8.49
C LYS A 60 7.27 -4.88 7.49
N LYS A 61 7.93 -6.00 7.33
CA LYS A 61 9.05 -6.12 6.36
C LYS A 61 8.41 -6.17 5.00
N ILE A 62 7.43 -7.04 4.86
CA ILE A 62 6.66 -7.17 3.60
C ILE A 62 6.35 -5.79 3.04
N ILE A 63 6.03 -4.83 3.89
CA ILE A 63 5.75 -3.45 3.37
C ILE A 63 7.05 -2.84 2.89
N GLU A 64 8.03 -2.86 3.74
CA GLU A 64 9.35 -2.26 3.38
C GLU A 64 9.97 -2.96 2.17
N LYS A 65 9.95 -4.28 2.15
CA LYS A 65 10.54 -5.02 1.01
C LYS A 65 9.70 -4.78 -0.25
N MET A 66 8.40 -4.83 -0.13
CA MET A 66 7.53 -4.54 -1.30
C MET A 66 7.88 -3.12 -1.77
N LEU A 67 8.17 -2.25 -0.82
CA LEU A 67 8.57 -0.86 -1.14
C LEU A 67 9.91 -0.88 -1.87
N ASN A 68 10.78 -1.82 -1.52
CA ASN A 68 12.12 -1.91 -2.19
C ASN A 68 12.07 -2.92 -3.35
N SER A 69 11.77 -2.46 -4.55
CA SER A 69 11.72 -3.38 -5.71
C SER A 69 13.01 -3.27 -6.53
N ASP A 70 14.14 -3.39 -5.89
CA ASP A 70 15.45 -3.30 -6.62
C ASP A 70 16.39 -4.39 -6.11
N LYS A 71 16.60 -5.42 -6.92
CA LYS A 71 17.49 -6.55 -6.50
C LYS A 71 16.97 -7.15 -5.18
N SER A 72 15.66 -7.21 -5.02
CA SER A 72 15.05 -7.77 -3.77
C SER A 72 15.45 -6.91 -2.56
N ALA B 1 10.52 15.42 -27.66
CA ALA B 1 10.39 16.11 -26.34
C ALA B 1 10.00 15.09 -25.27
N SER B 2 10.98 14.59 -24.54
CA SER B 2 10.68 13.59 -23.48
C SER B 2 10.68 14.29 -22.11
N VAL B 3 9.59 14.17 -21.38
CA VAL B 3 9.52 14.83 -20.03
C VAL B 3 9.40 13.75 -18.95
N ALA B 4 10.48 13.50 -18.24
CA ALA B 4 10.47 12.46 -17.15
C ALA B 4 10.23 11.06 -17.75
N THR B 5 10.20 10.05 -16.92
CA THR B 5 9.98 8.66 -17.43
C THR B 5 8.88 7.99 -16.59
N GLU B 6 7.66 8.46 -16.73
CA GLU B 6 6.52 7.86 -15.96
C GLU B 6 5.19 8.32 -16.57
N LEU B 7 4.65 7.54 -17.48
CA LEU B 7 3.35 7.93 -18.11
C LEU B 7 2.30 6.91 -17.68
N ARG B 8 2.62 5.66 -17.88
CA ARG B 8 1.70 4.54 -17.54
C ARG B 8 1.05 4.74 -16.17
N CYS B 9 1.84 4.90 -15.13
CA CYS B 9 1.26 5.08 -13.77
C CYS B 9 0.47 6.39 -13.66
N GLN B 10 -0.07 6.65 -12.50
CA GLN B 10 -0.88 7.88 -12.29
C GLN B 10 -0.17 8.89 -11.38
N CYS B 11 0.93 8.49 -10.76
CA CYS B 11 1.71 9.39 -9.83
C CYS B 11 1.53 10.87 -10.17
N LEU B 12 1.19 11.70 -9.20
CA LEU B 12 1.04 13.16 -9.47
C LEU B 12 2.45 13.74 -9.65
N GLN B 13 3.20 13.77 -8.57
CA GLN B 13 4.59 14.27 -8.58
C GLN B 13 5.20 13.95 -7.20
N THR B 14 4.92 12.76 -6.72
CA THR B 14 5.38 12.29 -5.36
C THR B 14 5.58 13.44 -4.38
N LEU B 15 4.59 13.69 -3.58
CA LEU B 15 4.68 14.76 -2.55
C LEU B 15 5.53 14.26 -1.38
N GLN B 16 6.12 15.16 -0.63
CA GLN B 16 6.98 14.74 0.51
C GLN B 16 6.13 14.57 1.78
N GLY B 17 5.24 13.61 1.75
CA GLY B 17 4.39 13.33 2.94
C GLY B 17 3.41 14.47 3.20
N ILE B 18 2.23 14.39 2.63
CA ILE B 18 1.21 15.44 2.87
C ILE B 18 0.51 15.09 4.19
N HIS B 19 -0.52 15.80 4.54
CA HIS B 19 -1.23 15.49 5.81
C HIS B 19 -2.41 14.56 5.52
N PRO B 20 -2.69 13.63 6.42
CA PRO B 20 -3.78 12.65 6.24
C PRO B 20 -5.15 13.31 6.47
N LYS B 21 -5.99 12.77 7.36
CA LYS B 21 -7.36 13.33 7.57
C LYS B 21 -8.23 12.90 6.38
N ASN B 22 -7.74 13.12 5.18
CA ASN B 22 -8.44 12.70 3.95
C ASN B 22 -7.82 11.37 3.53
N ILE B 23 -6.51 11.38 3.43
CA ILE B 23 -5.75 10.16 3.04
C ILE B 23 -6.28 8.95 3.81
N GLN B 24 -6.96 8.07 3.13
CA GLN B 24 -7.52 6.86 3.77
C GLN B 24 -6.72 5.62 3.38
N SER B 25 -5.97 5.66 2.31
CA SER B 25 -5.19 4.47 1.91
C SER B 25 -4.07 4.82 0.93
N VAL B 26 -3.31 3.84 0.53
CA VAL B 26 -2.21 4.06 -0.44
C VAL B 26 -1.93 2.74 -1.18
N ASN B 27 -1.37 2.84 -2.34
CA ASN B 27 -1.02 1.64 -3.11
C ASN B 27 0.43 1.69 -3.55
N VAL B 28 1.17 0.67 -3.24
CA VAL B 28 2.60 0.63 -3.64
C VAL B 28 2.81 -0.53 -4.62
N LYS B 29 3.63 -0.31 -5.63
CA LYS B 29 3.88 -1.39 -6.65
C LYS B 29 5.32 -1.30 -7.15
N SER B 30 5.70 -2.24 -7.99
CA SER B 30 7.07 -2.25 -8.57
C SER B 30 7.06 -1.62 -9.98
N PRO B 31 8.23 -1.50 -10.58
CA PRO B 31 8.37 -0.91 -11.94
C PRO B 31 7.92 -1.92 -13.01
N GLY B 32 8.05 -1.59 -14.28
CA GLY B 32 7.61 -2.55 -15.34
C GLY B 32 7.83 -1.97 -16.74
N PRO B 33 6.87 -1.18 -17.18
CA PRO B 33 6.92 -0.55 -18.53
C PRO B 33 7.95 0.59 -18.57
N HIS B 34 7.84 1.47 -19.55
CA HIS B 34 8.81 2.60 -19.66
C HIS B 34 8.81 3.47 -18.41
N CYS B 35 7.76 3.47 -17.62
CA CYS B 35 7.81 4.28 -16.38
C CYS B 35 8.92 3.66 -15.53
N ALA B 36 8.95 2.34 -15.50
CA ALA B 36 10.04 1.60 -14.78
C ALA B 36 10.33 2.24 -13.43
N GLN B 37 9.31 2.67 -12.76
CA GLN B 37 9.46 3.30 -11.42
C GLN B 37 8.57 2.56 -10.43
N THR B 38 8.77 2.78 -9.17
CA THR B 38 7.93 2.10 -8.15
C THR B 38 6.48 2.60 -8.24
N GLU B 39 5.73 2.43 -7.19
CA GLU B 39 4.34 2.91 -7.16
C GLU B 39 4.06 3.29 -5.74
N VAL B 40 3.44 4.39 -5.52
CA VAL B 40 3.20 4.82 -4.15
C VAL B 40 2.07 5.82 -4.16
N ILE B 41 0.87 5.36 -4.44
CA ILE B 41 -0.28 6.28 -4.55
C ILE B 41 -1.16 6.26 -3.30
N ALA B 42 -1.31 7.37 -2.63
CA ALA B 42 -2.18 7.42 -1.44
C ALA B 42 -3.59 7.81 -1.87
N THR B 43 -4.52 6.91 -1.76
CA THR B 43 -5.91 7.24 -2.17
C THR B 43 -6.52 8.18 -1.14
N LEU B 44 -7.03 9.27 -1.61
CA LEU B 44 -7.63 10.28 -0.71
C LEU B 44 -9.02 9.84 -0.23
N LYS B 45 -9.48 10.41 0.87
CA LYS B 45 -10.82 10.11 1.43
C LYS B 45 -11.90 10.38 0.41
N ASN B 46 -11.75 11.43 -0.35
CA ASN B 46 -12.78 11.75 -1.40
C ASN B 46 -12.65 10.74 -2.57
N GLY B 47 -11.79 9.75 -2.44
CA GLY B 47 -11.61 8.74 -3.51
C GLY B 47 -10.65 9.30 -4.56
N ARG B 48 -9.66 10.02 -4.12
CA ARG B 48 -8.66 10.59 -5.08
C ARG B 48 -7.35 9.85 -4.88
N LYS B 49 -6.28 10.31 -5.45
CA LYS B 49 -4.99 9.60 -5.25
C LYS B 49 -3.81 10.55 -5.41
N ALA B 50 -2.77 10.28 -4.69
CA ALA B 50 -1.53 11.11 -4.76
C ALA B 50 -0.33 10.20 -4.72
N CYS B 51 0.82 10.67 -5.11
CA CYS B 51 2.01 9.80 -5.02
C CYS B 51 2.99 10.48 -4.08
N LEU B 52 3.79 9.73 -3.41
CA LEU B 52 4.78 10.33 -2.48
C LEU B 52 6.11 9.62 -2.70
N ASN B 53 7.17 10.16 -2.19
CA ASN B 53 8.51 9.52 -2.42
C ASN B 53 8.84 8.53 -1.28
N PRO B 54 8.63 7.24 -1.49
CA PRO B 54 8.97 6.25 -0.45
C PRO B 54 10.48 6.28 -0.20
N ALA B 55 11.25 6.63 -1.21
CA ALA B 55 12.71 6.77 -1.02
C ALA B 55 12.91 7.91 0.00
N SER B 56 12.01 8.87 0.01
CA SER B 56 12.07 10.00 0.97
C SER B 56 11.81 9.44 2.38
N PRO B 57 12.50 9.97 3.37
CA PRO B 57 12.33 9.53 4.77
C PRO B 57 10.98 10.04 5.32
N ILE B 58 10.70 11.30 5.12
CA ILE B 58 9.40 11.89 5.57
C ILE B 58 8.27 11.07 4.97
N VAL B 59 8.36 10.81 3.71
CA VAL B 59 7.31 10.06 3.03
C VAL B 59 7.34 8.61 3.52
N LYS B 60 8.51 8.08 3.81
CA LYS B 60 8.57 6.70 4.36
C LYS B 60 7.72 6.68 5.64
N LYS B 61 7.50 7.85 6.22
CA LYS B 61 6.66 8.01 7.42
C LYS B 61 5.23 7.85 6.94
N ILE B 62 4.90 8.58 5.90
CA ILE B 62 3.55 8.49 5.28
C ILE B 62 3.12 7.02 5.19
N ILE B 63 4.03 6.12 4.87
CA ILE B 63 3.65 4.67 4.79
C ILE B 63 3.38 4.19 6.20
N GLU B 64 4.32 4.40 7.07
CA GLU B 64 4.20 3.93 8.47
C GLU B 64 2.99 4.57 9.16
N LYS B 65 2.80 5.86 9.00
CA LYS B 65 1.65 6.55 9.65
C LYS B 65 0.35 6.08 8.99
N MET B 66 0.33 6.00 7.69
CA MET B 66 -0.89 5.49 7.01
C MET B 66 -1.15 4.08 7.55
N LEU B 67 -0.10 3.35 7.82
CA LEU B 67 -0.20 1.99 8.39
C LEU B 67 -0.79 2.10 9.81
N ASN B 68 -0.45 3.16 10.52
CA ASN B 68 -0.98 3.33 11.91
C ASN B 68 -2.23 4.22 11.90
N SER B 69 -3.39 3.60 11.80
CA SER B 69 -4.66 4.39 11.79
C SER B 69 -5.32 4.35 13.17
N ASP B 70 -4.57 4.67 14.20
CA ASP B 70 -5.14 4.65 15.59
C ASP B 70 -4.67 5.89 16.35
N LYS B 71 -5.55 6.86 16.54
CA LYS B 71 -5.17 8.12 17.26
C LYS B 71 -3.99 8.78 16.51
N SER B 72 -3.98 8.70 15.20
CA SER B 72 -2.88 9.31 14.38
C SER B 72 -1.54 8.63 14.73
N ALA A 1 -20.17 -22.50 12.20
CA ALA A 1 -19.48 -21.39 11.47
C ALA A 1 -19.93 -20.04 12.04
N SER A 2 -19.02 -19.09 12.13
CA SER A 2 -19.38 -17.75 12.67
C SER A 2 -18.85 -16.67 11.72
N VAL A 3 -19.72 -15.79 11.26
CA VAL A 3 -19.28 -14.71 10.33
C VAL A 3 -18.48 -13.64 11.10
N ALA A 4 -17.42 -13.16 10.52
CA ALA A 4 -16.59 -12.12 11.20
C ALA A 4 -16.97 -10.73 10.69
N THR A 5 -16.65 -9.70 11.42
CA THR A 5 -17.00 -8.31 10.98
C THR A 5 -16.00 -7.86 9.90
N GLU A 6 -16.44 -7.86 8.66
CA GLU A 6 -15.53 -7.46 7.54
C GLU A 6 -16.27 -7.56 6.20
N LEU A 7 -16.72 -6.46 5.67
CA LEU A 7 -17.43 -6.48 4.36
C LEU A 7 -16.55 -5.72 3.38
N ARG A 8 -16.31 -4.48 3.70
CA ARG A 8 -15.44 -3.61 2.87
C ARG A 8 -14.06 -4.26 2.73
N CYS A 9 -13.48 -4.64 3.84
CA CYS A 9 -12.13 -5.30 3.83
C CYS A 9 -12.24 -6.65 3.10
N GLN A 10 -11.19 -7.03 2.42
CA GLN A 10 -11.19 -8.32 1.66
C GLN A 10 -10.09 -9.28 2.18
N CYS A 11 -9.27 -8.82 3.10
CA CYS A 11 -8.16 -9.66 3.65
C CYS A 11 -8.53 -11.14 3.75
N LEU A 12 -7.62 -12.01 3.38
CA LEU A 12 -7.87 -13.47 3.46
C LEU A 12 -7.78 -13.88 4.94
N GLN A 13 -6.59 -13.82 5.47
CA GLN A 13 -6.35 -14.16 6.90
C GLN A 13 -4.95 -13.67 7.26
N THR A 14 -4.63 -12.48 6.81
CA THR A 14 -3.28 -11.84 7.01
C THR A 14 -2.16 -12.85 7.18
N LEU A 15 -1.45 -13.10 6.11
CA LEU A 15 -0.29 -14.04 6.16
C LEU A 15 0.88 -13.33 6.84
N GLN A 16 1.88 -14.07 7.25
CA GLN A 16 3.04 -13.44 7.95
C GLN A 16 4.23 -13.30 7.00
N GLY A 17 4.12 -12.43 6.04
CA GLY A 17 5.25 -12.17 5.09
C GLY A 17 5.48 -13.38 4.21
N ILE A 18 4.71 -13.53 3.17
CA ILE A 18 4.92 -14.67 2.23
C ILE A 18 6.04 -14.29 1.26
N HIS A 19 6.28 -15.09 0.27
CA HIS A 19 7.37 -14.77 -0.69
C HIS A 19 6.76 -14.05 -1.90
N PRO A 20 7.47 -13.08 -2.45
CA PRO A 20 6.99 -12.29 -3.59
C PRO A 20 7.06 -13.10 -4.90
N LYS A 21 7.80 -12.64 -5.92
CA LYS A 21 7.84 -13.37 -7.23
C LYS A 21 6.51 -13.09 -7.96
N ASN A 22 5.41 -13.32 -7.27
CA ASN A 22 4.08 -13.04 -7.83
C ASN A 22 3.64 -11.68 -7.28
N ILE A 23 3.75 -11.55 -5.99
CA ILE A 23 3.38 -10.30 -5.30
C ILE A 23 4.06 -9.09 -5.98
N GLN A 24 3.29 -8.29 -6.67
CA GLN A 24 3.84 -7.11 -7.36
C GLN A 24 3.43 -5.81 -6.65
N SER A 25 2.39 -5.85 -5.84
CA SER A 25 1.97 -4.60 -5.14
C SER A 25 1.17 -4.91 -3.88
N VAL A 26 0.74 -3.89 -3.19
CA VAL A 26 -0.07 -4.07 -1.94
C VAL A 26 -0.90 -2.82 -1.69
N ASN A 27 -1.97 -2.97 -0.96
CA ASN A 27 -2.84 -1.82 -0.65
C ASN A 27 -3.16 -1.78 0.84
N VAL A 28 -2.94 -0.65 1.46
CA VAL A 28 -3.24 -0.52 2.91
C VAL A 28 -4.43 0.44 3.08
N LYS A 29 -5.35 0.09 3.95
CA LYS A 29 -6.55 0.94 4.17
C LYS A 29 -6.81 1.08 5.68
N SER A 30 -7.55 2.10 6.05
CA SER A 30 -7.87 2.33 7.49
C SER A 30 -9.18 1.59 7.87
N PRO A 31 -9.60 1.71 9.12
CA PRO A 31 -10.83 1.05 9.63
C PRO A 31 -12.09 1.79 9.16
N GLY A 32 -13.27 1.37 9.60
CA GLY A 32 -14.52 2.07 9.15
C GLY A 32 -15.75 1.39 9.76
N PRO A 33 -16.24 0.36 9.11
CA PRO A 33 -17.43 -0.41 9.55
C PRO A 33 -17.08 -1.32 10.73
N HIS A 34 -17.84 -2.35 10.99
CA HIS A 34 -17.49 -3.26 12.13
C HIS A 34 -16.10 -3.88 11.86
N CYS A 35 -15.66 -3.88 10.61
CA CYS A 35 -14.29 -4.37 10.29
C CYS A 35 -13.34 -3.59 11.22
N ALA A 36 -13.55 -2.28 11.27
CA ALA A 36 -12.79 -1.36 12.18
C ALA A 36 -11.32 -1.77 12.35
N GLN A 37 -10.74 -2.31 11.35
CA GLN A 37 -9.31 -2.70 11.42
C GLN A 37 -8.58 -2.06 10.25
N THR A 38 -7.33 -2.36 10.10
CA THR A 38 -6.56 -1.76 8.97
C THR A 38 -6.85 -2.55 7.71
N GLU A 39 -5.99 -2.43 6.74
CA GLU A 39 -6.13 -3.18 5.49
C GLU A 39 -4.74 -3.32 4.96
N VAL A 40 -4.42 -4.44 4.43
CA VAL A 40 -3.05 -4.62 3.97
C VAL A 40 -3.06 -5.73 2.92
N ILE A 41 -3.57 -5.43 1.75
CA ILE A 41 -3.69 -6.47 0.72
C ILE A 41 -2.57 -6.40 -0.32
N ALA A 42 -1.78 -7.43 -0.42
CA ALA A 42 -0.70 -7.48 -1.43
C ALA A 42 -1.28 -8.03 -2.72
N THR A 43 -1.35 -7.22 -3.76
CA THR A 43 -1.92 -7.72 -5.03
C THR A 43 -0.93 -8.67 -5.67
N LEU A 44 -1.40 -9.84 -5.97
CA LEU A 44 -0.54 -10.88 -6.59
C LEU A 44 -0.30 -10.57 -8.07
N LYS A 45 0.76 -11.13 -8.63
CA LYS A 45 1.10 -10.94 -10.07
C LYS A 45 -0.06 -11.38 -10.94
N ASN A 46 -0.71 -12.46 -10.58
CA ASN A 46 -1.88 -12.93 -11.39
C ASN A 46 -3.04 -11.93 -11.27
N GLY A 47 -2.87 -10.87 -10.51
CA GLY A 47 -3.94 -9.86 -10.33
C GLY A 47 -4.86 -10.33 -9.20
N ARG A 48 -4.28 -10.91 -8.18
CA ARG A 48 -5.10 -11.39 -7.02
C ARG A 48 -4.70 -10.57 -5.80
N LYS A 49 -5.10 -10.97 -4.63
CA LYS A 49 -4.73 -10.17 -3.44
C LYS A 49 -4.59 -11.05 -2.20
N ALA A 50 -3.75 -10.62 -1.30
CA ALA A 50 -3.55 -11.36 -0.01
C ALA A 50 -3.47 -10.32 1.09
N CYS A 51 -3.74 -10.69 2.31
CA CYS A 51 -3.58 -9.68 3.39
C CYS A 51 -2.49 -10.20 4.31
N LEU A 52 -1.75 -9.33 4.93
CA LEU A 52 -0.68 -9.78 5.84
C LEU A 52 -0.75 -8.95 7.12
N ASN A 53 -0.06 -9.35 8.15
CA ASN A 53 -0.14 -8.58 9.43
C ASN A 53 0.97 -7.53 9.50
N PRO A 54 0.68 -6.28 9.17
CA PRO A 54 1.71 -5.22 9.25
C PRO A 54 2.15 -5.07 10.71
N ALA A 55 1.28 -5.37 11.64
CA ALA A 55 1.69 -5.34 13.08
C ALA A 55 2.80 -6.37 13.25
N SER A 56 2.75 -7.44 12.46
CA SER A 56 3.81 -8.48 12.50
C SER A 56 5.15 -7.84 12.09
N PRO A 57 6.24 -8.33 12.61
CA PRO A 57 7.58 -7.81 12.28
C PRO A 57 7.99 -8.24 10.87
N ILE A 58 7.99 -9.52 10.62
CA ILE A 58 8.34 -10.04 9.26
C ILE A 58 7.45 -9.35 8.24
N VAL A 59 6.20 -9.24 8.54
CA VAL A 59 5.25 -8.62 7.62
C VAL A 59 5.55 -7.13 7.48
N LYS A 60 5.89 -6.47 8.56
CA LYS A 60 6.25 -5.02 8.44
C LYS A 60 7.40 -4.93 7.41
N LYS A 61 8.09 -6.03 7.21
CA LYS A 61 9.18 -6.12 6.21
C LYS A 61 8.51 -6.13 4.86
N ILE A 62 7.55 -7.01 4.71
CA ILE A 62 6.75 -7.12 3.47
C ILE A 62 6.40 -5.73 2.95
N ILE A 63 6.08 -4.80 3.83
CA ILE A 63 5.78 -3.42 3.35
C ILE A 63 7.06 -2.77 2.86
N GLU A 64 8.04 -2.78 3.71
CA GLU A 64 9.33 -2.13 3.36
C GLU A 64 9.97 -2.80 2.13
N LYS A 65 10.00 -4.11 2.08
CA LYS A 65 10.62 -4.79 0.91
C LYS A 65 9.74 -4.58 -0.32
N MET A 66 8.45 -4.63 -0.17
CA MET A 66 7.55 -4.36 -1.32
C MET A 66 7.85 -2.93 -1.79
N LEU A 67 8.12 -2.06 -0.84
CA LEU A 67 8.46 -0.65 -1.15
C LEU A 67 9.77 -0.59 -1.94
N ASN A 68 10.68 -1.49 -1.68
CA ASN A 68 12.00 -1.46 -2.42
C ASN A 68 11.99 -2.47 -3.58
N SER A 69 12.83 -2.27 -4.57
CA SER A 69 12.90 -3.20 -5.72
C SER A 69 14.12 -2.85 -6.59
N ASP A 70 15.20 -3.58 -6.42
CA ASP A 70 16.43 -3.30 -7.21
C ASP A 70 17.34 -4.53 -7.19
N LYS A 71 17.93 -4.87 -8.32
CA LYS A 71 18.84 -6.06 -8.40
C LYS A 71 18.05 -7.33 -8.03
N SER A 72 16.85 -7.44 -8.52
CA SER A 72 16.01 -8.65 -8.21
C SER A 72 15.33 -9.15 -9.48
N ALA B 1 7.33 21.40 -23.85
CA ALA B 1 6.82 20.31 -22.96
C ALA B 1 7.49 18.98 -23.33
N SER B 2 7.78 18.16 -22.35
CA SER B 2 8.43 16.84 -22.63
C SER B 2 7.67 15.74 -21.88
N VAL B 3 7.23 14.73 -22.59
CA VAL B 3 6.48 13.61 -21.92
C VAL B 3 7.46 12.74 -21.12
N ALA B 4 7.04 12.30 -19.95
CA ALA B 4 7.92 11.44 -19.11
C ALA B 4 7.54 9.97 -19.28
N THR B 5 8.43 9.06 -18.95
CA THR B 5 8.12 7.61 -19.09
C THR B 5 7.21 7.18 -17.94
N GLU B 6 5.94 6.99 -18.21
CA GLU B 6 4.98 6.58 -17.13
C GLU B 6 3.57 6.46 -17.72
N LEU B 7 3.12 5.26 -17.98
CA LEU B 7 1.75 5.07 -18.52
C LEU B 7 0.93 4.31 -17.48
N ARG B 8 1.41 3.14 -17.16
CA ARG B 8 0.74 2.27 -16.15
C ARG B 8 0.56 3.02 -14.84
N CYS B 9 1.63 3.58 -14.32
CA CYS B 9 1.55 4.31 -13.03
C CYS B 9 0.75 5.61 -13.22
N GLN B 10 0.15 6.09 -12.16
CA GLN B 10 -0.67 7.34 -12.23
C GLN B 10 0.00 8.48 -11.43
N CYS B 11 1.04 8.15 -10.68
CA CYS B 11 1.78 9.15 -9.82
C CYS B 11 1.60 10.61 -10.29
N LEU B 12 1.26 11.48 -9.38
CA LEU B 12 1.11 12.93 -9.72
C LEU B 12 2.51 13.53 -9.85
N GLN B 13 3.18 13.65 -8.73
CA GLN B 13 4.57 14.19 -8.69
C GLN B 13 5.13 13.92 -7.28
N THR B 14 4.85 12.73 -6.78
CA THR B 14 5.28 12.29 -5.41
C THR B 14 5.45 13.46 -4.43
N LEU B 15 4.45 13.68 -3.62
CA LEU B 15 4.52 14.75 -2.60
C LEU B 15 5.41 14.25 -1.44
N GLN B 16 5.84 15.13 -0.58
CA GLN B 16 6.72 14.70 0.54
C GLN B 16 5.94 14.60 1.85
N GLY B 17 5.08 13.62 1.94
CA GLY B 17 4.30 13.41 3.19
C GLY B 17 3.30 14.54 3.40
N ILE B 18 2.17 14.47 2.75
CA ILE B 18 1.14 15.54 2.94
C ILE B 18 0.35 15.19 4.21
N HIS B 19 -0.69 15.91 4.49
CA HIS B 19 -1.48 15.62 5.72
C HIS B 19 -2.67 14.70 5.33
N PRO B 20 -3.02 13.78 6.21
CA PRO B 20 -4.11 12.82 5.95
C PRO B 20 -5.49 13.50 6.10
N LYS B 21 -6.35 13.03 6.99
CA LYS B 21 -7.73 13.62 7.11
C LYS B 21 -8.56 13.12 5.92
N ASN B 22 -8.03 13.28 4.73
CA ASN B 22 -8.69 12.80 3.50
C ASN B 22 -8.05 11.47 3.16
N ILE B 23 -6.75 11.47 3.10
CA ILE B 23 -5.95 10.27 2.79
C ILE B 23 -6.41 9.09 3.66
N GLN B 24 -7.09 8.13 3.08
CA GLN B 24 -7.58 6.95 3.83
C GLN B 24 -6.77 5.71 3.47
N SER B 25 -6.09 5.70 2.34
CA SER B 25 -5.29 4.49 1.97
C SER B 25 -4.17 4.83 0.99
N VAL B 26 -3.42 3.84 0.59
CA VAL B 26 -2.31 4.07 -0.38
C VAL B 26 -2.00 2.76 -1.11
N ASN B 27 -1.41 2.86 -2.26
CA ASN B 27 -1.06 1.65 -3.03
C ASN B 27 0.38 1.74 -3.53
N VAL B 28 1.14 0.71 -3.27
CA VAL B 28 2.56 0.70 -3.74
C VAL B 28 2.71 -0.37 -4.83
N LYS B 29 3.42 -0.05 -5.88
CA LYS B 29 3.60 -1.01 -7.00
C LYS B 29 5.07 -1.03 -7.44
N SER B 30 5.49 -2.07 -8.10
CA SER B 30 6.90 -2.20 -8.57
C SER B 30 7.04 -1.57 -9.98
N PRO B 31 8.24 -1.61 -10.53
CA PRO B 31 8.53 -1.05 -11.87
C PRO B 31 8.01 -1.99 -12.99
N GLY B 32 8.27 -1.64 -14.24
CA GLY B 32 7.77 -2.51 -15.34
C GLY B 32 8.13 -1.91 -16.71
N PRO B 33 7.30 -1.00 -17.18
CA PRO B 33 7.51 -0.32 -18.48
C PRO B 33 8.66 0.70 -18.40
N HIS B 34 8.70 1.66 -19.30
CA HIS B 34 9.83 2.65 -19.28
C HIS B 34 9.82 3.46 -17.98
N CYS B 35 8.72 3.56 -17.27
CA CYS B 35 8.76 4.29 -15.97
C CYS B 35 9.76 3.54 -15.11
N ALA B 36 9.66 2.22 -15.13
CA ALA B 36 10.61 1.35 -14.39
C ALA B 36 10.90 1.90 -12.99
N GLN B 37 9.91 2.47 -12.38
CA GLN B 37 10.07 3.01 -11.00
C GLN B 37 9.07 2.34 -10.08
N THR B 38 9.00 2.76 -8.86
CA THR B 38 8.04 2.15 -7.91
C THR B 38 6.66 2.77 -8.12
N GLU B 39 5.82 2.65 -7.13
CA GLU B 39 4.48 3.25 -7.19
C GLU B 39 4.09 3.50 -5.77
N VAL B 40 3.49 4.59 -5.50
CA VAL B 40 3.16 4.89 -4.12
C VAL B 40 2.00 5.88 -4.11
N ILE B 41 0.82 5.40 -4.41
CA ILE B 41 -0.34 6.30 -4.52
C ILE B 41 -1.24 6.24 -3.28
N ALA B 42 -1.37 7.35 -2.59
CA ALA B 42 -2.26 7.40 -1.41
C ALA B 42 -3.67 7.74 -1.88
N THR B 43 -4.59 6.84 -1.74
CA THR B 43 -5.97 7.13 -2.20
C THR B 43 -6.62 8.12 -1.25
N LEU B 44 -7.09 9.20 -1.79
CA LEU B 44 -7.72 10.25 -0.98
C LEU B 44 -9.13 9.83 -0.53
N LYS B 45 -9.63 10.44 0.53
CA LYS B 45 -10.99 10.14 1.05
C LYS B 45 -12.03 10.35 -0.03
N ASN B 46 -11.88 11.38 -0.82
CA ASN B 46 -12.85 11.64 -1.91
C ASN B 46 -12.75 10.53 -2.99
N GLY B 47 -11.85 9.58 -2.79
CA GLY B 47 -11.68 8.47 -3.79
C GLY B 47 -10.73 8.95 -4.87
N ARG B 48 -9.71 9.68 -4.48
CA ARG B 48 -8.71 10.18 -5.48
C ARG B 48 -7.38 9.55 -5.14
N LYS B 49 -6.30 10.01 -5.73
CA LYS B 49 -5.00 9.39 -5.41
C LYS B 49 -3.85 10.40 -5.51
N ALA B 50 -2.83 10.17 -4.74
CA ALA B 50 -1.63 11.06 -4.77
C ALA B 50 -0.40 10.18 -4.72
N CYS B 51 0.73 10.66 -5.13
CA CYS B 51 1.94 9.81 -5.01
C CYS B 51 2.89 10.53 -4.08
N LEU B 52 3.70 9.80 -3.38
CA LEU B 52 4.66 10.45 -2.46
C LEU B 52 6.01 9.74 -2.61
N ASN B 53 7.06 10.32 -2.11
CA ASN B 53 8.40 9.68 -2.28
C ASN B 53 8.71 8.77 -1.09
N PRO B 54 8.50 7.47 -1.20
CA PRO B 54 8.82 6.56 -0.11
C PRO B 54 10.32 6.60 0.18
N ALA B 55 11.12 6.90 -0.83
CA ALA B 55 12.58 7.06 -0.61
C ALA B 55 12.76 8.23 0.38
N SER B 56 11.85 9.19 0.32
CA SER B 56 11.88 10.35 1.25
C SER B 56 11.69 9.82 2.68
N PRO B 57 12.27 10.50 3.65
CA PRO B 57 12.16 10.09 5.07
C PRO B 57 10.75 10.42 5.60
N ILE B 58 10.35 11.66 5.49
CA ILE B 58 8.99 12.08 5.94
C ILE B 58 7.96 11.19 5.27
N VAL B 59 8.15 10.98 4.00
CA VAL B 59 7.20 10.15 3.24
C VAL B 59 7.27 8.71 3.71
N LYS B 60 8.44 8.20 3.98
CA LYS B 60 8.52 6.80 4.50
C LYS B 60 7.65 6.73 5.77
N LYS B 61 7.40 7.88 6.37
CA LYS B 61 6.53 7.99 7.55
C LYS B 61 5.11 7.79 7.05
N ILE B 62 4.76 8.53 6.03
CA ILE B 62 3.44 8.42 5.38
C ILE B 62 3.05 6.95 5.24
N ILE B 63 3.99 6.08 4.92
CA ILE B 63 3.65 4.64 4.81
C ILE B 63 3.38 4.09 6.20
N GLU B 64 4.31 4.30 7.08
CA GLU B 64 4.19 3.78 8.46
C GLU B 64 2.98 4.38 9.17
N LYS B 65 2.77 5.67 9.07
CA LYS B 65 1.61 6.30 9.75
C LYS B 65 0.31 5.86 9.06
N MET B 66 0.32 5.78 7.75
CA MET B 66 -0.89 5.29 7.05
C MET B 66 -1.15 3.86 7.53
N LEU B 67 -0.08 3.13 7.78
CA LEU B 67 -0.19 1.75 8.29
C LEU B 67 -0.82 1.76 9.70
N ASN B 68 -0.57 2.77 10.48
CA ASN B 68 -1.15 2.82 11.86
C ASN B 68 -2.41 3.71 11.88
N SER B 69 -3.27 3.51 12.86
CA SER B 69 -4.51 4.31 12.97
C SER B 69 -5.19 4.02 14.31
N ASP B 70 -4.98 4.88 15.29
CA ASP B 70 -5.61 4.67 16.63
C ASP B 70 -5.63 5.99 17.40
N LYS B 71 -6.72 6.27 18.09
CA LYS B 71 -6.83 7.54 18.87
C LYS B 71 -6.69 8.74 17.92
N SER B 72 -7.33 8.67 16.77
CA SER B 72 -7.25 9.79 15.79
C SER B 72 -8.64 10.08 15.22
N ALA A 1 -21.94 -21.68 4.70
CA ALA A 1 -21.29 -20.41 4.26
C ALA A 1 -20.32 -19.92 5.35
N SER A 2 -20.83 -19.65 6.53
CA SER A 2 -19.95 -19.17 7.66
C SER A 2 -19.37 -17.77 7.33
N VAL A 3 -18.86 -17.09 8.33
CA VAL A 3 -18.27 -15.73 8.09
C VAL A 3 -17.40 -15.33 9.28
N ALA A 4 -16.19 -14.87 9.00
CA ALA A 4 -15.27 -14.45 10.10
C ALA A 4 -15.14 -12.92 10.07
N THR A 5 -14.22 -12.37 10.83
CA THR A 5 -14.04 -10.89 10.85
C THR A 5 -13.70 -10.40 9.43
N GLU A 6 -14.10 -9.19 9.10
CA GLU A 6 -13.84 -8.62 7.73
C GLU A 6 -14.68 -9.38 6.71
N LEU A 7 -15.76 -8.80 6.26
CA LEU A 7 -16.63 -9.50 5.28
C LEU A 7 -16.60 -8.71 3.98
N ARG A 8 -17.06 -7.49 4.05
CA ARG A 8 -17.06 -6.57 2.88
C ARG A 8 -15.63 -6.48 2.34
N CYS A 9 -14.71 -6.29 3.24
CA CYS A 9 -13.26 -6.18 2.87
C CYS A 9 -12.80 -7.42 2.08
N GLN A 10 -11.64 -7.35 1.46
CA GLN A 10 -11.15 -8.50 0.63
C GLN A 10 -10.06 -9.32 1.36
N CYS A 11 -9.47 -8.80 2.42
CA CYS A 11 -8.39 -9.55 3.16
C CYS A 11 -8.69 -11.06 3.19
N LEU A 12 -7.73 -11.88 2.85
CA LEU A 12 -7.94 -13.35 2.88
C LEU A 12 -8.04 -13.77 4.35
N GLN A 13 -6.94 -13.65 5.04
CA GLN A 13 -6.87 -13.99 6.49
C GLN A 13 -5.48 -13.53 6.97
N THR A 14 -5.08 -12.35 6.51
CA THR A 14 -3.74 -11.75 6.83
C THR A 14 -2.66 -12.80 7.02
N LEU A 15 -1.92 -13.05 5.98
CA LEU A 15 -0.80 -14.03 6.07
C LEU A 15 0.37 -13.38 6.83
N GLN A 16 1.32 -14.17 7.27
CA GLN A 16 2.46 -13.60 8.04
C GLN A 16 3.69 -13.47 7.13
N GLY A 17 3.64 -12.53 6.22
CA GLY A 17 4.80 -12.29 5.31
C GLY A 17 5.04 -13.49 4.41
N ILE A 18 4.33 -13.59 3.32
CA ILE A 18 4.55 -14.72 2.40
C ILE A 18 5.76 -14.39 1.51
N HIS A 19 6.02 -15.17 0.51
CA HIS A 19 7.18 -14.88 -0.36
C HIS A 19 6.68 -14.08 -1.60
N PRO A 20 7.50 -13.14 -2.06
CA PRO A 20 7.14 -12.30 -3.21
C PRO A 20 7.28 -13.06 -4.54
N LYS A 21 8.10 -12.60 -5.47
CA LYS A 21 8.22 -13.27 -6.81
C LYS A 21 6.96 -12.92 -7.62
N ASN A 22 5.81 -13.11 -7.03
CA ASN A 22 4.53 -12.75 -7.68
C ASN A 22 4.11 -11.41 -7.11
N ILE A 23 4.11 -11.32 -5.82
CA ILE A 23 3.74 -10.08 -5.10
C ILE A 23 4.49 -8.88 -5.71
N GLN A 24 3.76 -8.03 -6.40
CA GLN A 24 4.38 -6.83 -7.03
C GLN A 24 3.97 -5.56 -6.28
N SER A 25 2.88 -5.60 -5.54
CA SER A 25 2.46 -4.36 -4.81
C SER A 25 1.59 -4.71 -3.61
N VAL A 26 1.15 -3.69 -2.92
CA VAL A 26 0.29 -3.91 -1.73
C VAL A 26 -0.48 -2.63 -1.41
N ASN A 27 -1.55 -2.76 -0.70
CA ASN A 27 -2.37 -1.61 -0.31
C ASN A 27 -2.55 -1.59 1.20
N VAL A 28 -2.64 -0.44 1.78
CA VAL A 28 -2.85 -0.36 3.26
C VAL A 28 -3.92 0.71 3.56
N LYS A 29 -5.07 0.29 4.02
CA LYS A 29 -6.18 1.24 4.30
C LYS A 29 -6.57 1.16 5.80
N SER A 30 -7.24 2.19 6.29
CA SER A 30 -7.67 2.23 7.72
C SER A 30 -9.03 1.52 7.89
N PRO A 31 -9.55 1.49 9.10
CA PRO A 31 -10.85 0.84 9.41
C PRO A 31 -12.02 1.71 8.95
N GLY A 32 -13.24 1.30 9.23
CA GLY A 32 -14.41 2.14 8.77
C GLY A 32 -15.71 1.33 8.87
N PRO A 33 -15.92 0.42 7.93
CA PRO A 33 -17.13 -0.41 7.89
C PRO A 33 -17.10 -1.48 9.00
N HIS A 34 -17.89 -2.51 8.87
CA HIS A 34 -17.93 -3.57 9.93
C HIS A 34 -16.58 -4.27 10.09
N CYS A 35 -15.70 -4.26 9.10
CA CYS A 35 -14.36 -4.90 9.37
C CYS A 35 -13.74 -4.07 10.49
N ALA A 36 -13.94 -2.76 10.41
CA ALA A 36 -13.47 -1.80 11.46
C ALA A 36 -12.04 -2.08 11.90
N GLN A 37 -11.23 -2.57 11.01
CA GLN A 37 -9.80 -2.82 11.34
C GLN A 37 -8.93 -2.23 10.23
N THR A 38 -7.65 -2.47 10.27
CA THR A 38 -6.76 -1.90 9.21
C THR A 38 -7.04 -2.59 7.86
N GLU A 39 -6.15 -2.43 6.94
CA GLU A 39 -6.28 -3.05 5.60
C GLU A 39 -4.89 -3.22 5.09
N VAL A 40 -4.58 -4.33 4.54
CA VAL A 40 -3.21 -4.54 4.08
C VAL A 40 -3.21 -5.59 2.98
N ILE A 41 -3.56 -5.19 1.78
CA ILE A 41 -3.66 -6.18 0.67
C ILE A 41 -2.45 -6.14 -0.27
N ALA A 42 -1.73 -7.23 -0.38
CA ALA A 42 -0.57 -7.27 -1.32
C ALA A 42 -1.09 -7.74 -2.68
N THR A 43 -1.03 -6.90 -3.68
CA THR A 43 -1.53 -7.32 -5.01
C THR A 43 -0.53 -8.26 -5.64
N LEU A 44 -1.00 -9.41 -6.01
CA LEU A 44 -0.14 -10.43 -6.64
C LEU A 44 0.23 -10.06 -8.08
N LYS A 45 1.30 -10.63 -8.58
CA LYS A 45 1.76 -10.38 -9.98
C LYS A 45 0.66 -10.69 -10.98
N ASN A 46 -0.07 -11.74 -10.76
CA ASN A 46 -1.18 -12.09 -11.69
C ASN A 46 -2.34 -11.09 -11.55
N GLY A 47 -2.19 -10.10 -10.70
CA GLY A 47 -3.27 -9.08 -10.49
C GLY A 47 -4.22 -9.62 -9.43
N ARG A 48 -3.68 -10.31 -8.45
CA ARG A 48 -4.54 -10.86 -7.35
C ARG A 48 -4.27 -10.05 -6.10
N LYS A 49 -4.71 -10.50 -4.96
CA LYS A 49 -4.44 -9.74 -3.73
C LYS A 49 -4.48 -10.64 -2.50
N ALA A 50 -3.73 -10.27 -1.50
CA ALA A 50 -3.70 -11.06 -0.22
C ALA A 50 -3.64 -10.08 0.93
N CYS A 51 -3.96 -10.48 2.12
CA CYS A 51 -3.83 -9.53 3.23
C CYS A 51 -2.80 -10.11 4.17
N LEU A 52 -2.07 -9.28 4.86
CA LEU A 52 -1.03 -9.80 5.79
C LEU A 52 -1.16 -9.03 7.11
N ASN A 53 -0.50 -9.47 8.14
CA ASN A 53 -0.62 -8.77 9.45
C ASN A 53 0.49 -7.72 9.62
N PRO A 54 0.22 -6.46 9.34
CA PRO A 54 1.25 -5.40 9.51
C PRO A 54 1.63 -5.32 11.00
N ALA A 55 0.70 -5.65 11.88
CA ALA A 55 1.03 -5.68 13.34
C ALA A 55 2.13 -6.73 13.52
N SER A 56 2.11 -7.76 12.69
CA SER A 56 3.15 -8.82 12.75
C SER A 56 4.52 -8.20 12.40
N PRO A 57 5.58 -8.73 12.96
CA PRO A 57 6.94 -8.20 12.71
C PRO A 57 7.40 -8.63 11.31
N ILE A 58 7.37 -9.91 11.02
CA ILE A 58 7.75 -10.42 9.67
C ILE A 58 6.96 -9.68 8.62
N VAL A 59 5.70 -9.53 8.86
CA VAL A 59 4.83 -8.86 7.90
C VAL A 59 5.18 -7.38 7.82
N LYS A 60 5.47 -6.75 8.93
CA LYS A 60 5.88 -5.31 8.87
C LYS A 60 7.10 -5.23 7.93
N LYS A 61 7.76 -6.35 7.74
CA LYS A 61 8.91 -6.45 6.82
C LYS A 61 8.33 -6.42 5.42
N ILE A 62 7.35 -7.26 5.19
CA ILE A 62 6.64 -7.32 3.90
C ILE A 62 6.38 -5.89 3.38
N ILE A 63 6.04 -4.97 4.26
CA ILE A 63 5.81 -3.57 3.81
C ILE A 63 7.15 -2.95 3.43
N GLU A 64 8.09 -3.02 4.33
CA GLU A 64 9.41 -2.42 4.10
C GLU A 64 10.11 -3.07 2.91
N LYS A 65 10.08 -4.38 2.81
CA LYS A 65 10.76 -5.08 1.68
C LYS A 65 9.98 -4.77 0.40
N MET A 66 8.68 -4.78 0.45
CA MET A 66 7.89 -4.42 -0.75
C MET A 66 8.29 -3.00 -1.15
N LEU A 67 8.57 -2.18 -0.17
CA LEU A 67 9.02 -0.78 -0.41
C LEU A 67 10.39 -0.81 -1.10
N ASN A 68 11.21 -1.78 -0.76
CA ASN A 68 12.58 -1.87 -1.38
C ASN A 68 12.54 -2.78 -2.61
N SER A 69 12.61 -2.23 -3.80
CA SER A 69 12.60 -3.06 -5.04
C SER A 69 12.82 -2.17 -6.26
N ASP A 70 14.07 -1.83 -6.55
CA ASP A 70 14.37 -0.96 -7.72
C ASP A 70 15.71 -1.37 -8.34
N LYS A 71 15.87 -2.64 -8.66
CA LYS A 71 17.16 -3.10 -9.28
C LYS A 71 16.93 -4.46 -9.95
N SER A 72 16.46 -5.43 -9.19
CA SER A 72 16.21 -6.79 -9.77
C SER A 72 14.85 -7.31 -9.28
N ALA B 1 -0.10 19.59 -24.62
CA ALA B 1 -0.32 18.37 -23.77
C ALA B 1 0.92 18.12 -22.90
N SER B 2 2.07 17.89 -23.51
CA SER B 2 3.32 17.64 -22.74
C SER B 2 3.23 16.30 -21.98
N VAL B 3 4.35 15.79 -21.52
CA VAL B 3 4.32 14.50 -20.78
C VAL B 3 5.64 14.32 -20.00
N ALA B 4 5.54 13.99 -18.74
CA ALA B 4 6.78 13.78 -17.91
C ALA B 4 6.93 12.28 -17.62
N THR B 5 7.85 11.92 -16.77
CA THR B 5 8.05 10.46 -16.44
C THR B 5 6.74 9.88 -15.89
N GLU B 6 6.50 8.61 -16.12
CA GLU B 6 5.24 7.96 -15.63
C GLU B 6 4.05 8.50 -16.42
N LEU B 7 3.55 7.75 -17.36
CA LEU B 7 2.40 8.22 -18.17
C LEU B 7 1.23 7.31 -17.89
N ARG B 8 1.42 6.05 -18.19
CA ARG B 8 0.37 5.02 -17.97
C ARG B 8 -0.12 5.04 -16.52
N CYS B 9 0.80 5.03 -15.59
CA CYS B 9 0.42 5.03 -14.14
C CYS B 9 -0.40 6.28 -13.78
N GLN B 10 -0.82 6.36 -12.55
CA GLN B 10 -1.65 7.52 -12.10
C GLN B 10 -0.82 8.52 -11.28
N CYS B 11 0.35 8.13 -10.82
CA CYS B 11 1.24 9.03 -9.99
C CYS B 11 1.05 10.51 -10.37
N LEU B 12 0.74 11.35 -9.42
CA LEU B 12 0.57 12.81 -9.72
C LEU B 12 1.96 13.37 -10.03
N GLN B 13 2.76 13.43 -9.01
CA GLN B 13 4.17 13.93 -9.13
C GLN B 13 4.84 13.69 -7.77
N THR B 14 4.56 12.53 -7.19
CA THR B 14 5.07 12.13 -5.84
C THR B 14 5.28 13.32 -4.91
N LEU B 15 4.31 13.57 -4.07
CA LEU B 15 4.42 14.67 -3.09
C LEU B 15 5.37 14.23 -1.97
N GLN B 16 5.82 15.15 -1.15
CA GLN B 16 6.76 14.80 -0.06
C GLN B 16 6.02 14.72 1.27
N GLY B 17 5.19 13.72 1.42
CA GLY B 17 4.45 13.52 2.70
C GLY B 17 3.46 14.65 2.92
N ILE B 18 2.29 14.55 2.34
CA ILE B 18 1.26 15.59 2.54
C ILE B 18 0.56 15.30 3.87
N HIS B 19 -0.49 16.01 4.17
CA HIS B 19 -1.19 15.76 5.46
C HIS B 19 -2.37 14.79 5.20
N PRO B 20 -2.63 13.91 6.16
CA PRO B 20 -3.70 12.92 6.02
C PRO B 20 -5.09 13.55 6.25
N LYS B 21 -5.87 13.10 7.22
CA LYS B 21 -7.26 13.64 7.43
C LYS B 21 -8.16 13.06 6.32
N ASN B 22 -7.72 13.17 5.09
CA ASN B 22 -8.46 12.60 3.94
C ASN B 22 -7.79 11.28 3.60
N ILE B 23 -6.50 11.33 3.45
CA ILE B 23 -5.70 10.13 3.13
C ILE B 23 -6.07 8.97 4.06
N GLN B 24 -6.74 7.97 3.53
CA GLN B 24 -7.16 6.80 4.34
C GLN B 24 -6.32 5.57 3.97
N SER B 25 -5.71 5.55 2.80
CA SER B 25 -4.89 4.36 2.43
C SER B 25 -3.83 4.73 1.39
N VAL B 26 -3.08 3.74 0.97
CA VAL B 26 -2.03 3.98 -0.05
C VAL B 26 -1.66 2.66 -0.71
N ASN B 27 -1.07 2.74 -1.87
CA ASN B 27 -0.66 1.54 -2.59
C ASN B 27 0.82 1.66 -2.95
N VAL B 28 1.52 0.56 -3.00
CA VAL B 28 2.96 0.61 -3.37
C VAL B 28 3.27 -0.53 -4.35
N LYS B 29 3.55 -0.21 -5.59
CA LYS B 29 3.82 -1.25 -6.63
C LYS B 29 5.24 -1.06 -7.19
N SER B 30 5.77 -2.11 -7.80
CA SER B 30 7.15 -2.05 -8.39
C SER B 30 7.08 -1.49 -9.84
N PRO B 31 8.22 -1.41 -10.50
CA PRO B 31 8.31 -0.89 -11.89
C PRO B 31 7.81 -1.94 -12.90
N GLY B 32 7.94 -1.67 -14.18
CA GLY B 32 7.46 -2.67 -15.19
C GLY B 32 7.33 -2.03 -16.58
N PRO B 33 6.28 -1.26 -16.77
CA PRO B 33 6.02 -0.58 -18.07
C PRO B 33 6.99 0.59 -18.28
N HIS B 34 6.69 1.48 -19.18
CA HIS B 34 7.62 2.64 -19.44
C HIS B 34 7.82 3.47 -18.17
N CYS B 35 6.94 3.39 -17.20
CA CYS B 35 7.16 4.14 -15.93
C CYS B 35 8.46 3.56 -15.34
N ALA B 36 8.60 2.26 -15.45
CA ALA B 36 9.83 1.54 -14.99
C ALA B 36 10.37 2.07 -13.65
N GLN B 37 9.49 2.52 -12.81
CA GLN B 37 9.92 3.01 -11.46
C GLN B 37 8.98 2.43 -10.40
N THR B 38 9.13 2.83 -9.17
CA THR B 38 8.24 2.28 -8.10
C THR B 38 6.80 2.79 -8.29
N GLU B 39 6.00 2.65 -7.28
CA GLU B 39 4.60 3.12 -7.32
C GLU B 39 4.23 3.38 -5.90
N VAL B 40 3.59 4.46 -5.64
CA VAL B 40 3.28 4.80 -4.26
C VAL B 40 2.07 5.73 -4.23
N ILE B 41 0.88 5.18 -4.39
CA ILE B 41 -0.33 6.02 -4.46
C ILE B 41 -1.13 6.02 -3.16
N ALA B 42 -1.29 7.16 -2.53
CA ALA B 42 -2.10 7.24 -1.29
C ALA B 42 -3.54 7.50 -1.69
N THR B 43 -4.44 6.58 -1.41
CA THR B 43 -5.85 6.80 -1.79
C THR B 43 -6.48 7.79 -0.83
N LEU B 44 -7.03 8.83 -1.36
CA LEU B 44 -7.66 9.87 -0.55
C LEU B 44 -9.01 9.41 0.02
N LYS B 45 -9.46 10.05 1.08
CA LYS B 45 -10.75 9.71 1.72
C LYS B 45 -11.90 9.79 0.72
N ASN B 46 -11.88 10.78 -0.14
CA ASN B 46 -12.96 10.89 -1.15
C ASN B 46 -12.83 9.78 -2.21
N GLY B 47 -11.86 8.89 -2.06
CA GLY B 47 -11.65 7.80 -3.04
C GLY B 47 -10.77 8.32 -4.16
N ARG B 48 -9.83 9.16 -3.82
CA ARG B 48 -8.91 9.72 -4.85
C ARG B 48 -7.54 9.08 -4.65
N LYS B 49 -6.52 9.58 -5.27
CA LYS B 49 -5.18 8.98 -5.09
C LYS B 49 -4.07 9.99 -5.34
N ALA B 50 -2.97 9.82 -4.67
CA ALA B 50 -1.79 10.74 -4.86
C ALA B 50 -0.53 9.91 -4.83
N CYS B 51 0.56 10.39 -5.34
CA CYS B 51 1.80 9.60 -5.25
C CYS B 51 2.75 10.38 -4.37
N LEU B 52 3.62 9.70 -3.67
CA LEU B 52 4.58 10.41 -2.82
C LEU B 52 5.96 9.76 -3.03
N ASN B 53 7.00 10.37 -2.56
CA ASN B 53 8.36 9.81 -2.78
C ASN B 53 8.78 8.91 -1.61
N PRO B 54 8.60 7.60 -1.70
CA PRO B 54 9.02 6.70 -0.60
C PRO B 54 10.54 6.81 -0.40
N ALA B 55 11.27 7.13 -1.45
CA ALA B 55 12.74 7.33 -1.29
C ALA B 55 12.91 8.53 -0.34
N SER B 56 11.98 9.45 -0.37
CA SER B 56 12.01 10.63 0.54
C SER B 56 11.90 10.13 1.99
N PRO B 57 12.51 10.83 2.92
CA PRO B 57 12.46 10.46 4.35
C PRO B 57 11.08 10.78 4.93
N ILE B 58 10.65 12.02 4.81
CA ILE B 58 9.30 12.42 5.30
C ILE B 58 8.26 11.48 4.71
N VAL B 59 8.39 11.22 3.46
CA VAL B 59 7.43 10.36 2.77
C VAL B 59 7.54 8.94 3.28
N LYS B 60 8.74 8.46 3.51
CA LYS B 60 8.89 7.08 4.07
C LYS B 60 8.10 7.04 5.40
N LYS B 61 7.85 8.21 5.96
CA LYS B 61 7.05 8.36 7.19
C LYS B 61 5.62 8.11 6.78
N ILE B 62 5.19 8.80 5.75
CA ILE B 62 3.83 8.65 5.20
C ILE B 62 3.46 7.16 5.16
N ILE B 63 4.39 6.30 4.83
CA ILE B 63 4.07 4.84 4.80
C ILE B 63 3.91 4.35 6.22
N GLU B 64 4.90 4.62 7.03
CA GLU B 64 4.87 4.15 8.43
C GLU B 64 3.70 4.76 9.19
N LYS B 65 3.46 6.05 9.04
CA LYS B 65 2.33 6.69 9.77
C LYS B 65 1.02 6.17 9.19
N MET B 66 0.93 6.03 7.89
CA MET B 66 -0.31 5.47 7.29
C MET B 66 -0.50 4.07 7.89
N LEU B 67 0.60 3.39 8.13
CA LEU B 67 0.57 2.03 8.75
C LEU B 67 0.04 2.16 10.18
N ASN B 68 0.34 3.24 10.85
CA ASN B 68 -0.13 3.42 12.27
C ASN B 68 -1.45 4.21 12.28
N SER B 69 -2.55 3.54 12.56
CA SER B 69 -3.87 4.24 12.59
C SER B 69 -4.95 3.26 13.06
N ASP B 70 -5.06 3.05 14.35
CA ASP B 70 -6.09 2.11 14.89
C ASP B 70 -6.61 2.60 16.25
N LYS B 71 -7.05 3.83 16.31
CA LYS B 71 -7.58 4.38 17.60
C LYS B 71 -8.41 5.64 17.33
N SER B 72 -7.84 6.61 16.66
CA SER B 72 -8.59 7.86 16.34
C SER B 72 -8.31 8.27 14.89
N ALA A 1 -23.30 -10.97 -1.55
CA ALA A 1 -23.69 -12.03 -0.58
C ALA A 1 -22.76 -11.97 0.65
N SER A 2 -23.23 -11.37 1.72
CA SER A 2 -22.39 -11.27 2.95
C SER A 2 -23.28 -11.22 4.19
N VAL A 3 -23.28 -12.27 4.98
CA VAL A 3 -24.14 -12.31 6.20
C VAL A 3 -23.24 -12.28 7.45
N ALA A 4 -22.31 -11.34 7.50
CA ALA A 4 -21.39 -11.23 8.68
C ALA A 4 -20.53 -9.98 8.54
N THR A 5 -19.60 -9.78 9.44
CA THR A 5 -18.72 -8.57 9.38
C THR A 5 -17.73 -8.70 8.20
N GLU A 6 -17.12 -7.60 7.81
CA GLU A 6 -16.14 -7.60 6.68
C GLU A 6 -16.85 -7.95 5.35
N LEU A 7 -17.19 -6.94 4.59
CA LEU A 7 -17.86 -7.16 3.28
C LEU A 7 -16.94 -6.58 2.22
N ARG A 8 -16.69 -5.31 2.34
CA ARG A 8 -15.78 -4.60 1.40
C ARG A 8 -14.40 -5.26 1.43
N CYS A 9 -13.89 -5.46 2.63
CA CYS A 9 -12.54 -6.09 2.81
C CYS A 9 -12.62 -7.58 2.43
N GLN A 10 -11.59 -8.09 1.79
CA GLN A 10 -11.58 -9.53 1.37
C GLN A 10 -10.42 -10.29 2.03
N CYS A 11 -9.55 -9.59 2.76
CA CYS A 11 -8.36 -10.22 3.45
C CYS A 11 -8.54 -11.74 3.61
N LEU A 12 -7.62 -12.51 3.06
CA LEU A 12 -7.72 -14.00 3.18
C LEU A 12 -7.70 -14.37 4.67
N GLN A 13 -6.62 -14.05 5.31
CA GLN A 13 -6.44 -14.31 6.76
C GLN A 13 -5.09 -13.72 7.17
N THR A 14 -4.82 -12.53 6.68
CA THR A 14 -3.52 -11.83 6.94
C THR A 14 -2.36 -12.81 7.07
N LEU A 15 -1.73 -13.09 5.97
CA LEU A 15 -0.57 -14.02 5.97
C LEU A 15 0.62 -13.35 6.66
N GLN A 16 1.51 -14.12 7.22
CA GLN A 16 2.69 -13.54 7.93
C GLN A 16 3.85 -13.34 6.95
N GLY A 17 3.66 -12.48 5.99
CA GLY A 17 4.74 -12.18 5.01
C GLY A 17 5.07 -13.41 4.18
N ILE A 18 4.36 -13.60 3.10
CA ILE A 18 4.65 -14.77 2.24
C ILE A 18 5.84 -14.39 1.34
N HIS A 19 6.17 -15.21 0.38
CA HIS A 19 7.31 -14.87 -0.50
C HIS A 19 6.78 -14.09 -1.72
N PRO A 20 7.55 -13.10 -2.18
CA PRO A 20 7.14 -12.27 -3.31
C PRO A 20 7.29 -13.02 -4.64
N LYS A 21 8.05 -12.53 -5.61
CA LYS A 21 8.15 -13.21 -6.94
C LYS A 21 6.85 -12.95 -7.71
N ASN A 22 5.73 -13.18 -7.07
CA ASN A 22 4.40 -12.91 -7.68
C ASN A 22 3.95 -11.56 -7.13
N ILE A 23 3.97 -11.45 -5.83
CA ILE A 23 3.57 -10.21 -5.14
C ILE A 23 4.19 -8.99 -5.85
N GLN A 24 3.38 -8.22 -6.52
CA GLN A 24 3.87 -7.04 -7.25
C GLN A 24 3.52 -5.75 -6.51
N SER A 25 2.53 -5.77 -5.65
CA SER A 25 2.16 -4.51 -4.92
C SER A 25 1.28 -4.82 -3.70
N VAL A 26 0.90 -3.79 -2.99
CA VAL A 26 0.03 -3.96 -1.78
C VAL A 26 -0.76 -2.68 -1.54
N ASN A 27 -1.85 -2.79 -0.83
CA ASN A 27 -2.67 -1.60 -0.51
C ASN A 27 -3.02 -1.59 0.97
N VAL A 28 -2.77 -0.49 1.62
CA VAL A 28 -3.07 -0.38 3.08
C VAL A 28 -4.13 0.70 3.30
N LYS A 29 -5.20 0.33 3.98
CA LYS A 29 -6.31 1.31 4.24
C LYS A 29 -6.67 1.27 5.74
N SER A 30 -7.28 2.31 6.24
CA SER A 30 -7.66 2.36 7.68
C SER A 30 -9.03 1.66 7.88
N PRO A 31 -9.44 1.49 9.13
CA PRO A 31 -10.71 0.80 9.48
C PRO A 31 -11.94 1.70 9.24
N GLY A 32 -13.11 1.26 9.68
CA GLY A 32 -14.34 2.08 9.49
C GLY A 32 -15.56 1.39 10.13
N PRO A 33 -16.29 0.63 9.32
CA PRO A 33 -17.51 -0.09 9.79
C PRO A 33 -17.12 -1.36 10.57
N HIS A 34 -17.98 -2.37 10.59
CA HIS A 34 -17.64 -3.63 11.34
C HIS A 34 -16.27 -4.15 10.88
N CYS A 35 -15.86 -3.83 9.66
CA CYS A 35 -14.48 -4.19 9.21
C CYS A 35 -13.58 -3.11 9.81
N ALA A 36 -13.66 -3.00 11.12
CA ALA A 36 -12.95 -1.95 11.89
C ALA A 36 -11.46 -2.25 12.07
N GLN A 37 -10.93 -3.22 11.38
CA GLN A 37 -9.47 -3.49 11.49
C GLN A 37 -8.80 -2.70 10.37
N THR A 38 -7.51 -2.76 10.27
CA THR A 38 -6.83 -1.99 9.20
C THR A 38 -7.08 -2.66 7.83
N GLU A 39 -6.24 -2.39 6.88
CA GLU A 39 -6.37 -3.01 5.54
C GLU A 39 -4.98 -3.18 5.03
N VAL A 40 -4.69 -4.31 4.51
CA VAL A 40 -3.31 -4.53 4.06
C VAL A 40 -3.33 -5.63 3.00
N ILE A 41 -3.66 -5.27 1.79
CA ILE A 41 -3.77 -6.29 0.72
C ILE A 41 -2.58 -6.25 -0.23
N ALA A 42 -1.92 -7.36 -0.42
CA ALA A 42 -0.78 -7.41 -1.38
C ALA A 42 -1.30 -7.94 -2.70
N THR A 43 -1.31 -7.13 -3.72
CA THR A 43 -1.83 -7.61 -5.02
C THR A 43 -0.80 -8.54 -5.65
N LEU A 44 -1.22 -9.72 -5.98
CA LEU A 44 -0.32 -10.72 -6.57
C LEU A 44 0.00 -10.39 -8.04
N LYS A 45 1.08 -10.94 -8.56
CA LYS A 45 1.48 -10.72 -9.97
C LYS A 45 0.36 -11.12 -10.91
N ASN A 46 -0.31 -12.20 -10.62
CA ASN A 46 -1.44 -12.63 -11.51
C ASN A 46 -2.64 -11.69 -11.34
N GLY A 47 -2.48 -10.62 -10.57
CA GLY A 47 -3.59 -9.66 -10.35
C GLY A 47 -4.49 -10.21 -9.24
N ARG A 48 -3.89 -10.86 -8.28
CA ARG A 48 -4.68 -11.43 -7.15
C ARG A 48 -4.45 -10.54 -5.94
N LYS A 49 -4.81 -10.99 -4.78
CA LYS A 49 -4.58 -10.13 -3.58
C LYS A 49 -4.58 -10.95 -2.31
N ALA A 50 -3.85 -10.50 -1.34
CA ALA A 50 -3.79 -11.21 -0.03
C ALA A 50 -3.71 -10.19 1.08
N CYS A 51 -4.05 -10.56 2.28
CA CYS A 51 -3.92 -9.61 3.39
C CYS A 51 -2.79 -10.12 4.27
N LEU A 52 -2.07 -9.25 4.91
CA LEU A 52 -0.97 -9.71 5.79
C LEU A 52 -1.10 -8.96 7.11
N ASN A 53 -0.39 -9.35 8.12
CA ASN A 53 -0.53 -8.66 9.43
C ASN A 53 0.51 -7.55 9.60
N PRO A 54 0.16 -6.30 9.32
CA PRO A 54 1.10 -5.18 9.50
C PRO A 54 1.47 -5.06 10.98
N ALA A 55 0.57 -5.45 11.87
CA ALA A 55 0.91 -5.45 13.32
C ALA A 55 2.05 -6.46 13.51
N SER A 56 2.08 -7.48 12.66
CA SER A 56 3.16 -8.50 12.72
C SER A 56 4.48 -7.84 12.31
N PRO A 57 5.58 -8.27 12.90
CA PRO A 57 6.91 -7.72 12.57
C PRO A 57 7.37 -8.28 11.22
N ILE A 58 7.26 -9.58 11.04
CA ILE A 58 7.65 -10.22 9.74
C ILE A 58 6.88 -9.54 8.62
N VAL A 59 5.62 -9.37 8.82
CA VAL A 59 4.78 -8.76 7.79
C VAL A 59 5.11 -7.27 7.69
N LYS A 60 5.44 -6.64 8.78
CA LYS A 60 5.85 -5.21 8.70
C LYS A 60 7.08 -5.15 7.76
N LYS A 61 7.72 -6.28 7.58
CA LYS A 61 8.87 -6.40 6.65
C LYS A 61 8.29 -6.38 5.27
N ILE A 62 7.29 -7.21 5.06
CA ILE A 62 6.57 -7.26 3.76
C ILE A 62 6.33 -5.83 3.25
N ILE A 63 6.00 -4.90 4.12
CA ILE A 63 5.80 -3.49 3.66
C ILE A 63 7.15 -2.91 3.28
N GLU A 64 8.10 -3.05 4.16
CA GLU A 64 9.44 -2.48 3.92
C GLU A 64 10.10 -3.13 2.69
N LYS A 65 10.06 -4.45 2.59
CA LYS A 65 10.69 -5.10 1.41
C LYS A 65 9.87 -4.79 0.17
N MET A 66 8.57 -4.75 0.29
CA MET A 66 7.74 -4.37 -0.89
C MET A 66 8.18 -2.97 -1.28
N LEU A 67 8.43 -2.13 -0.29
CA LEU A 67 8.94 -0.75 -0.54
C LEU A 67 10.28 -0.87 -1.27
N ASN A 68 11.12 -1.79 -0.81
CA ASN A 68 12.46 -2.04 -1.42
C ASN A 68 13.12 -0.72 -1.87
N SER A 69 13.75 -0.03 -0.95
CA SER A 69 14.42 1.26 -1.30
C SER A 69 15.33 1.67 -0.13
N ASP A 70 16.23 0.82 0.27
CA ASP A 70 17.15 1.15 1.41
C ASP A 70 18.54 0.55 1.15
N LYS A 71 19.57 1.18 1.66
CA LYS A 71 20.95 0.64 1.46
C LYS A 71 21.96 1.55 2.19
N SER A 72 21.69 1.88 3.44
CA SER A 72 22.62 2.75 4.24
C SER A 72 22.73 4.15 3.60
N ALA B 1 -5.20 8.25 -24.07
CA ALA B 1 -4.40 9.34 -24.69
C ALA B 1 -3.08 9.52 -23.93
N SER B 2 -2.00 8.99 -24.44
CA SER B 2 -0.68 9.12 -23.75
C SER B 2 0.44 9.10 -24.79
N VAL B 3 1.10 10.21 -24.98
CA VAL B 3 2.22 10.27 -25.98
C VAL B 3 3.55 10.48 -25.23
N ALA B 4 3.79 9.67 -24.23
CA ALA B 4 5.07 9.79 -23.45
C ALA B 4 5.18 8.62 -22.46
N THR B 5 6.18 8.64 -21.60
CA THR B 5 6.35 7.53 -20.62
C THR B 5 5.28 7.65 -19.51
N GLU B 6 5.10 6.60 -18.74
CA GLU B 6 4.09 6.60 -17.63
C GLU B 6 2.68 6.71 -18.21
N LEU B 7 1.99 5.58 -18.32
CA LEU B 7 0.60 5.60 -18.84
C LEU B 7 -0.30 4.99 -17.78
N ARG B 8 -0.01 3.77 -17.44
CA ARG B 8 -0.81 3.02 -16.41
C ARG B 8 -0.98 3.83 -15.14
N CYS B 9 0.09 4.13 -14.45
CA CYS B 9 -0.02 4.90 -13.19
C CYS B 9 -0.34 6.37 -13.49
N GLN B 10 -0.72 7.10 -12.48
CA GLN B 10 -1.10 8.53 -12.68
C GLN B 10 -0.24 9.47 -11.82
N CYS B 11 0.57 8.92 -10.92
CA CYS B 11 1.46 9.73 -9.98
C CYS B 11 1.41 11.24 -10.29
N LEU B 12 0.88 12.02 -9.37
CA LEU B 12 0.80 13.50 -9.59
C LEU B 12 2.23 14.02 -9.79
N GLN B 13 3.02 13.88 -8.76
CA GLN B 13 4.44 14.32 -8.78
C GLN B 13 5.06 13.95 -7.43
N THR B 14 4.75 12.75 -6.97
CA THR B 14 5.22 12.24 -5.64
C THR B 14 5.35 13.36 -4.62
N LEU B 15 4.31 13.59 -3.90
CA LEU B 15 4.32 14.66 -2.85
C LEU B 15 5.22 14.20 -1.69
N GLN B 16 5.77 15.12 -0.95
CA GLN B 16 6.66 14.75 0.18
C GLN B 16 5.84 14.59 1.46
N GLY B 17 4.98 13.62 1.47
CA GLY B 17 4.16 13.33 2.69
C GLY B 17 3.23 14.51 2.99
N ILE B 18 2.07 14.52 2.40
CA ILE B 18 1.11 15.60 2.68
C ILE B 18 0.39 15.28 3.99
N HIS B 19 -0.61 16.02 4.34
CA HIS B 19 -1.31 15.73 5.62
C HIS B 19 -2.49 14.77 5.33
N PRO B 20 -2.74 13.84 6.23
CA PRO B 20 -3.81 12.85 6.06
C PRO B 20 -5.19 13.48 6.28
N LYS B 21 -6.02 12.97 7.19
CA LYS B 21 -7.40 13.52 7.39
C LYS B 21 -8.26 13.03 6.22
N ASN B 22 -7.78 13.21 5.01
CA ASN B 22 -8.50 12.73 3.81
C ASN B 22 -7.85 11.40 3.43
N ILE B 23 -6.55 11.42 3.31
CA ILE B 23 -5.76 10.22 2.96
C ILE B 23 -6.26 9.02 3.77
N GLN B 24 -6.92 8.09 3.14
CA GLN B 24 -7.46 6.91 3.82
C GLN B 24 -6.61 5.67 3.52
N SER B 25 -5.87 5.66 2.43
CA SER B 25 -5.04 4.46 2.11
C SER B 25 -3.97 4.78 1.07
N VAL B 26 -3.18 3.80 0.71
CA VAL B 26 -2.11 4.00 -0.30
C VAL B 26 -1.80 2.66 -0.98
N ASN B 27 -1.23 2.71 -2.15
CA ASN B 27 -0.88 1.48 -2.89
C ASN B 27 0.55 1.58 -3.40
N VAL B 28 1.35 0.58 -3.12
CA VAL B 28 2.77 0.60 -3.58
C VAL B 28 3.00 -0.57 -4.55
N LYS B 29 3.50 -0.27 -5.73
CA LYS B 29 3.76 -1.32 -6.75
C LYS B 29 5.19 -1.18 -7.29
N SER B 30 5.74 -2.23 -7.84
CA SER B 30 7.13 -2.16 -8.39
C SER B 30 7.09 -1.61 -9.83
N PRO B 31 8.27 -1.36 -10.40
CA PRO B 31 8.40 -0.80 -11.77
C PRO B 31 8.14 -1.86 -12.86
N GLY B 32 8.39 -1.51 -14.12
CA GLY B 32 8.16 -2.48 -15.23
C GLY B 32 8.59 -1.88 -16.59
N PRO B 33 7.64 -1.30 -17.28
CA PRO B 33 7.87 -0.68 -18.61
C PRO B 33 8.56 0.69 -18.47
N HIS B 34 8.39 1.58 -19.43
CA HIS B 34 9.05 2.93 -19.33
C HIS B 34 8.70 3.56 -17.98
N CYS B 35 7.59 3.21 -17.39
CA CYS B 35 7.29 3.70 -16.02
C CYS B 35 8.07 2.78 -15.10
N ALA B 36 9.36 2.79 -15.30
CA ALA B 36 10.28 1.89 -14.56
C ALA B 36 10.59 2.38 -13.14
N GLN B 37 9.83 3.32 -12.63
CA GLN B 37 10.05 3.77 -11.23
C GLN B 37 9.10 2.96 -10.35
N THR B 38 9.14 3.16 -9.06
CA THR B 38 8.23 2.38 -8.18
C THR B 38 6.79 2.88 -8.33
N GLU B 39 5.95 2.61 -7.36
CA GLU B 39 4.56 3.07 -7.40
C GLU B 39 4.18 3.34 -5.98
N VAL B 40 3.56 4.43 -5.74
CA VAL B 40 3.24 4.76 -4.36
C VAL B 40 2.06 5.74 -4.36
N ILE B 41 0.88 5.23 -4.50
CA ILE B 41 -0.31 6.11 -4.58
C ILE B 41 -1.12 6.11 -3.30
N ALA B 42 -1.36 7.26 -2.73
CA ALA B 42 -2.19 7.34 -1.49
C ALA B 42 -3.61 7.68 -1.91
N THR B 43 -4.53 6.76 -1.73
CA THR B 43 -5.93 7.04 -2.13
C THR B 43 -6.54 8.02 -1.12
N LEU B 44 -7.05 9.10 -1.63
CA LEU B 44 -7.65 10.14 -0.77
C LEU B 44 -9.02 9.69 -0.25
N LYS B 45 -9.49 10.31 0.82
CA LYS B 45 -10.82 9.99 1.42
C LYS B 45 -11.92 10.17 0.38
N ASN B 46 -11.83 11.19 -0.43
CA ASN B 46 -12.88 11.39 -1.48
C ASN B 46 -12.73 10.32 -2.59
N GLY B 47 -11.82 9.38 -2.42
CA GLY B 47 -11.62 8.32 -3.44
C GLY B 47 -10.69 8.87 -4.51
N ARG B 48 -9.75 9.69 -4.11
CA ARG B 48 -8.78 10.27 -5.09
C ARG B 48 -7.46 9.54 -4.91
N LYS B 49 -6.39 10.05 -5.45
CA LYS B 49 -5.10 9.36 -5.28
C LYS B 49 -3.94 10.31 -5.50
N ALA B 50 -2.85 10.05 -4.85
CA ALA B 50 -1.64 10.90 -5.01
C ALA B 50 -0.40 10.02 -4.96
N CYS B 51 0.71 10.48 -5.46
CA CYS B 51 1.94 9.66 -5.36
C CYS B 51 2.85 10.38 -4.40
N LEU B 52 3.67 9.67 -3.69
CA LEU B 52 4.60 10.33 -2.75
C LEU B 52 5.97 9.70 -2.97
N ASN B 53 7.00 10.28 -2.43
CA ASN B 53 8.38 9.72 -2.66
C ASN B 53 8.77 8.75 -1.55
N PRO B 54 8.60 7.45 -1.74
CA PRO B 54 9.01 6.46 -0.72
C PRO B 54 10.53 6.55 -0.52
N ALA B 55 11.26 6.92 -1.55
CA ALA B 55 12.73 7.11 -1.39
C ALA B 55 12.92 8.26 -0.39
N SER B 56 11.97 9.18 -0.37
CA SER B 56 12.04 10.33 0.59
C SER B 56 11.84 9.77 2.02
N PRO B 57 12.49 10.38 2.98
CA PRO B 57 12.38 9.97 4.40
C PRO B 57 11.02 10.43 4.96
N ILE B 58 10.68 11.67 4.73
CA ILE B 58 9.37 12.22 5.20
C ILE B 58 8.25 11.35 4.65
N VAL B 59 8.34 11.06 3.39
CA VAL B 59 7.30 10.25 2.75
C VAL B 59 7.41 8.81 3.25
N LYS B 60 8.60 8.34 3.49
CA LYS B 60 8.73 6.96 4.07
C LYS B 60 7.94 6.94 5.39
N LYS B 61 7.70 8.12 5.94
CA LYS B 61 6.89 8.28 7.17
C LYS B 61 5.46 8.04 6.76
N ILE B 62 5.05 8.73 5.72
CA ILE B 62 3.69 8.56 5.16
C ILE B 62 3.32 7.07 5.13
N ILE B 63 4.26 6.21 4.79
CA ILE B 63 3.94 4.75 4.79
C ILE B 63 3.78 4.29 6.22
N GLU B 64 4.73 4.62 7.05
CA GLU B 64 4.70 4.19 8.46
C GLU B 64 3.49 4.78 9.19
N LYS B 65 3.23 6.07 9.03
CA LYS B 65 2.06 6.68 9.73
C LYS B 65 0.78 6.13 9.10
N MET B 66 0.76 5.95 7.80
CA MET B 66 -0.44 5.37 7.17
C MET B 66 -0.63 3.99 7.79
N LEU B 67 0.48 3.30 8.00
CA LEU B 67 0.45 1.96 8.67
C LEU B 67 -0.14 2.17 10.08
N ASN B 68 0.30 3.21 10.76
CA ASN B 68 -0.19 3.55 12.13
C ASN B 68 -0.41 2.27 12.97
N SER B 69 0.65 1.75 13.55
CA SER B 69 0.52 0.52 14.38
C SER B 69 1.82 0.34 15.18
N ASP B 70 2.21 1.33 15.94
CA ASP B 70 3.47 1.23 16.75
C ASP B 70 3.29 1.96 18.08
N LYS B 71 3.97 1.51 19.11
CA LYS B 71 3.87 2.17 20.44
C LYS B 71 4.81 1.47 21.45
N SER B 72 6.04 1.24 21.05
CA SER B 72 7.04 0.57 21.96
C SER B 72 6.58 -0.87 22.30
N ALA A 1 -18.85 -21.31 11.28
CA ALA A 1 -18.82 -19.84 11.04
C ALA A 1 -17.88 -19.52 9.87
N SER A 2 -16.63 -19.96 9.96
CA SER A 2 -15.63 -19.70 8.87
C SER A 2 -15.35 -18.19 8.77
N VAL A 3 -14.16 -17.77 9.18
CA VAL A 3 -13.79 -16.33 9.12
C VAL A 3 -14.78 -15.50 9.96
N ALA A 4 -14.53 -15.40 11.24
CA ALA A 4 -15.45 -14.62 12.13
C ALA A 4 -15.11 -13.13 12.04
N THR A 5 -16.11 -12.28 12.01
CA THR A 5 -15.90 -10.79 11.91
C THR A 5 -15.14 -10.43 10.63
N GLU A 6 -15.01 -9.15 10.35
CA GLU A 6 -14.30 -8.69 9.11
C GLU A 6 -15.02 -9.25 7.87
N LEU A 7 -16.02 -8.55 7.39
CA LEU A 7 -16.77 -9.01 6.19
C LEU A 7 -16.56 -7.99 5.07
N ARG A 8 -16.91 -6.77 5.37
CA ARG A 8 -16.77 -5.64 4.40
C ARG A 8 -15.39 -5.65 3.74
N CYS A 9 -14.35 -5.69 4.53
CA CYS A 9 -12.95 -5.68 3.99
C CYS A 9 -12.73 -6.88 3.04
N GLN A 10 -11.66 -6.84 2.27
CA GLN A 10 -11.38 -7.94 1.29
C GLN A 10 -10.29 -8.90 1.80
N CYS A 11 -9.56 -8.54 2.83
CA CYS A 11 -8.46 -9.42 3.35
C CYS A 11 -8.89 -10.89 3.36
N LEU A 12 -8.01 -11.76 2.94
CA LEU A 12 -8.33 -13.22 2.93
C LEU A 12 -8.28 -13.72 4.38
N GLN A 13 -7.11 -13.75 4.94
CA GLN A 13 -6.91 -14.18 6.35
C GLN A 13 -5.51 -13.75 6.78
N THR A 14 -5.13 -12.55 6.39
CA THR A 14 -3.78 -11.96 6.66
C THR A 14 -2.68 -13.02 6.78
N LEU A 15 -1.96 -13.23 5.71
CA LEU A 15 -0.83 -14.21 5.75
C LEU A 15 0.33 -13.60 6.54
N GLN A 16 1.28 -14.39 6.94
CA GLN A 16 2.44 -13.86 7.72
C GLN A 16 3.66 -13.69 6.82
N GLY A 17 3.60 -12.72 5.94
CA GLY A 17 4.76 -12.45 5.04
C GLY A 17 4.99 -13.60 4.08
N ILE A 18 4.28 -13.61 2.98
CA ILE A 18 4.49 -14.70 1.98
C ILE A 18 5.68 -14.30 1.10
N HIS A 19 5.93 -15.01 0.04
CA HIS A 19 7.08 -14.66 -0.82
C HIS A 19 6.57 -13.84 -2.03
N PRO A 20 7.37 -12.90 -2.48
CA PRO A 20 6.99 -12.02 -3.61
C PRO A 20 7.11 -12.76 -4.96
N LYS A 21 7.89 -12.26 -5.91
CA LYS A 21 7.97 -12.90 -7.27
C LYS A 21 6.68 -12.59 -8.02
N ASN A 22 5.55 -12.84 -7.40
CA ASN A 22 4.23 -12.51 -8.00
C ASN A 22 3.82 -11.17 -7.41
N ILE A 23 3.84 -11.10 -6.11
CA ILE A 23 3.48 -9.87 -5.38
C ILE A 23 4.12 -8.63 -6.05
N GLN A 24 3.33 -7.85 -6.73
CA GLN A 24 3.83 -6.65 -7.42
C GLN A 24 3.56 -5.40 -6.58
N SER A 25 2.58 -5.45 -5.71
CA SER A 25 2.28 -4.26 -4.87
C SER A 25 1.41 -4.63 -3.67
N VAL A 26 1.01 -3.64 -2.92
CA VAL A 26 0.16 -3.88 -1.74
C VAL A 26 -0.60 -2.59 -1.39
N ASN A 27 -1.69 -2.75 -0.72
CA ASN A 27 -2.51 -1.60 -0.30
C ASN A 27 -2.62 -1.59 1.21
N VAL A 28 -2.65 -0.44 1.79
CA VAL A 28 -2.78 -0.34 3.27
C VAL A 28 -3.81 0.75 3.61
N LYS A 29 -4.92 0.36 4.18
CA LYS A 29 -6.00 1.34 4.52
C LYS A 29 -6.27 1.37 6.03
N SER A 30 -7.17 2.22 6.44
CA SER A 30 -7.53 2.36 7.88
C SER A 30 -8.89 1.66 8.15
N PRO A 31 -9.31 1.65 9.40
CA PRO A 31 -10.59 1.02 9.82
C PRO A 31 -11.80 1.91 9.48
N GLY A 32 -12.99 1.39 9.65
CA GLY A 32 -14.21 2.21 9.33
C GLY A 32 -15.45 1.58 10.00
N PRO A 33 -16.14 0.72 9.28
CA PRO A 33 -17.36 0.05 9.77
C PRO A 33 -17.02 -1.10 10.72
N HIS A 34 -17.90 -2.06 10.88
CA HIS A 34 -17.64 -3.22 11.81
C HIS A 34 -16.27 -3.84 11.51
N CYS A 35 -15.82 -3.79 10.28
CA CYS A 35 -14.45 -4.30 9.96
C CYS A 35 -13.53 -3.13 10.31
N ALA A 36 -13.59 -2.78 11.56
CA ALA A 36 -12.87 -1.60 12.11
C ALA A 36 -11.43 -1.94 12.46
N GLN A 37 -10.69 -2.34 11.48
CA GLN A 37 -9.24 -2.65 11.68
C GLN A 37 -8.46 -2.04 10.51
N THR A 38 -7.18 -2.27 10.44
CA THR A 38 -6.38 -1.69 9.33
C THR A 38 -6.73 -2.38 8.01
N GLU A 39 -5.89 -2.25 7.04
CA GLU A 39 -6.10 -2.90 5.72
C GLU A 39 -4.72 -3.14 5.17
N VAL A 40 -4.50 -4.26 4.60
CA VAL A 40 -3.14 -4.55 4.12
C VAL A 40 -3.21 -5.59 3.01
N ILE A 41 -3.61 -5.18 1.83
CA ILE A 41 -3.77 -6.15 0.71
C ILE A 41 -2.60 -6.11 -0.28
N ALA A 42 -1.85 -7.19 -0.41
CA ALA A 42 -0.73 -7.22 -1.39
C ALA A 42 -1.27 -7.68 -2.75
N THR A 43 -1.23 -6.81 -3.73
CA THR A 43 -1.76 -7.21 -5.06
C THR A 43 -0.78 -8.16 -5.73
N LEU A 44 -1.25 -9.29 -6.11
CA LEU A 44 -0.41 -10.30 -6.77
C LEU A 44 -0.12 -9.92 -8.22
N LYS A 45 0.96 -10.45 -8.78
CA LYS A 45 1.34 -10.18 -10.18
C LYS A 45 0.21 -10.54 -11.13
N ASN A 46 -0.46 -11.63 -10.87
CA ASN A 46 -1.60 -12.04 -11.75
C ASN A 46 -2.74 -11.00 -11.65
N GLY A 47 -2.59 -10.00 -10.79
CA GLY A 47 -3.66 -8.96 -10.62
C GLY A 47 -4.64 -9.45 -9.56
N ARG A 48 -4.14 -10.16 -8.58
CA ARG A 48 -5.01 -10.65 -7.48
C ARG A 48 -4.52 -9.96 -6.21
N LYS A 49 -4.91 -10.40 -5.05
CA LYS A 49 -4.40 -9.73 -3.84
C LYS A 49 -4.47 -10.65 -2.63
N ALA A 50 -3.83 -10.21 -1.58
CA ALA A 50 -3.83 -11.00 -0.31
C ALA A 50 -3.74 -10.04 0.86
N CYS A 51 -4.08 -10.45 2.05
CA CYS A 51 -3.90 -9.53 3.19
C CYS A 51 -2.86 -10.16 4.09
N LEU A 52 -2.10 -9.37 4.79
CA LEU A 52 -1.07 -9.94 5.69
C LEU A 52 -1.17 -9.22 7.03
N ASN A 53 -0.49 -9.70 8.03
CA ASN A 53 -0.57 -9.05 9.37
C ASN A 53 0.54 -8.01 9.56
N PRO A 54 0.28 -6.74 9.31
CA PRO A 54 1.31 -5.70 9.50
C PRO A 54 1.70 -5.65 10.98
N ALA A 55 0.78 -6.01 11.86
CA ALA A 55 1.13 -6.08 13.31
C ALA A 55 2.22 -7.15 13.46
N SER A 56 2.17 -8.15 12.61
CA SER A 56 3.21 -9.23 12.63
C SER A 56 4.57 -8.61 12.29
N PRO A 57 5.63 -9.17 12.82
CA PRO A 57 7.00 -8.67 12.57
C PRO A 57 7.44 -9.06 11.15
N ILE A 58 7.41 -10.33 10.84
CA ILE A 58 7.78 -10.79 9.46
C ILE A 58 6.98 -10.01 8.43
N VAL A 59 5.72 -9.87 8.70
CA VAL A 59 4.84 -9.17 7.77
C VAL A 59 5.20 -7.69 7.73
N LYS A 60 5.51 -7.09 8.86
CA LYS A 60 5.93 -5.66 8.84
C LYS A 60 7.14 -5.55 7.89
N LYS A 61 7.80 -6.67 7.66
CA LYS A 61 8.94 -6.75 6.73
C LYS A 61 8.35 -6.65 5.33
N ILE A 62 7.36 -7.47 5.09
CA ILE A 62 6.63 -7.47 3.80
C ILE A 62 6.37 -6.03 3.34
N ILE A 63 6.04 -5.14 4.26
CA ILE A 63 5.81 -3.73 3.86
C ILE A 63 7.14 -3.10 3.49
N GLU A 64 8.09 -3.21 4.38
CA GLU A 64 9.42 -2.60 4.15
C GLU A 64 10.09 -3.21 2.92
N LYS A 65 10.04 -4.51 2.78
CA LYS A 65 10.70 -5.16 1.60
C LYS A 65 9.92 -4.79 0.35
N MET A 66 8.61 -4.81 0.41
CA MET A 66 7.81 -4.41 -0.77
C MET A 66 8.22 -2.96 -1.12
N LEU A 67 8.52 -2.19 -0.10
CA LEU A 67 8.96 -0.78 -0.30
C LEU A 67 10.32 -0.78 -1.01
N ASN A 68 11.15 -1.77 -0.76
CA ASN A 68 12.49 -1.83 -1.42
C ASN A 68 12.40 -2.63 -2.73
N SER A 69 13.06 -2.16 -3.78
CA SER A 69 13.03 -2.89 -5.08
C SER A 69 13.99 -2.21 -6.07
N ASP A 70 15.19 -1.92 -5.66
CA ASP A 70 16.17 -1.26 -6.58
C ASP A 70 17.60 -1.50 -6.08
N LYS A 71 18.59 -1.18 -6.88
CA LYS A 71 20.01 -1.36 -6.46
C LYS A 71 20.44 -0.18 -5.60
N SER A 72 20.09 1.02 -6.00
CA SER A 72 20.47 2.23 -5.22
C SER A 72 19.23 2.80 -4.52
N ALA B 1 6.78 20.27 -22.28
CA ALA B 1 6.68 18.79 -22.10
C ALA B 1 5.68 18.47 -20.98
N SER B 2 5.86 19.05 -19.81
CA SER B 2 4.92 18.79 -18.66
C SER B 2 5.03 17.34 -18.21
N VAL B 3 5.61 17.10 -17.05
CA VAL B 3 5.75 15.71 -16.53
C VAL B 3 6.57 14.86 -17.52
N ALA B 4 7.87 14.92 -17.43
CA ALA B 4 8.74 14.13 -18.36
C ALA B 4 8.86 12.70 -17.85
N THR B 5 8.81 11.73 -18.76
CA THR B 5 8.92 10.28 -18.39
C THR B 5 7.77 9.88 -17.45
N GLU B 6 7.65 8.60 -17.15
CA GLU B 6 6.55 8.11 -16.25
C GLU B 6 5.19 8.45 -16.87
N LEU B 7 4.68 7.58 -17.70
CA LEU B 7 3.35 7.83 -18.34
C LEU B 7 2.39 6.73 -17.92
N ARG B 8 2.78 5.51 -18.17
CA ARG B 8 1.95 4.32 -17.84
C ARG B 8 1.35 4.41 -16.43
N CYS B 9 2.16 4.63 -15.43
CA CYS B 9 1.62 4.71 -14.02
C CYS B 9 0.59 5.83 -13.87
N GLN B 10 0.04 5.94 -12.70
CA GLN B 10 -0.97 6.99 -12.40
C GLN B 10 -0.37 8.10 -11.52
N CYS B 11 0.81 7.88 -10.99
CA CYS B 11 1.48 8.89 -10.10
C CYS B 11 1.23 10.31 -10.59
N LEU B 12 0.84 11.20 -9.71
CA LEU B 12 0.60 12.62 -10.10
C LEU B 12 1.97 13.29 -10.26
N GLN B 13 2.65 13.49 -9.17
CA GLN B 13 4.00 14.10 -9.18
C GLN B 13 4.61 13.89 -7.78
N THR B 14 4.41 12.70 -7.24
CA THR B 14 4.88 12.31 -5.87
C THR B 14 5.02 13.50 -4.92
N LEU B 15 4.02 13.69 -4.10
CA LEU B 15 4.08 14.80 -3.10
C LEU B 15 5.03 14.40 -1.98
N GLN B 16 5.45 15.34 -1.17
CA GLN B 16 6.41 15.02 -0.07
C GLN B 16 5.68 14.91 1.27
N GLY B 17 4.88 13.87 1.41
CA GLY B 17 4.16 13.65 2.68
C GLY B 17 3.10 14.71 2.91
N ILE B 18 1.93 14.52 2.33
CA ILE B 18 0.84 15.50 2.54
C ILE B 18 0.15 15.17 3.86
N HIS B 19 -0.94 15.79 4.16
CA HIS B 19 -1.64 15.48 5.45
C HIS B 19 -2.78 14.49 5.17
N PRO B 20 -3.04 13.60 6.11
CA PRO B 20 -4.09 12.57 5.97
C PRO B 20 -5.48 13.18 6.17
N LYS B 21 -6.29 12.69 7.10
CA LYS B 21 -7.69 13.19 7.29
C LYS B 21 -8.53 12.65 6.13
N ASN B 22 -8.08 12.84 4.91
CA ASN B 22 -8.77 12.30 3.72
C ASN B 22 -8.09 10.98 3.39
N ILE B 23 -6.79 11.04 3.25
CA ILE B 23 -5.97 9.86 2.94
C ILE B 23 -6.41 8.65 3.77
N GLN B 24 -7.08 7.71 3.15
CA GLN B 24 -7.59 6.51 3.86
C GLN B 24 -6.64 5.34 3.62
N SER B 25 -5.89 5.36 2.54
CA SER B 25 -4.96 4.23 2.26
C SER B 25 -3.92 4.61 1.23
N VAL B 26 -3.11 3.66 0.84
CA VAL B 26 -2.05 3.93 -0.17
C VAL B 26 -1.66 2.61 -0.83
N ASN B 27 -1.10 2.71 -2.00
CA ASN B 27 -0.65 1.52 -2.73
C ASN B 27 0.83 1.65 -3.02
N VAL B 28 1.53 0.55 -3.00
CA VAL B 28 2.98 0.60 -3.31
C VAL B 28 3.34 -0.55 -4.25
N LYS B 29 3.74 -0.24 -5.45
CA LYS B 29 4.07 -1.30 -6.45
C LYS B 29 5.52 -1.20 -6.89
N SER B 30 5.93 -2.12 -7.75
CA SER B 30 7.33 -2.15 -8.26
C SER B 30 7.38 -1.59 -9.71
N PRO B 31 8.57 -1.51 -10.27
CA PRO B 31 8.78 -0.99 -11.65
C PRO B 31 8.39 -2.04 -12.72
N GLY B 32 8.40 -1.67 -13.98
CA GLY B 32 8.04 -2.64 -15.05
C GLY B 32 8.50 -2.11 -16.42
N PRO B 33 7.60 -1.43 -17.12
CA PRO B 33 7.89 -0.87 -18.46
C PRO B 33 8.74 0.41 -18.35
N HIS B 34 8.70 1.28 -19.35
CA HIS B 34 9.51 2.55 -19.31
C HIS B 34 9.29 3.27 -17.98
N CYS B 35 8.12 3.14 -17.39
CA CYS B 35 7.91 3.74 -16.03
C CYS B 35 8.51 2.72 -15.07
N ALA B 36 9.80 2.57 -15.21
CA ALA B 36 10.55 1.55 -14.44
C ALA B 36 11.01 2.09 -13.09
N GLN B 37 10.06 2.48 -12.29
CA GLN B 37 10.36 2.96 -10.91
C GLN B 37 9.36 2.33 -9.95
N THR B 38 9.39 2.71 -8.70
CA THR B 38 8.43 2.12 -7.72
C THR B 38 7.01 2.63 -7.98
N GLU B 39 6.15 2.51 -7.01
CA GLU B 39 4.75 3.00 -7.14
C GLU B 39 4.33 3.35 -5.74
N VAL B 40 3.66 4.42 -5.57
CA VAL B 40 3.31 4.81 -4.20
C VAL B 40 2.08 5.72 -4.25
N ILE B 41 0.93 5.15 -4.43
CA ILE B 41 -0.31 5.97 -4.56
C ILE B 41 -1.16 5.96 -3.28
N ALA B 42 -1.33 7.10 -2.64
CA ALA B 42 -2.19 7.17 -1.42
C ALA B 42 -3.63 7.41 -1.84
N THR B 43 -4.50 6.46 -1.60
CA THR B 43 -5.92 6.66 -2.00
C THR B 43 -6.58 7.64 -1.05
N LEU B 44 -7.14 8.67 -1.60
CA LEU B 44 -7.81 9.71 -0.79
C LEU B 44 -9.17 9.21 -0.28
N LYS B 45 -9.66 9.80 0.78
CA LYS B 45 -10.98 9.44 1.37
C LYS B 45 -12.08 9.57 0.33
N ASN B 46 -12.02 10.59 -0.48
CA ASN B 46 -13.06 10.77 -1.55
C ASN B 46 -12.96 9.62 -2.58
N GLY B 47 -11.99 8.74 -2.42
CA GLY B 47 -11.81 7.61 -3.38
C GLY B 47 -10.93 8.07 -4.53
N ARG B 48 -9.99 8.94 -4.23
CA ARG B 48 -9.05 9.43 -5.27
C ARG B 48 -7.67 8.94 -4.87
N LYS B 49 -6.62 9.44 -5.44
CA LYS B 49 -5.29 8.96 -5.01
C LYS B 49 -4.21 9.99 -5.32
N ALA B 50 -3.07 9.75 -4.75
CA ALA B 50 -1.89 10.66 -4.97
C ALA B 50 -0.62 9.84 -4.92
N CYS B 51 0.47 10.36 -5.41
CA CYS B 51 1.73 9.59 -5.29
C CYS B 51 2.65 10.41 -4.42
N LEU B 52 3.52 9.77 -3.70
CA LEU B 52 4.46 10.53 -2.86
C LEU B 52 5.85 9.93 -3.05
N ASN B 53 6.87 10.58 -2.56
CA ASN B 53 8.26 10.08 -2.76
C ASN B 53 8.69 9.19 -1.58
N PRO B 54 8.54 7.88 -1.66
CA PRO B 54 8.98 7.00 -0.56
C PRO B 54 10.49 7.14 -0.36
N ALA B 55 11.22 7.49 -1.40
CA ALA B 55 12.68 7.74 -1.24
C ALA B 55 12.83 8.94 -0.29
N SER B 56 11.86 9.84 -0.34
CA SER B 56 11.86 11.03 0.57
C SER B 56 11.76 10.54 2.02
N PRO B 57 12.33 11.27 2.95
CA PRO B 57 12.29 10.91 4.38
C PRO B 57 10.88 11.19 4.95
N ILE B 58 10.43 12.41 4.82
CA ILE B 58 9.05 12.77 5.31
C ILE B 58 8.04 11.80 4.72
N VAL B 59 8.19 11.54 3.46
CA VAL B 59 7.26 10.65 2.76
C VAL B 59 7.43 9.23 3.29
N LYS B 60 8.64 8.78 3.52
CA LYS B 60 8.83 7.43 4.09
C LYS B 60 8.03 7.36 5.41
N LYS B 61 7.74 8.52 5.96
CA LYS B 61 6.93 8.64 7.19
C LYS B 61 5.51 8.34 6.78
N ILE B 62 5.07 9.01 5.75
CA ILE B 62 3.71 8.79 5.20
C ILE B 62 3.40 7.29 5.14
N ILE B 63 4.36 6.47 4.80
CA ILE B 63 4.10 5.00 4.77
C ILE B 63 3.95 4.50 6.18
N GLU B 64 4.93 4.80 7.00
CA GLU B 64 4.91 4.33 8.41
C GLU B 64 3.70 4.89 9.16
N LYS B 65 3.41 6.16 9.00
CA LYS B 65 2.25 6.75 9.71
C LYS B 65 0.97 6.17 9.13
N MET B 66 0.88 6.05 7.83
CA MET B 66 -0.33 5.44 7.23
C MET B 66 -0.47 4.03 7.81
N LEU B 67 0.66 3.39 8.07
CA LEU B 67 0.68 2.05 8.68
C LEU B 67 0.12 2.12 10.11
N ASN B 68 0.35 3.23 10.79
CA ASN B 68 -0.17 3.36 12.19
C ASN B 68 -1.56 4.01 12.17
N SER B 69 -2.47 3.52 12.99
CA SER B 69 -3.85 4.10 13.05
C SER B 69 -4.65 3.45 14.18
N ASP B 70 -4.07 3.34 15.34
CA ASP B 70 -4.80 2.71 16.51
C ASP B 70 -4.18 3.17 17.82
N LYS B 71 -4.83 2.88 18.93
CA LYS B 71 -4.27 3.28 20.25
C LYS B 71 -3.24 2.24 20.72
N SER B 72 -3.55 0.97 20.54
CA SER B 72 -2.59 -0.10 20.94
C SER B 72 -1.98 -0.73 19.69
N ALA A 1 -13.20 -11.87 22.24
CA ALA A 1 -13.92 -10.88 21.37
C ALA A 1 -12.98 -9.71 21.05
N SER A 2 -12.36 -9.73 19.90
CA SER A 2 -11.44 -8.62 19.51
C SER A 2 -11.25 -8.62 17.99
N VAL A 3 -11.07 -7.45 17.41
CA VAL A 3 -10.86 -7.30 15.93
C VAL A 3 -11.74 -8.31 15.14
N ALA A 4 -13.03 -8.33 15.42
CA ALA A 4 -13.94 -9.27 14.70
C ALA A 4 -14.83 -8.49 13.72
N THR A 5 -15.63 -9.19 12.94
CA THR A 5 -16.54 -8.53 11.95
C THR A 5 -15.72 -7.88 10.83
N GLU A 6 -15.69 -8.51 9.68
CA GLU A 6 -14.92 -7.95 8.53
C GLU A 6 -15.51 -8.46 7.21
N LEU A 7 -16.45 -7.73 6.66
CA LEU A 7 -17.08 -8.16 5.37
C LEU A 7 -16.60 -7.21 4.29
N ARG A 8 -16.79 -5.94 4.54
CA ARG A 8 -16.38 -4.88 3.58
C ARG A 8 -14.96 -5.13 3.07
N CYS A 9 -14.04 -5.35 3.98
CA CYS A 9 -12.61 -5.60 3.60
C CYS A 9 -12.51 -6.83 2.67
N GLN A 10 -11.41 -6.95 1.96
CA GLN A 10 -11.22 -8.09 1.00
C GLN A 10 -10.14 -9.07 1.49
N CYS A 11 -9.40 -8.71 2.51
CA CYS A 11 -8.30 -9.59 3.05
C CYS A 11 -8.65 -11.08 2.96
N LEU A 12 -7.71 -11.89 2.56
CA LEU A 12 -7.96 -13.37 2.49
C LEU A 12 -8.05 -13.90 3.92
N GLN A 13 -6.94 -13.85 4.61
CA GLN A 13 -6.86 -14.31 6.03
C GLN A 13 -5.49 -13.85 6.56
N THR A 14 -5.12 -12.63 6.22
CA THR A 14 -3.79 -12.04 6.59
C THR A 14 -2.70 -13.09 6.76
N LEU A 15 -1.96 -13.32 5.73
CA LEU A 15 -0.85 -14.30 5.78
C LEU A 15 0.31 -13.69 6.59
N GLN A 16 1.25 -14.50 6.98
CA GLN A 16 2.41 -13.99 7.78
C GLN A 16 3.64 -13.83 6.89
N GLY A 17 3.62 -12.84 6.05
CA GLY A 17 4.77 -12.55 5.16
C GLY A 17 5.04 -13.73 4.23
N ILE A 18 4.32 -13.81 3.13
CA ILE A 18 4.57 -14.92 2.17
C ILE A 18 5.77 -14.54 1.31
N HIS A 19 6.07 -15.30 0.30
CA HIS A 19 7.25 -14.96 -0.54
C HIS A 19 6.77 -14.15 -1.76
N PRO A 20 7.57 -13.20 -2.19
CA PRO A 20 7.22 -12.32 -3.32
C PRO A 20 7.36 -13.06 -4.67
N LYS A 21 8.17 -12.57 -5.61
CA LYS A 21 8.27 -13.21 -6.96
C LYS A 21 7.01 -12.86 -7.75
N ASN A 22 5.86 -13.06 -7.14
CA ASN A 22 4.57 -12.70 -7.78
C ASN A 22 4.17 -11.35 -7.20
N ILE A 23 4.15 -11.29 -5.89
CA ILE A 23 3.78 -10.05 -5.16
C ILE A 23 4.49 -8.84 -5.80
N GLN A 24 3.74 -8.01 -6.47
CA GLN A 24 4.32 -6.82 -7.14
C GLN A 24 3.97 -5.54 -6.38
N SER A 25 2.93 -5.57 -5.56
CA SER A 25 2.55 -4.33 -4.81
C SER A 25 1.66 -4.68 -3.62
N VAL A 26 1.21 -3.66 -2.91
CA VAL A 26 0.34 -3.89 -1.74
C VAL A 26 -0.45 -2.62 -1.42
N ASN A 27 -1.54 -2.78 -0.72
CA ASN A 27 -2.36 -1.63 -0.33
C ASN A 27 -2.54 -1.64 1.18
N VAL A 28 -2.61 -0.49 1.78
CA VAL A 28 -2.81 -0.43 3.26
C VAL A 28 -3.86 0.64 3.58
N LYS A 29 -4.98 0.22 4.11
CA LYS A 29 -6.07 1.18 4.44
C LYS A 29 -6.48 1.04 5.92
N SER A 30 -7.05 2.08 6.48
CA SER A 30 -7.47 2.05 7.90
C SER A 30 -8.92 1.52 8.02
N PRO A 31 -9.42 1.39 9.23
CA PRO A 31 -10.79 0.88 9.50
C PRO A 31 -11.86 1.94 9.19
N GLY A 32 -13.12 1.63 9.42
CA GLY A 32 -14.19 2.63 9.12
C GLY A 32 -15.59 2.04 9.39
N PRO A 33 -16.10 1.29 8.44
CA PRO A 33 -17.44 0.68 8.55
C PRO A 33 -17.44 -0.53 9.52
N HIS A 34 -18.40 -1.42 9.39
CA HIS A 34 -18.49 -2.60 10.31
C HIS A 34 -17.24 -3.48 10.22
N CYS A 35 -16.51 -3.45 9.13
CA CYS A 35 -15.25 -4.26 9.08
C CYS A 35 -14.33 -3.66 10.15
N ALA A 36 -14.39 -2.34 10.27
CA ALA A 36 -13.65 -1.59 11.33
C ALA A 36 -12.27 -2.15 11.63
N GLN A 37 -11.60 -2.65 10.63
CA GLN A 37 -10.21 -3.16 10.84
C GLN A 37 -9.29 -2.50 9.82
N THR A 38 -8.03 -2.79 9.90
CA THR A 38 -7.08 -2.17 8.92
C THR A 38 -7.24 -2.78 7.54
N GLU A 39 -6.25 -2.64 6.72
CA GLU A 39 -6.28 -3.21 5.35
C GLU A 39 -4.85 -3.36 4.95
N VAL A 40 -4.50 -4.48 4.45
CA VAL A 40 -3.10 -4.68 4.09
C VAL A 40 -3.07 -5.71 2.96
N ILE A 41 -3.49 -5.31 1.79
CA ILE A 41 -3.58 -6.25 0.65
C ILE A 41 -2.38 -6.18 -0.29
N ALA A 42 -1.64 -7.25 -0.40
CA ALA A 42 -0.49 -7.27 -1.35
C ALA A 42 -1.01 -7.72 -2.71
N THR A 43 -0.96 -6.86 -3.69
CA THR A 43 -1.47 -7.26 -5.02
C THR A 43 -0.47 -8.20 -5.67
N LEU A 44 -0.94 -9.34 -6.07
CA LEU A 44 -0.07 -10.37 -6.68
C LEU A 44 0.30 -10.00 -8.13
N LYS A 45 1.36 -10.60 -8.64
CA LYS A 45 1.82 -10.37 -10.04
C LYS A 45 0.71 -10.67 -11.02
N ASN A 46 -0.06 -11.70 -10.76
CA ASN A 46 -1.19 -12.05 -11.68
C ASN A 46 -2.33 -11.02 -11.53
N GLY A 47 -2.12 -9.99 -10.72
CA GLY A 47 -3.18 -8.97 -10.50
C GLY A 47 -4.15 -9.52 -9.45
N ARG A 48 -3.62 -10.23 -8.50
CA ARG A 48 -4.47 -10.81 -7.42
C ARG A 48 -4.20 -10.02 -6.15
N LYS A 49 -4.66 -10.48 -5.02
CA LYS A 49 -4.40 -9.72 -3.77
C LYS A 49 -4.40 -10.65 -2.57
N ALA A 50 -3.64 -10.29 -1.59
CA ALA A 50 -3.60 -11.09 -0.33
C ALA A 50 -3.53 -10.14 0.84
N CYS A 51 -3.89 -10.56 2.01
CA CYS A 51 -3.76 -9.66 3.16
C CYS A 51 -2.74 -10.26 4.10
N LEU A 52 -2.05 -9.45 4.84
CA LEU A 52 -1.03 -9.99 5.78
C LEU A 52 -1.14 -9.19 7.07
N ASN A 53 -0.56 -9.67 8.14
CA ASN A 53 -0.68 -8.94 9.43
C ASN A 53 0.48 -7.95 9.62
N PRO A 54 0.29 -6.67 9.37
CA PRO A 54 1.36 -5.70 9.60
C PRO A 54 1.68 -5.69 11.10
N ALA A 55 0.70 -6.06 11.92
CA ALA A 55 0.96 -6.19 13.38
C ALA A 55 2.02 -7.28 13.55
N SER A 56 2.01 -8.26 12.66
CA SER A 56 3.02 -9.36 12.69
C SER A 56 4.41 -8.75 12.41
N PRO A 57 5.44 -9.34 12.96
CA PRO A 57 6.82 -8.86 12.74
C PRO A 57 7.29 -9.24 11.32
N ILE A 58 7.22 -10.51 10.99
CA ILE A 58 7.62 -10.98 9.62
C ILE A 58 6.85 -10.18 8.59
N VAL A 59 5.60 -10.00 8.82
CA VAL A 59 4.76 -9.27 7.86
C VAL A 59 5.16 -7.80 7.84
N LYS A 60 5.49 -7.22 8.97
CA LYS A 60 5.95 -5.80 8.95
C LYS A 60 7.19 -5.73 8.03
N LYS A 61 7.80 -6.88 7.81
CA LYS A 61 8.96 -7.00 6.90
C LYS A 61 8.39 -6.88 5.50
N ILE A 62 7.37 -7.65 5.23
CA ILE A 62 6.66 -7.61 3.93
C ILE A 62 6.47 -6.16 3.48
N ILE A 63 6.17 -5.26 4.40
CA ILE A 63 6.00 -3.84 4.00
C ILE A 63 7.36 -3.28 3.63
N GLU A 64 8.29 -3.41 4.54
CA GLU A 64 9.65 -2.87 4.32
C GLU A 64 10.31 -3.53 3.10
N LYS A 65 10.20 -4.82 2.97
CA LYS A 65 10.82 -5.53 1.80
C LYS A 65 10.09 -5.10 0.53
N MET A 66 8.79 -5.02 0.58
CA MET A 66 8.04 -4.55 -0.62
C MET A 66 8.54 -3.14 -0.93
N LEU A 67 8.87 -2.39 0.10
CA LEU A 67 9.42 -1.01 -0.07
C LEU A 67 10.82 -1.10 -0.68
N ASN A 68 11.55 -2.16 -0.40
CA ASN A 68 12.95 -2.32 -0.95
C ASN A 68 12.95 -2.07 -2.48
N SER A 69 14.09 -1.67 -3.01
CA SER A 69 14.21 -1.39 -4.49
C SER A 69 13.78 0.06 -4.78
N ASP A 70 14.45 1.02 -4.16
CA ASP A 70 14.10 2.45 -4.39
C ASP A 70 15.37 3.31 -4.21
N LYS A 71 16.20 3.38 -5.23
CA LYS A 71 17.47 4.18 -5.14
C LYS A 71 18.34 3.65 -3.98
N SER A 72 18.35 2.35 -3.78
CA SER A 72 19.17 1.74 -2.69
C SER A 72 18.69 2.25 -1.30
N ALA B 1 19.25 12.68 -17.08
CA ALA B 1 18.45 11.53 -17.59
C ALA B 1 18.36 10.45 -16.50
N SER B 2 17.29 10.43 -15.75
CA SER B 2 17.13 9.41 -14.67
C SER B 2 15.65 9.27 -14.29
N VAL B 3 15.24 8.07 -13.93
CA VAL B 3 13.81 7.81 -13.53
C VAL B 3 12.82 8.61 -14.40
N ALA B 4 12.95 8.51 -15.71
CA ALA B 4 12.03 9.26 -16.62
C ALA B 4 11.06 8.28 -17.30
N THR B 5 10.13 8.80 -18.07
CA THR B 5 9.12 7.93 -18.77
C THR B 5 8.18 7.28 -17.76
N GLU B 6 6.97 7.79 -17.66
CA GLU B 6 5.98 7.20 -16.71
C GLU B 6 4.56 7.52 -17.19
N LEU B 7 3.99 6.65 -17.99
CA LEU B 7 2.61 6.87 -18.50
C LEU B 7 1.69 5.88 -17.79
N ARG B 8 2.06 4.64 -17.87
CA ARG B 8 1.29 3.53 -17.23
C ARG B 8 0.87 3.91 -15.81
N CYS B 9 1.82 4.34 -15.00
CA CYS B 9 1.52 4.72 -13.58
C CYS B 9 0.45 5.82 -13.52
N GLN B 10 -0.13 6.01 -12.37
CA GLN B 10 -1.18 7.07 -12.18
C GLN B 10 -0.64 8.22 -11.33
N CYS B 11 0.48 8.03 -10.68
CA CYS B 11 1.12 9.07 -9.80
C CYS B 11 0.78 10.50 -10.24
N LEU B 12 0.43 11.36 -9.31
CA LEU B 12 0.14 12.79 -9.67
C LEU B 12 1.49 13.45 -9.99
N GLN B 13 2.30 13.59 -8.98
CA GLN B 13 3.67 14.19 -9.11
C GLN B 13 4.39 13.96 -7.77
N THR B 14 4.23 12.76 -7.23
CA THR B 14 4.80 12.38 -5.89
C THR B 14 4.97 13.57 -4.95
N LEU B 15 4.00 13.78 -4.12
CA LEU B 15 4.08 14.89 -3.14
C LEU B 15 5.07 14.52 -2.03
N GLN B 16 5.48 15.46 -1.23
CA GLN B 16 6.45 15.16 -0.14
C GLN B 16 5.73 15.06 1.21
N GLY B 17 4.97 14.01 1.37
CA GLY B 17 4.26 13.78 2.66
C GLY B 17 3.24 14.88 2.91
N ILE B 18 2.07 14.75 2.33
CA ILE B 18 1.02 15.77 2.56
C ILE B 18 0.35 15.45 3.90
N HIS B 19 -0.70 16.13 4.24
CA HIS B 19 -1.37 15.84 5.54
C HIS B 19 -2.54 14.85 5.29
N PRO B 20 -2.76 13.96 6.25
CA PRO B 20 -3.81 12.94 6.12
C PRO B 20 -5.21 13.55 6.34
N LYS B 21 -5.99 13.07 7.30
CA LYS B 21 -7.39 13.58 7.51
C LYS B 21 -8.26 13.00 6.38
N ASN B 22 -7.82 13.12 5.17
CA ASN B 22 -8.54 12.55 4.01
C ASN B 22 -7.85 11.23 3.68
N ILE B 23 -6.56 11.30 3.51
CA ILE B 23 -5.73 10.10 3.20
C ILE B 23 -6.15 8.93 4.10
N GLN B 24 -6.80 7.94 3.53
CA GLN B 24 -7.26 6.78 4.32
C GLN B 24 -6.40 5.54 3.99
N SER B 25 -5.71 5.53 2.88
CA SER B 25 -4.88 4.34 2.54
C SER B 25 -3.83 4.70 1.48
N VAL B 26 -3.08 3.73 1.04
CA VAL B 26 -2.03 3.96 0.01
C VAL B 26 -1.65 2.65 -0.66
N ASN B 27 -1.10 2.75 -1.83
CA ASN B 27 -0.66 1.57 -2.58
C ASN B 27 0.80 1.70 -2.93
N VAL B 28 1.52 0.62 -2.97
CA VAL B 28 2.97 0.69 -3.32
C VAL B 28 3.30 -0.46 -4.29
N LYS B 29 3.64 -0.13 -5.51
CA LYS B 29 3.95 -1.17 -6.53
C LYS B 29 5.36 -0.93 -7.11
N SER B 30 5.96 -1.97 -7.63
CA SER B 30 7.34 -1.85 -8.23
C SER B 30 7.22 -1.48 -9.73
N PRO B 31 8.35 -1.30 -10.38
CA PRO B 31 8.41 -0.93 -11.82
C PRO B 31 8.10 -2.14 -12.72
N GLY B 32 8.18 -1.97 -14.03
CA GLY B 32 7.87 -3.11 -14.95
C GLY B 32 7.93 -2.67 -16.41
N PRO B 33 6.84 -2.10 -16.89
CA PRO B 33 6.74 -1.64 -18.30
C PRO B 33 7.54 -0.36 -18.54
N HIS B 34 7.23 0.39 -19.58
CA HIS B 34 7.99 1.64 -19.89
C HIS B 34 7.94 2.63 -18.71
N CYS B 35 6.96 2.54 -17.85
CA CYS B 35 6.95 3.45 -16.67
C CYS B 35 8.22 3.11 -15.87
N ALA B 36 8.49 1.82 -15.78
CA ALA B 36 9.73 1.31 -15.12
C ALA B 36 10.08 2.07 -13.84
N GLN B 37 9.10 2.54 -13.12
CA GLN B 37 9.36 3.25 -11.84
C GLN B 37 8.53 2.62 -10.74
N THR B 38 8.69 3.06 -9.53
CA THR B 38 7.91 2.46 -8.41
C THR B 38 6.45 2.91 -8.48
N GLU B 39 5.76 2.81 -7.38
CA GLU B 39 4.34 3.23 -7.30
C GLU B 39 4.08 3.51 -5.86
N VAL B 40 3.50 4.61 -5.57
CA VAL B 40 3.27 4.94 -4.16
C VAL B 40 2.04 5.85 -4.11
N ILE B 41 0.88 5.28 -4.33
CA ILE B 41 -0.36 6.09 -4.38
C ILE B 41 -1.16 6.05 -3.08
N ALA B 42 -1.31 7.18 -2.43
CA ALA B 42 -2.12 7.24 -1.19
C ALA B 42 -3.57 7.49 -1.58
N THR B 43 -4.44 6.54 -1.33
CA THR B 43 -5.86 6.74 -1.71
C THR B 43 -6.50 7.73 -0.74
N LEU B 44 -7.07 8.77 -1.28
CA LEU B 44 -7.70 9.82 -0.46
C LEU B 44 -9.04 9.35 0.11
N LYS B 45 -9.50 10.02 1.17
CA LYS B 45 -10.80 9.70 1.81
C LYS B 45 -11.93 9.77 0.80
N ASN B 46 -11.87 10.71 -0.09
CA ASN B 46 -12.95 10.84 -1.14
C ASN B 46 -12.79 9.70 -2.17
N GLY B 47 -11.87 8.79 -1.96
CA GLY B 47 -11.65 7.67 -2.91
C GLY B 47 -10.78 8.21 -4.05
N ARG B 48 -9.87 9.08 -3.73
CA ARG B 48 -8.95 9.66 -4.76
C ARG B 48 -7.59 9.03 -4.57
N LYS B 49 -6.58 9.55 -5.20
CA LYS B 49 -5.23 8.96 -5.02
C LYS B 49 -4.14 10.00 -5.25
N ALA B 50 -3.05 9.83 -4.58
CA ALA B 50 -1.89 10.76 -4.75
C ALA B 50 -0.62 9.96 -4.72
N CYS B 51 0.44 10.46 -5.27
CA CYS B 51 1.70 9.70 -5.17
C CYS B 51 2.66 10.51 -4.34
N LEU B 52 3.57 9.86 -3.68
CA LEU B 52 4.55 10.59 -2.84
C LEU B 52 5.90 9.93 -3.04
N ASN B 53 6.97 10.57 -2.65
CA ASN B 53 8.31 9.95 -2.87
C ASN B 53 8.75 9.14 -1.64
N PRO B 54 8.62 7.83 -1.67
CA PRO B 54 9.08 7.01 -0.53
C PRO B 54 10.60 7.20 -0.40
N ALA B 55 11.26 7.53 -1.50
CA ALA B 55 12.72 7.83 -1.44
C ALA B 55 12.87 9.07 -0.52
N SER B 56 11.87 9.94 -0.52
CA SER B 56 11.90 11.14 0.35
C SER B 56 11.83 10.67 1.82
N PRO B 57 12.42 11.43 2.71
CA PRO B 57 12.41 11.10 4.16
C PRO B 57 11.03 11.38 4.75
N ILE B 58 10.55 12.60 4.58
CA ILE B 58 9.19 12.97 5.10
C ILE B 58 8.17 11.98 4.55
N VAL B 59 8.30 11.68 3.30
CA VAL B 59 7.35 10.76 2.66
C VAL B 59 7.52 9.35 3.22
N LYS B 60 8.75 8.93 3.46
CA LYS B 60 8.94 7.58 4.09
C LYS B 60 8.16 7.58 5.42
N LYS B 61 7.88 8.76 5.92
CA LYS B 61 7.08 8.93 7.16
C LYS B 61 5.66 8.59 6.79
N ILE B 62 5.20 9.21 5.72
CA ILE B 62 3.84 8.96 5.19
C ILE B 62 3.54 7.45 5.21
N ILE B 63 4.52 6.63 4.89
CA ILE B 63 4.26 5.15 4.93
C ILE B 63 4.12 4.72 6.38
N GLU B 64 5.10 5.06 7.17
CA GLU B 64 5.09 4.67 8.59
C GLU B 64 3.87 5.27 9.32
N LYS B 65 3.58 6.53 9.09
CA LYS B 65 2.43 7.18 9.77
C LYS B 65 1.14 6.54 9.26
N MET B 66 1.05 6.32 7.97
CA MET B 66 -0.15 5.64 7.43
C MET B 66 -0.25 4.26 8.10
N LEU B 67 0.89 3.67 8.39
CA LEU B 67 0.94 2.36 9.09
C LEU B 67 0.48 2.54 10.55
N ASN B 68 0.71 3.71 11.11
CA ASN B 68 0.30 3.97 12.55
C ASN B 68 -1.18 3.56 12.76
N SER B 69 -1.54 3.26 13.98
CA SER B 69 -2.94 2.85 14.32
C SER B 69 -3.12 1.34 14.09
N ASP B 70 -2.32 0.53 14.76
CA ASP B 70 -2.42 -0.95 14.60
C ASP B 70 -2.01 -1.63 15.92
N LYS B 71 -2.91 -1.70 16.88
CA LYS B 71 -2.60 -2.33 18.19
C LYS B 71 -1.43 -1.59 18.86
N SER B 72 -1.36 -0.28 18.71
CA SER B 72 -0.26 0.52 19.33
C SER B 72 1.10 0.11 18.73
N ALA A 1 -25.58 -19.30 10.77
CA ALA A 1 -24.54 -18.82 11.74
C ALA A 1 -24.25 -17.34 11.49
N SER A 2 -23.78 -16.65 12.51
CA SER A 2 -23.47 -15.18 12.35
C SER A 2 -21.97 -14.96 12.49
N VAL A 3 -21.43 -14.00 11.75
CA VAL A 3 -19.97 -13.72 11.83
C VAL A 3 -19.78 -12.20 12.01
N ALA A 4 -19.10 -11.80 13.06
CA ALA A 4 -18.87 -10.34 13.31
C ALA A 4 -17.38 -10.08 13.56
N THR A 5 -16.59 -10.01 12.51
CA THR A 5 -15.13 -9.77 12.67
C THR A 5 -14.58 -9.05 11.43
N GLU A 6 -14.58 -9.71 10.29
CA GLU A 6 -14.07 -9.07 9.05
C GLU A 6 -14.70 -9.74 7.83
N LEU A 7 -15.81 -9.23 7.37
CA LEU A 7 -16.49 -9.81 6.18
C LEU A 7 -16.41 -8.80 5.05
N ARG A 8 -16.87 -7.61 5.33
CA ARG A 8 -16.85 -6.50 4.33
C ARG A 8 -15.48 -6.41 3.65
N CYS A 9 -14.43 -6.38 4.43
CA CYS A 9 -13.05 -6.28 3.87
C CYS A 9 -12.71 -7.49 2.99
N GLN A 10 -11.62 -7.42 2.27
CA GLN A 10 -11.22 -8.56 1.35
C GLN A 10 -10.08 -9.40 1.97
N CYS A 11 -9.39 -8.90 2.98
CA CYS A 11 -8.25 -9.67 3.59
C CYS A 11 -8.60 -11.16 3.72
N LEU A 12 -7.68 -12.02 3.35
CA LEU A 12 -7.92 -13.47 3.46
C LEU A 12 -7.87 -13.85 4.95
N GLN A 13 -6.70 -13.76 5.51
CA GLN A 13 -6.50 -14.06 6.95
C GLN A 13 -5.09 -13.55 7.34
N THR A 14 -4.76 -12.38 6.84
CA THR A 14 -3.42 -11.74 7.05
C THR A 14 -2.29 -12.74 7.23
N LEU A 15 -1.57 -12.99 6.18
CA LEU A 15 -0.42 -13.93 6.24
C LEU A 15 0.75 -13.24 6.96
N GLN A 16 1.69 -13.99 7.45
CA GLN A 16 2.84 -13.38 8.18
C GLN A 16 4.06 -13.25 7.26
N GLY A 17 3.96 -12.41 6.28
CA GLY A 17 5.10 -12.16 5.36
C GLY A 17 5.34 -13.39 4.48
N ILE A 18 4.63 -13.48 3.39
CA ILE A 18 4.83 -14.62 2.47
C ILE A 18 5.97 -14.25 1.52
N HIS A 19 6.21 -15.04 0.51
CA HIS A 19 7.32 -14.72 -0.42
C HIS A 19 6.74 -14.00 -1.65
N PRO A 20 7.48 -13.06 -2.19
CA PRO A 20 7.04 -12.26 -3.35
C PRO A 20 7.14 -13.06 -4.66
N LYS A 21 7.93 -12.62 -5.63
CA LYS A 21 8.00 -13.34 -6.95
C LYS A 21 6.70 -13.05 -7.72
N ASN A 22 5.58 -13.26 -7.08
CA ASN A 22 4.26 -12.97 -7.69
C ASN A 22 3.83 -11.61 -7.14
N ILE A 23 3.86 -11.48 -5.85
CA ILE A 23 3.48 -10.23 -5.16
C ILE A 23 4.12 -9.03 -5.87
N GLN A 24 3.31 -8.26 -6.56
CA GLN A 24 3.83 -7.08 -7.30
C GLN A 24 3.50 -5.79 -6.55
N SER A 25 2.52 -5.80 -5.68
CA SER A 25 2.17 -4.55 -4.94
C SER A 25 1.30 -4.85 -3.72
N VAL A 26 0.91 -3.83 -3.02
CA VAL A 26 0.05 -4.01 -1.80
C VAL A 26 -0.75 -2.73 -1.55
N ASN A 27 -1.85 -2.86 -0.86
CA ASN A 27 -2.69 -1.68 -0.55
C ASN A 27 -3.00 -1.65 0.94
N VAL A 28 -2.74 -0.53 1.57
CA VAL A 28 -3.02 -0.42 3.03
C VAL A 28 -4.18 0.58 3.23
N LYS A 29 -5.31 0.07 3.65
CA LYS A 29 -6.51 0.94 3.88
C LYS A 29 -6.80 1.05 5.38
N SER A 30 -7.72 1.91 5.73
CA SER A 30 -8.10 2.10 7.17
C SER A 30 -9.39 1.32 7.47
N PRO A 31 -9.80 1.32 8.73
CA PRO A 31 -11.03 0.61 9.16
C PRO A 31 -12.30 1.38 8.75
N GLY A 32 -13.47 0.87 9.08
CA GLY A 32 -14.73 1.58 8.69
C GLY A 32 -15.95 0.91 9.37
N PRO A 33 -16.52 -0.07 8.70
CA PRO A 33 -17.71 -0.80 9.22
C PRO A 33 -17.31 -1.80 10.31
N HIS A 34 -18.12 -2.81 10.55
CA HIS A 34 -17.79 -3.83 11.61
C HIS A 34 -16.38 -4.39 11.35
N CYS A 35 -15.93 -4.39 10.12
CA CYS A 35 -14.53 -4.83 9.84
C CYS A 35 -13.67 -3.61 10.15
N ALA A 36 -13.79 -3.16 11.37
CA ALA A 36 -13.10 -1.94 11.86
C ALA A 36 -11.66 -2.26 12.22
N GLN A 37 -10.94 -2.66 11.23
CA GLN A 37 -9.49 -2.99 11.38
C GLN A 37 -8.76 -2.37 10.20
N THR A 38 -7.46 -2.39 10.22
CA THR A 38 -6.70 -1.78 9.08
C THR A 38 -6.96 -2.56 7.79
N GLU A 39 -6.12 -2.38 6.81
CA GLU A 39 -6.26 -3.11 5.54
C GLU A 39 -4.87 -3.23 5.00
N VAL A 40 -4.53 -4.36 4.50
CA VAL A 40 -3.16 -4.55 4.04
C VAL A 40 -3.16 -5.64 2.99
N ILE A 41 -3.62 -5.32 1.80
CA ILE A 41 -3.73 -6.34 0.75
C ILE A 41 -2.57 -6.28 -0.25
N ALA A 42 -1.82 -7.35 -0.36
CA ALA A 42 -0.71 -7.41 -1.34
C ALA A 42 -1.26 -7.93 -2.65
N THR A 43 -1.28 -7.12 -3.67
CA THR A 43 -1.82 -7.59 -4.96
C THR A 43 -0.82 -8.54 -5.61
N LEU A 44 -1.28 -9.72 -5.92
CA LEU A 44 -0.41 -10.74 -6.52
C LEU A 44 -0.11 -10.43 -7.99
N LYS A 45 0.96 -11.01 -8.51
CA LYS A 45 1.35 -10.82 -9.94
C LYS A 45 0.21 -11.19 -10.87
N ASN A 46 -0.52 -12.24 -10.54
CA ASN A 46 -1.67 -12.64 -11.41
C ASN A 46 -2.82 -11.62 -11.26
N GLY A 47 -2.62 -10.57 -10.50
CA GLY A 47 -3.68 -9.55 -10.29
C GLY A 47 -4.61 -10.07 -9.20
N ARG A 48 -4.06 -10.76 -8.24
CA ARG A 48 -4.87 -11.29 -7.11
C ARG A 48 -4.55 -10.47 -5.87
N LYS A 49 -4.99 -10.87 -4.71
CA LYS A 49 -4.67 -10.06 -3.52
C LYS A 49 -4.59 -10.93 -2.26
N ALA A 50 -3.78 -10.51 -1.32
CA ALA A 50 -3.64 -11.25 -0.02
C ALA A 50 -3.57 -10.23 1.10
N CYS A 51 -3.85 -10.60 2.31
CA CYS A 51 -3.70 -9.60 3.40
C CYS A 51 -2.63 -10.12 4.32
N LEU A 52 -1.89 -9.25 4.95
CA LEU A 52 -0.82 -9.71 5.87
C LEU A 52 -0.93 -8.92 7.17
N ASN A 53 -0.23 -9.31 8.19
CA ASN A 53 -0.33 -8.59 9.49
C ASN A 53 0.75 -7.52 9.62
N PRO A 54 0.45 -6.27 9.29
CA PRO A 54 1.46 -5.19 9.42
C PRO A 54 1.85 -5.04 10.90
N ALA A 55 0.96 -5.39 11.80
CA ALA A 55 1.32 -5.37 13.25
C ALA A 55 2.45 -6.38 13.45
N SER A 56 2.45 -7.43 12.65
CA SER A 56 3.52 -8.47 12.72
C SER A 56 4.86 -7.80 12.33
N PRO A 57 5.94 -8.28 12.89
CA PRO A 57 7.29 -7.74 12.59
C PRO A 57 7.73 -8.18 11.19
N ILE A 58 7.74 -9.47 10.94
CA ILE A 58 8.12 -10.00 9.59
C ILE A 58 7.27 -9.31 8.54
N VAL A 59 6.01 -9.20 8.82
CA VAL A 59 5.08 -8.59 7.86
C VAL A 59 5.39 -7.10 7.72
N LYS A 60 5.70 -6.42 8.80
CA LYS A 60 6.06 -4.98 8.68
C LYS A 60 7.24 -4.89 7.70
N LYS A 61 7.94 -6.00 7.54
CA LYS A 61 9.07 -6.10 6.60
C LYS A 61 8.45 -6.14 5.21
N ILE A 62 7.48 -7.01 5.05
CA ILE A 62 6.74 -7.13 3.77
C ILE A 62 6.42 -5.73 3.23
N ILE A 63 6.07 -4.80 4.08
CA ILE A 63 5.80 -3.42 3.59
C ILE A 63 7.10 -2.78 3.14
N GLU A 64 8.07 -2.83 4.00
CA GLU A 64 9.38 -2.20 3.70
C GLU A 64 10.04 -2.89 2.49
N LYS A 65 10.07 -4.20 2.46
CA LYS A 65 10.71 -4.90 1.31
C LYS A 65 9.89 -4.66 0.05
N MET A 66 8.58 -4.67 0.17
CA MET A 66 7.74 -4.39 -1.02
C MET A 66 8.09 -2.97 -1.48
N LEU A 67 8.33 -2.09 -0.52
CA LEU A 67 8.73 -0.69 -0.82
C LEU A 67 10.07 -0.72 -1.57
N ASN A 68 10.95 -1.64 -1.21
CA ASN A 68 12.28 -1.74 -1.89
C ASN A 68 12.21 -2.82 -2.98
N SER A 69 13.35 -3.35 -3.42
CA SER A 69 13.37 -4.41 -4.48
C SER A 69 13.05 -3.78 -5.85
N ASP A 70 14.05 -3.62 -6.67
CA ASP A 70 13.87 -3.02 -8.03
C ASP A 70 13.43 -1.55 -7.90
N LYS A 71 14.35 -0.64 -8.09
CA LYS A 71 13.99 0.81 -7.98
C LYS A 71 15.11 1.67 -8.59
N SER A 72 15.50 1.37 -9.81
CA SER A 72 16.58 2.17 -10.48
C SER A 72 15.94 3.19 -11.43
N ALA B 1 5.74 17.48 -28.67
CA ALA B 1 6.87 17.23 -27.73
C ALA B 1 6.83 15.77 -27.24
N SER B 2 7.95 15.24 -26.83
CA SER B 2 8.00 13.82 -26.36
C SER B 2 8.32 13.77 -24.85
N VAL B 3 7.76 12.82 -24.15
CA VAL B 3 8.04 12.71 -22.68
C VAL B 3 8.41 11.26 -22.35
N ALA B 4 9.56 11.04 -21.77
CA ALA B 4 9.99 9.65 -21.43
C ALA B 4 10.42 9.60 -19.96
N THR B 5 9.49 9.52 -19.05
CA THR B 5 9.84 9.47 -17.60
C THR B 5 8.76 8.69 -16.83
N GLU B 6 7.56 9.22 -16.76
CA GLU B 6 6.46 8.52 -16.03
C GLU B 6 5.10 8.98 -16.58
N LEU B 7 4.58 8.27 -17.55
CA LEU B 7 3.28 8.65 -18.15
C LEU B 7 2.28 7.54 -17.84
N ARG B 8 2.65 6.34 -18.22
CA ARG B 8 1.79 5.14 -18.02
C ARG B 8 1.14 5.12 -16.63
N CYS B 9 1.92 5.20 -15.59
CA CYS B 9 1.35 5.14 -14.21
C CYS B 9 0.49 6.39 -13.91
N GLN B 10 -0.06 6.45 -12.72
CA GLN B 10 -0.94 7.59 -12.34
C GLN B 10 -0.18 8.60 -11.45
N CYS B 11 0.96 8.21 -10.92
CA CYS B 11 1.76 9.12 -10.00
C CYS B 11 1.62 10.59 -10.42
N LEU B 12 1.27 11.45 -9.49
CA LEU B 12 1.14 12.90 -9.81
C LEU B 12 2.56 13.48 -9.95
N GLN B 13 3.24 13.57 -8.85
CA GLN B 13 4.65 14.08 -8.82
C GLN B 13 5.22 13.80 -7.42
N THR B 14 4.90 12.63 -6.91
CA THR B 14 5.32 12.18 -5.53
C THR B 14 5.52 13.34 -4.55
N LEU B 15 4.54 13.56 -3.73
CA LEU B 15 4.64 14.65 -2.70
C LEU B 15 5.55 14.16 -1.57
N GLN B 16 6.06 15.06 -0.77
CA GLN B 16 6.96 14.65 0.34
C GLN B 16 6.20 14.57 1.66
N GLY B 17 5.32 13.61 1.77
CA GLY B 17 4.55 13.42 3.02
C GLY B 17 3.55 14.55 3.24
N ILE B 18 2.40 14.45 2.65
CA ILE B 18 1.38 15.50 2.85
C ILE B 18 0.60 15.17 4.12
N HIS B 19 -0.45 15.88 4.39
CA HIS B 19 -1.22 15.60 5.63
C HIS B 19 -2.42 14.68 5.28
N PRO B 20 -2.76 13.78 6.18
CA PRO B 20 -3.86 12.83 5.96
C PRO B 20 -5.23 13.50 6.14
N LYS B 21 -6.06 13.06 7.07
CA LYS B 21 -7.44 13.64 7.24
C LYS B 21 -8.30 13.13 6.08
N ASN B 22 -7.81 13.27 4.87
CA ASN B 22 -8.52 12.77 3.68
C ASN B 22 -7.88 11.44 3.32
N ILE B 23 -6.58 11.45 3.21
CA ILE B 23 -5.80 10.23 2.88
C ILE B 23 -6.29 9.04 3.72
N GLN B 24 -6.97 8.12 3.09
CA GLN B 24 -7.52 6.94 3.80
C GLN B 24 -6.66 5.70 3.52
N SER B 25 -5.91 5.69 2.45
CA SER B 25 -5.08 4.50 2.14
C SER B 25 -3.99 4.82 1.11
N VAL B 26 -3.23 3.83 0.73
CA VAL B 26 -2.14 4.03 -0.28
C VAL B 26 -1.84 2.71 -0.97
N ASN B 27 -1.29 2.77 -2.15
CA ASN B 27 -0.94 1.55 -2.89
C ASN B 27 0.51 1.64 -3.37
N VAL B 28 1.28 0.63 -3.08
CA VAL B 28 2.70 0.63 -3.53
C VAL B 28 2.90 -0.47 -4.59
N LYS B 29 3.13 -0.05 -5.81
CA LYS B 29 3.32 -1.02 -6.93
C LYS B 29 4.78 -1.02 -7.39
N SER B 30 5.14 -1.95 -8.25
CA SER B 30 6.54 -2.03 -8.77
C SER B 30 6.60 -1.36 -10.17
N PRO B 31 7.80 -1.29 -10.74
CA PRO B 31 8.02 -0.69 -12.07
C PRO B 31 7.56 -1.63 -13.19
N GLY B 32 7.70 -1.22 -14.43
CA GLY B 32 7.26 -2.11 -15.57
C GLY B 32 7.70 -1.53 -16.91
N PRO B 33 6.88 -0.69 -17.49
CA PRO B 33 7.15 -0.05 -18.80
C PRO B 33 8.18 1.09 -18.65
N HIS B 34 8.22 2.01 -19.59
CA HIS B 34 9.21 3.15 -19.51
C HIS B 34 9.09 3.85 -18.16
N CYS B 35 7.94 3.84 -17.53
CA CYS B 35 7.85 4.43 -16.17
C CYS B 35 8.34 3.34 -15.23
N ALA B 36 9.56 2.95 -15.46
CA ALA B 36 10.20 1.86 -14.71
C ALA B 36 10.67 2.36 -13.35
N GLN B 37 9.72 2.76 -12.56
CA GLN B 37 9.98 3.28 -11.20
C GLN B 37 8.96 2.62 -10.27
N THR B 38 9.10 2.78 -8.99
CA THR B 38 8.14 2.17 -8.04
C THR B 38 6.74 2.77 -8.23
N GLU B 39 5.88 2.60 -7.26
CA GLU B 39 4.53 3.17 -7.31
C GLU B 39 4.14 3.40 -5.89
N VAL B 40 3.56 4.50 -5.62
CA VAL B 40 3.23 4.80 -4.23
C VAL B 40 2.06 5.78 -4.22
N ILE B 41 0.88 5.28 -4.46
CA ILE B 41 -0.29 6.17 -4.54
C ILE B 41 -1.14 6.14 -3.28
N ALA B 42 -1.29 7.28 -2.64
CA ALA B 42 -2.15 7.35 -1.43
C ALA B 42 -3.57 7.68 -1.88
N THR B 43 -4.48 6.76 -1.69
CA THR B 43 -5.88 7.03 -2.11
C THR B 43 -6.51 8.03 -1.15
N LEU B 44 -7.01 9.09 -1.68
CA LEU B 44 -7.62 10.15 -0.85
C LEU B 44 -9.01 9.73 -0.36
N LYS B 45 -9.48 10.37 0.71
CA LYS B 45 -10.82 10.09 1.28
C LYS B 45 -11.90 10.23 0.23
N ASN B 46 -11.78 11.20 -0.63
CA ASN B 46 -12.81 11.39 -1.71
C ASN B 46 -12.67 10.26 -2.75
N GLY B 47 -11.78 9.32 -2.53
CA GLY B 47 -11.57 8.21 -3.51
C GLY B 47 -10.66 8.72 -4.61
N ARG B 48 -9.73 9.57 -4.24
CA ARG B 48 -8.76 10.11 -5.25
C ARG B 48 -7.42 9.47 -4.99
N LYS B 49 -6.37 9.93 -5.61
CA LYS B 49 -5.05 9.29 -5.36
C LYS B 49 -3.90 10.30 -5.51
N ALA B 50 -2.86 10.07 -4.77
CA ALA B 50 -1.64 10.96 -4.84
C ALA B 50 -0.41 10.08 -4.80
N CYS B 51 0.73 10.56 -5.22
CA CYS B 51 1.95 9.72 -5.12
C CYS B 51 2.90 10.43 -4.20
N LEU B 52 3.71 9.71 -3.50
CA LEU B 52 4.68 10.36 -2.58
C LEU B 52 6.04 9.68 -2.78
N ASN B 53 7.09 10.26 -2.27
CA ASN B 53 8.45 9.67 -2.48
C ASN B 53 8.82 8.74 -1.31
N PRO B 54 8.60 7.44 -1.44
CA PRO B 54 8.97 6.50 -0.36
C PRO B 54 10.49 6.55 -0.14
N ALA B 55 11.23 6.89 -1.16
CA ALA B 55 12.71 7.06 -0.98
C ALA B 55 12.91 8.21 0.01
N SER B 56 12.00 9.16 0.00
CA SER B 56 12.06 10.31 0.95
C SER B 56 11.90 9.77 2.39
N PRO B 57 12.51 10.43 3.34
CA PRO B 57 12.43 10.02 4.76
C PRO B 57 11.04 10.37 5.32
N ILE B 58 10.65 11.62 5.22
CA ILE B 58 9.30 12.04 5.70
C ILE B 58 8.24 11.16 5.06
N VAL B 59 8.41 10.93 3.80
CA VAL B 59 7.42 10.12 3.06
C VAL B 59 7.49 8.68 3.53
N LYS B 60 8.67 8.15 3.77
CA LYS B 60 8.75 6.76 4.29
C LYS B 60 7.92 6.71 5.59
N LYS B 61 7.71 7.86 6.18
CA LYS B 61 6.89 7.99 7.40
C LYS B 61 5.45 7.82 6.95
N ILE B 62 5.09 8.55 5.93
CA ILE B 62 3.73 8.46 5.34
C ILE B 62 3.31 6.98 5.23
N ILE B 63 4.23 6.10 4.89
CA ILE B 63 3.87 4.65 4.80
C ILE B 63 3.64 4.14 6.21
N GLU B 64 4.59 4.38 7.06
CA GLU B 64 4.50 3.88 8.45
C GLU B 64 3.31 4.51 9.18
N LYS B 65 3.13 5.81 9.09
CA LYS B 65 1.98 6.46 9.79
C LYS B 65 0.68 6.00 9.14
N MET B 66 0.64 5.88 7.84
CA MET B 66 -0.58 5.37 7.18
C MET B 66 -0.83 3.96 7.74
N LEU B 67 0.24 3.23 7.94
CA LEU B 67 0.15 1.86 8.52
C LEU B 67 -0.46 1.96 9.93
N ASN B 68 -0.11 3.00 10.66
CA ASN B 68 -0.64 3.18 12.04
C ASN B 68 -1.85 4.14 12.00
N SER B 69 -2.22 4.74 13.12
CA SER B 69 -3.39 5.69 13.16
C SER B 69 -4.70 4.89 13.07
N ASP B 70 -5.39 4.76 14.18
CA ASP B 70 -6.68 4.01 14.22
C ASP B 70 -6.45 2.53 13.92
N LYS B 71 -6.42 1.71 14.94
CA LYS B 71 -6.18 0.24 14.72
C LYS B 71 -6.57 -0.54 15.99
N SER B 72 -7.77 -0.33 16.49
CA SER B 72 -8.21 -1.05 17.72
C SER B 72 -9.10 -2.24 17.32
N ALA A 1 -3.75 -11.38 15.13
CA ALA A 1 -4.06 -10.05 15.74
C ALA A 1 -5.49 -10.06 16.29
N SER A 2 -6.47 -10.24 15.44
CA SER A 2 -7.89 -10.25 15.91
C SER A 2 -8.74 -11.12 14.98
N VAL A 3 -9.33 -12.17 15.49
CA VAL A 3 -10.19 -13.05 14.64
C VAL A 3 -11.61 -12.47 14.56
N ALA A 4 -12.29 -12.69 13.47
CA ALA A 4 -13.69 -12.17 13.32
C ALA A 4 -13.66 -10.63 13.21
N THR A 5 -14.82 -10.01 13.35
CA THR A 5 -14.92 -8.51 13.26
C THR A 5 -14.30 -8.00 11.94
N GLU A 6 -14.53 -8.70 10.85
CA GLU A 6 -13.98 -8.25 9.54
C GLU A 6 -14.71 -8.98 8.40
N LEU A 7 -15.80 -8.42 7.92
CA LEU A 7 -16.57 -9.06 6.82
C LEU A 7 -16.43 -8.19 5.58
N ARG A 8 -16.83 -6.95 5.74
CA ARG A 8 -16.76 -5.96 4.63
C ARG A 8 -15.40 -6.02 3.93
N CYS A 9 -14.35 -6.00 4.71
CA CYS A 9 -12.96 -6.05 4.16
C CYS A 9 -12.78 -7.30 3.26
N GLN A 10 -11.75 -7.30 2.46
CA GLN A 10 -11.50 -8.45 1.53
C GLN A 10 -10.33 -9.33 2.01
N CYS A 11 -9.56 -8.86 2.98
CA CYS A 11 -8.38 -9.65 3.49
C CYS A 11 -8.68 -11.16 3.49
N LEU A 12 -7.74 -11.95 3.02
CA LEU A 12 -7.94 -13.43 3.01
C LEU A 12 -7.95 -13.91 4.47
N GLN A 13 -6.82 -13.79 5.10
CA GLN A 13 -6.65 -14.18 6.54
C GLN A 13 -5.27 -13.70 6.97
N THR A 14 -4.92 -12.50 6.57
CA THR A 14 -3.60 -11.87 6.84
C THR A 14 -2.47 -12.89 6.97
N LEU A 15 -1.77 -13.10 5.90
CA LEU A 15 -0.63 -14.06 5.91
C LEU A 15 0.55 -13.42 6.66
N GLN A 16 1.45 -14.22 7.16
CA GLN A 16 2.61 -13.66 7.91
C GLN A 16 3.81 -13.45 7.00
N GLY A 17 3.67 -12.53 6.09
CA GLY A 17 4.80 -12.19 5.17
C GLY A 17 5.10 -13.35 4.22
N ILE A 18 4.39 -13.42 3.13
CA ILE A 18 4.68 -14.50 2.15
C ILE A 18 5.86 -14.05 1.29
N HIS A 19 6.17 -14.75 0.24
CA HIS A 19 7.32 -14.35 -0.60
C HIS A 19 6.79 -13.58 -1.84
N PRO A 20 7.56 -12.62 -2.30
CA PRO A 20 7.17 -11.77 -3.45
C PRO A 20 7.31 -12.54 -4.79
N LYS A 21 8.03 -12.01 -5.77
CA LYS A 21 8.13 -12.69 -7.11
C LYS A 21 6.80 -12.49 -7.85
N ASN A 22 5.71 -12.80 -7.19
CA ASN A 22 4.37 -12.59 -7.77
C ASN A 22 3.89 -11.24 -7.26
N ILE A 23 3.95 -11.09 -5.96
CA ILE A 23 3.55 -9.85 -5.28
C ILE A 23 4.12 -8.63 -6.02
N GLN A 24 3.26 -7.92 -6.72
CA GLN A 24 3.69 -6.73 -7.48
C GLN A 24 3.44 -5.46 -6.65
N SER A 25 2.49 -5.50 -5.75
CA SER A 25 2.22 -4.30 -4.92
C SER A 25 1.35 -4.66 -3.71
N VAL A 26 0.95 -3.66 -2.97
CA VAL A 26 0.10 -3.90 -1.78
C VAL A 26 -0.66 -2.62 -1.45
N ASN A 27 -1.74 -2.77 -0.75
CA ASN A 27 -2.56 -1.62 -0.35
C ASN A 27 -2.66 -1.59 1.17
N VAL A 28 -2.72 -0.43 1.73
CA VAL A 28 -2.85 -0.33 3.21
C VAL A 28 -3.88 0.77 3.55
N LYS A 29 -5.01 0.38 4.10
CA LYS A 29 -6.07 1.36 4.42
C LYS A 29 -6.38 1.36 5.93
N SER A 30 -7.26 2.25 6.33
CA SER A 30 -7.64 2.37 7.77
C SER A 30 -8.98 1.62 8.01
N PRO A 31 -9.41 1.56 9.26
CA PRO A 31 -10.68 0.89 9.65
C PRO A 31 -11.89 1.75 9.27
N GLY A 32 -13.10 1.35 9.63
CA GLY A 32 -14.30 2.17 9.27
C GLY A 32 -15.59 1.50 9.74
N PRO A 33 -16.10 0.58 8.95
CA PRO A 33 -17.35 -0.14 9.26
C PRO A 33 -17.14 -1.18 10.38
N HIS A 34 -18.02 -2.15 10.49
CA HIS A 34 -17.88 -3.19 11.56
C HIS A 34 -16.55 -3.95 11.39
N CYS A 35 -15.97 -3.94 10.21
CA CYS A 35 -14.64 -4.60 10.03
C CYS A 35 -13.68 -3.85 10.95
N ALA A 36 -13.87 -2.53 11.03
CA ALA A 36 -13.09 -1.64 11.95
C ALA A 36 -11.65 -2.12 12.17
N GLN A 37 -11.04 -2.59 11.14
CA GLN A 37 -9.63 -3.06 11.22
C GLN A 37 -8.84 -2.38 10.13
N THR A 38 -7.55 -2.45 10.19
CA THR A 38 -6.70 -1.80 9.16
C THR A 38 -6.94 -2.48 7.81
N GLU A 39 -6.05 -2.29 6.89
CA GLU A 39 -6.17 -2.93 5.57
C GLU A 39 -4.77 -3.12 5.08
N VAL A 40 -4.49 -4.25 4.54
CA VAL A 40 -3.13 -4.51 4.12
C VAL A 40 -3.18 -5.58 3.02
N ILE A 41 -3.61 -5.19 1.85
CA ILE A 41 -3.78 -6.17 0.75
C ILE A 41 -2.61 -6.13 -0.24
N ALA A 42 -1.86 -7.21 -0.34
CA ALA A 42 -0.74 -7.25 -1.33
C ALA A 42 -1.28 -7.74 -2.66
N THR A 43 -1.27 -6.90 -3.67
CA THR A 43 -1.79 -7.35 -4.98
C THR A 43 -0.80 -8.31 -5.62
N LEU A 44 -1.26 -9.48 -5.95
CA LEU A 44 -0.37 -10.49 -6.55
C LEU A 44 -0.13 -10.21 -8.04
N LYS A 45 0.94 -10.77 -8.58
CA LYS A 45 1.30 -10.60 -10.01
C LYS A 45 0.14 -11.02 -10.91
N ASN A 46 -0.52 -12.10 -10.56
CA ASN A 46 -1.68 -12.54 -11.40
C ASN A 46 -2.75 -11.42 -11.39
N GLY A 47 -2.59 -10.43 -10.52
CA GLY A 47 -3.56 -9.32 -10.43
C GLY A 47 -4.60 -9.64 -9.36
N ARG A 48 -4.19 -10.35 -8.33
CA ARG A 48 -5.15 -10.68 -7.24
C ARG A 48 -4.68 -9.99 -5.97
N LYS A 49 -5.16 -10.39 -4.84
CA LYS A 49 -4.71 -9.70 -3.61
C LYS A 49 -4.71 -10.63 -2.39
N ALA A 50 -3.87 -10.30 -1.44
CA ALA A 50 -3.78 -11.07 -0.17
C ALA A 50 -3.71 -10.09 0.98
N CYS A 51 -3.97 -10.50 2.18
CA CYS A 51 -3.83 -9.54 3.30
C CYS A 51 -2.76 -10.11 4.22
N LEU A 52 -2.04 -9.27 4.90
CA LEU A 52 -0.98 -9.78 5.82
C LEU A 52 -1.07 -8.99 7.12
N ASN A 53 -0.38 -9.40 8.14
CA ASN A 53 -0.50 -8.69 9.45
C ASN A 53 0.63 -7.65 9.60
N PRO A 54 0.36 -6.39 9.31
CA PRO A 54 1.39 -5.34 9.48
C PRO A 54 1.78 -5.26 10.96
N ALA A 55 0.87 -5.61 11.85
CA ALA A 55 1.22 -5.66 13.29
C ALA A 55 2.33 -6.72 13.45
N SER A 56 2.28 -7.74 12.61
CA SER A 56 3.34 -8.80 12.64
C SER A 56 4.68 -8.15 12.26
N PRO A 57 5.76 -8.66 12.82
CA PRO A 57 7.11 -8.13 12.53
C PRO A 57 7.55 -8.56 11.12
N ILE A 58 7.54 -9.84 10.84
CA ILE A 58 7.91 -10.34 9.48
C ILE A 58 7.08 -9.61 8.44
N VAL A 59 5.82 -9.48 8.72
CA VAL A 59 4.92 -8.81 7.77
C VAL A 59 5.27 -7.33 7.66
N LYS A 60 5.59 -6.69 8.75
CA LYS A 60 6.00 -5.25 8.66
C LYS A 60 7.20 -5.18 7.69
N LYS A 61 7.87 -6.30 7.51
CA LYS A 61 9.00 -6.42 6.57
C LYS A 61 8.39 -6.40 5.19
N ILE A 62 7.40 -7.24 5.00
CA ILE A 62 6.66 -7.32 3.72
C ILE A 62 6.39 -5.89 3.20
N ILE A 63 6.06 -4.97 4.08
CA ILE A 63 5.82 -3.56 3.61
C ILE A 63 7.14 -2.97 3.16
N GLU A 64 8.12 -3.07 4.01
CA GLU A 64 9.45 -2.49 3.69
C GLU A 64 10.08 -3.17 2.48
N LYS A 65 10.06 -4.49 2.43
CA LYS A 65 10.67 -5.19 1.26
C LYS A 65 9.83 -4.93 0.02
N MET A 66 8.53 -4.92 0.14
CA MET A 66 7.69 -4.60 -1.04
C MET A 66 8.07 -3.18 -1.49
N LEU A 67 8.35 -2.32 -0.53
CA LEU A 67 8.79 -0.94 -0.83
C LEU A 67 10.12 -0.97 -1.59
N ASN A 68 10.98 -1.92 -1.25
CA ASN A 68 12.31 -2.00 -1.95
C ASN A 68 12.37 -3.27 -2.81
N SER A 69 12.15 -3.15 -4.09
CA SER A 69 12.20 -4.34 -4.98
C SER A 69 12.49 -3.90 -6.43
N ASP A 70 13.74 -3.89 -6.81
CA ASP A 70 14.12 -3.49 -8.20
C ASP A 70 15.05 -4.54 -8.81
N LYS A 71 15.10 -4.61 -10.12
CA LYS A 71 16.00 -5.60 -10.78
C LYS A 71 17.41 -5.03 -10.90
N SER A 72 17.53 -3.79 -11.33
CA SER A 72 18.88 -3.16 -11.46
C SER A 72 19.28 -2.52 -10.13
N ALA B 1 13.30 12.60 -6.84
CA ALA B 1 14.04 11.33 -7.08
C ALA B 1 14.43 11.22 -8.55
N SER B 2 13.45 11.20 -9.44
CA SER B 2 13.77 11.09 -10.90
C SER B 2 12.65 11.76 -11.71
N VAL B 3 12.97 12.77 -12.47
CA VAL B 3 11.93 13.46 -13.30
C VAL B 3 11.78 12.72 -14.63
N ALA B 4 10.59 12.76 -15.20
CA ALA B 4 10.35 12.06 -16.51
C ALA B 4 10.42 10.54 -16.31
N THR B 5 10.50 9.80 -17.39
CA THR B 5 10.57 8.30 -17.32
C THR B 5 9.40 7.74 -16.47
N GLU B 6 8.21 8.26 -16.68
CA GLU B 6 7.02 7.77 -15.92
C GLU B 6 5.73 8.29 -16.58
N LEU B 7 5.19 7.55 -17.52
CA LEU B 7 3.95 7.99 -18.21
C LEU B 7 2.84 7.01 -17.87
N ARG B 8 3.09 5.75 -18.16
CA ARG B 8 2.11 4.66 -17.92
C ARG B 8 1.42 4.78 -16.55
N CYS B 9 2.20 4.89 -15.51
CA CYS B 9 1.61 4.98 -14.13
C CYS B 9 0.72 6.22 -13.98
N GLN B 10 0.10 6.36 -12.84
CA GLN B 10 -0.82 7.51 -12.59
C GLN B 10 -0.20 8.55 -11.65
N CYS B 11 0.91 8.21 -11.01
CA CYS B 11 1.60 9.16 -10.05
C CYS B 11 1.34 10.63 -10.41
N LEU B 12 0.91 11.43 -9.46
CA LEU B 12 0.67 12.89 -9.75
C LEU B 12 2.05 13.53 -9.96
N GLN B 13 2.82 13.58 -8.91
CA GLN B 13 4.20 14.15 -8.94
C GLN B 13 4.83 13.88 -7.57
N THR B 14 4.60 12.69 -7.06
CA THR B 14 5.08 12.26 -5.71
C THR B 14 5.22 13.42 -4.72
N LEU B 15 4.22 13.61 -3.92
CA LEU B 15 4.26 14.70 -2.89
C LEU B 15 5.20 14.27 -1.77
N GLN B 16 5.69 15.20 -1.00
CA GLN B 16 6.63 14.85 0.10
C GLN B 16 5.87 14.68 1.42
N GLY B 17 5.08 13.64 1.49
CA GLY B 17 4.32 13.35 2.74
C GLY B 17 3.30 14.43 3.03
N ILE B 18 2.12 14.33 2.46
CA ILE B 18 1.07 15.33 2.75
C ILE B 18 0.39 14.93 4.07
N HIS B 19 -0.69 15.56 4.42
CA HIS B 19 -1.35 15.21 5.70
C HIS B 19 -2.54 14.27 5.41
N PRO B 20 -2.81 13.35 6.32
CA PRO B 20 -3.89 12.36 6.16
C PRO B 20 -5.28 13.00 6.38
N LYS B 21 -6.12 12.45 7.26
CA LYS B 21 -7.51 13.00 7.46
C LYS B 21 -8.35 12.57 6.26
N ASN B 22 -7.86 12.83 5.07
CA ASN B 22 -8.56 12.40 3.84
C ASN B 22 -7.94 11.07 3.43
N ILE B 23 -6.64 11.06 3.36
CA ILE B 23 -5.86 9.85 3.00
C ILE B 23 -6.40 8.63 3.78
N GLN B 24 -7.09 7.76 3.09
CA GLN B 24 -7.67 6.55 3.73
C GLN B 24 -6.73 5.37 3.52
N SER B 25 -5.95 5.39 2.46
CA SER B 25 -5.02 4.26 2.21
C SER B 25 -3.97 4.63 1.18
N VAL B 26 -3.16 3.68 0.80
CA VAL B 26 -2.10 3.93 -0.22
C VAL B 26 -1.71 2.62 -0.88
N ASN B 27 -1.16 2.71 -2.05
CA ASN B 27 -0.72 1.52 -2.79
C ASN B 27 0.77 1.64 -3.07
N VAL B 28 1.45 0.55 -3.07
CA VAL B 28 2.92 0.57 -3.37
C VAL B 28 3.25 -0.58 -4.32
N LYS B 29 3.63 -0.26 -5.54
CA LYS B 29 3.95 -1.33 -6.53
C LYS B 29 5.40 -1.21 -7.01
N SER B 30 5.81 -2.15 -7.84
CA SER B 30 7.20 -2.17 -8.38
C SER B 30 7.20 -1.56 -9.80
N PRO B 31 8.39 -1.43 -10.39
CA PRO B 31 8.55 -0.88 -11.75
C PRO B 31 8.14 -1.91 -12.81
N GLY B 32 8.35 -1.62 -14.08
CA GLY B 32 7.94 -2.61 -15.13
C GLY B 32 8.17 -2.04 -16.55
N PRO B 33 7.22 -1.25 -17.01
CA PRO B 33 7.29 -0.66 -18.37
C PRO B 33 8.32 0.47 -18.43
N HIS B 34 8.23 1.34 -19.42
CA HIS B 34 9.22 2.45 -19.56
C HIS B 34 9.23 3.35 -18.32
N CYS B 35 8.17 3.38 -17.54
CA CYS B 35 8.23 4.20 -16.30
C CYS B 35 9.33 3.59 -15.44
N ALA B 36 9.34 2.27 -15.39
CA ALA B 36 10.39 1.52 -14.66
C ALA B 36 10.69 2.17 -13.30
N GLN B 37 9.67 2.66 -12.66
CA GLN B 37 9.84 3.30 -11.32
C GLN B 37 8.90 2.60 -10.34
N THR B 38 9.08 2.84 -9.08
CA THR B 38 8.21 2.20 -8.05
C THR B 38 6.76 2.70 -8.20
N GLU B 39 5.98 2.53 -7.18
CA GLU B 39 4.59 3.02 -7.21
C GLU B 39 4.23 3.32 -5.79
N VAL B 40 3.61 4.41 -5.56
CA VAL B 40 3.30 4.78 -4.18
C VAL B 40 2.10 5.71 -4.21
N ILE B 41 0.93 5.17 -4.44
CA ILE B 41 -0.29 6.00 -4.57
C ILE B 41 -1.13 6.00 -3.30
N ALA B 42 -1.28 7.12 -2.65
CA ALA B 42 -2.13 7.19 -1.44
C ALA B 42 -3.56 7.48 -1.87
N THR B 43 -4.47 6.56 -1.64
CA THR B 43 -5.88 6.80 -2.05
C THR B 43 -6.50 7.78 -1.09
N LEU B 44 -7.01 8.86 -1.62
CA LEU B 44 -7.63 9.91 -0.79
C LEU B 44 -9.04 9.50 -0.33
N LYS B 45 -9.52 10.12 0.74
CA LYS B 45 -10.88 9.86 1.28
C LYS B 45 -11.93 10.05 0.20
N ASN B 46 -11.79 11.07 -0.60
CA ASN B 46 -12.79 11.28 -1.70
C ASN B 46 -12.77 10.05 -2.64
N GLY B 47 -11.78 9.20 -2.48
CA GLY B 47 -11.67 7.98 -3.34
C GLY B 47 -10.76 8.30 -4.52
N ARG B 48 -9.79 9.14 -4.32
CA ARG B 48 -8.85 9.47 -5.44
C ARG B 48 -7.47 8.98 -5.05
N LYS B 49 -6.45 9.42 -5.71
CA LYS B 49 -5.10 8.92 -5.34
C LYS B 49 -4.01 9.96 -5.56
N ALA B 50 -2.95 9.83 -4.81
CA ALA B 50 -1.77 10.75 -4.96
C ALA B 50 -0.51 9.90 -4.91
N CYS B 51 0.60 10.40 -5.36
CA CYS B 51 1.84 9.60 -5.25
C CYS B 51 2.78 10.37 -4.34
N LEU B 52 3.65 9.70 -3.64
CA LEU B 52 4.61 10.39 -2.77
C LEU B 52 5.97 9.74 -2.95
N ASN B 53 7.01 10.34 -2.43
CA ASN B 53 8.37 9.75 -2.63
C ASN B 53 8.76 8.86 -1.44
N PRO B 54 8.60 7.56 -1.55
CA PRO B 54 8.99 6.66 -0.45
C PRO B 54 10.51 6.78 -0.24
N ALA B 55 11.24 7.11 -1.28
CA ALA B 55 12.71 7.35 -1.12
C ALA B 55 12.86 8.53 -0.15
N SER B 56 11.91 9.45 -0.19
CA SER B 56 11.92 10.62 0.74
C SER B 56 11.77 10.10 2.18
N PRO B 57 12.37 10.78 3.13
CA PRO B 57 12.30 10.39 4.55
C PRO B 57 10.91 10.71 5.11
N ILE B 58 10.49 11.94 4.99
CA ILE B 58 9.12 12.35 5.48
C ILE B 58 8.09 11.43 4.86
N VAL B 59 8.24 11.18 3.59
CA VAL B 59 7.26 10.33 2.89
C VAL B 59 7.37 8.89 3.39
N LYS B 60 8.57 8.41 3.64
CA LYS B 60 8.69 7.02 4.20
C LYS B 60 7.87 6.98 5.51
N LYS B 61 7.64 8.16 6.08
CA LYS B 61 6.83 8.30 7.30
C LYS B 61 5.40 8.07 6.87
N ILE B 62 5.00 8.77 5.84
CA ILE B 62 3.65 8.63 5.25
C ILE B 62 3.27 7.14 5.19
N ILE B 63 4.20 6.28 4.85
CA ILE B 63 3.87 4.82 4.81
C ILE B 63 3.64 4.34 6.23
N GLU B 64 4.58 4.63 7.09
CA GLU B 64 4.48 4.18 8.50
C GLU B 64 3.27 4.79 9.19
N LYS B 65 3.06 6.08 9.05
CA LYS B 65 1.90 6.73 9.73
C LYS B 65 0.61 6.26 9.07
N MET B 66 0.59 6.10 7.76
CA MET B 66 -0.63 5.58 7.11
C MET B 66 -0.87 4.17 7.69
N LEU B 67 0.21 3.46 7.94
CA LEU B 67 0.12 2.11 8.55
C LEU B 67 -0.49 2.21 9.95
N ASN B 68 -0.18 3.28 10.67
CA ASN B 68 -0.72 3.45 12.06
C ASN B 68 -1.72 4.62 12.09
N SER B 69 -2.99 4.35 12.04
CA SER B 69 -4.00 5.44 12.07
C SER B 69 -5.35 4.89 12.57
N ASP B 70 -5.59 4.98 13.86
CA ASP B 70 -6.87 4.49 14.44
C ASP B 70 -7.49 5.57 15.33
N LYS B 71 -8.78 5.52 15.53
CA LYS B 71 -9.47 6.53 16.40
C LYS B 71 -9.36 6.11 17.86
N SER B 72 -9.62 4.86 18.16
CA SER B 72 -9.53 4.37 19.57
C SER B 72 -8.10 3.92 19.87
N ALA A 1 -9.61 -13.25 22.56
CA ALA A 1 -10.95 -13.70 22.11
C ALA A 1 -10.99 -13.73 20.57
N SER A 2 -11.92 -14.47 20.01
CA SER A 2 -12.03 -14.54 18.52
C SER A 2 -12.67 -13.25 17.99
N VAL A 3 -11.88 -12.37 17.44
CA VAL A 3 -12.44 -11.09 16.91
C VAL A 3 -12.72 -11.24 15.41
N ALA A 4 -13.82 -11.84 15.07
CA ALA A 4 -14.17 -12.03 13.63
C ALA A 4 -14.88 -10.77 13.13
N THR A 5 -14.15 -9.79 12.66
CA THR A 5 -14.78 -8.53 12.18
C THR A 5 -14.11 -8.08 10.86
N GLU A 6 -14.45 -8.72 9.78
CA GLU A 6 -13.86 -8.35 8.45
C GLU A 6 -14.56 -9.16 7.33
N LEU A 7 -15.64 -8.64 6.77
CA LEU A 7 -16.36 -9.37 5.68
C LEU A 7 -16.35 -8.52 4.42
N ARG A 8 -16.97 -7.37 4.50
CA ARG A 8 -17.03 -6.42 3.34
C ARG A 8 -15.65 -6.25 2.73
N CYS A 9 -14.67 -6.08 3.57
CA CYS A 9 -13.26 -5.88 3.13
C CYS A 9 -12.81 -7.06 2.23
N GLN A 10 -11.70 -6.89 1.55
CA GLN A 10 -11.20 -7.97 0.61
C GLN A 10 -10.14 -8.87 1.26
N CYS A 11 -9.54 -8.47 2.35
CA CYS A 11 -8.48 -9.32 3.01
C CYS A 11 -8.86 -10.80 2.97
N LEU A 12 -7.96 -11.65 2.55
CA LEU A 12 -8.26 -13.11 2.51
C LEU A 12 -8.37 -13.60 3.96
N GLN A 13 -7.27 -13.58 4.64
CA GLN A 13 -7.20 -13.99 6.08
C GLN A 13 -5.81 -13.62 6.59
N THR A 14 -5.37 -12.43 6.24
CA THR A 14 -4.01 -11.89 6.59
C THR A 14 -2.97 -12.99 6.76
N LEU A 15 -2.22 -13.24 5.73
CA LEU A 15 -1.14 -14.26 5.79
C LEU A 15 0.03 -13.69 6.61
N GLN A 16 0.91 -14.54 7.07
CA GLN A 16 2.06 -14.05 7.90
C GLN A 16 3.29 -13.87 7.03
N GLY A 17 3.27 -12.88 6.19
CA GLY A 17 4.43 -12.58 5.31
C GLY A 17 4.77 -13.74 4.40
N ILE A 18 4.11 -13.84 3.28
CA ILE A 18 4.43 -14.94 2.32
C ILE A 18 5.67 -14.52 1.52
N HIS A 19 6.03 -15.24 0.52
CA HIS A 19 7.23 -14.87 -0.26
C HIS A 19 6.82 -14.04 -1.49
N PRO A 20 7.64 -13.08 -1.87
CA PRO A 20 7.34 -12.19 -3.01
C PRO A 20 7.55 -12.91 -4.35
N LYS A 21 8.35 -12.39 -5.27
CA LYS A 21 8.53 -13.02 -6.62
C LYS A 21 7.26 -12.73 -7.43
N ASN A 22 6.11 -13.01 -6.87
CA ASN A 22 4.83 -12.71 -7.54
C ASN A 22 4.37 -11.36 -7.00
N ILE A 23 4.34 -11.26 -5.69
CA ILE A 23 3.94 -10.02 -5.00
C ILE A 23 4.61 -8.80 -5.67
N GLN A 24 3.85 -8.03 -6.40
CA GLN A 24 4.39 -6.85 -7.11
C GLN A 24 4.02 -5.57 -6.37
N SER A 25 3.00 -5.60 -5.53
CA SER A 25 2.60 -4.36 -4.80
C SER A 25 1.69 -4.70 -3.63
N VAL A 26 1.21 -3.68 -2.95
CA VAL A 26 0.31 -3.91 -1.78
C VAL A 26 -0.47 -2.63 -1.46
N ASN A 27 -1.54 -2.78 -0.76
CA ASN A 27 -2.37 -1.64 -0.36
C ASN A 27 -2.51 -1.65 1.16
N VAL A 28 -2.61 -0.49 1.74
CA VAL A 28 -2.76 -0.43 3.23
C VAL A 28 -3.81 0.63 3.58
N LYS A 29 -4.91 0.22 4.15
CA LYS A 29 -6.00 1.18 4.50
C LYS A 29 -6.38 1.05 5.98
N SER A 30 -6.95 2.08 6.54
CA SER A 30 -7.36 2.06 7.98
C SER A 30 -8.77 1.44 8.09
N PRO A 31 -9.34 1.45 9.30
CA PRO A 31 -10.69 0.87 9.53
C PRO A 31 -11.78 1.76 8.96
N GLY A 32 -13.04 1.45 9.21
CA GLY A 32 -14.14 2.30 8.65
C GLY A 32 -15.47 1.54 8.68
N PRO A 33 -15.62 0.59 7.79
CA PRO A 33 -16.85 -0.22 7.70
C PRO A 33 -16.94 -1.18 8.90
N HIS A 34 -17.77 -2.18 8.83
CA HIS A 34 -17.90 -3.11 9.99
C HIS A 34 -16.63 -3.97 10.18
N CYS A 35 -15.72 -4.05 9.22
CA CYS A 35 -14.47 -4.81 9.52
C CYS A 35 -13.80 -4.01 10.63
N ALA A 36 -13.83 -2.69 10.49
CA ALA A 36 -13.27 -1.76 11.51
C ALA A 36 -11.85 -2.16 11.91
N GLN A 37 -11.16 -2.82 11.03
CA GLN A 37 -9.75 -3.23 11.30
C GLN A 37 -8.89 -2.49 10.27
N THR A 38 -7.65 -2.86 10.13
CA THR A 38 -6.79 -2.18 9.13
C THR A 38 -7.03 -2.77 7.75
N GLU A 39 -6.08 -2.60 6.86
CA GLU A 39 -6.20 -3.17 5.51
C GLU A 39 -4.79 -3.33 5.01
N VAL A 40 -4.49 -4.44 4.46
CA VAL A 40 -3.11 -4.66 4.03
C VAL A 40 -3.11 -5.68 2.90
N ILE A 41 -3.53 -5.27 1.74
CA ILE A 41 -3.65 -6.22 0.59
C ILE A 41 -2.43 -6.17 -0.34
N ALA A 42 -1.68 -7.25 -0.45
CA ALA A 42 -0.51 -7.27 -1.38
C ALA A 42 -0.96 -7.75 -2.74
N THR A 43 -0.90 -6.92 -3.75
CA THR A 43 -1.35 -7.36 -5.09
C THR A 43 -0.32 -8.30 -5.69
N LEU A 44 -0.76 -9.46 -6.07
CA LEU A 44 0.14 -10.46 -6.65
C LEU A 44 0.49 -10.10 -8.10
N LYS A 45 1.61 -10.61 -8.58
CA LYS A 45 2.06 -10.36 -9.98
C LYS A 45 0.99 -10.78 -10.97
N ASN A 46 0.33 -11.89 -10.70
CA ASN A 46 -0.75 -12.35 -11.62
C ASN A 46 -1.92 -11.35 -11.61
N GLY A 47 -1.84 -10.32 -10.78
CA GLY A 47 -2.93 -9.31 -10.70
C GLY A 47 -3.96 -9.76 -9.68
N ARG A 48 -3.50 -10.42 -8.64
CA ARG A 48 -4.43 -10.88 -7.58
C ARG A 48 -4.01 -10.16 -6.31
N LYS A 49 -4.47 -10.56 -5.16
CA LYS A 49 -4.02 -9.86 -3.95
C LYS A 49 -4.19 -10.73 -2.72
N ALA A 50 -3.62 -10.30 -1.65
CA ALA A 50 -3.72 -11.05 -0.36
C ALA A 50 -3.65 -10.08 0.79
N CYS A 51 -4.07 -10.47 1.96
CA CYS A 51 -3.93 -9.55 3.10
C CYS A 51 -2.94 -10.20 4.05
N LEU A 52 -2.18 -9.42 4.77
CA LEU A 52 -1.20 -10.02 5.71
C LEU A 52 -1.32 -9.29 7.04
N ASN A 53 -0.69 -9.78 8.06
CA ASN A 53 -0.82 -9.12 9.40
C ASN A 53 0.33 -8.13 9.63
N PRO A 54 0.12 -6.85 9.36
CA PRO A 54 1.19 -5.86 9.60
C PRO A 54 1.51 -5.81 11.09
N ALA A 55 0.55 -6.15 11.94
CA ALA A 55 0.85 -6.23 13.40
C ALA A 55 1.90 -7.33 13.59
N SER A 56 1.88 -8.32 12.71
CA SER A 56 2.87 -9.43 12.75
C SER A 56 4.27 -8.84 12.45
N PRO A 57 5.30 -9.44 13.02
CA PRO A 57 6.68 -8.98 12.80
C PRO A 57 7.16 -9.37 11.40
N ILE A 58 7.09 -10.66 11.09
CA ILE A 58 7.50 -11.13 9.73
C ILE A 58 6.74 -10.34 8.68
N VAL A 59 5.48 -10.15 8.91
CA VAL A 59 4.65 -9.42 7.95
C VAL A 59 5.06 -7.95 7.91
N LYS A 60 5.40 -7.36 9.04
CA LYS A 60 5.88 -5.95 9.00
C LYS A 60 7.10 -5.89 8.06
N LYS A 61 7.72 -7.05 7.86
CA LYS A 61 8.86 -7.17 6.93
C LYS A 61 8.29 -7.05 5.53
N ILE A 62 7.25 -7.82 5.29
CA ILE A 62 6.54 -7.80 3.99
C ILE A 62 6.35 -6.35 3.53
N ILE A 63 6.06 -5.45 4.44
CA ILE A 63 5.89 -4.02 4.04
C ILE A 63 7.26 -3.46 3.65
N GLU A 64 8.20 -3.63 4.53
CA GLU A 64 9.56 -3.10 4.29
C GLU A 64 10.18 -3.74 3.04
N LYS A 65 10.08 -5.04 2.92
CA LYS A 65 10.67 -5.74 1.73
C LYS A 65 9.91 -5.33 0.48
N MET A 66 8.60 -5.30 0.54
CA MET A 66 7.82 -4.85 -0.64
C MET A 66 8.29 -3.42 -0.98
N LEU A 67 8.60 -2.66 0.05
CA LEU A 67 9.11 -1.28 -0.14
C LEU A 67 10.49 -1.33 -0.81
N ASN A 68 11.27 -2.35 -0.50
CA ASN A 68 12.64 -2.44 -1.11
C ASN A 68 12.58 -3.25 -2.42
N SER A 69 12.88 -2.63 -3.54
CA SER A 69 12.85 -3.36 -4.83
C SER A 69 13.86 -2.72 -5.80
N ASP A 70 15.12 -3.08 -5.68
CA ASP A 70 16.16 -2.50 -6.58
C ASP A 70 16.33 -3.38 -7.82
N LYS A 71 17.18 -2.96 -8.74
CA LYS A 71 17.39 -3.76 -9.98
C LYS A 71 18.88 -3.84 -10.31
N SER A 72 19.54 -2.71 -10.45
CA SER A 72 21.00 -2.69 -10.78
C SER A 72 21.23 -3.24 -12.21
N ALA B 1 19.83 14.55 -13.69
CA ALA B 1 19.17 14.79 -15.00
C ALA B 1 17.65 14.66 -14.86
N SER B 2 16.90 15.22 -15.79
CA SER B 2 15.41 15.12 -15.72
C SER B 2 14.97 13.73 -16.16
N VAL B 3 14.62 12.89 -15.23
CA VAL B 3 14.18 11.50 -15.58
C VAL B 3 12.65 11.47 -15.69
N ALA B 4 12.12 11.89 -16.81
CA ALA B 4 10.65 11.89 -17.00
C ALA B 4 10.22 10.51 -17.53
N THR B 5 9.94 9.58 -16.64
CA THR B 5 9.54 8.21 -17.09
C THR B 5 8.37 7.71 -16.23
N GLU B 6 7.18 8.20 -16.48
CA GLU B 6 5.99 7.77 -15.69
C GLU B 6 4.72 8.36 -16.32
N LEU B 7 4.10 7.66 -17.25
CA LEU B 7 2.86 8.19 -17.89
C LEU B 7 1.71 7.21 -17.63
N ARG B 8 1.88 6.00 -18.09
CA ARG B 8 0.86 4.92 -17.95
C ARG B 8 0.28 4.87 -16.54
N CYS B 9 1.12 4.81 -15.55
CA CYS B 9 0.63 4.71 -14.13
C CYS B 9 -0.26 5.90 -13.75
N GLN B 10 -0.77 5.89 -12.55
CA GLN B 10 -1.69 6.98 -12.09
C GLN B 10 -0.93 8.06 -11.31
N CYS B 11 0.26 7.75 -10.80
CA CYS B 11 1.08 8.73 -10.00
C CYS B 11 0.81 10.18 -10.47
N LEU B 12 0.44 11.06 -9.56
CA LEU B 12 0.18 12.49 -9.95
C LEU B 12 1.54 13.11 -10.28
N GLN B 13 2.34 13.28 -9.27
CA GLN B 13 3.70 13.86 -9.41
C GLN B 13 4.41 13.71 -8.04
N THR B 14 4.23 12.55 -7.44
CA THR B 14 4.78 12.22 -6.08
C THR B 14 4.94 13.45 -5.19
N LEU B 15 3.98 13.69 -4.35
CA LEU B 15 4.06 14.84 -3.40
C LEU B 15 5.07 14.49 -2.29
N GLN B 16 5.52 15.48 -1.56
CA GLN B 16 6.52 15.20 -0.48
C GLN B 16 5.82 15.08 0.87
N GLY B 17 5.05 14.03 1.03
CA GLY B 17 4.36 13.77 2.32
C GLY B 17 3.36 14.86 2.64
N ILE B 18 2.17 14.76 2.11
CA ILE B 18 1.14 15.78 2.43
C ILE B 18 0.54 15.42 3.79
N HIS B 19 -0.50 16.08 4.19
CA HIS B 19 -1.09 15.75 5.52
C HIS B 19 -2.25 14.75 5.33
N PRO B 20 -2.43 13.86 6.30
CA PRO B 20 -3.48 12.83 6.23
C PRO B 20 -4.88 13.43 6.52
N LYS B 21 -5.63 12.91 7.48
CA LYS B 21 -7.02 13.42 7.75
C LYS B 21 -7.92 12.91 6.63
N ASN B 22 -7.52 13.10 5.39
CA ASN B 22 -8.28 12.59 4.23
C ASN B 22 -7.64 11.26 3.86
N ILE B 23 -6.35 11.29 3.68
CA ILE B 23 -5.56 10.09 3.34
C ILE B 23 -6.02 8.90 4.21
N GLN B 24 -6.72 7.97 3.62
CA GLN B 24 -7.23 6.80 4.35
C GLN B 24 -6.40 5.56 4.04
N SER B 25 -5.69 5.55 2.92
CA SER B 25 -4.86 4.37 2.57
C SER B 25 -3.84 4.72 1.49
N VAL B 26 -3.10 3.73 1.04
CA VAL B 26 -2.08 3.97 -0.01
C VAL B 26 -1.70 2.65 -0.69
N ASN B 27 -1.14 2.76 -1.85
CA ASN B 27 -0.70 1.57 -2.60
C ASN B 27 0.78 1.71 -2.92
N VAL B 28 1.49 0.63 -2.97
CA VAL B 28 2.94 0.69 -3.29
C VAL B 28 3.29 -0.44 -4.26
N LYS B 29 3.70 -0.11 -5.46
CA LYS B 29 4.03 -1.14 -6.47
C LYS B 29 5.43 -0.91 -7.03
N SER B 30 6.05 -1.94 -7.56
CA SER B 30 7.43 -1.82 -8.13
C SER B 30 7.32 -1.35 -9.61
N PRO B 31 8.43 -1.31 -10.32
CA PRO B 31 8.46 -0.87 -11.74
C PRO B 31 7.87 -1.94 -12.67
N GLY B 32 7.96 -1.75 -13.97
CA GLY B 32 7.38 -2.77 -14.89
C GLY B 32 7.20 -2.18 -16.30
N PRO B 33 6.19 -1.33 -16.46
CA PRO B 33 5.91 -0.69 -17.75
C PRO B 33 6.99 0.36 -18.09
N HIS B 34 6.76 1.19 -19.08
CA HIS B 34 7.78 2.21 -19.46
C HIS B 34 8.04 3.20 -18.32
N CYS B 35 7.17 3.29 -17.33
CA CYS B 35 7.47 4.20 -16.20
C CYS B 35 8.71 3.61 -15.52
N ALA B 36 8.71 2.30 -15.38
CA ALA B 36 9.87 1.56 -14.82
C ALA B 36 10.37 2.19 -13.51
N GLN B 37 9.47 2.81 -12.79
CA GLN B 37 9.84 3.42 -11.47
C GLN B 37 9.00 2.71 -10.40
N THR B 38 8.96 3.22 -9.20
CA THR B 38 8.14 2.54 -8.16
C THR B 38 6.68 2.97 -8.30
N GLU B 39 5.93 2.83 -7.23
CA GLU B 39 4.51 3.22 -7.24
C GLU B 39 4.16 3.50 -5.81
N VAL B 40 3.52 4.58 -5.56
CA VAL B 40 3.22 4.92 -4.18
C VAL B 40 1.99 5.82 -4.14
N ILE B 41 0.83 5.24 -4.36
CA ILE B 41 -0.41 6.06 -4.44
C ILE B 41 -1.20 6.04 -3.12
N ALA B 42 -1.36 7.18 -2.48
CA ALA B 42 -2.16 7.23 -1.21
C ALA B 42 -3.60 7.53 -1.55
N THR B 43 -4.49 6.60 -1.27
CA THR B 43 -5.92 6.84 -1.60
C THR B 43 -6.50 7.83 -0.61
N LEU B 44 -7.06 8.88 -1.12
CA LEU B 44 -7.65 9.93 -0.27
C LEU B 44 -9.01 9.46 0.29
N LYS B 45 -9.42 10.04 1.40
CA LYS B 45 -10.72 9.70 2.04
C LYS B 45 -11.86 9.91 1.06
N ASN B 46 -11.80 10.94 0.27
CA ASN B 46 -12.88 11.18 -0.74
C ASN B 46 -12.89 10.05 -1.79
N GLY B 47 -11.94 9.13 -1.71
CA GLY B 47 -11.86 8.01 -2.68
C GLY B 47 -11.01 8.44 -3.88
N ARG B 48 -10.02 9.26 -3.61
CA ARG B 48 -9.11 9.71 -4.72
C ARG B 48 -7.74 9.17 -4.37
N LYS B 49 -6.69 9.63 -5.00
CA LYS B 49 -5.37 9.11 -4.63
C LYS B 49 -4.27 10.09 -5.03
N ALA B 50 -3.10 9.83 -4.54
CA ALA B 50 -1.93 10.70 -4.86
C ALA B 50 -0.66 9.89 -4.82
N CYS B 51 0.39 10.36 -5.42
CA CYS B 51 1.65 9.61 -5.32
C CYS B 51 2.60 10.45 -4.50
N LEU B 52 3.49 9.84 -3.78
CA LEU B 52 4.45 10.61 -2.97
C LEU B 52 5.83 10.01 -3.19
N ASN B 53 6.87 10.68 -2.76
CA ASN B 53 8.24 10.14 -3.00
C ASN B 53 8.71 9.31 -1.80
N PRO B 54 8.57 7.99 -1.84
CA PRO B 54 9.04 7.15 -0.72
C PRO B 54 10.56 7.32 -0.56
N ALA B 55 11.26 7.61 -1.65
CA ALA B 55 12.71 7.88 -1.54
C ALA B 55 12.88 9.11 -0.63
N SER B 56 11.89 9.99 -0.66
CA SER B 56 11.92 11.21 0.22
C SER B 56 11.85 10.76 1.69
N PRO B 57 12.45 11.52 2.57
CA PRO B 57 12.44 11.21 4.01
C PRO B 57 11.06 11.51 4.61
N ILE B 58 10.59 12.73 4.45
CA ILE B 58 9.24 13.12 4.96
C ILE B 58 8.23 12.13 4.42
N VAL B 59 8.34 11.82 3.18
CA VAL B 59 7.39 10.89 2.54
C VAL B 59 7.56 9.50 3.12
N LYS B 60 8.77 9.06 3.36
CA LYS B 60 8.95 7.73 3.99
C LYS B 60 8.15 7.72 5.32
N LYS B 61 7.88 8.90 5.83
CA LYS B 61 7.07 9.07 7.05
C LYS B 61 5.65 8.75 6.67
N ILE B 62 5.21 9.36 5.60
CA ILE B 62 3.85 9.12 5.04
C ILE B 62 3.55 7.62 5.06
N ILE B 63 4.52 6.79 4.77
CA ILE B 63 4.27 5.31 4.80
C ILE B 63 4.09 4.88 6.24
N GLU B 64 5.05 5.25 7.05
CA GLU B 64 5.02 4.86 8.48
C GLU B 64 3.78 5.43 9.18
N LYS B 65 3.49 6.70 8.96
CA LYS B 65 2.31 7.32 9.61
C LYS B 65 1.03 6.70 9.06
N MET B 66 0.95 6.54 7.76
CA MET B 66 -0.24 5.88 7.17
C MET B 66 -0.36 4.49 7.82
N LEU B 67 0.77 3.88 8.08
CA LEU B 67 0.80 2.55 8.75
C LEU B 67 0.28 2.70 10.19
N ASN B 68 0.56 3.82 10.83
CA ASN B 68 0.08 4.02 12.24
C ASN B 68 -1.30 4.67 12.25
N SER B 69 -2.30 3.98 12.75
CA SER B 69 -3.67 4.56 12.79
C SER B 69 -4.44 3.94 13.98
N ASP B 70 -4.22 4.46 15.16
CA ASP B 70 -4.94 3.91 16.37
C ASP B 70 -6.24 4.68 16.59
N LYS B 71 -7.01 4.27 17.58
CA LYS B 71 -8.32 4.96 17.86
C LYS B 71 -8.48 5.18 19.37
N SER B 72 -8.41 4.11 20.14
CA SER B 72 -8.58 4.23 21.63
C SER B 72 -10.03 4.65 21.98
N ALA A 1 -11.12 -13.70 20.04
CA ALA A 1 -11.77 -13.14 18.81
C ALA A 1 -13.28 -13.40 18.87
N SER A 2 -14.05 -12.63 18.13
CA SER A 2 -15.54 -12.84 18.13
C SER A 2 -15.90 -13.94 17.13
N VAL A 3 -17.17 -14.23 16.98
CA VAL A 3 -17.60 -15.30 16.03
C VAL A 3 -17.88 -14.67 14.65
N ALA A 4 -17.03 -14.96 13.68
CA ALA A 4 -17.22 -14.40 12.30
C ALA A 4 -17.05 -12.87 12.32
N THR A 5 -15.90 -12.38 11.96
CA THR A 5 -15.66 -10.91 11.96
C THR A 5 -14.96 -10.49 10.66
N GLU A 6 -14.98 -9.22 10.33
CA GLU A 6 -14.33 -8.72 9.09
C GLU A 6 -14.99 -9.31 7.85
N LEU A 7 -16.01 -8.65 7.34
CA LEU A 7 -16.72 -9.15 6.13
C LEU A 7 -16.52 -8.12 5.04
N ARG A 8 -16.86 -6.90 5.34
CA ARG A 8 -16.72 -5.77 4.36
C ARG A 8 -15.31 -5.78 3.77
N CYS A 9 -14.31 -5.83 4.61
CA CYS A 9 -12.89 -5.85 4.13
C CYS A 9 -12.66 -7.04 3.18
N GLN A 10 -11.57 -7.01 2.44
CA GLN A 10 -11.28 -8.12 1.47
C GLN A 10 -10.16 -9.05 1.98
N CYS A 11 -9.44 -8.65 3.01
CA CYS A 11 -8.32 -9.51 3.53
C CYS A 11 -8.72 -10.99 3.57
N LEU A 12 -7.82 -11.85 3.15
CA LEU A 12 -8.10 -13.31 3.17
C LEU A 12 -8.04 -13.78 4.63
N GLN A 13 -6.86 -13.75 5.19
CA GLN A 13 -6.65 -14.17 6.61
C GLN A 13 -5.24 -13.72 7.01
N THR A 14 -4.90 -12.50 6.61
CA THR A 14 -3.54 -11.89 6.86
C THR A 14 -2.43 -12.93 7.02
N LEU A 15 -1.71 -13.15 5.96
CA LEU A 15 -0.56 -14.12 6.01
C LEU A 15 0.61 -13.47 6.75
N GLN A 16 1.54 -14.26 7.21
CA GLN A 16 2.69 -13.69 7.96
C GLN A 16 3.91 -13.56 7.04
N GLY A 17 3.83 -12.65 6.11
CA GLY A 17 4.97 -12.41 5.18
C GLY A 17 5.18 -13.59 4.25
N ILE A 18 4.42 -13.65 3.18
CA ILE A 18 4.60 -14.76 2.20
C ILE A 18 5.76 -14.39 1.28
N HIS A 19 5.98 -15.15 0.25
CA HIS A 19 7.10 -14.83 -0.67
C HIS A 19 6.55 -14.03 -1.87
N PRO A 20 7.31 -13.08 -2.35
CA PRO A 20 6.90 -12.22 -3.48
C PRO A 20 7.01 -12.97 -4.82
N LYS A 21 7.79 -12.49 -5.77
CA LYS A 21 7.87 -13.15 -7.12
C LYS A 21 6.57 -12.83 -7.87
N ASN A 22 5.45 -13.05 -7.24
CA ASN A 22 4.14 -12.72 -7.85
C ASN A 22 3.73 -11.37 -7.27
N ILE A 23 3.75 -11.30 -5.97
CA ILE A 23 3.40 -10.06 -5.24
C ILE A 23 4.11 -8.86 -5.89
N GLN A 24 3.36 -8.02 -6.55
CA GLN A 24 3.94 -6.84 -7.22
C GLN A 24 3.62 -5.56 -6.42
N SER A 25 2.56 -5.57 -5.63
CA SER A 25 2.23 -4.34 -4.84
C SER A 25 1.38 -4.69 -3.63
N VAL A 26 1.01 -3.69 -2.88
CA VAL A 26 0.16 -3.91 -1.68
C VAL A 26 -0.63 -2.63 -1.39
N ASN A 27 -1.74 -2.77 -0.72
CA ASN A 27 -2.57 -1.59 -0.38
C ASN A 27 -2.88 -1.59 1.11
N VAL A 28 -2.60 -0.49 1.76
CA VAL A 28 -2.89 -0.39 3.23
C VAL A 28 -3.97 0.66 3.46
N LYS A 29 -5.10 0.24 3.96
CA LYS A 29 -6.24 1.19 4.20
C LYS A 29 -6.65 1.15 5.69
N SER A 30 -7.34 2.18 6.14
CA SER A 30 -7.77 2.26 7.58
C SER A 30 -9.11 1.50 7.78
N PRO A 31 -9.59 1.46 9.02
CA PRO A 31 -10.86 0.78 9.38
C PRO A 31 -12.08 1.62 8.98
N GLY A 32 -13.27 1.19 9.33
CA GLY A 32 -14.49 1.99 8.96
C GLY A 32 -15.77 1.36 9.55
N PRO A 33 -16.33 0.41 8.84
CA PRO A 33 -17.58 -0.27 9.26
C PRO A 33 -17.31 -1.27 10.39
N HIS A 34 -18.17 -2.26 10.56
CA HIS A 34 -17.98 -3.27 11.65
C HIS A 34 -16.65 -4.04 11.47
N CYS A 35 -16.12 -4.11 10.26
CA CYS A 35 -14.81 -4.80 10.07
C CYS A 35 -13.78 -3.98 10.88
N ALA A 36 -14.04 -2.67 10.97
CA ALA A 36 -13.23 -1.71 11.80
C ALA A 36 -11.79 -2.17 12.06
N GLN A 37 -11.10 -2.57 11.05
CA GLN A 37 -9.67 -2.97 11.22
C GLN A 37 -8.87 -2.31 10.11
N THR A 38 -7.58 -2.50 10.13
CA THR A 38 -6.74 -1.89 9.07
C THR A 38 -7.00 -2.58 7.73
N GLU A 39 -6.10 -2.43 6.82
CA GLU A 39 -6.22 -3.08 5.50
C GLU A 39 -4.81 -3.24 5.02
N VAL A 40 -4.48 -4.37 4.51
CA VAL A 40 -3.11 -4.58 4.09
C VAL A 40 -3.11 -5.64 3.00
N ILE A 41 -3.56 -5.27 1.82
CA ILE A 41 -3.69 -6.26 0.73
C ILE A 41 -2.51 -6.19 -0.25
N ALA A 42 -1.78 -7.26 -0.37
CA ALA A 42 -0.66 -7.31 -1.35
C ALA A 42 -1.23 -7.77 -2.68
N THR A 43 -1.25 -6.90 -3.67
CA THR A 43 -1.80 -7.32 -4.98
C THR A 43 -0.83 -8.26 -5.65
N LEU A 44 -1.32 -9.42 -6.00
CA LEU A 44 -0.48 -10.45 -6.65
C LEU A 44 -0.16 -10.08 -8.10
N LYS A 45 0.89 -10.68 -8.64
CA LYS A 45 1.30 -10.45 -10.05
C LYS A 45 0.16 -10.75 -11.00
N ASN A 46 -0.60 -11.76 -10.72
CA ASN A 46 -1.76 -12.11 -11.61
C ASN A 46 -2.88 -11.07 -11.42
N GLY A 47 -2.66 -10.05 -10.62
CA GLY A 47 -3.71 -9.02 -10.37
C GLY A 47 -4.63 -9.56 -9.30
N ARG A 48 -4.08 -10.27 -8.35
CA ARG A 48 -4.90 -10.84 -7.25
C ARG A 48 -4.59 -10.06 -5.98
N LYS A 49 -5.00 -10.53 -4.84
CA LYS A 49 -4.70 -9.77 -3.60
C LYS A 49 -4.63 -10.70 -2.39
N ALA A 50 -3.82 -10.32 -1.44
CA ALA A 50 -3.69 -11.12 -0.17
C ALA A 50 -3.60 -10.15 0.98
N CYS A 51 -3.88 -10.56 2.18
CA CYS A 51 -3.73 -9.61 3.30
C CYS A 51 -2.68 -10.17 4.23
N LEU A 52 -1.96 -9.33 4.91
CA LEU A 52 -0.90 -9.83 5.82
C LEU A 52 -0.98 -9.02 7.12
N ASN A 53 -0.32 -9.45 8.16
CA ASN A 53 -0.41 -8.72 9.46
C ASN A 53 0.74 -7.71 9.59
N PRO A 54 0.52 -6.44 9.28
CA PRO A 54 1.59 -5.43 9.43
C PRO A 54 1.98 -5.33 10.91
N ALA A 55 1.07 -5.63 11.81
CA ALA A 55 1.43 -5.65 13.25
C ALA A 55 2.49 -6.75 13.44
N SER A 56 2.42 -7.78 12.61
CA SER A 56 3.42 -8.88 12.66
C SER A 56 4.80 -8.28 12.30
N PRO A 57 5.86 -8.84 12.85
CA PRO A 57 7.23 -8.35 12.58
C PRO A 57 7.65 -8.76 11.16
N ILE A 58 7.62 -10.04 10.87
CA ILE A 58 7.98 -10.53 9.50
C ILE A 58 7.16 -9.78 8.48
N VAL A 59 5.90 -9.64 8.75
CA VAL A 59 5.01 -8.96 7.81
C VAL A 59 5.37 -7.48 7.72
N LYS A 60 5.68 -6.85 8.83
CA LYS A 60 6.10 -5.42 8.77
C LYS A 60 7.30 -5.34 7.79
N LYS A 61 7.95 -6.46 7.58
CA LYS A 61 9.08 -6.56 6.63
C LYS A 61 8.45 -6.51 5.25
N ILE A 62 7.47 -7.35 5.04
CA ILE A 62 6.72 -7.39 3.77
C ILE A 62 6.44 -5.97 3.27
N ILE A 63 6.13 -5.05 4.16
CA ILE A 63 5.88 -3.65 3.72
C ILE A 63 7.18 -3.02 3.32
N GLU A 64 8.14 -3.08 4.20
CA GLU A 64 9.46 -2.46 3.93
C GLU A 64 10.12 -3.10 2.70
N LYS A 65 10.08 -4.41 2.61
CA LYS A 65 10.70 -5.10 1.45
C LYS A 65 9.89 -4.79 0.19
N MET A 66 8.59 -4.82 0.28
CA MET A 66 7.77 -4.46 -0.91
C MET A 66 8.14 -3.01 -1.30
N LEU A 67 8.46 -2.20 -0.31
CA LEU A 67 8.88 -0.81 -0.56
C LEU A 67 10.23 -0.81 -1.27
N ASN A 68 11.08 -1.78 -0.99
CA ASN A 68 12.42 -1.84 -1.64
C ASN A 68 12.37 -2.77 -2.87
N SER A 69 13.35 -2.68 -3.74
CA SER A 69 13.37 -3.55 -4.95
C SER A 69 14.71 -3.35 -5.69
N ASP A 70 15.77 -3.89 -5.15
CA ASP A 70 17.11 -3.75 -5.81
C ASP A 70 17.30 -4.89 -6.83
N LYS A 71 18.22 -4.72 -7.76
CA LYS A 71 18.47 -5.77 -8.79
C LYS A 71 17.20 -6.01 -9.62
N SER A 72 16.47 -4.96 -9.92
CA SER A 72 15.21 -5.11 -10.72
C SER A 72 15.49 -4.75 -12.18
N ALA B 1 17.10 14.52 -14.93
CA ALA B 1 15.89 13.77 -15.38
C ALA B 1 15.75 13.86 -16.90
N SER B 2 15.03 12.94 -17.50
CA SER B 2 14.84 12.96 -18.98
C SER B 2 13.69 13.91 -19.33
N VAL B 3 13.37 14.03 -20.61
CA VAL B 3 12.26 14.94 -21.02
C VAL B 3 10.94 14.14 -21.05
N ALA B 4 10.03 14.43 -20.14
CA ALA B 4 8.72 13.71 -20.10
C ALA B 4 8.93 12.23 -19.79
N THR B 5 8.76 11.85 -18.54
CA THR B 5 8.96 10.41 -18.16
C THR B 5 7.80 9.96 -17.26
N GLU B 6 7.62 8.66 -17.12
CA GLU B 6 6.52 8.11 -16.26
C GLU B 6 5.15 8.50 -16.84
N LEU B 7 4.60 7.68 -17.71
CA LEU B 7 3.28 7.97 -18.31
C LEU B 7 2.31 6.87 -17.89
N ARG B 8 2.71 5.65 -18.16
CA ARG B 8 1.89 4.46 -17.82
C ARG B 8 1.32 4.55 -16.41
N CYS B 9 2.16 4.78 -15.44
CA CYS B 9 1.67 4.87 -14.02
C CYS B 9 0.66 6.00 -13.85
N GLN B 10 0.17 6.13 -12.64
CA GLN B 10 -0.83 7.19 -12.33
C GLN B 10 -0.19 8.28 -11.45
N CYS B 11 0.99 8.01 -10.91
CA CYS B 11 1.69 8.98 -10.00
C CYS B 11 1.46 10.43 -10.47
N LEU B 12 1.07 11.30 -9.56
CA LEU B 12 0.85 12.73 -9.91
C LEU B 12 2.23 13.38 -10.06
N GLN B 13 2.91 13.53 -8.96
CA GLN B 13 4.28 14.13 -8.95
C GLN B 13 4.87 13.90 -7.54
N THR B 14 4.66 12.70 -7.03
CA THR B 14 5.11 12.30 -5.64
C THR B 14 5.27 13.47 -4.69
N LEU B 15 4.29 13.69 -3.87
CA LEU B 15 4.36 14.78 -2.86
C LEU B 15 5.30 14.34 -1.72
N GLN B 16 5.77 15.28 -0.93
CA GLN B 16 6.69 14.92 0.18
C GLN B 16 5.93 14.82 1.50
N GLY B 17 5.11 13.83 1.62
CA GLY B 17 4.34 13.61 2.89
C GLY B 17 3.31 14.72 3.07
N ILE B 18 2.16 14.57 2.45
CA ILE B 18 1.09 15.59 2.62
C ILE B 18 0.35 15.27 3.92
N HIS B 19 -0.73 15.93 4.18
CA HIS B 19 -1.48 15.65 5.44
C HIS B 19 -2.63 14.68 5.12
N PRO B 20 -2.92 13.78 6.04
CA PRO B 20 -3.99 12.78 5.85
C PRO B 20 -5.38 13.41 6.02
N LYS B 21 -6.19 12.95 6.97
CA LYS B 21 -7.58 13.51 7.13
C LYS B 21 -8.44 12.95 5.99
N ASN B 22 -7.97 13.07 4.77
CA ASN B 22 -8.66 12.51 3.60
C ASN B 22 -7.98 11.19 3.26
N ILE B 23 -6.68 11.25 3.14
CA ILE B 23 -5.86 10.05 2.83
C ILE B 23 -6.29 8.88 3.74
N GLN B 24 -6.92 7.90 3.16
CA GLN B 24 -7.39 6.74 3.92
C GLN B 24 -6.49 5.53 3.65
N SER B 25 -5.83 5.48 2.51
CA SER B 25 -4.95 4.31 2.22
C SER B 25 -3.88 4.69 1.19
N VAL B 26 -3.06 3.74 0.84
CA VAL B 26 -1.99 3.97 -0.17
C VAL B 26 -1.64 2.65 -0.85
N ASN B 27 -1.12 2.72 -2.05
CA ASN B 27 -0.74 1.50 -2.77
C ASN B 27 0.70 1.61 -3.27
N VAL B 28 1.50 0.63 -2.96
CA VAL B 28 2.92 0.65 -3.40
C VAL B 28 3.15 -0.51 -4.39
N LYS B 29 3.48 -0.17 -5.62
CA LYS B 29 3.70 -1.21 -6.67
C LYS B 29 5.12 -1.07 -7.25
N SER B 30 5.61 -2.12 -7.88
CA SER B 30 6.99 -2.10 -8.47
C SER B 30 6.96 -1.50 -9.91
N PRO B 31 8.12 -1.40 -10.52
CA PRO B 31 8.27 -0.83 -11.89
C PRO B 31 7.84 -1.86 -12.96
N GLY B 32 8.04 -1.55 -14.23
CA GLY B 32 7.62 -2.51 -15.30
C GLY B 32 7.98 -1.98 -16.69
N PRO B 33 7.10 -1.18 -17.26
CA PRO B 33 7.29 -0.62 -18.61
C PRO B 33 8.34 0.52 -18.61
N HIS B 34 8.30 1.39 -19.58
CA HIS B 34 9.30 2.52 -19.65
C HIS B 34 9.22 3.39 -18.39
N CYS B 35 8.11 3.39 -17.69
CA CYS B 35 8.05 4.19 -16.43
C CYS B 35 9.12 3.60 -15.50
N ALA B 36 9.22 2.28 -15.53
CA ALA B 36 10.24 1.52 -14.76
C ALA B 36 10.58 2.16 -13.41
N GLN B 37 9.58 2.60 -12.71
CA GLN B 37 9.81 3.21 -11.36
C GLN B 37 8.88 2.54 -10.36
N THR B 38 8.99 2.88 -9.12
CA THR B 38 8.11 2.26 -8.09
C THR B 38 6.68 2.78 -8.26
N GLU B 39 5.89 2.64 -7.23
CA GLU B 39 4.51 3.14 -7.26
C GLU B 39 4.16 3.41 -5.83
N VAL B 40 3.57 4.51 -5.56
CA VAL B 40 3.28 4.84 -4.18
C VAL B 40 2.09 5.79 -4.15
N ILE B 41 0.92 5.25 -4.39
CA ILE B 41 -0.29 6.10 -4.49
C ILE B 41 -1.13 6.06 -3.22
N ALA B 42 -1.29 7.19 -2.57
CA ALA B 42 -2.15 7.26 -1.37
C ALA B 42 -3.58 7.51 -1.81
N THR B 43 -4.45 6.56 -1.63
CA THR B 43 -5.85 6.76 -2.06
C THR B 43 -6.52 7.75 -1.12
N LEU B 44 -7.06 8.80 -1.67
CA LEU B 44 -7.72 9.85 -0.87
C LEU B 44 -9.07 9.38 -0.34
N LYS B 45 -9.56 10.04 0.69
CA LYS B 45 -10.88 9.72 1.30
C LYS B 45 -11.98 9.78 0.25
N ASN B 46 -11.89 10.73 -0.64
CA ASN B 46 -12.95 10.84 -1.72
C ASN B 46 -12.76 9.70 -2.73
N GLY B 47 -11.84 8.79 -2.50
CA GLY B 47 -11.58 7.68 -3.46
C GLY B 47 -10.69 8.21 -4.56
N ARG B 48 -9.79 9.08 -4.21
CA ARG B 48 -8.84 9.67 -5.22
C ARG B 48 -7.47 9.06 -4.97
N LYS B 49 -6.45 9.57 -5.57
CA LYS B 49 -5.10 9.00 -5.34
C LYS B 49 -4.00 10.05 -5.50
N ALA B 50 -2.94 9.88 -4.77
CA ALA B 50 -1.77 10.81 -4.85
C ALA B 50 -0.50 9.99 -4.79
N CYS B 51 0.60 10.50 -5.25
CA CYS B 51 1.84 9.70 -5.14
C CYS B 51 2.79 10.46 -4.24
N LEU B 52 3.66 9.78 -3.56
CA LEU B 52 4.62 10.46 -2.68
C LEU B 52 5.98 9.78 -2.85
N ASN B 53 7.03 10.38 -2.38
CA ASN B 53 8.39 9.78 -2.56
C ASN B 53 8.77 8.93 -1.34
N PRO B 54 8.59 7.61 -1.40
CA PRO B 54 8.97 6.76 -0.25
C PRO B 54 10.47 6.86 -0.03
N ALA B 55 11.23 7.14 -1.07
CA ALA B 55 12.70 7.35 -0.90
C ALA B 55 12.87 8.56 0.01
N SER B 56 11.93 9.50 -0.07
CA SER B 56 11.96 10.71 0.81
C SER B 56 11.82 10.24 2.27
N PRO B 57 12.41 10.98 3.19
CA PRO B 57 12.35 10.63 4.64
C PRO B 57 10.94 10.93 5.19
N ILE B 58 10.51 12.16 5.06
CA ILE B 58 9.15 12.55 5.53
C ILE B 58 8.12 11.60 4.92
N VAL B 59 8.28 11.35 3.65
CA VAL B 59 7.33 10.48 2.95
C VAL B 59 7.45 9.05 3.47
N LYS B 60 8.65 8.58 3.71
CA LYS B 60 8.79 7.21 4.28
C LYS B 60 7.97 7.17 5.59
N LYS B 61 7.71 8.33 6.14
CA LYS B 61 6.88 8.46 7.37
C LYS B 61 5.45 8.20 6.92
N ILE B 62 5.04 8.90 5.89
CA ILE B 62 3.70 8.72 5.30
C ILE B 62 3.34 7.23 5.23
N ILE B 63 4.29 6.39 4.90
CA ILE B 63 3.99 4.92 4.84
C ILE B 63 3.80 4.41 6.26
N GLU B 64 4.77 4.67 7.09
CA GLU B 64 4.72 4.19 8.49
C GLU B 64 3.50 4.78 9.22
N LYS B 65 3.26 6.05 9.06
CA LYS B 65 2.10 6.69 9.74
C LYS B 65 0.81 6.16 9.13
N MET B 66 0.75 6.04 7.82
CA MET B 66 -0.47 5.47 7.20
C MET B 66 -0.65 4.05 7.76
N LEU B 67 0.44 3.39 8.04
CA LEU B 67 0.42 2.03 8.64
C LEU B 67 -0.15 2.12 10.06
N ASN B 68 0.12 3.21 10.75
CA ASN B 68 -0.39 3.36 12.15
C ASN B 68 -1.72 4.15 12.15
N SER B 69 -2.47 4.07 13.23
CA SER B 69 -3.76 4.80 13.32
C SER B 69 -4.32 4.69 14.75
N ASP B 70 -3.73 5.42 15.67
CA ASP B 70 -4.22 5.38 17.08
C ASP B 70 -5.33 6.41 17.28
N LYS B 71 -6.13 6.26 18.32
CA LYS B 71 -7.24 7.22 18.58
C LYS B 71 -8.22 7.23 17.39
N SER B 72 -8.48 6.07 16.83
CA SER B 72 -9.42 5.99 15.67
C SER B 72 -10.80 5.52 16.15
N ALA A 1 -10.85 -8.71 26.45
CA ALA A 1 -11.87 -9.25 25.51
C ALA A 1 -11.52 -8.85 24.07
N SER A 2 -11.03 -9.77 23.27
CA SER A 2 -10.67 -9.45 21.86
C SER A 2 -11.80 -9.88 20.94
N VAL A 3 -12.15 -9.05 19.97
CA VAL A 3 -13.25 -9.41 19.03
C VAL A 3 -13.05 -8.67 17.70
N ALA A 4 -13.21 -9.37 16.60
CA ALA A 4 -13.03 -8.72 15.26
C ALA A 4 -13.61 -9.63 14.17
N THR A 5 -14.70 -9.23 13.57
CA THR A 5 -15.31 -10.07 12.48
C THR A 5 -14.70 -9.68 11.14
N GLU A 6 -14.80 -8.42 10.77
CA GLU A 6 -14.22 -7.94 9.46
C GLU A 6 -14.88 -8.68 8.30
N LEU A 7 -15.93 -8.11 7.73
CA LEU A 7 -16.61 -8.75 6.58
C LEU A 7 -16.37 -7.87 5.37
N ARG A 8 -16.71 -6.62 5.51
CA ARG A 8 -16.53 -5.62 4.42
C ARG A 8 -15.14 -5.76 3.78
N CYS A 9 -14.12 -5.77 4.61
CA CYS A 9 -12.71 -5.89 4.10
C CYS A 9 -12.56 -7.11 3.18
N GLN A 10 -11.49 -7.16 2.43
CA GLN A 10 -11.28 -8.30 1.47
C GLN A 10 -10.14 -9.23 1.94
N CYS A 11 -9.39 -8.84 2.94
CA CYS A 11 -8.24 -9.66 3.45
C CYS A 11 -8.56 -11.16 3.42
N LEU A 12 -7.61 -11.96 3.00
CA LEU A 12 -7.82 -13.45 2.97
C LEU A 12 -7.82 -13.94 4.40
N GLN A 13 -6.67 -13.86 5.03
CA GLN A 13 -6.51 -14.28 6.45
C GLN A 13 -5.12 -13.79 6.91
N THR A 14 -4.80 -12.57 6.52
CA THR A 14 -3.48 -11.94 6.81
C THR A 14 -2.34 -12.95 6.96
N LEU A 15 -1.61 -13.15 5.89
CA LEU A 15 -0.45 -14.09 5.93
C LEU A 15 0.70 -13.43 6.70
N GLN A 16 1.63 -14.20 7.19
CA GLN A 16 2.77 -13.62 7.97
C GLN A 16 3.99 -13.46 7.07
N GLY A 17 3.90 -12.57 6.11
CA GLY A 17 5.05 -12.30 5.20
C GLY A 17 5.26 -13.45 4.22
N ILE A 18 4.51 -13.45 3.14
CA ILE A 18 4.71 -14.52 2.12
C ILE A 18 5.88 -14.11 1.23
N HIS A 19 6.11 -14.81 0.16
CA HIS A 19 7.25 -14.45 -0.72
C HIS A 19 6.72 -13.66 -1.93
N PRO A 20 7.51 -12.70 -2.42
CA PRO A 20 7.11 -11.85 -3.55
C PRO A 20 7.22 -12.61 -4.87
N LYS A 21 7.96 -12.11 -5.86
CA LYS A 21 8.05 -12.80 -7.20
C LYS A 21 6.73 -12.55 -7.93
N ASN A 22 5.63 -12.81 -7.29
CA ASN A 22 4.30 -12.56 -7.88
C ASN A 22 3.84 -11.21 -7.34
N ILE A 23 3.90 -11.08 -6.04
CA ILE A 23 3.51 -9.83 -5.34
C ILE A 23 4.07 -8.61 -6.08
N GLN A 24 3.22 -7.88 -6.75
CA GLN A 24 3.64 -6.68 -7.51
C GLN A 24 3.44 -5.43 -6.66
N SER A 25 2.51 -5.47 -5.74
CA SER A 25 2.26 -4.28 -4.88
C SER A 25 1.40 -4.64 -3.68
N VAL A 26 1.01 -3.65 -2.93
CA VAL A 26 0.15 -3.89 -1.74
C VAL A 26 -0.63 -2.62 -1.42
N ASN A 27 -1.71 -2.78 -0.73
CA ASN A 27 -2.54 -1.63 -0.34
C ASN A 27 -2.66 -1.60 1.18
N VAL A 28 -2.69 -0.45 1.74
CA VAL A 28 -2.82 -0.35 3.23
C VAL A 28 -3.85 0.74 3.56
N LYS A 29 -4.99 0.34 4.07
CA LYS A 29 -6.06 1.33 4.42
C LYS A 29 -6.33 1.29 5.92
N SER A 30 -7.24 2.13 6.37
CA SER A 30 -7.59 2.20 7.81
C SER A 30 -9.00 1.61 8.05
N PRO A 31 -9.44 1.60 9.30
CA PRO A 31 -10.76 1.06 9.67
C PRO A 31 -11.89 2.04 9.33
N GLY A 32 -13.13 1.70 9.63
CA GLY A 32 -14.26 2.63 9.30
C GLY A 32 -15.61 1.97 9.63
N PRO A 33 -16.07 1.12 8.74
CA PRO A 33 -17.37 0.43 8.91
C PRO A 33 -17.26 -0.69 9.98
N HIS A 34 -18.17 -1.64 9.94
CA HIS A 34 -18.15 -2.75 10.96
C HIS A 34 -16.87 -3.57 10.89
N CYS A 35 -16.18 -3.59 9.75
CA CYS A 35 -14.89 -4.34 9.68
C CYS A 35 -13.95 -3.63 10.68
N ALA A 36 -14.08 -2.31 10.75
CA ALA A 36 -13.34 -1.46 11.73
C ALA A 36 -11.91 -1.92 11.98
N GLN A 37 -11.28 -2.47 11.00
CA GLN A 37 -9.86 -2.90 11.16
C GLN A 37 -9.03 -2.21 10.09
N THR A 38 -7.75 -2.43 10.10
CA THR A 38 -6.88 -1.79 9.08
C THR A 38 -7.10 -2.47 7.72
N GLU A 39 -6.15 -2.32 6.84
CA GLU A 39 -6.24 -2.96 5.51
C GLU A 39 -4.83 -3.15 5.06
N VAL A 40 -4.54 -4.28 4.53
CA VAL A 40 -3.16 -4.53 4.13
C VAL A 40 -3.17 -5.60 3.04
N ILE A 41 -3.61 -5.23 1.86
CA ILE A 41 -3.73 -6.21 0.76
C ILE A 41 -2.56 -6.15 -0.23
N ALA A 42 -1.80 -7.21 -0.34
CA ALA A 42 -0.68 -7.25 -1.32
C ALA A 42 -1.24 -7.71 -2.66
N THR A 43 -1.25 -6.85 -3.64
CA THR A 43 -1.79 -7.25 -4.96
C THR A 43 -0.81 -8.18 -5.64
N LEU A 44 -1.28 -9.34 -6.01
CA LEU A 44 -0.41 -10.33 -6.66
C LEU A 44 -0.11 -9.97 -8.12
N LYS A 45 0.94 -10.56 -8.68
CA LYS A 45 1.35 -10.32 -10.08
C LYS A 45 0.19 -10.63 -11.03
N ASN A 46 -0.55 -11.67 -10.75
CA ASN A 46 -1.71 -12.02 -11.63
C ASN A 46 -2.85 -10.99 -11.43
N GLY A 47 -2.62 -9.97 -10.63
CA GLY A 47 -3.67 -8.95 -10.38
C GLY A 47 -4.59 -9.51 -9.30
N ARG A 48 -4.01 -10.25 -8.38
CA ARG A 48 -4.82 -10.85 -7.27
C ARG A 48 -4.53 -10.05 -6.01
N LYS A 49 -4.91 -10.54 -4.87
CA LYS A 49 -4.65 -9.76 -3.63
C LYS A 49 -4.59 -10.69 -2.41
N ALA A 50 -3.80 -10.30 -1.45
CA ALA A 50 -3.68 -11.08 -0.18
C ALA A 50 -3.59 -10.11 0.97
N CYS A 51 -3.88 -10.52 2.17
CA CYS A 51 -3.72 -9.58 3.30
C CYS A 51 -2.64 -10.15 4.20
N LEU A 52 -1.92 -9.31 4.89
CA LEU A 52 -0.87 -9.81 5.79
C LEU A 52 -0.99 -9.08 7.12
N ASN A 53 -0.29 -9.50 8.13
CA ASN A 53 -0.41 -8.83 9.45
C ASN A 53 0.66 -7.73 9.62
N PRO A 54 0.34 -6.48 9.33
CA PRO A 54 1.32 -5.39 9.50
C PRO A 54 1.72 -5.30 10.98
N ALA A 55 0.84 -5.69 11.89
CA ALA A 55 1.21 -5.71 13.33
C ALA A 55 2.35 -6.72 13.48
N SER A 56 2.35 -7.74 12.64
CA SER A 56 3.43 -8.77 12.67
C SER A 56 4.76 -8.08 12.28
N PRO A 57 5.86 -8.56 12.82
CA PRO A 57 7.19 -8.00 12.53
C PRO A 57 7.64 -8.42 11.12
N ILE A 58 7.64 -9.71 10.86
CA ILE A 58 8.02 -10.23 9.51
C ILE A 58 7.18 -9.53 8.46
N VAL A 59 5.92 -9.40 8.73
CA VAL A 59 5.01 -8.77 7.78
C VAL A 59 5.33 -7.28 7.65
N LYS A 60 5.63 -6.62 8.74
CA LYS A 60 6.01 -5.18 8.64
C LYS A 60 7.21 -5.10 7.67
N LYS A 61 7.90 -6.21 7.50
CA LYS A 61 9.03 -6.31 6.56
C LYS A 61 8.41 -6.31 5.18
N ILE A 62 7.46 -7.18 4.99
CA ILE A 62 6.72 -7.28 3.71
C ILE A 62 6.42 -5.88 3.17
N ILE A 63 6.08 -4.94 4.03
CA ILE A 63 5.82 -3.56 3.55
C ILE A 63 7.13 -2.93 3.10
N GLU A 64 8.09 -2.97 3.98
CA GLU A 64 9.41 -2.36 3.67
C GLU A 64 10.09 -3.07 2.49
N LYS A 65 10.10 -4.39 2.48
CA LYS A 65 10.75 -5.13 1.37
C LYS A 65 9.99 -4.88 0.08
N MET A 66 8.68 -4.90 0.13
CA MET A 66 7.89 -4.60 -1.08
C MET A 66 8.30 -3.19 -1.54
N LEU A 67 8.54 -2.32 -0.59
CA LEU A 67 9.00 -0.93 -0.90
C LEU A 67 10.40 -1.01 -1.53
N ASN A 68 11.21 -1.94 -1.07
CA ASN A 68 12.61 -2.07 -1.62
C ASN A 68 12.56 -2.49 -3.10
N SER A 69 11.56 -3.25 -3.50
CA SER A 69 11.45 -3.70 -4.93
C SER A 69 12.66 -4.58 -5.28
N ASP A 70 12.54 -5.88 -5.05
CA ASP A 70 13.66 -6.82 -5.36
C ASP A 70 14.92 -6.43 -4.56
N LYS A 71 16.05 -7.02 -4.88
CA LYS A 71 17.31 -6.71 -4.14
C LYS A 71 17.17 -7.16 -2.68
N SER A 72 16.75 -8.40 -2.48
CA SER A 72 16.58 -8.93 -1.09
C SER A 72 15.48 -8.14 -0.36
N ALA B 1 24.02 10.30 -14.93
CA ALA B 1 22.92 10.62 -15.88
C ALA B 1 21.59 10.11 -15.32
N SER B 2 20.76 11.00 -14.84
CA SER B 2 19.44 10.58 -14.27
C SER B 2 18.35 10.78 -15.33
N VAL B 3 17.45 9.82 -15.47
CA VAL B 3 16.37 9.96 -16.48
C VAL B 3 15.15 9.11 -16.04
N ALA B 4 13.97 9.67 -16.13
CA ALA B 4 12.74 8.92 -15.73
C ALA B 4 11.49 9.64 -16.27
N THR B 5 10.83 9.05 -17.22
CA THR B 5 9.59 9.69 -17.78
C THR B 5 8.37 9.24 -16.98
N GLU B 6 8.14 7.95 -16.90
CA GLU B 6 6.97 7.42 -16.14
C GLU B 6 5.66 7.95 -16.72
N LEU B 7 5.06 7.22 -17.63
CA LEU B 7 3.78 7.67 -18.24
C LEU B 7 2.69 6.71 -17.77
N ARG B 8 2.94 5.45 -17.99
CA ARG B 8 1.98 4.37 -17.59
C ARG B 8 1.46 4.62 -16.17
N CYS B 9 2.35 4.86 -15.25
CA CYS B 9 1.97 5.10 -13.82
C CYS B 9 0.90 6.21 -13.71
N GLN B 10 0.28 6.31 -12.57
CA GLN B 10 -0.76 7.36 -12.34
C GLN B 10 -0.21 8.47 -11.44
N CYS B 11 0.92 8.23 -10.79
CA CYS B 11 1.56 9.22 -9.86
C CYS B 11 1.26 10.67 -10.25
N LEU B 12 0.88 11.49 -9.30
CA LEU B 12 0.61 12.94 -9.61
C LEU B 12 1.99 13.60 -9.83
N GLN B 13 2.74 13.69 -8.77
CA GLN B 13 4.11 14.26 -8.81
C GLN B 13 4.76 14.00 -7.44
N THR B 14 4.55 12.80 -6.93
CA THR B 14 5.06 12.36 -5.59
C THR B 14 5.21 13.51 -4.60
N LEU B 15 4.23 13.68 -3.76
CA LEU B 15 4.30 14.75 -2.72
C LEU B 15 5.25 14.30 -1.61
N GLN B 16 5.75 15.23 -0.83
CA GLN B 16 6.70 14.84 0.25
C GLN B 16 5.97 14.73 1.59
N GLY B 17 5.12 13.75 1.70
CA GLY B 17 4.37 13.52 2.97
C GLY B 17 3.30 14.57 3.17
N ILE B 18 2.15 14.38 2.57
CA ILE B 18 1.05 15.35 2.77
C ILE B 18 0.33 15.00 4.08
N HIS B 19 -0.78 15.61 4.35
CA HIS B 19 -1.49 15.29 5.63
C HIS B 19 -2.65 14.32 5.34
N PRO B 20 -2.93 13.42 6.27
CA PRO B 20 -3.99 12.43 6.10
C PRO B 20 -5.38 13.06 6.30
N LYS B 21 -6.22 12.55 7.20
CA LYS B 21 -7.60 13.10 7.36
C LYS B 21 -8.46 12.62 6.18
N ASN B 22 -7.97 12.82 4.99
CA ASN B 22 -8.66 12.36 3.77
C ASN B 22 -8.01 11.02 3.40
N ILE B 23 -6.72 11.04 3.31
CA ILE B 23 -5.92 9.82 2.97
C ILE B 23 -6.46 8.61 3.74
N GLN B 24 -7.13 7.72 3.06
CA GLN B 24 -7.70 6.51 3.68
C GLN B 24 -6.74 5.34 3.51
N SER B 25 -5.93 5.36 2.48
CA SER B 25 -4.98 4.24 2.26
C SER B 25 -3.93 4.62 1.23
N VAL B 26 -3.11 3.68 0.85
CA VAL B 26 -2.06 3.93 -0.18
C VAL B 26 -1.68 2.63 -0.84
N ASN B 27 -1.13 2.72 -2.02
CA ASN B 27 -0.70 1.54 -2.76
C ASN B 27 0.77 1.66 -3.05
N VAL B 28 1.47 0.56 -3.04
CA VAL B 28 2.93 0.60 -3.34
C VAL B 28 3.28 -0.56 -4.28
N LYS B 29 3.60 -0.24 -5.51
CA LYS B 29 3.95 -1.30 -6.50
C LYS B 29 5.40 -1.15 -6.96
N SER B 30 5.84 -2.04 -7.82
CA SER B 30 7.24 -1.99 -8.33
C SER B 30 7.25 -1.56 -9.82
N PRO B 31 8.43 -1.47 -10.41
CA PRO B 31 8.60 -1.06 -11.82
C PRO B 31 8.23 -2.20 -12.78
N GLY B 32 8.41 -1.99 -14.07
CA GLY B 32 8.06 -3.07 -15.05
C GLY B 32 8.15 -2.56 -16.49
N PRO B 33 7.12 -1.87 -16.94
CA PRO B 33 7.07 -1.33 -18.31
C PRO B 33 7.99 -0.11 -18.47
N HIS B 34 7.76 0.72 -19.46
CA HIS B 34 8.64 1.92 -19.68
C HIS B 34 8.62 2.85 -18.47
N CYS B 35 7.59 2.78 -17.63
CA CYS B 35 7.60 3.65 -16.42
C CYS B 35 8.80 3.20 -15.59
N ALA B 36 9.01 1.89 -15.54
CA ALA B 36 10.18 1.28 -14.86
C ALA B 36 10.51 1.95 -13.52
N GLN B 37 9.51 2.45 -12.85
CA GLN B 37 9.76 3.08 -11.51
C GLN B 37 8.84 2.40 -10.50
N THR B 38 8.96 2.78 -9.26
CA THR B 38 8.11 2.15 -8.21
C THR B 38 6.67 2.65 -8.33
N GLU B 39 5.92 2.54 -7.27
CA GLU B 39 4.52 3.02 -7.27
C GLU B 39 4.21 3.32 -5.84
N VAL B 40 3.59 4.42 -5.60
CA VAL B 40 3.32 4.79 -4.21
C VAL B 40 2.12 5.72 -4.21
N ILE B 41 0.95 5.19 -4.44
CA ILE B 41 -0.26 6.03 -4.54
C ILE B 41 -1.11 6.02 -3.26
N ALA B 42 -1.25 7.15 -2.61
CA ALA B 42 -2.11 7.21 -1.39
C ALA B 42 -3.55 7.46 -1.83
N THR B 43 -4.42 6.50 -1.63
CA THR B 43 -5.84 6.71 -2.05
C THR B 43 -6.51 7.67 -1.08
N LEU B 44 -7.05 8.72 -1.61
CA LEU B 44 -7.71 9.75 -0.80
C LEU B 44 -9.08 9.27 -0.28
N LYS B 45 -9.58 9.91 0.76
CA LYS B 45 -10.90 9.58 1.36
C LYS B 45 -12.00 9.65 0.30
N ASN B 46 -11.91 10.62 -0.57
CA ASN B 46 -12.95 10.75 -1.65
C ASN B 46 -12.76 9.62 -2.68
N GLY B 47 -11.84 8.72 -2.45
CA GLY B 47 -11.58 7.61 -3.41
C GLY B 47 -10.69 8.17 -4.52
N ARG B 48 -9.79 9.05 -4.15
CA ARG B 48 -8.86 9.65 -5.15
C ARG B 48 -7.50 9.02 -4.92
N LYS B 49 -6.47 9.54 -5.53
CA LYS B 49 -5.13 8.95 -5.30
C LYS B 49 -4.03 9.99 -5.50
N ALA B 50 -2.96 9.82 -4.77
CA ALA B 50 -1.79 10.76 -4.88
C ALA B 50 -0.54 9.93 -4.82
N CYS B 51 0.59 10.45 -5.24
CA CYS B 51 1.82 9.65 -5.12
C CYS B 51 2.77 10.42 -4.23
N LEU B 52 3.64 9.75 -3.55
CA LEU B 52 4.59 10.44 -2.66
C LEU B 52 5.97 9.83 -2.88
N ASN B 53 6.99 10.44 -2.36
CA ASN B 53 8.37 9.89 -2.58
C ASN B 53 8.77 8.95 -1.43
N PRO B 54 8.61 7.64 -1.59
CA PRO B 54 9.01 6.69 -0.52
C PRO B 54 10.53 6.81 -0.30
N ALA B 55 11.26 7.17 -1.32
CA ALA B 55 12.73 7.39 -1.13
C ALA B 55 12.90 8.54 -0.13
N SER B 56 11.95 9.46 -0.13
CA SER B 56 11.97 10.60 0.82
C SER B 56 11.82 10.04 2.26
N PRO B 57 12.41 10.70 3.22
CA PRO B 57 12.33 10.26 4.64
C PRO B 57 10.93 10.59 5.20
N ILE B 58 10.54 11.84 5.11
CA ILE B 58 9.18 12.25 5.59
C ILE B 58 8.13 11.35 4.96
N VAL B 59 8.28 11.11 3.69
CA VAL B 59 7.31 10.28 2.97
C VAL B 59 7.39 8.84 3.46
N LYS B 60 8.58 8.34 3.69
CA LYS B 60 8.68 6.95 4.23
C LYS B 60 7.87 6.90 5.54
N LYS B 61 7.65 8.06 6.13
CA LYS B 61 6.83 8.20 7.35
C LYS B 61 5.40 7.98 6.91
N ILE B 62 5.01 8.72 5.90
CA ILE B 62 3.65 8.60 5.31
C ILE B 62 3.25 7.12 5.22
N ILE B 63 4.17 6.24 4.89
CA ILE B 63 3.82 4.80 4.82
C ILE B 63 3.59 4.29 6.24
N GLU B 64 4.55 4.53 7.07
CA GLU B 64 4.46 4.04 8.48
C GLU B 64 3.30 4.71 9.22
N LYS B 65 3.14 6.00 9.09
CA LYS B 65 2.03 6.71 9.79
C LYS B 65 0.70 6.24 9.22
N MET B 66 0.60 6.11 7.92
CA MET B 66 -0.65 5.60 7.32
C MET B 66 -0.91 4.21 7.92
N LEU B 67 0.16 3.47 8.14
CA LEU B 67 0.08 2.13 8.77
C LEU B 67 -0.40 2.30 10.22
N ASN B 68 0.03 3.36 10.88
CA ASN B 68 -0.37 3.60 12.31
C ASN B 68 -1.89 3.85 12.40
N SER B 69 -2.48 4.44 11.38
CA SER B 69 -3.95 4.72 11.40
C SER B 69 -4.27 5.71 12.53
N ASP B 70 -4.20 6.99 12.26
CA ASP B 70 -4.50 8.01 13.31
C ASP B 70 -3.52 7.86 14.49
N LYS B 71 -3.79 8.55 15.58
CA LYS B 71 -2.88 8.47 16.78
C LYS B 71 -1.51 9.04 16.40
N SER B 72 -1.49 10.23 15.85
CA SER B 72 -0.21 10.89 15.45
C SER B 72 0.49 10.05 14.36
N ALA A 1 -19.07 -17.84 -3.24
CA ALA A 1 -18.00 -16.80 -3.28
C ALA A 1 -17.60 -16.42 -1.84
N SER A 2 -18.49 -15.81 -1.10
CA SER A 2 -18.16 -15.42 0.30
C SER A 2 -19.46 -15.07 1.06
N VAL A 3 -19.81 -15.88 2.04
CA VAL A 3 -21.05 -15.61 2.82
C VAL A 3 -20.73 -15.68 4.32
N ALA A 4 -20.17 -14.62 4.85
CA ALA A 4 -19.80 -14.60 6.30
C ALA A 4 -19.48 -13.15 6.73
N THR A 5 -18.94 -12.97 7.90
CA THR A 5 -18.59 -11.59 8.38
C THR A 5 -17.50 -10.99 7.48
N GLU A 6 -17.27 -9.70 7.58
CA GLU A 6 -16.23 -9.02 6.73
C GLU A 6 -16.68 -9.05 5.27
N LEU A 7 -17.28 -7.97 4.80
CA LEU A 7 -17.73 -7.93 3.38
C LEU A 7 -16.99 -6.82 2.67
N ARG A 8 -17.10 -5.64 3.20
CA ARG A 8 -16.45 -4.42 2.62
C ARG A 8 -15.00 -4.71 2.21
N CYS A 9 -14.19 -5.16 3.14
CA CYS A 9 -12.74 -5.43 2.83
C CYS A 9 -12.59 -6.60 1.85
N GLN A 10 -11.42 -6.73 1.29
CA GLN A 10 -11.13 -7.83 0.33
C GLN A 10 -10.15 -8.85 0.95
N CYS A 11 -9.46 -8.49 2.02
CA CYS A 11 -8.48 -9.40 2.69
C CYS A 11 -8.94 -10.86 2.64
N LEU A 12 -8.06 -11.74 2.26
CA LEU A 12 -8.41 -13.19 2.20
C LEU A 12 -8.54 -13.70 3.63
N GLN A 13 -7.44 -13.72 4.34
CA GLN A 13 -7.40 -14.16 5.76
C GLN A 13 -6.02 -13.81 6.31
N THR A 14 -5.56 -12.62 5.97
CA THR A 14 -4.21 -12.12 6.37
C THR A 14 -3.17 -13.24 6.50
N LEU A 15 -2.41 -13.43 5.46
CA LEU A 15 -1.35 -14.48 5.49
C LEU A 15 -0.20 -13.99 6.37
N GLN A 16 0.67 -14.87 6.78
CA GLN A 16 1.80 -14.46 7.66
C GLN A 16 3.07 -14.29 6.84
N GLY A 17 3.11 -13.24 6.07
CA GLY A 17 4.33 -12.94 5.25
C GLY A 17 4.63 -14.08 4.28
N ILE A 18 3.93 -14.13 3.18
CA ILE A 18 4.20 -15.21 2.19
C ILE A 18 5.46 -14.82 1.41
N HIS A 19 5.78 -15.54 0.37
CA HIS A 19 7.01 -15.19 -0.40
C HIS A 19 6.60 -14.31 -1.60
N PRO A 20 7.44 -13.36 -1.95
CA PRO A 20 7.17 -12.42 -3.07
C PRO A 20 7.34 -13.11 -4.43
N LYS A 21 8.19 -12.61 -5.32
CA LYS A 21 8.33 -13.22 -6.69
C LYS A 21 7.10 -12.82 -7.50
N ASN A 22 5.92 -13.04 -6.95
CA ASN A 22 4.66 -12.63 -7.62
C ASN A 22 4.28 -11.29 -7.02
N ILE A 23 4.23 -11.25 -5.72
CA ILE A 23 3.89 -10.02 -4.97
C ILE A 23 4.68 -8.83 -5.55
N GLN A 24 4.00 -7.96 -6.26
CA GLN A 24 4.66 -6.78 -6.87
C GLN A 24 4.29 -5.50 -6.11
N SER A 25 3.23 -5.53 -5.32
CA SER A 25 2.84 -4.30 -4.58
C SER A 25 1.93 -4.63 -3.40
N VAL A 26 1.47 -3.62 -2.72
CA VAL A 26 0.55 -3.85 -1.57
C VAL A 26 -0.18 -2.56 -1.22
N ASN A 27 -1.29 -2.70 -0.55
CA ASN A 27 -2.09 -1.55 -0.13
C ASN A 27 -2.29 -1.60 1.38
N VAL A 28 -2.36 -0.46 2.00
CA VAL A 28 -2.57 -0.42 3.48
C VAL A 28 -3.62 0.64 3.79
N LYS A 29 -4.77 0.23 4.25
CA LYS A 29 -5.87 1.20 4.53
C LYS A 29 -6.33 1.10 6.00
N SER A 30 -6.92 2.16 6.48
CA SER A 30 -7.42 2.21 7.89
C SER A 30 -8.82 1.54 7.96
N PRO A 31 -9.47 1.61 9.11
CA PRO A 31 -10.81 1.00 9.30
C PRO A 31 -11.91 1.85 8.63
N GLY A 32 -13.14 1.40 8.71
CA GLY A 32 -14.26 2.17 8.07
C GLY A 32 -15.60 1.53 8.44
N PRO A 33 -16.00 0.54 7.68
CA PRO A 33 -17.27 -0.19 7.90
C PRO A 33 -17.12 -1.16 9.08
N HIS A 34 -17.98 -2.16 9.18
CA HIS A 34 -17.87 -3.13 10.32
C HIS A 34 -16.62 -4.01 10.12
N CYS A 35 -16.07 -4.01 8.93
CA CYS A 35 -14.80 -4.75 8.70
C CYS A 35 -13.72 -3.69 8.85
N ALA A 36 -13.86 -2.96 9.92
CA ALA A 36 -12.97 -1.83 10.24
C ALA A 36 -11.52 -2.29 10.35
N GLN A 37 -11.06 -2.61 11.54
CA GLN A 37 -9.65 -3.06 11.74
C GLN A 37 -8.72 -2.28 10.76
N THR A 38 -7.72 -2.92 10.19
CA THR A 38 -6.83 -2.22 9.25
C THR A 38 -7.06 -2.77 7.84
N GLU A 39 -6.09 -2.58 6.98
CA GLU A 39 -6.17 -3.10 5.60
C GLU A 39 -4.75 -3.30 5.15
N VAL A 40 -4.48 -4.41 4.57
CA VAL A 40 -3.10 -4.67 4.18
C VAL A 40 -3.10 -5.66 3.01
N ILE A 41 -3.45 -5.19 1.84
CA ILE A 41 -3.57 -6.09 0.67
C ILE A 41 -2.34 -6.04 -0.25
N ALA A 42 -1.61 -7.13 -0.36
CA ALA A 42 -0.44 -7.16 -1.27
C ALA A 42 -0.92 -7.56 -2.66
N THR A 43 -0.77 -6.69 -3.63
CA THR A 43 -1.24 -7.05 -5.00
C THR A 43 -0.26 -8.03 -5.62
N LEU A 44 -0.77 -9.15 -6.04
CA LEU A 44 0.08 -10.19 -6.64
C LEU A 44 0.50 -9.81 -8.07
N LYS A 45 1.56 -10.43 -8.56
CA LYS A 45 2.06 -10.19 -9.94
C LYS A 45 0.97 -10.47 -10.96
N ASN A 46 0.19 -11.48 -10.74
CA ASN A 46 -0.93 -11.79 -11.70
C ASN A 46 -2.00 -10.69 -11.62
N GLY A 47 -1.80 -9.69 -10.79
CA GLY A 47 -2.80 -8.60 -10.63
C GLY A 47 -3.87 -9.08 -9.65
N ARG A 48 -3.45 -9.80 -8.65
CA ARG A 48 -4.41 -10.30 -7.63
C ARG A 48 -4.09 -9.61 -6.31
N LYS A 49 -4.67 -10.03 -5.23
CA LYS A 49 -4.37 -9.36 -3.95
C LYS A 49 -4.46 -10.34 -2.77
N ALA A 50 -3.68 -10.06 -1.76
CA ALA A 50 -3.69 -10.91 -0.54
C ALA A 50 -3.66 -9.99 0.66
N CYS A 51 -4.08 -10.44 1.81
CA CYS A 51 -3.96 -9.56 2.99
C CYS A 51 -3.02 -10.25 3.95
N LEU A 52 -2.30 -9.52 4.73
CA LEU A 52 -1.35 -10.18 5.69
C LEU A 52 -1.50 -9.49 7.04
N ASN A 53 -0.91 -10.03 8.07
CA ASN A 53 -1.06 -9.41 9.42
C ASN A 53 0.12 -8.48 9.72
N PRO A 54 -0.03 -7.19 9.51
CA PRO A 54 1.06 -6.25 9.82
C PRO A 54 1.34 -6.29 11.33
N ALA A 55 0.36 -6.65 12.13
CA ALA A 55 0.60 -6.82 13.59
C ALA A 55 1.60 -7.98 13.74
N SER A 56 1.55 -8.92 12.81
CA SER A 56 2.50 -10.08 12.83
C SER A 56 3.93 -9.54 12.59
N PRO A 57 4.91 -10.20 13.16
CA PRO A 57 6.32 -9.80 12.99
C PRO A 57 6.82 -10.17 11.58
N ILE A 58 6.70 -11.42 11.22
CA ILE A 58 7.12 -11.86 9.85
C ILE A 58 6.44 -10.97 8.82
N VAL A 59 5.18 -10.76 9.01
CA VAL A 59 4.41 -9.94 8.07
C VAL A 59 4.89 -8.49 8.15
N LYS A 60 5.22 -8.00 9.33
CA LYS A 60 5.75 -6.62 9.43
C LYS A 60 6.99 -6.54 8.51
N LYS A 61 7.56 -7.68 8.21
CA LYS A 61 8.71 -7.78 7.29
C LYS A 61 8.16 -7.53 5.90
N ILE A 62 7.13 -8.26 5.58
CA ILE A 62 6.43 -8.11 4.28
C ILE A 62 6.29 -6.63 3.94
N ILE A 63 6.00 -5.80 4.91
CA ILE A 63 5.90 -4.33 4.61
C ILE A 63 7.28 -3.79 4.31
N GLU A 64 8.19 -4.08 5.19
CA GLU A 64 9.58 -3.56 5.05
C GLU A 64 10.23 -4.11 3.77
N LYS A 65 10.12 -5.40 3.51
CA LYS A 65 10.77 -5.95 2.27
C LYS A 65 10.00 -5.44 1.05
N MET A 66 8.69 -5.38 1.13
CA MET A 66 7.91 -4.83 0.00
C MET A 66 8.43 -3.41 -0.23
N LEU A 67 8.66 -2.71 0.86
CA LEU A 67 9.23 -1.35 0.78
C LEU A 67 10.60 -1.46 0.12
N ASN A 68 11.41 -2.39 0.60
CA ASN A 68 12.78 -2.65 0.04
C ASN A 68 13.62 -1.36 -0.06
N SER A 69 14.72 -1.28 0.66
CA SER A 69 15.60 -0.07 0.62
C SER A 69 14.90 1.10 1.33
N ASP A 70 15.21 1.31 2.58
CA ASP A 70 14.57 2.42 3.35
C ASP A 70 15.62 3.09 4.25
N LYS A 71 15.24 4.17 4.92
CA LYS A 71 16.21 4.89 5.82
C LYS A 71 17.39 5.42 4.98
N SER A 72 17.12 5.93 3.80
CA SER A 72 18.21 6.47 2.94
C SER A 72 18.11 8.01 2.88
N ALA B 1 -7.21 15.34 -20.41
CA ALA B 1 -7.02 14.44 -19.24
C ALA B 1 -5.51 14.26 -18.97
N SER B 2 -4.81 13.62 -19.89
CA SER B 2 -3.35 13.41 -19.69
C SER B 2 -2.71 13.01 -21.02
N VAL B 3 -1.86 13.86 -21.57
CA VAL B 3 -1.20 13.54 -22.87
C VAL B 3 0.31 13.79 -22.73
N ALA B 4 1.02 12.86 -22.14
CA ALA B 4 2.50 13.02 -21.96
C ALA B 4 3.11 11.68 -21.53
N THR B 5 4.36 11.69 -21.12
CA THR B 5 5.03 10.41 -20.69
C THR B 5 4.32 9.87 -19.44
N GLU B 6 4.60 8.62 -19.08
CA GLU B 6 3.95 8.00 -17.87
C GLU B 6 2.46 7.81 -18.13
N LEU B 7 2.06 6.61 -18.53
CA LEU B 7 0.62 6.37 -18.82
C LEU B 7 0.11 5.25 -17.90
N ARG B 8 0.78 4.12 -17.98
CA ARG B 8 0.39 2.92 -17.19
C ARG B 8 -0.01 3.25 -15.74
N CYS B 9 0.89 3.76 -14.94
CA CYS B 9 0.54 4.05 -13.52
C CYS B 9 -0.40 5.27 -13.43
N GLN B 10 -0.83 5.58 -12.23
CA GLN B 10 -1.76 6.73 -12.02
C GLN B 10 -1.05 7.89 -11.30
N CYS B 11 0.14 7.67 -10.80
CA CYS B 11 0.92 8.74 -10.06
C CYS B 11 0.58 10.15 -10.57
N LEU B 12 0.20 11.04 -9.69
CA LEU B 12 -0.10 12.45 -10.10
C LEU B 12 1.22 13.12 -10.44
N GLN B 13 2.03 13.34 -9.43
CA GLN B 13 3.38 13.96 -9.60
C GLN B 13 4.10 13.84 -8.25
N THR B 14 3.96 12.68 -7.63
CA THR B 14 4.54 12.40 -6.28
C THR B 14 4.65 13.64 -5.40
N LEU B 15 3.68 13.82 -4.55
CA LEU B 15 3.71 14.98 -3.60
C LEU B 15 4.76 14.72 -2.52
N GLN B 16 5.15 15.73 -1.81
CA GLN B 16 6.19 15.54 -0.76
C GLN B 16 5.54 15.43 0.61
N GLY B 17 4.91 14.32 0.87
CA GLY B 17 4.27 14.07 2.18
C GLY B 17 3.22 15.13 2.48
N ILE B 18 2.04 15.00 1.91
CA ILE B 18 0.96 15.99 2.18
C ILE B 18 0.37 15.67 3.57
N HIS B 19 -0.69 16.31 3.94
CA HIS B 19 -1.29 16.03 5.27
C HIS B 19 -2.41 14.98 5.11
N PRO B 20 -2.56 14.11 6.08
CA PRO B 20 -3.57 13.05 6.04
C PRO B 20 -4.99 13.61 6.30
N LYS B 21 -5.72 13.11 7.29
CA LYS B 21 -7.12 13.59 7.54
C LYS B 21 -8.01 12.97 6.46
N ASN B 22 -7.62 13.11 5.21
CA ASN B 22 -8.37 12.50 4.09
C ASN B 22 -7.67 11.19 3.78
N ILE B 23 -6.38 11.27 3.58
CA ILE B 23 -5.55 10.10 3.28
C ILE B 23 -5.89 8.94 4.24
N GLN B 24 -6.57 7.94 3.76
CA GLN B 24 -6.96 6.79 4.60
C GLN B 24 -6.11 5.56 4.28
N SER B 25 -5.45 5.55 3.14
CA SER B 25 -4.60 4.36 2.79
C SER B 25 -3.60 4.71 1.70
N VAL B 26 -2.85 3.72 1.26
CA VAL B 26 -1.84 3.96 0.20
C VAL B 26 -1.43 2.64 -0.43
N ASN B 27 -0.90 2.72 -1.62
CA ASN B 27 -0.44 1.53 -2.34
C ASN B 27 1.03 1.71 -2.72
N VAL B 28 1.76 0.64 -2.74
CA VAL B 28 3.20 0.73 -3.13
C VAL B 28 3.51 -0.41 -4.10
N LYS B 29 3.79 -0.09 -5.33
CA LYS B 29 4.07 -1.14 -6.35
C LYS B 29 5.46 -0.95 -6.98
N SER B 30 5.99 -2.02 -7.52
CA SER B 30 7.34 -1.98 -8.18
C SER B 30 7.18 -1.47 -9.63
N PRO B 31 8.25 -1.49 -10.40
CA PRO B 31 8.23 -1.03 -11.81
C PRO B 31 7.54 -2.06 -12.74
N GLY B 32 7.43 -1.76 -14.01
CA GLY B 32 6.77 -2.72 -14.96
C GLY B 32 6.91 -2.20 -16.40
N PRO B 33 6.00 -1.33 -16.79
CA PRO B 33 6.00 -0.73 -18.14
C PRO B 33 7.07 0.36 -18.24
N HIS B 34 6.95 1.26 -19.20
CA HIS B 34 7.99 2.34 -19.33
C HIS B 34 7.84 3.35 -18.19
N CYS B 35 6.74 3.33 -17.48
CA CYS B 35 6.60 4.22 -16.30
C CYS B 35 6.95 3.34 -15.12
N ALA B 36 8.01 2.60 -15.32
CA ALA B 36 8.52 1.61 -14.35
C ALA B 36 8.76 2.26 -12.98
N GLN B 37 9.96 2.73 -12.72
CA GLN B 37 10.27 3.34 -11.39
C GLN B 37 9.51 2.60 -10.27
N THR B 38 8.99 3.29 -9.28
CA THR B 38 8.23 2.60 -8.22
C THR B 38 6.75 2.97 -8.33
N GLU B 39 6.03 2.81 -7.24
CA GLU B 39 4.60 3.18 -7.21
C GLU B 39 4.29 3.49 -5.78
N VAL B 40 3.62 4.56 -5.54
CA VAL B 40 3.35 4.94 -4.17
C VAL B 40 2.09 5.80 -4.14
N ILE B 41 0.94 5.17 -4.29
CA ILE B 41 -0.33 5.93 -4.36
C ILE B 41 -1.09 5.93 -3.03
N ALA B 42 -1.26 7.07 -2.41
CA ALA B 42 -2.03 7.15 -1.15
C ALA B 42 -3.50 7.35 -1.50
N THR B 43 -4.35 6.40 -1.15
CA THR B 43 -5.79 6.57 -1.49
C THR B 43 -6.41 7.58 -0.53
N LEU B 44 -7.00 8.58 -1.10
CA LEU B 44 -7.63 9.65 -0.30
C LEU B 44 -8.95 9.18 0.32
N LYS B 45 -9.39 9.87 1.37
CA LYS B 45 -10.67 9.54 2.05
C LYS B 45 -11.83 9.59 1.07
N ASN B 46 -11.81 10.52 0.17
CA ASN B 46 -12.92 10.60 -0.85
C ASN B 46 -12.82 9.39 -1.81
N GLY B 47 -11.86 8.51 -1.61
CA GLY B 47 -11.70 7.35 -2.50
C GLY B 47 -10.90 7.78 -3.72
N ARG B 48 -9.94 8.65 -3.50
CA ARG B 48 -9.09 9.14 -4.63
C ARG B 48 -7.68 8.63 -4.41
N LYS B 49 -6.72 9.09 -5.16
CA LYS B 49 -5.34 8.60 -4.93
C LYS B 49 -4.31 9.66 -5.25
N ALA B 50 -3.20 9.59 -4.58
CA ALA B 50 -2.09 10.56 -4.82
C ALA B 50 -0.78 9.78 -4.83
N CYS B 51 0.24 10.31 -5.42
CA CYS B 51 1.53 9.60 -5.37
C CYS B 51 2.49 10.48 -4.60
N LEU B 52 3.43 9.91 -3.92
CA LEU B 52 4.39 10.74 -3.17
C LEU B 52 5.79 10.19 -3.41
N ASN B 53 6.82 10.89 -3.01
CA ASN B 53 8.20 10.40 -3.26
C ASN B 53 8.74 9.64 -2.04
N PRO B 54 8.66 8.32 -2.04
CA PRO B 54 9.20 7.54 -0.90
C PRO B 54 10.71 7.78 -0.82
N ALA B 55 11.35 8.11 -1.93
CA ALA B 55 12.80 8.45 -1.88
C ALA B 55 12.92 9.72 -1.02
N SER B 56 11.90 10.56 -1.07
CA SER B 56 11.88 11.81 -0.24
C SER B 56 11.86 11.41 1.25
N PRO B 57 12.44 12.24 2.08
CA PRO B 57 12.49 11.99 3.54
C PRO B 57 11.11 12.26 4.17
N ILE B 58 10.59 13.45 3.96
CA ILE B 58 9.23 13.80 4.50
C ILE B 58 8.25 12.73 4.03
N VAL B 59 8.33 12.40 2.79
CA VAL B 59 7.41 11.40 2.23
C VAL B 59 7.70 10.04 2.84
N LYS B 60 8.96 9.73 3.07
CA LYS B 60 9.27 8.42 3.73
C LYS B 60 8.51 8.39 5.07
N LYS B 61 8.13 9.56 5.56
CA LYS B 61 7.34 9.68 6.79
C LYS B 61 5.95 9.24 6.44
N ILE B 62 5.42 9.81 5.39
CA ILE B 62 4.08 9.44 4.87
C ILE B 62 3.90 7.93 4.92
N ILE B 63 4.92 7.17 4.60
CA ILE B 63 4.80 5.69 4.69
C ILE B 63 4.71 5.28 6.14
N GLU B 64 5.64 5.76 6.92
CA GLU B 64 5.70 5.40 8.35
C GLU B 64 4.46 5.88 9.09
N LYS B 65 4.04 7.11 8.89
CA LYS B 65 2.83 7.60 9.61
C LYS B 65 1.60 6.89 9.05
N MET B 66 1.54 6.69 7.75
CA MET B 66 0.40 5.94 7.18
C MET B 66 0.38 4.57 7.87
N LEU B 67 1.56 4.01 8.03
CA LEU B 67 1.72 2.72 8.75
C LEU B 67 1.19 2.93 10.17
N ASN B 68 1.65 3.99 10.82
CA ASN B 68 1.21 4.35 12.21
C ASN B 68 1.35 3.16 13.18
N SER B 69 2.18 3.28 14.19
CA SER B 69 2.38 2.19 15.19
C SER B 69 3.14 1.02 14.53
N ASP B 70 4.44 0.98 14.72
CA ASP B 70 5.26 -0.12 14.11
C ASP B 70 6.34 -0.57 15.11
N LYS B 71 7.08 -1.60 14.77
CA LYS B 71 8.15 -2.10 15.68
C LYS B 71 7.52 -2.59 17.00
N SER B 72 6.38 -3.24 16.93
CA SER B 72 5.71 -3.74 18.16
C SER B 72 5.82 -5.27 18.22
N ALA A 1 -24.82 -17.92 5.68
CA ALA A 1 -23.51 -18.65 5.67
C ALA A 1 -22.47 -17.85 6.47
N SER A 2 -22.20 -16.63 6.06
CA SER A 2 -21.21 -15.77 6.78
C SER A 2 -19.78 -16.35 6.62
N VAL A 3 -18.77 -15.53 6.76
CA VAL A 3 -17.37 -16.02 6.61
C VAL A 3 -16.50 -15.42 7.73
N ALA A 4 -16.76 -15.81 8.96
CA ALA A 4 -15.95 -15.28 10.12
C ALA A 4 -16.04 -13.75 10.17
N THR A 5 -15.20 -13.12 10.94
CA THR A 5 -15.23 -11.62 11.04
C THR A 5 -14.59 -11.02 9.78
N GLU A 6 -14.70 -9.72 9.61
CA GLU A 6 -14.13 -9.02 8.41
C GLU A 6 -14.88 -9.47 7.16
N LEU A 7 -15.93 -8.76 6.79
CA LEU A 7 -16.71 -9.12 5.58
C LEU A 7 -16.55 -7.98 4.58
N ARG A 8 -16.91 -6.80 5.02
CA ARG A 8 -16.82 -5.58 4.18
C ARG A 8 -15.46 -5.49 3.50
N CYS A 9 -14.40 -5.61 4.28
CA CYS A 9 -13.01 -5.53 3.74
C CYS A 9 -12.75 -6.66 2.72
N GLN A 10 -11.65 -6.57 2.01
CA GLN A 10 -11.31 -7.61 0.98
C GLN A 10 -10.27 -8.61 1.52
N CYS A 11 -9.57 -8.27 2.59
CA CYS A 11 -8.52 -9.19 3.15
C CYS A 11 -8.97 -10.66 3.09
N LEU A 12 -8.09 -11.52 2.68
CA LEU A 12 -8.44 -12.98 2.61
C LEU A 12 -8.51 -13.51 4.06
N GLN A 13 -7.38 -13.52 4.71
CA GLN A 13 -7.28 -13.99 6.12
C GLN A 13 -5.87 -13.63 6.61
N THR A 14 -5.44 -12.44 6.26
CA THR A 14 -4.06 -11.92 6.60
C THR A 14 -3.01 -13.03 6.72
N LEU A 15 -2.28 -13.22 5.66
CA LEU A 15 -1.19 -14.25 5.69
C LEU A 15 -0.01 -13.69 6.48
N GLN A 16 0.92 -14.52 6.84
CA GLN A 16 2.09 -14.04 7.64
C GLN A 16 3.32 -13.86 6.75
N GLY A 17 3.27 -12.87 5.90
CA GLY A 17 4.42 -12.57 5.01
C GLY A 17 4.71 -13.72 4.06
N ILE A 18 4.02 -13.77 2.95
CA ILE A 18 4.28 -14.85 1.96
C ILE A 18 5.50 -14.44 1.13
N HIS A 19 5.80 -15.16 0.09
CA HIS A 19 6.99 -14.80 -0.74
C HIS A 19 6.53 -13.94 -1.93
N PRO A 20 7.35 -13.00 -2.34
CA PRO A 20 7.03 -12.09 -3.45
C PRO A 20 7.16 -12.81 -4.81
N LYS A 21 7.95 -12.30 -5.75
CA LYS A 21 8.05 -12.93 -7.11
C LYS A 21 6.76 -12.60 -7.88
N ASN A 22 5.63 -12.85 -7.27
CA ASN A 22 4.33 -12.53 -7.89
C ASN A 22 3.91 -11.18 -7.30
N ILE A 23 3.93 -11.10 -6.00
CA ILE A 23 3.57 -9.88 -5.27
C ILE A 23 4.21 -8.65 -5.95
N GLN A 24 3.41 -7.87 -6.64
CA GLN A 24 3.92 -6.67 -7.34
C GLN A 24 3.69 -5.42 -6.49
N SER A 25 2.70 -5.46 -5.60
CA SER A 25 2.43 -4.27 -4.76
C SER A 25 1.56 -4.63 -3.56
N VAL A 26 1.15 -3.63 -2.83
CA VAL A 26 0.28 -3.86 -1.65
C VAL A 26 -0.47 -2.57 -1.31
N ASN A 27 -1.56 -2.71 -0.62
CA ASN A 27 -2.36 -1.55 -0.22
C ASN A 27 -2.48 -1.55 1.30
N VAL A 28 -2.54 -0.39 1.88
CA VAL A 28 -2.68 -0.32 3.36
C VAL A 28 -3.68 0.78 3.73
N LYS A 29 -4.80 0.39 4.30
CA LYS A 29 -5.85 1.39 4.68
C LYS A 29 -6.14 1.32 6.18
N SER A 30 -7.08 2.12 6.63
CA SER A 30 -7.45 2.15 8.07
C SER A 30 -8.85 1.48 8.24
N PRO A 31 -9.36 1.45 9.47
CA PRO A 31 -10.66 0.82 9.78
C PRO A 31 -11.85 1.70 9.35
N GLY A 32 -13.06 1.22 9.57
CA GLY A 32 -14.26 2.01 9.17
C GLY A 32 -15.54 1.33 9.70
N PRO A 33 -16.08 0.42 8.93
CA PRO A 33 -17.32 -0.32 9.30
C PRO A 33 -17.01 -1.41 10.33
N HIS A 34 -17.88 -2.40 10.46
CA HIS A 34 -17.64 -3.51 11.46
C HIS A 34 -16.27 -4.12 11.23
N CYS A 35 -15.74 -4.07 10.02
CA CYS A 35 -14.35 -4.55 9.77
C CYS A 35 -13.48 -3.38 10.19
N ALA A 36 -13.59 -3.06 11.44
CA ALA A 36 -12.90 -1.88 12.04
C ALA A 36 -11.46 -2.19 12.41
N GLN A 37 -10.72 -2.63 11.45
CA GLN A 37 -9.26 -2.92 11.65
C GLN A 37 -8.50 -2.22 10.54
N THR A 38 -7.21 -2.42 10.45
CA THR A 38 -6.44 -1.76 9.37
C THR A 38 -6.77 -2.42 8.02
N GLU A 39 -5.89 -2.28 7.08
CA GLU A 39 -6.08 -2.90 5.74
C GLU A 39 -4.70 -3.13 5.21
N VAL A 40 -4.47 -4.25 4.62
CA VAL A 40 -3.11 -4.53 4.17
C VAL A 40 -3.18 -5.56 3.04
N ILE A 41 -3.57 -5.13 1.87
CA ILE A 41 -3.72 -6.08 0.74
C ILE A 41 -2.53 -6.05 -0.23
N ALA A 42 -1.82 -7.16 -0.37
CA ALA A 42 -0.67 -7.21 -1.33
C ALA A 42 -1.19 -7.63 -2.69
N THR A 43 -1.13 -6.76 -3.68
CA THR A 43 -1.64 -7.14 -5.02
C THR A 43 -0.66 -8.09 -5.68
N LEU A 44 -1.15 -9.22 -6.08
CA LEU A 44 -0.31 -10.24 -6.73
C LEU A 44 0.00 -9.85 -8.17
N LYS A 45 1.08 -10.39 -8.72
CA LYS A 45 1.50 -10.12 -10.13
C LYS A 45 0.38 -10.46 -11.09
N ASN A 46 -0.32 -11.54 -10.85
CA ASN A 46 -1.45 -11.92 -11.75
C ASN A 46 -2.58 -10.86 -11.66
N GLY A 47 -2.42 -9.88 -10.79
CA GLY A 47 -3.46 -8.81 -10.63
C GLY A 47 -4.47 -9.28 -9.59
N ARG A 48 -4.01 -10.01 -8.61
CA ARG A 48 -4.91 -10.49 -7.51
C ARG A 48 -4.42 -9.82 -6.25
N LYS A 49 -4.83 -10.26 -5.10
CA LYS A 49 -4.33 -9.61 -3.87
C LYS A 49 -4.48 -10.51 -2.67
N ALA A 50 -3.87 -10.12 -1.60
CA ALA A 50 -3.95 -10.90 -0.33
C ALA A 50 -3.84 -9.94 0.84
N CYS A 51 -4.21 -10.36 2.03
CA CYS A 51 -4.01 -9.45 3.17
C CYS A 51 -3.02 -10.12 4.09
N LEU A 52 -2.26 -9.36 4.83
CA LEU A 52 -1.27 -9.97 5.75
C LEU A 52 -1.35 -9.24 7.09
N ASN A 53 -0.72 -9.75 8.11
CA ASN A 53 -0.82 -9.08 9.44
C ASN A 53 0.36 -8.14 9.66
N PRO A 54 0.20 -6.85 9.40
CA PRO A 54 1.30 -5.89 9.62
C PRO A 54 1.66 -5.88 11.12
N ALA A 55 0.72 -6.22 11.96
CA ALA A 55 1.04 -6.33 13.42
C ALA A 55 2.06 -7.46 13.57
N SER A 56 1.97 -8.45 12.69
CA SER A 56 2.94 -9.59 12.70
C SER A 56 4.35 -9.02 12.42
N PRO A 57 5.36 -9.67 12.93
CA PRO A 57 6.76 -9.22 12.72
C PRO A 57 7.20 -9.55 11.28
N ILE A 58 7.13 -10.80 10.90
CA ILE A 58 7.50 -11.20 9.51
C ILE A 58 6.73 -10.35 8.53
N VAL A 59 5.47 -10.19 8.79
CA VAL A 59 4.61 -9.41 7.90
C VAL A 59 5.02 -7.95 7.91
N LYS A 60 5.34 -7.40 9.06
CA LYS A 60 5.80 -5.98 9.10
C LYS A 60 7.02 -5.88 8.15
N LYS A 61 7.64 -7.00 7.88
CA LYS A 61 8.78 -7.08 6.95
C LYS A 61 8.19 -6.90 5.56
N ILE A 62 7.20 -7.72 5.27
CA ILE A 62 6.48 -7.65 3.98
C ILE A 62 6.26 -6.19 3.57
N ILE A 63 5.94 -5.33 4.51
CA ILE A 63 5.76 -3.89 4.15
C ILE A 63 7.11 -3.28 3.83
N GLU A 64 8.03 -3.43 4.73
CA GLU A 64 9.37 -2.86 4.56
C GLU A 64 10.08 -3.45 3.33
N LYS A 65 10.03 -4.74 3.15
CA LYS A 65 10.71 -5.36 1.98
C LYS A 65 9.98 -4.97 0.71
N MET A 66 8.67 -4.94 0.73
CA MET A 66 7.92 -4.49 -0.46
C MET A 66 8.35 -3.05 -0.76
N LEU A 67 8.60 -2.30 0.29
CA LEU A 67 9.06 -0.89 0.16
C LEU A 67 10.45 -0.86 -0.48
N ASN A 68 11.26 -1.87 -0.23
CA ASN A 68 12.65 -1.89 -0.81
C ASN A 68 12.70 -2.87 -2.01
N SER A 69 13.83 -2.90 -2.70
CA SER A 69 13.98 -3.81 -3.88
C SER A 69 12.97 -3.43 -4.97
N ASP A 70 13.23 -2.37 -5.69
CA ASP A 70 12.30 -1.94 -6.77
C ASP A 70 13.11 -1.42 -7.97
N LYS A 71 14.10 -2.17 -8.40
CA LYS A 71 14.92 -1.74 -9.57
C LYS A 71 15.91 -2.87 -9.94
N SER A 72 15.44 -4.08 -10.00
CA SER A 72 16.34 -5.23 -10.35
C SER A 72 15.55 -6.26 -11.18
N ALA B 1 0.95 15.68 -27.16
CA ALA B 1 1.00 16.55 -25.94
C ALA B 1 1.99 15.97 -24.93
N SER B 2 1.76 14.74 -24.49
CA SER B 2 2.67 14.08 -23.50
C SER B 2 2.60 14.80 -22.14
N VAL B 3 2.94 14.12 -21.07
CA VAL B 3 2.89 14.76 -19.72
C VAL B 3 4.16 14.38 -18.93
N ALA B 4 5.31 14.85 -19.37
CA ALA B 4 6.60 14.54 -18.67
C ALA B 4 6.81 13.02 -18.61
N THR B 5 7.74 12.57 -17.80
CA THR B 5 8.00 11.10 -17.69
C THR B 5 6.89 10.45 -16.84
N GLU B 6 6.87 9.13 -16.80
CA GLU B 6 5.82 8.40 -16.01
C GLU B 6 4.45 8.62 -16.65
N LEU B 7 4.05 7.74 -17.54
CA LEU B 7 2.73 7.88 -18.20
C LEU B 7 1.89 6.67 -17.85
N ARG B 8 2.42 5.51 -18.14
CA ARG B 8 1.72 4.21 -17.87
C ARG B 8 1.09 4.19 -16.47
N CYS B 9 1.88 4.44 -15.45
CA CYS B 9 1.35 4.39 -14.05
C CYS B 9 0.35 5.53 -13.79
N GLN B 10 -0.21 5.55 -12.61
CA GLN B 10 -1.22 6.60 -12.25
C GLN B 10 -0.58 7.76 -11.48
N CYS B 11 0.59 7.55 -10.90
CA CYS B 11 1.30 8.61 -10.10
C CYS B 11 0.98 10.03 -10.61
N LEU B 12 0.59 10.92 -9.73
CA LEU B 12 0.29 12.32 -10.15
C LEU B 12 1.64 13.00 -10.44
N GLN B 13 2.39 13.21 -9.39
CA GLN B 13 3.74 13.83 -9.50
C GLN B 13 4.41 13.70 -8.12
N THR B 14 4.26 12.54 -7.52
CA THR B 14 4.79 12.23 -6.14
C THR B 14 4.89 13.47 -5.25
N LEU B 15 3.92 13.66 -4.41
CA LEU B 15 3.95 14.79 -3.45
C LEU B 15 4.93 14.46 -2.33
N GLN B 16 5.29 15.42 -1.52
CA GLN B 16 6.25 15.15 -0.42
C GLN B 16 5.53 15.01 0.92
N GLY B 17 4.78 13.94 1.07
CA GLY B 17 4.07 13.69 2.35
C GLY B 17 3.03 14.77 2.63
N ILE B 18 1.87 14.62 2.08
CA ILE B 18 0.79 15.61 2.34
C ILE B 18 0.15 15.27 3.68
N HIS B 19 -0.93 15.90 4.03
CA HIS B 19 -1.57 15.60 5.34
C HIS B 19 -2.71 14.58 5.12
N PRO B 20 -2.91 13.69 6.08
CA PRO B 20 -3.94 12.65 5.98
C PRO B 20 -5.35 13.23 6.20
N LYS B 21 -6.13 12.72 7.14
CA LYS B 21 -7.54 13.22 7.35
C LYS B 21 -8.40 12.67 6.20
N ASN B 22 -7.95 12.85 4.98
CA ASN B 22 -8.66 12.31 3.80
C ASN B 22 -7.98 10.99 3.46
N ILE B 23 -6.68 11.06 3.33
CA ILE B 23 -5.85 9.88 3.01
C ILE B 23 -6.32 8.67 3.86
N GLN B 24 -6.99 7.74 3.24
CA GLN B 24 -7.49 6.54 3.94
C GLN B 24 -6.53 5.37 3.73
N SER B 25 -5.78 5.38 2.66
CA SER B 25 -4.83 4.26 2.41
C SER B 25 -3.79 4.63 1.37
N VAL B 26 -3.00 3.67 0.97
CA VAL B 26 -1.95 3.92 -0.06
C VAL B 26 -1.54 2.60 -0.70
N ASN B 27 -1.00 2.68 -1.88
CA ASN B 27 -0.55 1.49 -2.60
C ASN B 27 0.93 1.62 -2.90
N VAL B 28 1.63 0.54 -2.91
CA VAL B 28 3.10 0.60 -3.22
C VAL B 28 3.46 -0.56 -4.14
N LYS B 29 3.86 -0.25 -5.36
CA LYS B 29 4.23 -1.32 -6.33
C LYS B 29 5.68 -1.13 -6.81
N SER B 30 6.12 -1.99 -7.70
CA SER B 30 7.50 -1.92 -8.24
C SER B 30 7.45 -1.40 -9.70
N PRO B 31 8.60 -1.29 -10.36
CA PRO B 31 8.69 -0.79 -11.75
C PRO B 31 8.24 -1.83 -12.77
N GLY B 32 8.26 -1.47 -14.04
CA GLY B 32 7.83 -2.44 -15.10
C GLY B 32 8.13 -1.86 -16.50
N PRO B 33 7.20 -1.09 -17.03
CA PRO B 33 7.34 -0.46 -18.37
C PRO B 33 8.28 0.75 -18.31
N HIS B 34 8.21 1.63 -19.28
CA HIS B 34 9.11 2.84 -19.31
C HIS B 34 9.02 3.61 -18.00
N CYS B 35 7.92 3.56 -17.29
CA CYS B 35 7.87 4.23 -15.97
C CYS B 35 8.45 3.19 -15.00
N ALA B 36 9.68 2.88 -15.26
CA ALA B 36 10.43 1.83 -14.53
C ALA B 36 10.91 2.35 -13.17
N GLN B 37 9.98 2.78 -12.37
CA GLN B 37 10.29 3.26 -10.99
C GLN B 37 9.33 2.54 -10.03
N THR B 38 9.37 2.88 -8.77
CA THR B 38 8.44 2.20 -7.82
C THR B 38 7.01 2.69 -8.05
N GLU B 39 6.18 2.55 -7.06
CA GLU B 39 4.78 3.01 -7.14
C GLU B 39 4.38 3.34 -5.73
N VAL B 40 3.69 4.40 -5.55
CA VAL B 40 3.36 4.79 -4.19
C VAL B 40 2.12 5.69 -4.22
N ILE B 41 0.96 5.10 -4.40
CA ILE B 41 -0.28 5.90 -4.52
C ILE B 41 -1.11 5.92 -3.22
N ALA B 42 -1.29 7.07 -2.61
CA ALA B 42 -2.12 7.15 -1.37
C ALA B 42 -3.57 7.37 -1.76
N THR B 43 -4.44 6.41 -1.50
CA THR B 43 -5.86 6.60 -1.88
C THR B 43 -6.52 7.58 -0.93
N LEU B 44 -7.09 8.60 -1.48
CA LEU B 44 -7.77 9.64 -0.67
C LEU B 44 -9.12 9.14 -0.15
N LYS B 45 -9.59 9.75 0.93
CA LYS B 45 -10.90 9.39 1.53
C LYS B 45 -12.02 9.49 0.51
N ASN B 46 -11.97 10.50 -0.32
CA ASN B 46 -13.03 10.65 -1.37
C ASN B 46 -12.95 9.49 -2.38
N GLY B 47 -11.96 8.62 -2.23
CA GLY B 47 -11.80 7.47 -3.16
C GLY B 47 -10.93 7.92 -4.35
N ARG B 48 -9.99 8.79 -4.08
CA ARG B 48 -9.08 9.27 -5.15
C ARG B 48 -7.69 8.80 -4.75
N LYS B 49 -6.65 9.30 -5.33
CA LYS B 49 -5.32 8.84 -4.92
C LYS B 49 -4.24 9.85 -5.30
N ALA B 50 -3.07 9.63 -4.79
CA ALA B 50 -1.91 10.53 -5.09
C ALA B 50 -0.63 9.73 -5.02
N CYS B 51 0.45 10.22 -5.55
CA CYS B 51 1.72 9.48 -5.41
C CYS B 51 2.64 10.34 -4.59
N LEU B 52 3.55 9.75 -3.87
CA LEU B 52 4.49 10.55 -3.06
C LEU B 52 5.88 9.95 -3.24
N ASN B 53 6.90 10.64 -2.81
CA ASN B 53 8.29 10.10 -3.01
C ASN B 53 8.73 9.31 -1.77
N PRO B 54 8.61 7.99 -1.77
CA PRO B 54 9.07 7.20 -0.62
C PRO B 54 10.57 7.38 -0.43
N ALA B 55 11.28 7.69 -1.50
CA ALA B 55 12.73 7.99 -1.37
C ALA B 55 12.85 9.25 -0.49
N SER B 56 11.87 10.13 -0.58
CA SER B 56 11.85 11.35 0.26
C SER B 56 11.79 10.93 1.74
N PRO B 57 12.33 11.74 2.62
CA PRO B 57 12.33 11.44 4.07
C PRO B 57 10.92 11.66 4.64
N ILE B 58 10.40 12.85 4.49
CA ILE B 58 9.02 13.15 4.98
C ILE B 58 8.06 12.12 4.42
N VAL B 59 8.20 11.84 3.17
CA VAL B 59 7.31 10.88 2.51
C VAL B 59 7.54 9.49 3.07
N LYS B 60 8.77 9.10 3.28
CA LYS B 60 9.01 7.76 3.89
C LYS B 60 8.23 7.69 5.21
N LYS B 61 7.91 8.85 5.75
CA LYS B 61 7.09 8.96 6.97
C LYS B 61 5.68 8.58 6.58
N ILE B 62 5.20 9.24 5.55
CA ILE B 62 3.85 8.96 5.00
C ILE B 62 3.59 7.45 4.98
N ILE B 63 4.58 6.65 4.65
CA ILE B 63 4.38 5.17 4.65
C ILE B 63 4.27 4.70 6.09
N GLU B 64 5.25 5.05 6.88
CA GLU B 64 5.28 4.60 8.29
C GLU B 64 4.09 5.15 9.07
N LYS B 65 3.75 6.41 8.91
CA LYS B 65 2.60 6.99 9.65
C LYS B 65 1.31 6.38 9.13
N MET B 66 1.19 6.20 7.83
CA MET B 66 -0.02 5.55 7.29
C MET B 66 -0.10 4.14 7.89
N LEU B 67 1.05 3.53 8.09
CA LEU B 67 1.14 2.19 8.70
C LEU B 67 0.65 2.25 10.15
N ASN B 68 0.87 3.37 10.82
CA ASN B 68 0.44 3.48 12.26
C ASN B 68 -0.84 4.33 12.36
N SER B 69 -1.40 4.43 13.54
CA SER B 69 -2.65 5.23 13.75
C SER B 69 -3.80 4.63 12.92
N ASP B 70 -4.35 3.53 13.37
CA ASP B 70 -5.47 2.88 12.63
C ASP B 70 -6.51 2.34 13.62
N LYS B 71 -6.92 3.15 14.57
CA LYS B 71 -7.93 2.71 15.58
C LYS B 71 -8.32 3.89 16.49
N SER B 72 -8.57 5.04 15.90
CA SER B 72 -8.96 6.24 16.70
C SER B 72 -9.97 7.08 15.94
N ALA A 1 -17.40 -22.63 4.49
CA ALA A 1 -17.24 -21.32 5.18
C ALA A 1 -17.36 -21.51 6.70
N SER A 2 -18.53 -21.83 7.18
CA SER A 2 -18.74 -22.05 8.66
C SER A 2 -18.54 -20.74 9.43
N VAL A 3 -19.11 -20.65 10.62
CA VAL A 3 -18.97 -19.42 11.47
C VAL A 3 -19.66 -18.22 10.79
N ALA A 4 -20.00 -17.21 11.55
CA ALA A 4 -20.68 -16.00 10.98
C ALA A 4 -19.77 -15.33 9.93
N THR A 5 -20.34 -14.50 9.08
CA THR A 5 -19.50 -13.82 8.03
C THR A 5 -20.11 -12.46 7.67
N GLU A 6 -20.13 -11.53 8.61
CA GLU A 6 -20.68 -10.17 8.31
C GLU A 6 -19.54 -9.19 8.08
N LEU A 7 -18.49 -9.62 7.42
CA LEU A 7 -17.34 -8.73 7.13
C LEU A 7 -17.11 -8.77 5.63
N ARG A 8 -16.73 -9.93 5.13
CA ARG A 8 -16.47 -10.13 3.69
C ARG A 8 -15.21 -9.38 3.29
N CYS A 9 -15.28 -8.06 3.35
CA CYS A 9 -14.12 -7.18 3.03
C CYS A 9 -13.28 -7.76 1.87
N GLN A 10 -11.97 -7.58 1.91
CA GLN A 10 -11.11 -8.10 0.80
C GLN A 10 -10.00 -9.03 1.36
N CYS A 11 -9.51 -8.78 2.55
CA CYS A 11 -8.43 -9.64 3.14
C CYS A 11 -8.84 -11.11 3.10
N LEU A 12 -7.92 -11.97 2.73
CA LEU A 12 -8.21 -13.43 2.70
C LEU A 12 -8.21 -13.95 4.14
N GLN A 13 -7.06 -13.95 4.75
CA GLN A 13 -6.91 -14.39 6.16
C GLN A 13 -5.52 -13.93 6.64
N THR A 14 -5.18 -12.71 6.29
CA THR A 14 -3.85 -12.10 6.62
C THR A 14 -2.74 -13.14 6.76
N LEU A 15 -2.02 -13.34 5.70
CA LEU A 15 -0.89 -14.31 5.72
C LEU A 15 0.26 -13.74 6.57
N GLN A 16 1.09 -14.59 7.10
CA GLN A 16 2.21 -14.09 7.96
C GLN A 16 3.49 -13.91 7.14
N GLY A 17 3.46 -12.99 6.22
CA GLY A 17 4.67 -12.73 5.38
C GLY A 17 4.96 -13.90 4.45
N ILE A 18 4.29 -13.95 3.34
CA ILE A 18 4.55 -15.05 2.38
C ILE A 18 5.78 -14.67 1.55
N HIS A 19 6.10 -15.42 0.53
CA HIS A 19 7.29 -15.08 -0.28
C HIS A 19 6.83 -14.25 -1.50
N PRO A 20 7.64 -13.28 -1.89
CA PRO A 20 7.30 -12.40 -3.03
C PRO A 20 7.48 -13.12 -4.37
N LYS A 21 8.31 -12.62 -5.28
CA LYS A 21 8.46 -13.25 -6.63
C LYS A 21 7.21 -12.93 -7.46
N ASN A 22 6.05 -13.16 -6.88
CA ASN A 22 4.78 -12.84 -7.55
C ASN A 22 4.32 -11.49 -6.98
N ILE A 23 4.30 -11.42 -5.68
CA ILE A 23 3.89 -10.19 -4.96
C ILE A 23 4.61 -8.97 -5.58
N GLN A 24 3.87 -8.15 -6.30
CA GLN A 24 4.45 -6.96 -6.95
C GLN A 24 4.02 -5.67 -6.23
N SER A 25 2.97 -5.71 -5.42
CA SER A 25 2.54 -4.46 -4.73
C SER A 25 1.64 -4.77 -3.54
N VAL A 26 1.20 -3.74 -2.85
CA VAL A 26 0.32 -3.93 -1.68
C VAL A 26 -0.47 -2.65 -1.41
N ASN A 27 -1.59 -2.78 -0.74
CA ASN A 27 -2.41 -1.61 -0.40
C ASN A 27 -2.78 -1.65 1.07
N VAL A 28 -2.56 -0.57 1.77
CA VAL A 28 -2.90 -0.53 3.22
C VAL A 28 -4.03 0.47 3.44
N LYS A 29 -5.16 -0.01 3.90
CA LYS A 29 -6.34 0.88 4.13
C LYS A 29 -6.66 0.94 5.64
N SER A 30 -7.43 1.92 6.04
CA SER A 30 -7.81 2.07 7.48
C SER A 30 -9.19 1.44 7.72
N PRO A 31 -9.63 1.43 8.97
CA PRO A 31 -10.93 0.85 9.36
C PRO A 31 -12.10 1.78 9.00
N GLY A 32 -13.31 1.41 9.36
CA GLY A 32 -14.50 2.28 9.04
C GLY A 32 -15.80 1.60 9.52
N PRO A 33 -16.38 0.80 8.65
CA PRO A 33 -17.64 0.08 8.95
C PRO A 33 -17.36 -1.15 9.83
N HIS A 34 -18.23 -2.15 9.82
CA HIS A 34 -17.99 -3.37 10.67
C HIS A 34 -16.61 -3.94 10.36
N CYS A 35 -16.07 -3.69 9.18
CA CYS A 35 -14.68 -4.13 8.88
C CYS A 35 -13.80 -3.04 9.50
N ALA A 36 -13.96 -2.90 10.79
CA ALA A 36 -13.25 -1.84 11.57
C ALA A 36 -11.79 -2.20 11.86
N GLN A 37 -11.24 -3.15 11.17
CA GLN A 37 -9.80 -3.49 11.37
C GLN A 37 -9.01 -2.71 10.32
N THR A 38 -7.75 -2.99 10.18
CA THR A 38 -6.94 -2.28 9.16
C THR A 38 -7.17 -2.91 7.78
N GLU A 39 -6.27 -2.68 6.86
CA GLU A 39 -6.38 -3.28 5.53
C GLU A 39 -4.97 -3.40 5.02
N VAL A 40 -4.63 -4.51 4.48
CA VAL A 40 -3.25 -4.68 4.05
C VAL A 40 -3.21 -5.73 2.93
N ILE A 41 -3.56 -5.34 1.73
CA ILE A 41 -3.61 -6.31 0.61
C ILE A 41 -2.39 -6.23 -0.28
N ALA A 42 -1.70 -7.33 -0.45
CA ALA A 42 -0.52 -7.36 -1.36
C ALA A 42 -0.99 -7.85 -2.72
N THR A 43 -0.94 -7.02 -3.73
CA THR A 43 -1.42 -7.46 -5.07
C THR A 43 -0.38 -8.40 -5.67
N LEU A 44 -0.83 -9.57 -6.04
CA LEU A 44 0.08 -10.58 -6.62
C LEU A 44 0.46 -10.22 -8.07
N LYS A 45 1.55 -10.80 -8.54
CA LYS A 45 2.04 -10.56 -9.93
C LYS A 45 0.97 -10.90 -10.95
N ASN A 46 0.25 -11.98 -10.72
CA ASN A 46 -0.83 -12.36 -11.68
C ASN A 46 -2.03 -11.38 -11.53
N GLY A 47 -1.89 -10.35 -10.74
CA GLY A 47 -3.00 -9.37 -10.55
C GLY A 47 -3.95 -9.93 -9.50
N ARG A 48 -3.42 -10.59 -8.51
CA ARG A 48 -4.27 -11.16 -7.44
C ARG A 48 -4.06 -10.32 -6.19
N LYS A 49 -4.50 -10.78 -5.06
CA LYS A 49 -4.30 -9.96 -3.83
C LYS A 49 -4.31 -10.85 -2.59
N ALA A 50 -3.62 -10.43 -1.57
CA ALA A 50 -3.58 -11.20 -0.29
C ALA A 50 -3.55 -10.22 0.86
N CYS A 51 -4.00 -10.61 2.01
CA CYS A 51 -3.89 -9.67 3.15
C CYS A 51 -2.87 -10.27 4.08
N LEU A 52 -2.16 -9.46 4.81
CA LEU A 52 -1.15 -10.02 5.74
C LEU A 52 -1.29 -9.30 7.08
N ASN A 53 -0.65 -9.78 8.11
CA ASN A 53 -0.80 -9.13 9.44
C ASN A 53 0.34 -8.13 9.68
N PRO A 54 0.14 -6.85 9.40
CA PRO A 54 1.19 -5.85 9.64
C PRO A 54 1.49 -5.78 11.14
N ALA A 55 0.53 -6.14 11.97
CA ALA A 55 0.80 -6.21 13.44
C ALA A 55 1.86 -7.30 13.65
N SER A 56 1.84 -8.31 12.81
CA SER A 56 2.84 -9.40 12.87
C SER A 56 4.24 -8.80 12.59
N PRO A 57 5.27 -9.38 13.16
CA PRO A 57 6.65 -8.90 12.96
C PRO A 57 7.15 -9.27 11.56
N ILE A 58 7.14 -10.54 11.22
CA ILE A 58 7.58 -11.00 9.87
C ILE A 58 6.80 -10.22 8.83
N VAL A 59 5.54 -10.08 9.05
CA VAL A 59 4.67 -9.38 8.09
C VAL A 59 5.05 -7.90 8.06
N LYS A 60 5.32 -7.31 9.19
CA LYS A 60 5.75 -5.88 9.19
C LYS A 60 6.97 -5.77 8.26
N LYS A 61 7.63 -6.88 8.03
CA LYS A 61 8.79 -6.95 7.11
C LYS A 61 8.21 -6.85 5.72
N ILE A 62 7.23 -7.69 5.45
CA ILE A 62 6.53 -7.70 4.14
C ILE A 62 6.28 -6.26 3.69
N ILE A 63 5.94 -5.37 4.58
CA ILE A 63 5.71 -3.95 4.19
C ILE A 63 7.05 -3.33 3.84
N GLU A 64 7.97 -3.41 4.76
CA GLU A 64 9.30 -2.81 4.56
C GLU A 64 10.01 -3.43 3.35
N LYS A 65 9.96 -4.73 3.23
CA LYS A 65 10.63 -5.40 2.08
C LYS A 65 9.91 -5.03 0.80
N MET A 66 8.60 -5.03 0.81
CA MET A 66 7.85 -4.63 -0.40
C MET A 66 8.26 -3.18 -0.73
N LEU A 67 8.54 -2.41 0.29
CA LEU A 67 8.98 -1.00 0.12
C LEU A 67 10.41 -1.01 -0.48
N ASN A 68 11.20 -2.00 -0.15
CA ASN A 68 12.60 -2.06 -0.69
C ASN A 68 12.65 -2.97 -1.93
N SER A 69 13.76 -2.96 -2.63
CA SER A 69 13.90 -3.80 -3.87
C SER A 69 12.83 -3.41 -4.90
N ASP A 70 13.00 -2.27 -5.52
CA ASP A 70 12.00 -1.82 -6.54
C ASP A 70 12.74 -1.13 -7.70
N LYS A 71 13.79 -1.75 -8.19
CA LYS A 71 14.57 -1.15 -9.32
C LYS A 71 15.53 -2.19 -9.91
N SER A 72 16.39 -2.75 -9.08
CA SER A 72 17.37 -3.77 -9.56
C SER A 72 18.40 -3.14 -10.51
N ALA B 1 0.03 21.08 -20.21
CA ALA B 1 0.88 19.86 -19.97
C ALA B 1 2.35 20.20 -20.28
N SER B 2 2.66 20.44 -21.53
CA SER B 2 4.07 20.78 -21.94
C SER B 2 5.01 19.58 -21.70
N VAL B 3 6.13 19.55 -22.39
CA VAL B 3 7.12 18.43 -22.23
C VAL B 3 6.51 17.09 -22.72
N ALA B 4 7.35 16.13 -23.03
CA ALA B 4 6.85 14.81 -23.51
C ALA B 4 5.99 14.14 -22.42
N THR B 5 5.19 13.17 -22.79
CA THR B 5 4.33 12.48 -21.77
C THR B 5 4.06 11.03 -22.19
N GLU B 6 5.09 10.21 -22.23
CA GLU B 6 4.89 8.77 -22.61
C GLU B 6 4.89 7.89 -21.34
N LEU B 7 4.30 8.39 -20.28
CA LEU B 7 4.23 7.62 -19.03
C LEU B 7 2.76 7.54 -18.64
N ARG B 8 2.19 8.68 -18.32
CA ARG B 8 0.77 8.77 -17.93
C ARG B 8 0.57 8.14 -16.56
N CYS B 9 0.70 6.83 -16.53
CA CYS B 9 0.57 6.04 -15.26
C CYS B 9 -0.52 6.64 -14.35
N GLN B 10 -0.35 6.53 -13.05
CA GLN B 10 -1.36 7.09 -12.10
C GLN B 10 -0.71 8.17 -11.22
N CYS B 11 0.58 8.06 -10.97
CA CYS B 11 1.29 9.06 -10.11
C CYS B 11 0.96 10.49 -10.56
N LEU B 12 0.64 11.36 -9.63
CA LEU B 12 0.35 12.78 -9.97
C LEU B 12 1.70 13.48 -10.20
N GLN B 13 2.42 13.67 -9.12
CA GLN B 13 3.76 14.30 -9.17
C GLN B 13 4.43 14.06 -7.81
N THR B 14 4.27 12.85 -7.30
CA THR B 14 4.81 12.45 -5.95
C THR B 14 4.95 13.63 -4.98
N LEU B 15 3.97 13.80 -4.16
CA LEU B 15 4.00 14.90 -3.16
C LEU B 15 5.03 14.54 -2.08
N GLN B 16 5.55 15.52 -1.39
CA GLN B 16 6.58 15.25 -0.34
C GLN B 16 5.92 15.13 1.03
N GLY B 17 5.12 14.13 1.21
CA GLY B 17 4.45 13.91 2.53
C GLY B 17 3.43 15.00 2.80
N ILE B 18 2.25 14.87 2.27
CA ILE B 18 1.20 15.88 2.53
C ILE B 18 0.56 15.56 3.89
N HIS B 19 -0.50 16.24 4.24
CA HIS B 19 -1.13 15.95 5.55
C HIS B 19 -2.29 14.96 5.33
N PRO B 20 -2.48 14.05 6.27
CA PRO B 20 -3.53 13.02 6.17
C PRO B 20 -4.92 13.63 6.44
N LYS B 21 -5.68 13.12 7.41
CA LYS B 21 -7.07 13.64 7.66
C LYS B 21 -7.98 13.08 6.55
N ASN B 22 -7.57 13.25 5.32
CA ASN B 22 -8.32 12.70 4.17
C ASN B 22 -7.66 11.39 3.79
N ILE B 23 -6.37 11.44 3.62
CA ILE B 23 -5.56 10.26 3.27
C ILE B 23 -5.94 9.07 4.17
N GLN B 24 -6.64 8.10 3.61
CA GLN B 24 -7.08 6.91 4.39
C GLN B 24 -6.28 5.67 4.00
N SER B 25 -5.60 5.68 2.87
CA SER B 25 -4.82 4.47 2.48
C SER B 25 -3.77 4.79 1.42
N VAL B 26 -3.03 3.79 1.01
CA VAL B 26 -1.99 4.00 -0.04
C VAL B 26 -1.66 2.67 -0.71
N ASN B 27 -1.13 2.74 -1.90
CA ASN B 27 -0.75 1.52 -2.63
C ASN B 27 0.66 1.67 -3.17
N VAL B 28 1.50 0.70 -2.94
CA VAL B 28 2.89 0.77 -3.44
C VAL B 28 3.11 -0.33 -4.49
N LYS B 29 3.39 0.07 -5.71
CA LYS B 29 3.60 -0.92 -6.81
C LYS B 29 5.05 -0.87 -7.30
N SER B 30 5.47 -1.88 -8.00
CA SER B 30 6.87 -1.94 -8.53
C SER B 30 6.88 -1.43 -9.99
N PRO B 31 8.07 -1.36 -10.58
CA PRO B 31 8.24 -0.89 -11.98
C PRO B 31 7.87 -1.99 -13.00
N GLY B 32 8.07 -1.73 -14.26
CA GLY B 32 7.72 -2.75 -15.31
C GLY B 32 7.97 -2.18 -16.71
N PRO B 33 6.96 -1.55 -17.28
CA PRO B 33 7.02 -0.96 -18.63
C PRO B 33 7.80 0.38 -18.60
N HIS B 34 7.57 1.27 -19.55
CA HIS B 34 8.30 2.59 -19.53
C HIS B 34 8.07 3.26 -18.17
N CYS B 35 7.01 2.93 -17.49
CA CYS B 35 6.80 3.47 -16.11
C CYS B 35 7.65 2.58 -15.22
N ALA B 36 8.93 2.59 -15.51
CA ALA B 36 9.91 1.71 -14.81
C ALA B 36 10.31 2.26 -13.44
N GLN B 37 9.56 3.20 -12.91
CA GLN B 37 9.87 3.72 -11.55
C GLN B 37 9.00 2.94 -10.55
N THR B 38 8.96 3.35 -9.33
CA THR B 38 8.11 2.64 -8.33
C THR B 38 6.67 3.10 -8.46
N GLU B 39 5.88 2.89 -7.44
CA GLU B 39 4.47 3.32 -7.44
C GLU B 39 4.11 3.56 -6.01
N VAL B 40 3.49 4.64 -5.72
CA VAL B 40 3.20 4.93 -4.32
C VAL B 40 1.99 5.86 -4.25
N ILE B 41 0.81 5.31 -4.41
CA ILE B 41 -0.42 6.15 -4.43
C ILE B 41 -1.17 6.11 -3.10
N ALA B 42 -1.38 7.25 -2.50
CA ALA B 42 -2.16 7.32 -1.23
C ALA B 42 -3.61 7.62 -1.59
N THR B 43 -4.51 6.69 -1.34
CA THR B 43 -5.93 6.94 -1.69
C THR B 43 -6.51 7.93 -0.69
N LEU B 44 -7.06 8.99 -1.20
CA LEU B 44 -7.66 10.03 -0.35
C LEU B 44 -9.00 9.58 0.24
N LYS B 45 -9.42 10.22 1.32
CA LYS B 45 -10.71 9.90 1.99
C LYS B 45 -11.86 10.01 1.02
N ASN B 46 -11.83 11.00 0.18
CA ASN B 46 -12.95 11.17 -0.81
C ASN B 46 -12.83 10.09 -1.91
N GLY B 47 -11.91 9.15 -1.77
CA GLY B 47 -11.73 8.08 -2.78
C GLY B 47 -10.87 8.62 -3.91
N ARG B 48 -9.91 9.44 -3.57
CA ARG B 48 -9.00 10.01 -4.60
C ARG B 48 -7.66 9.34 -4.46
N LYS B 49 -6.64 9.84 -5.08
CA LYS B 49 -5.31 9.21 -4.94
C LYS B 49 -4.19 10.21 -5.18
N ALA B 50 -3.07 9.98 -4.57
CA ALA B 50 -1.89 10.89 -4.76
C ALA B 50 -0.63 10.05 -4.76
N CYS B 51 0.41 10.51 -5.35
CA CYS B 51 1.66 9.73 -5.30
C CYS B 51 2.63 10.52 -4.45
N LEU B 52 3.53 9.87 -3.78
CA LEU B 52 4.49 10.61 -2.94
C LEU B 52 5.87 10.02 -3.19
N ASN B 53 6.90 10.67 -2.73
CA ASN B 53 8.28 10.16 -2.97
C ASN B 53 8.76 9.32 -1.78
N PRO B 54 8.61 8.00 -1.83
CA PRO B 54 9.07 7.14 -0.72
C PRO B 54 10.60 7.28 -0.60
N ALA B 55 11.28 7.60 -1.68
CA ALA B 55 12.74 7.84 -1.60
C ALA B 55 12.94 9.07 -0.69
N SER B 56 11.98 9.98 -0.71
CA SER B 56 12.03 11.18 0.17
C SER B 56 11.97 10.72 1.64
N PRO B 57 12.58 11.48 2.52
CA PRO B 57 12.59 11.13 3.96
C PRO B 57 11.20 11.42 4.58
N ILE B 58 10.74 12.64 4.49
CA ILE B 58 9.39 13.00 5.03
C ILE B 58 8.37 12.03 4.47
N VAL B 59 8.46 11.78 3.21
CA VAL B 59 7.51 10.88 2.55
C VAL B 59 7.69 9.46 3.07
N LYS B 60 8.91 9.03 3.27
CA LYS B 60 9.11 7.66 3.82
C LYS B 60 8.33 7.59 5.16
N LYS B 61 8.06 8.74 5.73
CA LYS B 61 7.27 8.85 6.97
C LYS B 61 5.84 8.54 6.57
N ILE B 62 5.37 9.24 5.57
CA ILE B 62 4.01 9.03 5.03
C ILE B 62 3.69 7.53 4.98
N ILE B 63 4.65 6.71 4.63
CA ILE B 63 4.39 5.23 4.60
C ILE B 63 4.26 4.73 6.02
N GLU B 64 5.26 5.01 6.80
CA GLU B 64 5.29 4.55 8.21
C GLU B 64 4.09 5.12 8.99
N LYS B 65 3.82 6.40 8.83
CA LYS B 65 2.68 7.02 9.56
C LYS B 65 1.37 6.44 9.04
N MET B 66 1.24 6.30 7.74
CA MET B 66 0.01 5.68 7.18
C MET B 66 -0.10 4.26 7.78
N LEU B 67 1.04 3.64 8.01
CA LEU B 67 1.07 2.28 8.62
C LEU B 67 0.64 2.39 10.10
N ASN B 68 0.92 3.50 10.73
CA ASN B 68 0.54 3.66 12.17
C ASN B 68 -0.78 4.43 12.28
N SER B 69 -1.36 4.48 13.46
CA SER B 69 -2.65 5.21 13.67
C SER B 69 -3.75 4.59 12.78
N ASP B 70 -4.21 3.42 13.13
CA ASP B 70 -5.27 2.75 12.32
C ASP B 70 -6.26 2.04 13.26
N LYS B 71 -6.70 2.73 14.29
CA LYS B 71 -7.66 2.10 15.25
C LYS B 71 -8.25 3.17 16.17
N SER B 72 -7.41 3.92 16.85
CA SER B 72 -7.90 5.00 17.78
C SER B 72 -8.65 4.39 18.98
N ALA A 1 -25.08 -13.67 4.78
CA ALA A 1 -23.70 -13.16 4.60
C ALA A 1 -22.86 -13.42 5.86
N SER A 2 -21.57 -13.44 5.73
CA SER A 2 -20.69 -13.70 6.92
C SER A 2 -20.67 -12.45 7.81
N VAL A 3 -20.77 -12.63 9.10
CA VAL A 3 -20.76 -11.46 10.03
C VAL A 3 -19.66 -11.65 11.08
N ALA A 4 -18.49 -11.12 10.83
CA ALA A 4 -17.37 -11.27 11.81
C ALA A 4 -16.65 -9.92 11.98
N THR A 5 -17.41 -8.85 12.09
CA THR A 5 -16.81 -7.49 12.27
C THR A 5 -15.79 -7.20 11.15
N GLU A 6 -16.00 -7.74 9.98
CA GLU A 6 -15.03 -7.51 8.85
C GLU A 6 -15.61 -8.08 7.54
N LEU A 7 -16.47 -7.35 6.88
CA LEU A 7 -17.06 -7.85 5.60
C LEU A 7 -16.53 -6.98 4.48
N ARG A 8 -16.72 -5.69 4.64
CA ARG A 8 -16.25 -4.69 3.64
C ARG A 8 -14.83 -5.01 3.17
N CYS A 9 -13.93 -5.16 4.11
CA CYS A 9 -12.51 -5.48 3.77
C CYS A 9 -12.43 -6.78 2.95
N GLN A 10 -11.35 -6.98 2.24
CA GLN A 10 -11.22 -8.21 1.38
C GLN A 10 -10.11 -9.16 1.86
N CYS A 11 -9.34 -8.75 2.85
CA CYS A 11 -8.20 -9.60 3.37
C CYS A 11 -8.54 -11.09 3.32
N LEU A 12 -7.59 -11.91 2.91
CA LEU A 12 -7.82 -13.39 2.85
C LEU A 12 -7.83 -13.89 4.30
N GLN A 13 -6.70 -13.83 4.95
CA GLN A 13 -6.54 -14.25 6.36
C GLN A 13 -5.16 -13.78 6.83
N THR A 14 -4.81 -12.57 6.44
CA THR A 14 -3.47 -11.95 6.75
C THR A 14 -2.35 -12.98 6.89
N LEU A 15 -1.61 -13.17 5.84
CA LEU A 15 -0.46 -14.12 5.88
C LEU A 15 0.70 -13.47 6.64
N GLN A 16 1.64 -14.25 7.09
CA GLN A 16 2.78 -13.68 7.87
C GLN A 16 4.00 -13.49 6.97
N GLY A 17 3.89 -12.57 6.05
CA GLY A 17 5.04 -12.26 5.14
C GLY A 17 5.30 -13.41 4.18
N ILE A 18 4.59 -13.45 3.08
CA ILE A 18 4.82 -14.51 2.08
C ILE A 18 5.99 -14.07 1.18
N HIS A 19 6.25 -14.78 0.12
CA HIS A 19 7.38 -14.38 -0.76
C HIS A 19 6.83 -13.60 -1.97
N PRO A 20 7.60 -12.65 -2.46
CA PRO A 20 7.19 -11.80 -3.58
C PRO A 20 7.31 -12.56 -4.92
N LYS A 21 8.06 -12.06 -5.89
CA LYS A 21 8.16 -12.73 -7.22
C LYS A 21 6.84 -12.48 -7.98
N ASN A 22 5.74 -12.76 -7.34
CA ASN A 22 4.41 -12.48 -7.94
C ASN A 22 3.95 -11.14 -7.38
N ILE A 23 3.99 -11.04 -6.08
CA ILE A 23 3.61 -9.80 -5.37
C ILE A 23 4.19 -8.57 -6.10
N GLN A 24 3.35 -7.82 -6.76
CA GLN A 24 3.79 -6.63 -7.50
C GLN A 24 3.55 -5.38 -6.65
N SER A 25 2.61 -5.42 -5.74
CA SER A 25 2.34 -4.23 -4.89
C SER A 25 1.47 -4.61 -3.70
N VAL A 26 1.07 -3.62 -2.94
CA VAL A 26 0.21 -3.87 -1.76
C VAL A 26 -0.58 -2.61 -1.43
N ASN A 27 -1.68 -2.78 -0.77
CA ASN A 27 -2.52 -1.64 -0.37
C ASN A 27 -2.63 -1.63 1.15
N VAL A 28 -2.65 -0.47 1.72
CA VAL A 28 -2.77 -0.38 3.21
C VAL A 28 -3.80 0.69 3.57
N LYS A 29 -4.95 0.28 4.06
CA LYS A 29 -6.01 1.24 4.43
C LYS A 29 -6.26 1.20 5.95
N SER A 30 -7.14 2.04 6.42
CA SER A 30 -7.46 2.10 7.88
C SER A 30 -8.91 1.62 8.12
N PRO A 31 -9.33 1.61 9.37
CA PRO A 31 -10.69 1.18 9.76
C PRO A 31 -11.73 2.26 9.44
N GLY A 32 -13.00 2.02 9.73
CA GLY A 32 -14.03 3.04 9.42
C GLY A 32 -15.44 2.46 9.67
N PRO A 33 -15.93 1.69 8.73
CA PRO A 33 -17.26 1.06 8.82
C PRO A 33 -17.25 -0.11 9.81
N HIS A 34 -18.21 -1.01 9.70
CA HIS A 34 -18.29 -2.18 10.63
C HIS A 34 -17.05 -3.07 10.51
N CYS A 35 -16.34 -3.05 9.40
CA CYS A 35 -15.10 -3.88 9.32
C CYS A 35 -14.14 -3.31 10.37
N ALA A 36 -14.20 -1.99 10.54
CA ALA A 36 -13.43 -1.27 11.60
C ALA A 36 -12.04 -1.87 11.84
N GLN A 37 -11.40 -2.32 10.80
CA GLN A 37 -10.04 -2.89 10.95
C GLN A 37 -9.12 -2.20 9.95
N THR A 38 -7.88 -2.54 9.97
CA THR A 38 -6.92 -1.92 9.01
C THR A 38 -7.11 -2.55 7.64
N GLU A 39 -6.13 -2.42 6.80
CA GLU A 39 -6.20 -3.03 5.46
C GLU A 39 -4.78 -3.22 5.01
N VAL A 40 -4.48 -4.34 4.50
CA VAL A 40 -3.09 -4.59 4.11
C VAL A 40 -3.10 -5.65 3.01
N ILE A 41 -3.54 -5.27 1.83
CA ILE A 41 -3.67 -6.24 0.73
C ILE A 41 -2.50 -6.17 -0.26
N ALA A 42 -1.74 -7.23 -0.37
CA ALA A 42 -0.62 -7.24 -1.35
C ALA A 42 -1.17 -7.69 -2.70
N THR A 43 -1.17 -6.82 -3.68
CA THR A 43 -1.70 -7.22 -5.00
C THR A 43 -0.70 -8.15 -5.68
N LEU A 44 -1.16 -9.30 -6.08
CA LEU A 44 -0.29 -10.30 -6.72
C LEU A 44 0.01 -9.92 -8.17
N LYS A 45 1.07 -10.49 -8.72
CA LYS A 45 1.47 -10.25 -10.13
C LYS A 45 0.33 -10.59 -11.08
N ASN A 46 -0.40 -11.63 -10.78
CA ASN A 46 -1.56 -12.01 -11.66
C ASN A 46 -2.70 -10.97 -11.48
N GLY A 47 -2.48 -9.95 -10.69
CA GLY A 47 -3.55 -8.93 -10.45
C GLY A 47 -4.49 -9.48 -9.39
N ARG A 48 -3.96 -10.20 -8.44
CA ARG A 48 -4.80 -10.77 -7.35
C ARG A 48 -4.45 -10.02 -6.07
N LYS A 49 -4.91 -10.46 -4.94
CA LYS A 49 -4.57 -9.72 -3.70
C LYS A 49 -4.52 -10.66 -2.49
N ALA A 50 -3.72 -10.30 -1.51
CA ALA A 50 -3.63 -11.10 -0.26
C ALA A 50 -3.55 -10.13 0.90
N CYS A 51 -3.82 -10.56 2.10
CA CYS A 51 -3.67 -9.63 3.24
C CYS A 51 -2.61 -10.20 4.14
N LEU A 52 -1.89 -9.38 4.83
CA LEU A 52 -0.83 -9.89 5.73
C LEU A 52 -0.96 -9.15 7.06
N ASN A 53 -0.26 -9.58 8.07
CA ASN A 53 -0.39 -8.91 9.40
C ASN A 53 0.67 -7.80 9.57
N PRO A 54 0.33 -6.55 9.31
CA PRO A 54 1.30 -5.46 9.49
C PRO A 54 1.71 -5.38 10.97
N ALA A 55 0.82 -5.77 11.86
CA ALA A 55 1.18 -5.80 13.31
C ALA A 55 2.34 -6.81 13.46
N SER A 56 2.36 -7.81 12.60
CA SER A 56 3.45 -8.82 12.60
C SER A 56 4.77 -8.14 12.22
N PRO A 57 5.87 -8.60 12.76
CA PRO A 57 7.20 -8.03 12.46
C PRO A 57 7.65 -8.47 11.06
N ILE A 58 7.64 -9.76 10.81
CA ILE A 58 8.02 -10.29 9.46
C ILE A 58 7.19 -9.58 8.40
N VAL A 59 5.92 -9.45 8.68
CA VAL A 59 5.02 -8.81 7.72
C VAL A 59 5.36 -7.32 7.59
N LYS A 60 5.67 -6.67 8.68
CA LYS A 60 6.08 -5.23 8.58
C LYS A 60 7.28 -5.16 7.62
N LYS A 61 7.95 -6.28 7.44
CA LYS A 61 9.07 -6.39 6.50
C LYS A 61 8.47 -6.38 5.11
N ILE A 62 7.50 -7.24 4.92
CA ILE A 62 6.76 -7.32 3.64
C ILE A 62 6.47 -5.91 3.11
N ILE A 63 6.14 -4.98 3.97
CA ILE A 63 5.88 -3.59 3.49
C ILE A 63 7.19 -2.97 3.05
N GLU A 64 8.14 -2.99 3.95
CA GLU A 64 9.46 -2.37 3.65
C GLU A 64 10.17 -3.09 2.48
N LYS A 65 10.16 -4.40 2.47
CA LYS A 65 10.84 -5.14 1.37
C LYS A 65 10.10 -4.88 0.06
N MET A 66 8.79 -4.92 0.08
CA MET A 66 8.02 -4.62 -1.14
C MET A 66 8.42 -3.20 -1.59
N LEU A 67 8.64 -2.33 -0.62
CA LEU A 67 9.06 -0.94 -0.90
C LEU A 67 10.48 -0.94 -1.49
N ASN A 68 11.32 -1.86 -1.05
CA ASN A 68 12.74 -1.88 -1.58
C ASN A 68 12.80 -2.52 -2.97
N SER A 69 12.42 -3.77 -3.09
CA SER A 69 12.46 -4.47 -4.42
C SER A 69 13.90 -4.46 -4.97
N ASP A 70 14.71 -5.39 -4.55
CA ASP A 70 16.12 -5.45 -5.03
C ASP A 70 16.17 -6.02 -6.47
N LYS A 71 17.36 -6.18 -7.00
CA LYS A 71 17.51 -6.72 -8.40
C LYS A 71 16.94 -5.71 -9.41
N SER A 72 17.21 -4.45 -9.22
CA SER A 72 16.70 -3.40 -10.17
C SER A 72 17.82 -2.94 -11.09
N ALA B 1 0.52 11.34 -26.89
CA ALA B 1 0.54 10.96 -25.44
C ALA B 1 1.86 11.45 -24.80
N SER B 2 1.86 11.63 -23.50
CA SER B 2 3.11 12.09 -22.81
C SER B 2 4.12 10.95 -22.77
N VAL B 3 5.37 11.25 -23.04
CA VAL B 3 6.42 10.18 -23.02
C VAL B 3 7.56 10.61 -22.09
N ALA B 4 7.51 10.20 -20.84
CA ALA B 4 8.58 10.58 -19.87
C ALA B 4 8.98 9.34 -19.04
N THR B 5 9.13 8.21 -19.69
CA THR B 5 9.52 6.95 -18.99
C THR B 5 8.56 6.67 -17.81
N GLU B 6 7.31 7.05 -17.93
CA GLU B 6 6.33 6.81 -16.84
C GLU B 6 4.91 7.20 -17.30
N LEU B 7 4.24 6.32 -18.01
CA LEU B 7 2.86 6.62 -18.48
C LEU B 7 1.91 5.71 -17.72
N ARG B 8 2.19 4.44 -17.77
CA ARG B 8 1.36 3.41 -17.10
C ARG B 8 0.97 3.87 -15.69
N CYS B 9 1.95 4.26 -14.91
CA CYS B 9 1.68 4.72 -13.50
C CYS B 9 0.68 5.88 -13.49
N GLN B 10 0.08 6.12 -12.35
CA GLN B 10 -0.91 7.24 -12.23
C GLN B 10 -0.33 8.39 -11.38
N CYS B 11 0.77 8.13 -10.69
CA CYS B 11 1.45 9.14 -9.80
C CYS B 11 1.15 10.59 -10.21
N LEU B 12 0.77 11.43 -9.27
CA LEU B 12 0.51 12.86 -9.59
C LEU B 12 1.89 13.51 -9.82
N GLN B 13 2.65 13.62 -8.77
CA GLN B 13 4.02 14.21 -8.82
C GLN B 13 4.67 13.96 -7.45
N THR B 14 4.48 12.76 -6.93
CA THR B 14 4.99 12.34 -5.58
C THR B 14 5.15 13.51 -4.61
N LEU B 15 4.17 13.70 -3.77
CA LEU B 15 4.25 14.78 -2.75
C LEU B 15 5.20 14.33 -1.63
N GLN B 16 5.66 15.25 -0.82
CA GLN B 16 6.61 14.88 0.28
C GLN B 16 5.86 14.75 1.60
N GLY B 17 5.07 13.71 1.72
CA GLY B 17 4.32 13.45 2.97
C GLY B 17 3.27 14.51 3.23
N ILE B 18 2.11 14.36 2.65
CA ILE B 18 1.02 15.35 2.89
C ILE B 18 0.31 14.95 4.19
N HIS B 19 -0.79 15.59 4.50
CA HIS B 19 -1.50 15.24 5.76
C HIS B 19 -2.66 14.28 5.45
N PRO B 20 -2.95 13.37 6.37
CA PRO B 20 -4.02 12.37 6.18
C PRO B 20 -5.41 13.00 6.38
N LYS B 21 -6.23 12.50 7.29
CA LYS B 21 -7.62 13.04 7.48
C LYS B 21 -8.47 12.55 6.30
N ASN B 22 -7.99 12.77 5.10
CA ASN B 22 -8.71 12.29 3.89
C ASN B 22 -8.05 10.97 3.52
N ILE B 23 -6.74 10.99 3.41
CA ILE B 23 -5.94 9.80 3.07
C ILE B 23 -6.45 8.59 3.86
N GLN B 24 -7.12 7.68 3.18
CA GLN B 24 -7.66 6.47 3.83
C GLN B 24 -6.70 5.29 3.63
N SER B 25 -5.91 5.32 2.59
CA SER B 25 -4.97 4.19 2.33
C SER B 25 -3.92 4.59 1.30
N VAL B 26 -3.11 3.66 0.90
CA VAL B 26 -2.08 3.92 -0.11
C VAL B 26 -1.68 2.62 -0.80
N ASN B 27 -1.16 2.72 -1.98
CA ASN B 27 -0.73 1.55 -2.74
C ASN B 27 0.76 1.67 -3.03
N VAL B 28 1.46 0.59 -3.01
CA VAL B 28 2.91 0.64 -3.30
C VAL B 28 3.29 -0.50 -4.25
N LYS B 29 3.60 -0.17 -5.48
CA LYS B 29 3.97 -1.22 -6.48
C LYS B 29 5.42 -1.05 -6.91
N SER B 30 5.89 -1.94 -7.74
CA SER B 30 7.30 -1.88 -8.23
C SER B 30 7.32 -1.56 -9.74
N PRO B 31 8.52 -1.47 -10.31
CA PRO B 31 8.71 -1.17 -11.75
C PRO B 31 8.40 -2.40 -12.62
N GLY B 32 8.55 -2.28 -13.92
CA GLY B 32 8.25 -3.45 -14.81
C GLY B 32 8.27 -3.01 -16.28
N PRO B 33 7.19 -2.41 -16.73
CA PRO B 33 7.07 -1.95 -18.13
C PRO B 33 7.91 -0.67 -18.37
N HIS B 34 7.60 0.06 -19.41
CA HIS B 34 8.39 1.31 -19.71
C HIS B 34 8.33 2.30 -18.56
N CYS B 35 7.33 2.24 -17.71
CA CYS B 35 7.30 3.17 -16.55
C CYS B 35 8.54 2.85 -15.72
N ALA B 36 8.84 1.56 -15.61
CA ALA B 36 10.06 1.08 -14.90
C ALA B 36 10.36 1.88 -13.63
N GLN B 37 9.33 2.28 -12.94
CA GLN B 37 9.53 3.03 -11.66
C GLN B 37 8.70 2.36 -10.58
N THR B 38 8.80 2.86 -9.38
CA THR B 38 8.02 2.27 -8.26
C THR B 38 6.57 2.73 -8.35
N GLU B 39 5.87 2.63 -7.27
CA GLU B 39 4.47 3.09 -7.23
C GLU B 39 4.16 3.39 -5.80
N VAL B 40 3.55 4.49 -5.55
CA VAL B 40 3.29 4.86 -4.16
C VAL B 40 2.09 5.79 -4.15
N ILE B 41 0.93 5.24 -4.38
CA ILE B 41 -0.29 6.08 -4.48
C ILE B 41 -1.14 6.04 -3.20
N ALA B 42 -1.29 7.15 -2.54
CA ALA B 42 -2.15 7.19 -1.33
C ALA B 42 -3.58 7.45 -1.75
N THR B 43 -4.45 6.48 -1.54
CA THR B 43 -5.87 6.68 -1.96
C THR B 43 -6.54 7.64 -0.98
N LEU B 44 -7.10 8.69 -1.51
CA LEU B 44 -7.75 9.71 -0.67
C LEU B 44 -9.13 9.22 -0.16
N LYS B 45 -9.61 9.85 0.89
CA LYS B 45 -10.93 9.52 1.48
C LYS B 45 -12.03 9.62 0.43
N ASN B 46 -11.93 10.59 -0.43
CA ASN B 46 -12.97 10.74 -1.51
C ASN B 46 -12.81 9.61 -2.54
N GLY B 47 -11.87 8.71 -2.31
CA GLY B 47 -11.64 7.59 -3.28
C GLY B 47 -10.76 8.13 -4.41
N ARG B 48 -9.85 9.01 -4.07
CA ARG B 48 -8.93 9.59 -5.09
C ARG B 48 -7.55 9.01 -4.83
N LYS B 49 -6.53 9.51 -5.46
CA LYS B 49 -5.18 8.95 -5.19
C LYS B 49 -4.09 10.00 -5.39
N ALA B 50 -3.01 9.83 -4.66
CA ALA B 50 -1.85 10.77 -4.78
C ALA B 50 -0.57 9.96 -4.74
N CYS B 51 0.53 10.49 -5.19
CA CYS B 51 1.77 9.71 -5.09
C CYS B 51 2.71 10.48 -4.19
N LEU B 52 3.58 9.80 -3.50
CA LEU B 52 4.52 10.51 -2.61
C LEU B 52 5.90 9.90 -2.83
N ASN B 53 6.93 10.51 -2.32
CA ASN B 53 8.31 9.98 -2.55
C ASN B 53 8.72 9.02 -1.41
N PRO B 54 8.58 7.71 -1.60
CA PRO B 54 8.99 6.76 -0.54
C PRO B 54 10.50 6.88 -0.33
N ALA B 55 11.24 7.25 -1.36
CA ALA B 55 12.71 7.48 -1.17
C ALA B 55 12.86 8.62 -0.15
N SER B 56 11.89 9.52 -0.13
CA SER B 56 11.90 10.66 0.85
C SER B 56 11.74 10.09 2.27
N PRO B 57 12.35 10.73 3.24
CA PRO B 57 12.26 10.29 4.65
C PRO B 57 10.87 10.64 5.21
N ILE B 58 10.48 11.88 5.10
CA ILE B 58 9.13 12.31 5.58
C ILE B 58 8.07 11.41 4.96
N VAL B 59 8.21 11.16 3.70
CA VAL B 59 7.23 10.34 2.99
C VAL B 59 7.32 8.89 3.48
N LYS B 60 8.51 8.39 3.73
CA LYS B 60 8.63 7.01 4.29
C LYS B 60 7.81 6.97 5.59
N LYS B 61 7.58 8.14 6.16
CA LYS B 61 6.76 8.28 7.38
C LYS B 61 5.33 8.05 6.96
N ILE B 62 4.93 8.77 5.94
CA ILE B 62 3.57 8.64 5.35
C ILE B 62 3.18 7.15 5.28
N ILE B 63 4.11 6.28 4.94
CA ILE B 63 3.77 4.84 4.88
C ILE B 63 3.56 4.33 6.29
N GLU B 64 4.53 4.55 7.13
CA GLU B 64 4.46 4.07 8.52
C GLU B 64 3.30 4.73 9.28
N LYS B 65 3.13 6.03 9.15
CA LYS B 65 2.03 6.72 9.87
C LYS B 65 0.69 6.25 9.33
N MET B 66 0.57 6.14 8.04
CA MET B 66 -0.70 5.62 7.45
C MET B 66 -0.93 4.22 8.04
N LEU B 67 0.15 3.50 8.24
CA LEU B 67 0.08 2.14 8.83
C LEU B 67 -0.34 2.24 10.31
N ASN B 68 0.07 3.29 10.98
CA ASN B 68 -0.30 3.41 12.45
C ASN B 68 -1.74 3.92 12.60
N SER B 69 -2.04 5.10 12.11
CA SER B 69 -3.43 5.66 12.24
C SER B 69 -3.81 5.76 13.73
N ASP B 70 -3.42 6.82 14.38
CA ASP B 70 -3.75 6.99 15.84
C ASP B 70 -5.22 7.41 15.99
N LYS B 71 -5.65 7.66 17.22
CA LYS B 71 -7.06 8.07 17.48
C LYS B 71 -8.02 6.91 17.14
N SER B 72 -7.65 5.70 17.51
CA SER B 72 -8.53 4.51 17.23
C SER B 72 -9.25 4.08 18.51
N ALA A 1 -17.88 -17.48 -4.16
CA ALA A 1 -17.67 -17.42 -2.68
C ALA A 1 -18.51 -16.29 -2.09
N SER A 2 -19.35 -16.59 -1.12
CA SER A 2 -20.20 -15.55 -0.50
C SER A 2 -19.57 -15.08 0.82
N VAL A 3 -19.71 -13.81 1.14
CA VAL A 3 -19.12 -13.28 2.41
C VAL A 3 -20.18 -12.48 3.17
N ALA A 4 -20.45 -12.85 4.40
CA ALA A 4 -21.47 -12.10 5.22
C ALA A 4 -20.76 -11.05 6.07
N THR A 5 -21.16 -9.80 5.95
CA THR A 5 -20.51 -8.69 6.74
C THR A 5 -19.10 -8.43 6.20
N GLU A 6 -18.60 -7.22 6.38
CA GLU A 6 -17.23 -6.86 5.88
C GLU A 6 -17.21 -6.96 4.35
N LEU A 7 -17.39 -5.85 3.68
CA LEU A 7 -17.39 -5.86 2.19
C LEU A 7 -16.19 -5.06 1.71
N ARG A 8 -16.11 -3.83 2.16
CA ARG A 8 -15.00 -2.92 1.78
C ARG A 8 -13.65 -3.65 1.79
N CYS A 9 -13.31 -4.26 2.89
CA CYS A 9 -12.01 -4.99 2.98
C CYS A 9 -12.09 -6.28 2.16
N GLN A 10 -10.98 -6.68 1.59
CA GLN A 10 -10.95 -7.93 0.75
C GLN A 10 -9.99 -8.97 1.34
N CYS A 11 -9.26 -8.61 2.37
CA CYS A 11 -8.25 -9.54 3.01
C CYS A 11 -8.71 -11.01 2.96
N LEU A 12 -7.79 -11.89 2.64
CA LEU A 12 -8.10 -13.34 2.59
C LEU A 12 -8.12 -13.87 4.03
N GLN A 13 -6.97 -13.92 4.64
CA GLN A 13 -6.84 -14.37 6.05
C GLN A 13 -5.45 -13.94 6.55
N THR A 14 -5.07 -12.73 6.21
CA THR A 14 -3.74 -12.14 6.56
C THR A 14 -2.64 -13.18 6.72
N LEU A 15 -1.87 -13.38 5.69
CA LEU A 15 -0.73 -14.34 5.75
C LEU A 15 0.40 -13.72 6.58
N GLN A 16 1.34 -14.51 7.03
CA GLN A 16 2.45 -13.97 7.85
C GLN A 16 3.70 -13.77 7.00
N GLY A 17 3.65 -12.81 6.11
CA GLY A 17 4.83 -12.50 5.26
C GLY A 17 5.15 -13.66 4.33
N ILE A 18 4.47 -13.76 3.23
CA ILE A 18 4.77 -14.85 2.27
C ILE A 18 5.97 -14.43 1.43
N HIS A 19 6.31 -15.17 0.43
CA HIS A 19 7.49 -14.79 -0.40
C HIS A 19 7.00 -13.98 -1.62
N PRO A 20 7.78 -13.00 -2.03
CA PRO A 20 7.41 -12.12 -3.17
C PRO A 20 7.59 -12.85 -4.51
N LYS A 21 8.39 -12.35 -5.44
CA LYS A 21 8.53 -13.00 -6.78
C LYS A 21 7.26 -12.68 -7.59
N ASN A 22 6.11 -12.92 -7.00
CA ASN A 22 4.82 -12.60 -7.65
C ASN A 22 4.36 -11.27 -7.07
N ILE A 23 4.34 -11.21 -5.76
CA ILE A 23 3.94 -9.98 -5.03
C ILE A 23 4.62 -8.76 -5.65
N GLN A 24 3.87 -7.95 -6.35
CA GLN A 24 4.43 -6.75 -7.01
C GLN A 24 4.03 -5.49 -6.24
N SER A 25 2.97 -5.53 -5.46
CA SER A 25 2.55 -4.31 -4.71
C SER A 25 1.68 -4.66 -3.50
N VAL A 26 1.23 -3.66 -2.79
CA VAL A 26 0.36 -3.88 -1.61
C VAL A 26 -0.44 -2.61 -1.32
N ASN A 27 -1.56 -2.77 -0.68
CA ASN A 27 -2.39 -1.60 -0.32
C ASN A 27 -2.75 -1.65 1.16
N VAL A 28 -2.49 -0.57 1.85
CA VAL A 28 -2.82 -0.52 3.30
C VAL A 28 -3.89 0.55 3.54
N LYS A 29 -5.00 0.18 4.11
CA LYS A 29 -6.11 1.14 4.35
C LYS A 29 -6.59 1.05 5.81
N SER A 30 -7.22 2.10 6.29
CA SER A 30 -7.73 2.13 7.70
C SER A 30 -9.16 1.54 7.76
N PRO A 31 -9.69 1.41 8.98
CA PRO A 31 -11.05 0.85 9.21
C PRO A 31 -12.14 1.89 8.87
N GLY A 32 -13.40 1.51 9.01
CA GLY A 32 -14.51 2.46 8.70
C GLY A 32 -15.84 1.92 9.25
N PRO A 33 -16.60 1.28 8.38
CA PRO A 33 -17.93 0.70 8.74
C PRO A 33 -17.74 -0.62 9.51
N HIS A 34 -18.72 -1.52 9.47
CA HIS A 34 -18.60 -2.82 10.20
C HIS A 34 -17.26 -3.49 9.89
N CYS A 35 -16.72 -3.27 8.70
CA CYS A 35 -15.35 -3.82 8.40
C CYS A 35 -14.38 -2.84 9.05
N ALA A 36 -14.55 -2.70 10.34
CA ALA A 36 -13.75 -1.73 11.15
C ALA A 36 -12.40 -2.33 11.55
N GLN A 37 -11.62 -2.63 10.57
CA GLN A 37 -10.25 -3.17 10.79
C GLN A 37 -9.29 -2.51 9.82
N THR A 38 -8.03 -2.83 9.90
CA THR A 38 -7.05 -2.22 8.96
C THR A 38 -7.23 -2.81 7.57
N GLU A 39 -6.25 -2.64 6.73
CA GLU A 39 -6.29 -3.20 5.37
C GLU A 39 -4.85 -3.37 4.96
N VAL A 40 -4.52 -4.50 4.45
CA VAL A 40 -3.13 -4.73 4.09
C VAL A 40 -3.09 -5.76 2.98
N ILE A 41 -3.44 -5.35 1.79
CA ILE A 41 -3.52 -6.30 0.66
C ILE A 41 -2.32 -6.21 -0.28
N ALA A 42 -1.58 -7.28 -0.41
CA ALA A 42 -0.42 -7.29 -1.35
C ALA A 42 -0.92 -7.77 -2.71
N THR A 43 -0.91 -6.91 -3.71
CA THR A 43 -1.39 -7.34 -5.04
C THR A 43 -0.36 -8.29 -5.66
N LEU A 44 -0.80 -9.46 -6.01
CA LEU A 44 0.11 -10.46 -6.60
C LEU A 44 0.44 -10.13 -8.05
N LYS A 45 1.54 -10.64 -8.55
CA LYS A 45 1.97 -10.41 -9.95
C LYS A 45 0.89 -10.83 -10.93
N ASN A 46 0.24 -11.93 -10.65
CA ASN A 46 -0.86 -12.38 -11.57
C ASN A 46 -1.95 -11.28 -11.60
N GLY A 47 -1.88 -10.34 -10.67
CA GLY A 47 -2.87 -9.24 -10.62
C GLY A 47 -3.96 -9.57 -9.61
N ARG A 48 -3.61 -10.27 -8.56
CA ARG A 48 -4.63 -10.61 -7.52
C ARG A 48 -4.20 -9.98 -6.21
N LYS A 49 -4.74 -10.40 -5.11
CA LYS A 49 -4.34 -9.74 -3.84
C LYS A 49 -4.35 -10.71 -2.65
N ALA A 50 -3.56 -10.38 -1.67
CA ALA A 50 -3.51 -11.20 -0.41
C ALA A 50 -3.48 -10.23 0.76
N CYS A 51 -3.85 -10.65 1.93
CA CYS A 51 -3.75 -9.72 3.08
C CYS A 51 -2.74 -10.34 4.03
N LEU A 52 -2.03 -9.53 4.75
CA LEU A 52 -1.02 -10.08 5.69
C LEU A 52 -1.18 -9.36 7.04
N ASN A 53 -0.54 -9.84 8.06
CA ASN A 53 -0.71 -9.21 9.40
C ASN A 53 0.37 -8.15 9.65
N PRO A 54 0.10 -6.88 9.40
CA PRO A 54 1.10 -5.82 9.64
C PRO A 54 1.43 -5.79 11.14
N ALA A 55 0.50 -6.17 11.99
CA ALA A 55 0.81 -6.25 13.44
C ALA A 55 1.91 -7.29 13.62
N SER A 56 1.93 -8.28 12.74
CA SER A 56 2.98 -9.34 12.78
C SER A 56 4.35 -8.69 12.48
N PRO A 57 5.40 -9.23 13.05
CA PRO A 57 6.76 -8.70 12.84
C PRO A 57 7.26 -9.09 11.44
N ILE A 58 7.24 -10.36 11.13
CA ILE A 58 7.66 -10.82 9.77
C ILE A 58 6.88 -10.06 8.72
N VAL A 59 5.61 -9.92 8.95
CA VAL A 59 4.75 -9.21 8.00
C VAL A 59 5.11 -7.74 7.97
N LYS A 60 5.40 -7.15 9.10
CA LYS A 60 5.82 -5.71 9.10
C LYS A 60 7.05 -5.61 8.18
N LYS A 61 7.70 -6.72 7.95
CA LYS A 61 8.87 -6.79 7.04
C LYS A 61 8.29 -6.69 5.64
N ILE A 62 7.32 -7.52 5.36
CA ILE A 62 6.62 -7.51 4.06
C ILE A 62 6.37 -6.06 3.62
N ILE A 63 6.04 -5.18 4.52
CA ILE A 63 5.83 -3.75 4.13
C ILE A 63 7.17 -3.14 3.79
N GLU A 64 8.09 -3.24 4.71
CA GLU A 64 9.43 -2.65 4.51
C GLU A 64 10.15 -3.28 3.32
N LYS A 65 10.10 -4.60 3.20
CA LYS A 65 10.78 -5.26 2.06
C LYS A 65 10.06 -4.91 0.77
N MET A 66 8.76 -4.86 0.78
CA MET A 66 8.03 -4.45 -0.45
C MET A 66 8.48 -3.04 -0.79
N LEU A 67 8.73 -2.24 0.23
CA LEU A 67 9.21 -0.84 0.05
C LEU A 67 10.60 -0.86 -0.62
N ASN A 68 11.41 -1.86 -0.32
CA ASN A 68 12.78 -1.91 -0.93
C ASN A 68 12.81 -2.92 -2.09
N SER A 69 13.84 -2.87 -2.91
CA SER A 69 13.96 -3.83 -4.05
C SER A 69 15.44 -4.07 -4.36
N ASP A 70 16.24 -4.27 -3.35
CA ASP A 70 17.70 -4.53 -3.57
C ASP A 70 18.25 -5.41 -2.44
N LYS A 71 19.34 -6.10 -2.71
CA LYS A 71 19.95 -6.98 -1.66
C LYS A 71 21.32 -7.47 -2.14
N SER A 72 22.24 -6.57 -2.37
CA SER A 72 23.60 -6.97 -2.85
C SER A 72 24.61 -5.86 -2.51
N ALA B 1 -7.96 15.02 -19.07
CA ALA B 1 -6.47 15.14 -19.03
C ALA B 1 -5.85 13.98 -19.83
N SER B 2 -5.02 14.29 -20.80
CA SER B 2 -4.39 13.23 -21.62
C SER B 2 -2.96 12.97 -21.11
N VAL B 3 -2.51 11.74 -21.16
CA VAL B 3 -1.13 11.42 -20.67
C VAL B 3 -0.41 10.58 -21.72
N ALA B 4 0.74 11.03 -22.17
CA ALA B 4 1.52 10.26 -23.20
C ALA B 4 2.56 9.39 -22.49
N THR B 5 2.55 8.10 -22.74
CA THR B 5 3.53 7.17 -22.09
C THR B 5 3.18 7.01 -20.60
N GLU B 6 3.54 5.89 -20.01
CA GLU B 6 3.24 5.63 -18.56
C GLU B 6 1.73 5.57 -18.36
N LEU B 7 1.17 4.39 -18.36
CA LEU B 7 -0.31 4.25 -18.18
C LEU B 7 -0.56 3.54 -16.85
N ARG B 8 0.02 2.38 -16.71
CA ARG B 8 -0.14 1.55 -15.48
C ARG B 8 -0.11 2.42 -14.23
N CYS B 9 0.94 3.17 -14.03
CA CYS B 9 1.03 4.04 -12.82
C CYS B 9 0.10 5.25 -12.97
N GLN B 10 -0.44 5.71 -11.88
CA GLN B 10 -1.36 6.89 -11.91
C GLN B 10 -0.71 8.10 -11.22
N CYS B 11 0.42 7.89 -10.59
CA CYS B 11 1.17 8.96 -9.84
C CYS B 11 0.85 10.38 -10.35
N LEU B 12 0.53 11.28 -9.45
CA LEU B 12 0.25 12.69 -9.84
C LEU B 12 1.60 13.39 -10.08
N GLN B 13 2.32 13.62 -9.01
CA GLN B 13 3.66 14.26 -9.08
C GLN B 13 4.35 14.06 -7.72
N THR B 14 4.21 12.87 -7.18
CA THR B 14 4.76 12.48 -5.83
C THR B 14 4.92 13.67 -4.89
N LEU B 15 3.98 13.85 -4.01
CA LEU B 15 4.06 14.95 -3.01
C LEU B 15 5.08 14.54 -1.92
N GLN B 16 5.52 15.47 -1.13
CA GLN B 16 6.52 15.13 -0.08
C GLN B 16 5.82 15.00 1.28
N GLY B 17 5.09 13.93 1.43
CA GLY B 17 4.38 13.67 2.72
C GLY B 17 3.38 14.76 3.04
N ILE B 18 2.20 14.66 2.48
CA ILE B 18 1.16 15.69 2.78
C ILE B 18 0.50 15.33 4.12
N HIS B 19 -0.53 16.00 4.49
CA HIS B 19 -1.18 15.68 5.79
C HIS B 19 -2.35 14.71 5.53
N PRO B 20 -2.56 13.78 6.45
CA PRO B 20 -3.62 12.77 6.32
C PRO B 20 -5.01 13.37 6.57
N LYS B 21 -5.78 12.86 7.53
CA LYS B 21 -7.18 13.37 7.76
C LYS B 21 -8.07 12.83 6.64
N ASN B 22 -7.64 13.01 5.41
CA ASN B 22 -8.38 12.47 4.25
C ASN B 22 -7.70 11.17 3.87
N ILE B 23 -6.41 11.24 3.69
CA ILE B 23 -5.59 10.06 3.33
C ILE B 23 -5.99 8.86 4.21
N GLN B 24 -6.66 7.91 3.63
CA GLN B 24 -7.13 6.72 4.38
C GLN B 24 -6.27 5.50 4.02
N SER B 25 -5.62 5.51 2.88
CA SER B 25 -4.78 4.33 2.50
C SER B 25 -3.73 4.70 1.47
N VAL B 26 -2.96 3.72 1.04
CA VAL B 26 -1.91 3.96 0.01
C VAL B 26 -1.56 2.65 -0.68
N ASN B 27 -1.06 2.74 -1.88
CA ASN B 27 -0.67 1.53 -2.62
C ASN B 27 0.75 1.69 -3.16
N VAL B 28 1.59 0.72 -2.88
CA VAL B 28 3.00 0.78 -3.36
C VAL B 28 3.23 -0.38 -4.34
N LYS B 29 3.63 -0.07 -5.55
CA LYS B 29 3.86 -1.14 -6.57
C LYS B 29 5.24 -0.96 -7.23
N SER B 30 5.76 -2.01 -7.82
CA SER B 30 7.10 -1.96 -8.48
C SER B 30 6.95 -1.53 -9.96
N PRO B 31 8.07 -1.33 -10.65
CA PRO B 31 8.08 -0.92 -12.07
C PRO B 31 7.75 -2.11 -13.01
N GLY B 32 7.71 -1.86 -14.30
CA GLY B 32 7.39 -2.97 -15.26
C GLY B 32 7.72 -2.54 -16.70
N PRO B 33 6.71 -2.08 -17.41
CA PRO B 33 6.86 -1.63 -18.82
C PRO B 33 7.49 -0.23 -18.87
N HIS B 34 7.25 0.52 -19.93
CA HIS B 34 7.86 1.90 -20.05
C HIS B 34 7.62 2.69 -18.77
N CYS B 35 6.54 2.44 -18.07
CA CYS B 35 6.33 3.11 -16.75
C CYS B 35 7.17 2.30 -15.77
N ALA B 36 8.45 2.32 -16.02
CA ALA B 36 9.42 1.53 -15.24
C ALA B 36 9.90 2.31 -14.01
N GLN B 37 8.98 2.59 -13.15
CA GLN B 37 9.28 3.31 -11.89
C GLN B 37 8.50 2.66 -10.75
N THR B 38 8.67 3.12 -9.54
CA THR B 38 7.93 2.54 -8.40
C THR B 38 6.45 2.96 -8.47
N GLU B 39 5.75 2.82 -7.39
CA GLU B 39 4.35 3.24 -7.32
C GLU B 39 4.08 3.53 -5.88
N VAL B 40 3.49 4.64 -5.60
CA VAL B 40 3.27 5.00 -4.21
C VAL B 40 2.05 5.91 -4.16
N ILE B 41 0.88 5.34 -4.29
CA ILE B 41 -0.35 6.15 -4.33
C ILE B 41 -1.14 6.09 -3.03
N ALA B 42 -1.33 7.22 -2.39
CA ALA B 42 -2.12 7.27 -1.14
C ALA B 42 -3.58 7.55 -1.51
N THR B 43 -4.46 6.60 -1.29
CA THR B 43 -5.89 6.83 -1.64
C THR B 43 -6.49 7.82 -0.66
N LEU B 44 -7.02 8.89 -1.17
CA LEU B 44 -7.62 9.93 -0.32
C LEU B 44 -8.98 9.47 0.22
N LYS B 45 -9.41 10.06 1.33
CA LYS B 45 -10.72 9.74 1.95
C LYS B 45 -11.85 9.94 0.95
N ASN B 46 -11.78 10.98 0.17
CA ASN B 46 -12.85 11.20 -0.86
C ASN B 46 -12.87 9.98 -1.82
N GLY B 47 -11.84 9.16 -1.77
CA GLY B 47 -11.78 7.95 -2.64
C GLY B 47 -10.94 8.26 -3.87
N ARG B 48 -9.94 9.11 -3.72
CA ARG B 48 -9.06 9.42 -4.89
C ARG B 48 -7.66 8.98 -4.56
N LYS B 49 -6.66 9.44 -5.27
CA LYS B 49 -5.29 8.98 -4.96
C LYS B 49 -4.24 10.05 -5.20
N ALA B 50 -3.14 9.93 -4.49
CA ALA B 50 -2.00 10.88 -4.65
C ALA B 50 -0.72 10.06 -4.66
N CYS B 51 0.35 10.57 -5.20
CA CYS B 51 1.61 9.81 -5.15
C CYS B 51 2.57 10.60 -4.30
N LEU B 52 3.47 9.96 -3.64
CA LEU B 52 4.45 10.69 -2.81
C LEU B 52 5.83 10.09 -3.06
N ASN B 53 6.86 10.75 -2.62
CA ASN B 53 8.24 10.23 -2.89
C ASN B 53 8.72 9.33 -1.74
N PRO B 54 8.60 8.02 -1.86
CA PRO B 54 9.07 7.11 -0.79
C PRO B 54 10.59 7.26 -0.64
N ALA B 55 11.27 7.62 -1.70
CA ALA B 55 12.74 7.88 -1.60
C ALA B 55 12.92 9.07 -0.63
N SER B 56 11.92 9.95 -0.60
CA SER B 56 11.97 11.12 0.31
C SER B 56 11.90 10.61 1.77
N PRO B 57 12.51 11.32 2.68
CA PRO B 57 12.51 10.94 4.11
C PRO B 57 11.12 11.23 4.73
N ILE B 58 10.67 12.46 4.60
CA ILE B 58 9.32 12.84 5.13
C ILE B 58 8.29 11.88 4.57
N VAL B 59 8.38 11.62 3.31
CA VAL B 59 7.42 10.73 2.65
C VAL B 59 7.61 9.30 3.16
N LYS B 60 8.83 8.88 3.36
CA LYS B 60 9.05 7.51 3.92
C LYS B 60 8.29 7.44 5.27
N LYS B 61 8.00 8.60 5.83
CA LYS B 61 7.21 8.71 7.07
C LYS B 61 5.79 8.39 6.69
N ILE B 62 5.32 9.08 5.68
CA ILE B 62 3.95 8.84 5.15
C ILE B 62 3.66 7.34 5.10
N ILE B 63 4.62 6.52 4.76
CA ILE B 63 4.37 5.05 4.74
C ILE B 63 4.25 4.56 6.18
N GLU B 64 5.25 4.87 6.95
CA GLU B 64 5.27 4.41 8.36
C GLU B 64 4.08 5.01 9.15
N LYS B 65 3.82 6.28 8.99
CA LYS B 65 2.69 6.90 9.73
C LYS B 65 1.37 6.34 9.21
N MET B 66 1.25 6.14 7.92
CA MET B 66 0.02 5.53 7.39
C MET B 66 -0.12 4.14 8.02
N LEU B 67 1.00 3.49 8.23
CA LEU B 67 1.04 2.15 8.87
C LEU B 67 0.53 2.26 10.32
N ASN B 68 0.80 3.36 10.98
CA ASN B 68 0.34 3.51 12.40
C ASN B 68 -0.92 4.39 12.47
N SER B 69 -1.61 4.38 13.58
CA SER B 69 -2.83 5.22 13.74
C SER B 69 -3.01 5.61 15.21
N ASP B 70 -1.94 6.00 15.87
CA ASP B 70 -2.02 6.39 17.30
C ASP B 70 -0.97 7.45 17.62
N LYS B 71 -1.18 8.24 18.66
CA LYS B 71 -0.18 9.28 19.05
C LYS B 71 -0.57 9.88 20.40
N SER B 72 -0.60 9.06 21.43
CA SER B 72 -0.97 9.57 22.79
C SER B 72 -0.40 8.63 23.87
N ALA A 1 -20.62 -16.67 -1.28
CA ALA A 1 -20.38 -16.67 0.20
C ALA A 1 -20.26 -15.22 0.70
N SER A 2 -21.23 -14.75 1.42
CA SER A 2 -21.19 -13.36 1.95
C SER A 2 -20.95 -13.38 3.47
N VAL A 3 -20.36 -12.35 4.01
CA VAL A 3 -20.10 -12.31 5.48
C VAL A 3 -20.18 -10.87 6.00
N ALA A 4 -20.67 -10.70 7.20
CA ALA A 4 -20.78 -9.32 7.78
C ALA A 4 -19.46 -8.93 8.46
N THR A 5 -19.39 -7.73 8.98
CA THR A 5 -18.15 -7.25 9.68
C THR A 5 -17.00 -7.08 8.67
N GLU A 6 -17.30 -7.00 7.39
CA GLU A 6 -16.23 -6.83 6.36
C GLU A 6 -16.87 -6.82 4.96
N LEU A 7 -17.02 -5.66 4.37
CA LEU A 7 -17.60 -5.57 3.00
C LEU A 7 -16.52 -4.99 2.10
N ARG A 8 -16.10 -3.80 2.44
CA ARG A 8 -15.03 -3.11 1.69
C ARG A 8 -13.75 -3.96 1.76
N CYS A 9 -13.40 -4.38 2.96
CA CYS A 9 -12.18 -5.22 3.17
C CYS A 9 -12.42 -6.61 2.59
N GLN A 10 -11.44 -7.15 1.93
CA GLN A 10 -11.56 -8.51 1.31
C GLN A 10 -10.45 -9.44 1.81
N CYS A 11 -9.57 -8.95 2.65
CA CYS A 11 -8.42 -9.76 3.19
C CYS A 11 -8.72 -11.26 3.18
N LEU A 12 -7.82 -12.05 2.62
CA LEU A 12 -8.02 -13.52 2.58
C LEU A 12 -8.04 -14.04 4.03
N GLN A 13 -6.93 -13.87 4.69
CA GLN A 13 -6.79 -14.30 6.12
C GLN A 13 -5.42 -13.83 6.60
N THR A 14 -5.09 -12.60 6.25
CA THR A 14 -3.76 -11.98 6.58
C THR A 14 -2.65 -13.02 6.72
N LEU A 15 -1.94 -13.24 5.66
CA LEU A 15 -0.82 -14.22 5.68
C LEU A 15 0.33 -13.63 6.50
N GLN A 16 1.19 -14.46 7.04
CA GLN A 16 2.32 -13.94 7.86
C GLN A 16 3.58 -13.82 7.00
N GLY A 17 3.55 -12.93 6.05
CA GLY A 17 4.74 -12.69 5.18
C GLY A 17 4.96 -13.88 4.25
N ILE A 18 4.29 -13.90 3.13
CA ILE A 18 4.49 -15.01 2.16
C ILE A 18 5.68 -14.64 1.27
N HIS A 19 5.93 -15.38 0.25
CA HIS A 19 7.08 -15.07 -0.63
C HIS A 19 6.59 -14.23 -1.83
N PRO A 20 7.39 -13.28 -2.27
CA PRO A 20 7.02 -12.40 -3.40
C PRO A 20 7.14 -13.14 -4.74
N LYS A 21 7.97 -12.69 -5.67
CA LYS A 21 8.06 -13.35 -7.02
C LYS A 21 6.81 -12.95 -7.82
N ASN A 22 5.65 -13.14 -7.23
CA ASN A 22 4.38 -12.75 -7.87
C ASN A 22 4.00 -11.39 -7.28
N ILE A 23 3.99 -11.33 -5.97
CA ILE A 23 3.65 -10.10 -5.23
C ILE A 23 4.42 -8.90 -5.83
N GLN A 24 3.72 -8.03 -6.50
CA GLN A 24 4.35 -6.85 -7.13
C GLN A 24 4.00 -5.58 -6.36
N SER A 25 2.92 -5.58 -5.60
CA SER A 25 2.55 -4.35 -4.84
C SER A 25 1.67 -4.69 -3.64
N VAL A 26 1.22 -3.69 -2.94
CA VAL A 26 0.34 -3.91 -1.77
C VAL A 26 -0.41 -2.62 -1.44
N ASN A 27 -1.50 -2.76 -0.73
CA ASN A 27 -2.30 -1.60 -0.33
C ASN A 27 -2.48 -1.59 1.18
N VAL A 28 -2.60 -0.45 1.77
CA VAL A 28 -2.79 -0.39 3.25
C VAL A 28 -3.86 0.67 3.59
N LYS A 29 -4.99 0.24 4.08
CA LYS A 29 -6.10 1.18 4.43
C LYS A 29 -6.44 1.06 5.93
N SER A 30 -7.06 2.09 6.47
CA SER A 30 -7.43 2.09 7.93
C SER A 30 -8.85 1.52 8.12
N PRO A 31 -9.31 1.46 9.36
CA PRO A 31 -10.65 0.93 9.71
C PRO A 31 -11.77 1.93 9.36
N GLY A 32 -13.01 1.62 9.74
CA GLY A 32 -14.13 2.55 9.42
C GLY A 32 -15.49 1.93 9.81
N PRO A 33 -16.02 1.10 8.94
CA PRO A 33 -17.32 0.43 9.16
C PRO A 33 -17.17 -0.71 10.20
N HIS A 34 -18.09 -1.67 10.21
CA HIS A 34 -17.98 -2.80 11.19
C HIS A 34 -16.65 -3.54 10.96
N CYS A 35 -16.07 -3.43 9.77
CA CYS A 35 -14.74 -4.06 9.52
C CYS A 35 -13.82 -3.52 10.62
N ALA A 36 -13.87 -2.22 10.81
CA ALA A 36 -13.11 -1.52 11.89
C ALA A 36 -11.70 -2.07 12.11
N GLN A 37 -11.12 -2.62 11.09
CA GLN A 37 -9.73 -3.13 11.20
C GLN A 37 -8.89 -2.41 10.16
N THR A 38 -7.64 -2.76 10.06
CA THR A 38 -6.78 -2.10 9.06
C THR A 38 -7.02 -2.72 7.69
N GLU A 39 -6.08 -2.57 6.81
CA GLU A 39 -6.18 -3.16 5.46
C GLU A 39 -4.78 -3.31 4.97
N VAL A 40 -4.46 -4.43 4.44
CA VAL A 40 -3.09 -4.63 4.02
C VAL A 40 -3.10 -5.65 2.90
N ILE A 41 -3.48 -5.23 1.72
CA ILE A 41 -3.61 -6.17 0.59
C ILE A 41 -2.40 -6.14 -0.36
N ALA A 42 -1.69 -7.23 -0.48
CA ALA A 42 -0.54 -7.26 -1.43
C ALA A 42 -1.04 -7.71 -2.79
N THR A 43 -0.99 -6.84 -3.77
CA THR A 43 -1.49 -7.23 -5.11
C THR A 43 -0.52 -8.20 -5.76
N LEU A 44 -1.01 -9.34 -6.13
CA LEU A 44 -0.17 -10.37 -6.76
C LEU A 44 0.16 -9.99 -8.20
N LYS A 45 1.23 -10.56 -8.74
CA LYS A 45 1.66 -10.30 -10.14
C LYS A 45 0.53 -10.64 -11.10
N ASN A 46 -0.17 -11.70 -10.85
CA ASN A 46 -1.31 -12.08 -11.75
C ASN A 46 -2.42 -11.01 -11.64
N GLY A 47 -2.25 -10.01 -10.81
CA GLY A 47 -3.27 -8.95 -10.64
C GLY A 47 -4.29 -9.41 -9.61
N ARG A 48 -3.82 -10.07 -8.58
CA ARG A 48 -4.74 -10.55 -7.50
C ARG A 48 -4.35 -9.82 -6.23
N LYS A 49 -4.86 -10.23 -5.09
CA LYS A 49 -4.49 -9.53 -3.84
C LYS A 49 -4.56 -10.47 -2.65
N ALA A 50 -3.76 -10.17 -1.65
CA ALA A 50 -3.76 -11.00 -0.41
C ALA A 50 -3.67 -10.06 0.78
N CYS A 51 -4.02 -10.49 1.95
CA CYS A 51 -3.87 -9.59 3.11
C CYS A 51 -2.83 -10.20 4.01
N LEU A 52 -2.09 -9.40 4.73
CA LEU A 52 -1.06 -9.96 5.64
C LEU A 52 -1.16 -9.24 6.97
N ASN A 53 -0.52 -9.72 7.99
CA ASN A 53 -0.64 -9.05 9.33
C ASN A 53 0.51 -8.05 9.54
N PRO A 54 0.31 -6.77 9.27
CA PRO A 54 1.38 -5.78 9.50
C PRO A 54 1.71 -5.73 10.99
N ALA A 55 0.76 -6.05 11.83
CA ALA A 55 1.04 -6.12 13.29
C ALA A 55 2.10 -7.22 13.48
N SER A 56 2.06 -8.23 12.63
CA SER A 56 3.07 -9.33 12.69
C SER A 56 4.45 -8.73 12.40
N PRO A 57 5.49 -9.32 12.94
CA PRO A 57 6.87 -8.84 12.73
C PRO A 57 7.35 -9.19 11.31
N ILE A 58 7.35 -10.46 10.98
CA ILE A 58 7.76 -10.90 9.61
C ILE A 58 6.96 -10.12 8.59
N VAL A 59 5.70 -10.00 8.82
CA VAL A 59 4.82 -9.30 7.88
C VAL A 59 5.18 -7.82 7.85
N LYS A 60 5.45 -7.21 8.98
CA LYS A 60 5.87 -5.78 8.96
C LYS A 60 7.08 -5.66 8.01
N LYS A 61 7.76 -6.77 7.79
CA LYS A 61 8.89 -6.83 6.87
C LYS A 61 8.29 -6.76 5.47
N ILE A 62 7.34 -7.61 5.22
CA ILE A 62 6.62 -7.64 3.93
C ILE A 62 6.33 -6.21 3.45
N ILE A 63 5.98 -5.32 4.36
CA ILE A 63 5.74 -3.91 3.94
C ILE A 63 7.05 -3.26 3.56
N GLU A 64 7.99 -3.33 4.47
CA GLU A 64 9.30 -2.69 4.24
C GLU A 64 10.00 -3.31 3.02
N LYS A 65 9.99 -4.62 2.92
CA LYS A 65 10.66 -5.29 1.76
C LYS A 65 9.88 -4.96 0.49
N MET A 66 8.58 -4.98 0.54
CA MET A 66 7.79 -4.60 -0.65
C MET A 66 8.16 -3.16 -1.01
N LEU A 67 8.43 -2.36 -0.01
CA LEU A 67 8.86 -0.95 -0.23
C LEU A 67 10.26 -0.94 -0.84
N ASN A 68 11.06 -1.94 -0.51
CA ASN A 68 12.46 -2.00 -1.06
C ASN A 68 12.54 -3.11 -2.14
N SER A 69 13.71 -3.62 -2.41
CA SER A 69 13.87 -4.68 -3.44
C SER A 69 15.27 -5.30 -3.32
N ASP A 70 15.38 -6.40 -2.64
CA ASP A 70 16.71 -7.05 -2.45
C ASP A 70 17.17 -7.69 -3.77
N LYS A 71 18.46 -7.75 -3.99
CA LYS A 71 18.99 -8.36 -5.24
C LYS A 71 20.49 -8.61 -5.09
N SER A 72 21.25 -7.58 -4.84
CA SER A 72 22.73 -7.74 -4.67
C SER A 72 23.02 -8.44 -3.33
N ALA B 1 -5.33 14.20 -22.06
CA ALA B 1 -3.86 14.38 -22.00
C ALA B 1 -3.18 13.02 -21.78
N SER B 2 -2.51 12.51 -22.79
CA SER B 2 -1.82 11.19 -22.65
C SER B 2 -0.31 11.41 -22.61
N VAL B 3 0.42 10.51 -21.98
CA VAL B 3 1.90 10.66 -21.90
C VAL B 3 2.56 9.27 -21.90
N ALA B 4 3.72 9.16 -22.50
CA ALA B 4 4.44 7.85 -22.54
C ALA B 4 5.30 7.69 -21.28
N THR B 5 5.97 6.56 -21.16
CA THR B 5 6.84 6.30 -19.96
C THR B 5 5.99 6.17 -18.69
N GLU B 6 4.71 5.91 -18.82
CA GLU B 6 3.83 5.76 -17.62
C GLU B 6 2.38 5.53 -18.07
N LEU B 7 1.92 4.31 -18.00
CA LEU B 7 0.52 4.01 -18.41
C LEU B 7 -0.20 3.44 -17.19
N ARG B 8 0.31 2.34 -16.71
CA ARG B 8 -0.27 1.67 -15.51
C ARG B 8 -0.33 2.62 -14.33
N CYS B 9 0.79 3.18 -13.95
CA CYS B 9 0.82 4.12 -12.80
C CYS B 9 0.21 5.46 -13.21
N GLN B 10 -0.37 6.15 -12.28
CA GLN B 10 -1.03 7.46 -12.58
C GLN B 10 -0.39 8.59 -11.76
N CYS B 11 0.54 8.25 -10.88
CA CYS B 11 1.26 9.23 -9.99
C CYS B 11 0.99 10.70 -10.38
N LEU B 12 0.47 11.49 -9.46
CA LEU B 12 0.21 12.94 -9.77
C LEU B 12 1.58 13.59 -10.01
N GLN B 13 2.38 13.61 -8.98
CA GLN B 13 3.74 14.20 -9.05
C GLN B 13 4.42 13.94 -7.69
N THR B 14 4.26 12.73 -7.19
CA THR B 14 4.80 12.31 -5.85
C THR B 14 4.95 13.50 -4.89
N LEU B 15 3.94 13.70 -4.08
CA LEU B 15 3.99 14.80 -3.08
C LEU B 15 4.99 14.43 -1.98
N GLN B 16 5.51 15.41 -1.29
CA GLN B 16 6.50 15.11 -0.22
C GLN B 16 5.81 15.04 1.14
N GLY B 17 4.96 14.05 1.31
CA GLY B 17 4.27 13.87 2.62
C GLY B 17 3.24 14.97 2.83
N ILE B 18 2.06 14.79 2.29
CA ILE B 18 0.99 15.82 2.49
C ILE B 18 0.29 15.50 3.82
N HIS B 19 -0.80 16.16 4.10
CA HIS B 19 -1.49 15.88 5.39
C HIS B 19 -2.64 14.89 5.13
N PRO B 20 -2.88 14.00 6.07
CA PRO B 20 -3.92 12.97 5.94
C PRO B 20 -5.32 13.57 6.14
N LYS B 21 -6.10 13.12 7.11
CA LYS B 21 -7.49 13.64 7.30
C LYS B 21 -8.37 13.03 6.20
N ASN B 22 -7.94 13.14 4.97
CA ASN B 22 -8.67 12.53 3.84
C ASN B 22 -7.97 11.22 3.53
N ILE B 23 -6.67 11.29 3.36
CA ILE B 23 -5.84 10.10 3.08
C ILE B 23 -6.21 8.96 4.03
N GLN B 24 -6.85 7.95 3.51
CA GLN B 24 -7.27 6.79 4.32
C GLN B 24 -6.39 5.57 4.01
N SER B 25 -5.76 5.52 2.86
CA SER B 25 -4.91 4.34 2.53
C SER B 25 -3.87 4.70 1.48
N VAL B 26 -3.11 3.73 1.05
CA VAL B 26 -2.06 3.96 0.02
C VAL B 26 -1.67 2.64 -0.65
N ASN B 27 -1.11 2.73 -1.80
CA ASN B 27 -0.67 1.52 -2.53
C ASN B 27 0.81 1.66 -2.89
N VAL B 28 1.51 0.57 -2.96
CA VAL B 28 2.95 0.64 -3.33
C VAL B 28 3.29 -0.49 -4.31
N LYS B 29 3.61 -0.14 -5.53
CA LYS B 29 3.94 -1.17 -6.57
C LYS B 29 5.37 -0.95 -7.10
N SER B 30 5.96 -1.97 -7.67
CA SER B 30 7.35 -1.87 -8.19
C SER B 30 7.32 -1.45 -9.69
N PRO B 31 8.50 -1.32 -10.30
CA PRO B 31 8.63 -0.91 -11.72
C PRO B 31 8.28 -2.06 -12.68
N GLY B 32 8.47 -1.86 -13.97
CA GLY B 32 8.14 -2.94 -14.95
C GLY B 32 8.28 -2.42 -16.39
N PRO B 33 7.27 -1.73 -16.87
CA PRO B 33 7.25 -1.19 -18.24
C PRO B 33 8.19 0.03 -18.37
N HIS B 34 8.00 0.86 -19.38
CA HIS B 34 8.91 2.04 -19.57
C HIS B 34 8.87 2.97 -18.36
N CYS B 35 7.83 2.96 -17.56
CA CYS B 35 7.87 3.84 -16.36
C CYS B 35 9.05 3.35 -15.52
N ALA B 36 9.15 2.06 -15.40
CA ALA B 36 10.30 1.43 -14.69
C ALA B 36 10.60 2.14 -13.37
N GLN B 37 9.59 2.68 -12.75
CA GLN B 37 9.77 3.36 -11.44
C GLN B 37 8.91 2.65 -10.41
N THR B 38 8.89 3.12 -9.21
CA THR B 38 8.06 2.46 -8.16
C THR B 38 6.60 2.92 -8.30
N GLU B 39 5.86 2.79 -7.24
CA GLU B 39 4.46 3.22 -7.24
C GLU B 39 4.11 3.48 -5.80
N VAL B 40 3.49 4.56 -5.54
CA VAL B 40 3.20 4.89 -4.15
C VAL B 40 1.97 5.78 -4.12
N ILE B 41 0.82 5.20 -4.31
CA ILE B 41 -0.42 6.00 -4.40
C ILE B 41 -1.23 6.00 -3.08
N ALA B 42 -1.41 7.15 -2.47
CA ALA B 42 -2.21 7.22 -1.22
C ALA B 42 -3.67 7.45 -1.61
N THR B 43 -4.53 6.50 -1.35
CA THR B 43 -5.95 6.69 -1.73
C THR B 43 -6.60 7.70 -0.79
N LEU B 44 -7.15 8.73 -1.35
CA LEU B 44 -7.79 9.79 -0.55
C LEU B 44 -9.14 9.30 0.00
N LYS B 45 -9.62 9.93 1.05
CA LYS B 45 -10.92 9.58 1.67
C LYS B 45 -12.04 9.67 0.65
N ASN B 46 -11.98 10.68 -0.20
CA ASN B 46 -13.04 10.82 -1.24
C ASN B 46 -12.94 9.65 -2.24
N GLY B 47 -11.97 8.77 -2.08
CA GLY B 47 -11.80 7.62 -2.99
C GLY B 47 -10.95 8.07 -4.17
N ARG B 48 -9.96 8.87 -3.90
CA ARG B 48 -9.05 9.35 -4.98
C ARG B 48 -7.66 8.81 -4.68
N LYS B 49 -6.65 9.27 -5.36
CA LYS B 49 -5.30 8.74 -5.07
C LYS B 49 -4.23 9.79 -5.37
N ALA B 50 -3.13 9.71 -4.66
CA ALA B 50 -1.99 10.64 -4.89
C ALA B 50 -0.71 9.85 -4.85
N CYS B 51 0.36 10.36 -5.37
CA CYS B 51 1.62 9.61 -5.26
C CYS B 51 2.56 10.43 -4.40
N LEU B 52 3.45 9.80 -3.69
CA LEU B 52 4.40 10.56 -2.84
C LEU B 52 5.79 9.95 -3.05
N ASN B 53 6.81 10.61 -2.59
CA ASN B 53 8.19 10.06 -2.81
C ASN B 53 8.64 9.24 -1.60
N PRO B 54 8.50 7.92 -1.64
CA PRO B 54 8.96 7.08 -0.51
C PRO B 54 10.48 7.23 -0.36
N ALA B 55 11.17 7.53 -1.44
CA ALA B 55 12.63 7.78 -1.34
C ALA B 55 12.82 9.00 -0.43
N SER B 56 11.85 9.91 -0.47
CA SER B 56 11.89 11.12 0.41
C SER B 56 11.81 10.66 1.87
N PRO B 57 12.40 11.42 2.77
CA PRO B 57 12.39 11.08 4.21
C PRO B 57 11.01 11.33 4.81
N ILE B 58 10.53 12.56 4.72
CA ILE B 58 9.17 12.90 5.25
C ILE B 58 8.17 11.93 4.67
N VAL B 59 8.28 11.69 3.40
CA VAL B 59 7.33 10.80 2.73
C VAL B 59 7.50 9.37 3.23
N LYS B 60 8.72 8.92 3.43
CA LYS B 60 8.92 7.55 3.99
C LYS B 60 8.12 7.47 5.31
N LYS B 61 7.85 8.63 5.88
CA LYS B 61 7.05 8.73 7.11
C LYS B 61 5.62 8.44 6.70
N ILE B 62 5.17 9.15 5.70
CA ILE B 62 3.82 8.96 5.13
C ILE B 62 3.48 7.47 5.06
N ILE B 63 4.44 6.64 4.71
CA ILE B 63 4.16 5.17 4.64
C ILE B 63 4.01 4.65 6.06
N GLU B 64 4.99 4.92 6.87
CA GLU B 64 4.98 4.41 8.26
C GLU B 64 3.79 4.99 9.03
N LYS B 65 3.53 6.27 8.91
CA LYS B 65 2.39 6.89 9.63
C LYS B 65 1.09 6.34 9.06
N MET B 66 1.00 6.21 7.76
CA MET B 66 -0.23 5.63 7.16
C MET B 66 -0.38 4.21 7.73
N LEU B 67 0.73 3.55 7.94
CA LEU B 67 0.73 2.19 8.54
C LEU B 67 0.28 2.28 10.00
N ASN B 68 0.58 3.40 10.65
CA ASN B 68 0.17 3.55 12.09
C ASN B 68 -1.01 4.55 12.18
N SER B 69 -1.21 5.15 13.33
CA SER B 69 -2.33 6.12 13.50
C SER B 69 -2.14 6.90 14.80
N ASP B 70 -1.57 8.08 14.71
CA ASP B 70 -1.32 8.89 15.94
C ASP B 70 -2.64 9.45 16.49
N LYS B 71 -2.72 9.63 17.78
CA LYS B 71 -3.98 10.16 18.40
C LYS B 71 -3.69 10.61 19.83
N SER B 72 -3.23 9.69 20.66
CA SER B 72 -2.93 10.05 22.08
C SER B 72 -1.65 10.90 22.13
N ALA A 1 -18.30 -20.15 6.18
CA ALA A 1 -17.46 -18.91 6.29
C ALA A 1 -17.02 -18.69 7.73
N SER A 2 -16.04 -17.84 7.95
CA SER A 2 -15.55 -17.57 9.34
C SER A 2 -16.61 -16.81 10.14
N VAL A 3 -17.37 -15.96 9.48
CA VAL A 3 -18.45 -15.18 10.18
C VAL A 3 -17.83 -14.27 11.26
N ALA A 4 -17.52 -13.05 10.90
CA ALA A 4 -16.92 -12.10 11.88
C ALA A 4 -17.28 -10.66 11.49
N THR A 5 -16.71 -9.68 12.16
CA THR A 5 -17.01 -8.25 11.82
C THR A 5 -16.04 -7.77 10.73
N GLU A 6 -16.04 -8.42 9.60
CA GLU A 6 -15.11 -8.02 8.50
C GLU A 6 -15.63 -8.60 7.16
N LEU A 7 -16.55 -7.92 6.52
CA LEU A 7 -17.09 -8.41 5.22
C LEU A 7 -16.65 -7.44 4.14
N ARG A 8 -16.96 -6.19 4.37
CA ARG A 8 -16.61 -5.11 3.41
C ARG A 8 -15.16 -5.25 2.93
N CYS A 9 -14.24 -5.37 3.85
CA CYS A 9 -12.79 -5.51 3.49
C CYS A 9 -12.59 -6.71 2.53
N GLN A 10 -11.46 -6.77 1.88
CA GLN A 10 -11.20 -7.88 0.90
C GLN A 10 -10.14 -8.88 1.42
N CYS A 11 -9.46 -8.57 2.49
CA CYS A 11 -8.38 -9.49 3.02
C CYS A 11 -8.80 -10.97 2.95
N LEU A 12 -7.87 -11.82 2.63
CA LEU A 12 -8.15 -13.29 2.56
C LEU A 12 -8.20 -13.82 4.00
N GLN A 13 -7.05 -13.86 4.62
CA GLN A 13 -6.93 -14.33 6.03
C GLN A 13 -5.55 -13.91 6.53
N THR A 14 -5.17 -12.68 6.20
CA THR A 14 -3.83 -12.10 6.54
C THR A 14 -2.75 -13.15 6.74
N LEU A 15 -1.96 -13.36 5.72
CA LEU A 15 -0.83 -14.33 5.82
C LEU A 15 0.29 -13.70 6.66
N GLN A 16 1.26 -14.48 7.06
CA GLN A 16 2.36 -13.94 7.89
C GLN A 16 3.61 -13.75 7.04
N GLY A 17 3.60 -12.74 6.20
CA GLY A 17 4.77 -12.43 5.34
C GLY A 17 5.11 -13.62 4.43
N ILE A 18 4.40 -13.76 3.35
CA ILE A 18 4.69 -14.87 2.41
C ILE A 18 5.91 -14.47 1.57
N HIS A 19 6.25 -15.22 0.57
CA HIS A 19 7.43 -14.88 -0.24
C HIS A 19 6.97 -14.07 -1.48
N PRO A 20 7.75 -13.10 -1.89
CA PRO A 20 7.41 -12.24 -3.04
C PRO A 20 7.58 -12.99 -4.38
N LYS A 21 8.42 -12.51 -5.30
CA LYS A 21 8.55 -13.18 -6.63
C LYS A 21 7.30 -12.85 -7.46
N ASN A 22 6.14 -13.07 -6.88
CA ASN A 22 4.87 -12.74 -7.56
C ASN A 22 4.43 -11.38 -7.01
N ILE A 23 4.39 -11.29 -5.70
CA ILE A 23 4.00 -10.05 -5.00
C ILE A 23 4.70 -8.83 -5.64
N GLN A 24 3.98 -8.03 -6.37
CA GLN A 24 4.55 -6.85 -7.04
C GLN A 24 4.13 -5.56 -6.31
N SER A 25 3.09 -5.60 -5.51
CA SER A 25 2.65 -4.36 -4.80
C SER A 25 1.75 -4.70 -3.61
N VAL A 26 1.24 -3.69 -2.95
CA VAL A 26 0.36 -3.91 -1.79
C VAL A 26 -0.45 -2.64 -1.48
N ASN A 27 -1.54 -2.81 -0.79
CA ASN A 27 -2.37 -1.67 -0.41
C ASN A 27 -2.57 -1.69 1.11
N VAL A 28 -2.66 -0.53 1.71
CA VAL A 28 -2.87 -0.50 3.18
C VAL A 28 -3.93 0.57 3.52
N LYS A 29 -5.07 0.15 4.01
CA LYS A 29 -6.17 1.12 4.34
C LYS A 29 -6.60 0.95 5.81
N SER A 30 -7.16 1.98 6.37
CA SER A 30 -7.63 1.93 7.79
C SER A 30 -9.09 1.41 7.83
N PRO A 31 -9.63 1.27 9.04
CA PRO A 31 -11.00 0.77 9.24
C PRO A 31 -12.06 1.83 8.90
N GLY A 32 -13.33 1.55 9.11
CA GLY A 32 -14.38 2.56 8.78
C GLY A 32 -15.78 2.00 9.05
N PRO A 33 -16.30 1.23 8.11
CA PRO A 33 -17.65 0.63 8.22
C PRO A 33 -17.66 -0.53 9.23
N HIS A 34 -18.62 -1.42 9.13
CA HIS A 34 -18.73 -2.56 10.10
C HIS A 34 -17.49 -3.47 10.02
N CYS A 35 -16.77 -3.49 8.93
CA CYS A 35 -15.54 -4.33 8.88
C CYS A 35 -14.60 -3.73 9.93
N ALA A 36 -14.62 -2.41 10.03
CA ALA A 36 -13.84 -1.66 11.07
C ALA A 36 -12.47 -2.27 11.35
N GLN A 37 -11.85 -2.83 10.36
CA GLN A 37 -10.49 -3.41 10.55
C GLN A 37 -9.53 -2.70 9.60
N THR A 38 -8.29 -3.05 9.63
CA THR A 38 -7.30 -2.40 8.74
C THR A 38 -7.43 -2.97 7.34
N GLU A 39 -6.41 -2.75 6.54
CA GLU A 39 -6.40 -3.28 5.17
C GLU A 39 -4.95 -3.42 4.80
N VAL A 40 -4.57 -4.54 4.31
CA VAL A 40 -3.17 -4.73 3.99
C VAL A 40 -3.10 -5.77 2.88
N ILE A 41 -3.51 -5.37 1.69
CA ILE A 41 -3.57 -6.32 0.56
C ILE A 41 -2.36 -6.23 -0.36
N ALA A 42 -1.58 -7.29 -0.45
CA ALA A 42 -0.41 -7.30 -1.37
C ALA A 42 -0.89 -7.77 -2.75
N THR A 43 -0.83 -6.92 -3.74
CA THR A 43 -1.29 -7.36 -5.08
C THR A 43 -0.26 -8.31 -5.69
N LEU A 44 -0.72 -9.46 -6.06
CA LEU A 44 0.18 -10.47 -6.64
C LEU A 44 0.56 -10.11 -8.09
N LYS A 45 1.66 -10.65 -8.57
CA LYS A 45 2.12 -10.41 -9.96
C LYS A 45 1.05 -10.79 -10.96
N ASN A 46 0.36 -11.88 -10.71
CA ASN A 46 -0.73 -12.31 -11.64
C ASN A 46 -1.88 -11.27 -11.61
N GLY A 47 -1.77 -10.26 -10.78
CA GLY A 47 -2.84 -9.23 -10.67
C GLY A 47 -3.87 -9.71 -9.65
N ARG A 48 -3.41 -10.34 -8.59
CA ARG A 48 -4.35 -10.83 -7.54
C ARG A 48 -4.03 -10.08 -6.25
N LYS A 49 -4.57 -10.49 -5.15
CA LYS A 49 -4.27 -9.77 -3.89
C LYS A 49 -4.29 -10.71 -2.69
N ALA A 50 -3.51 -10.38 -1.70
CA ALA A 50 -3.46 -11.19 -0.44
C ALA A 50 -3.46 -10.22 0.73
N CYS A 51 -3.83 -10.64 1.90
CA CYS A 51 -3.76 -9.71 3.03
C CYS A 51 -2.77 -10.31 4.01
N LEU A 52 -2.09 -9.50 4.76
CA LEU A 52 -1.10 -10.03 5.73
C LEU A 52 -1.27 -9.26 7.05
N ASN A 53 -0.65 -9.72 8.10
CA ASN A 53 -0.82 -9.02 9.41
C ASN A 53 0.29 -7.98 9.63
N PRO A 54 0.04 -6.72 9.37
CA PRO A 54 1.06 -5.67 9.60
C PRO A 54 1.40 -5.63 11.08
N ALA A 55 0.45 -5.97 11.94
CA ALA A 55 0.76 -6.04 13.40
C ALA A 55 1.83 -7.11 13.58
N SER A 56 1.80 -8.12 12.73
CA SER A 56 2.83 -9.21 12.78
C SER A 56 4.20 -8.58 12.48
N PRO A 57 5.24 -9.12 13.08
CA PRO A 57 6.62 -8.62 12.86
C PRO A 57 7.12 -9.03 11.48
N ILE A 58 7.06 -10.31 11.18
CA ILE A 58 7.48 -10.83 9.84
C ILE A 58 6.74 -10.05 8.77
N VAL A 59 5.47 -9.89 8.97
CA VAL A 59 4.64 -9.19 7.98
C VAL A 59 5.02 -7.71 7.94
N LYS A 60 5.31 -7.11 9.08
CA LYS A 60 5.76 -5.70 9.07
C LYS A 60 7.01 -5.61 8.16
N LYS A 61 7.65 -6.74 7.95
CA LYS A 61 8.81 -6.84 7.05
C LYS A 61 8.27 -6.74 5.65
N ILE A 62 7.28 -7.54 5.37
CA ILE A 62 6.60 -7.53 4.05
C ILE A 62 6.39 -6.08 3.59
N ILE A 63 6.06 -5.18 4.49
CA ILE A 63 5.88 -3.76 4.08
C ILE A 63 7.24 -3.17 3.75
N GLU A 64 8.15 -3.31 4.68
CA GLU A 64 9.51 -2.74 4.49
C GLU A 64 10.21 -3.39 3.30
N LYS A 65 10.16 -4.69 3.17
CA LYS A 65 10.84 -5.36 2.02
C LYS A 65 10.14 -4.97 0.73
N MET A 66 8.83 -4.94 0.74
CA MET A 66 8.11 -4.49 -0.48
C MET A 66 8.60 -3.08 -0.81
N LEU A 67 8.85 -2.29 0.22
CA LEU A 67 9.39 -0.92 0.06
C LEU A 67 10.80 -1.00 -0.53
N ASN A 68 11.58 -1.98 -0.05
CA ASN A 68 13.01 -2.20 -0.50
C ASN A 68 13.59 -0.98 -1.26
N SER A 69 13.51 -0.96 -2.58
CA SER A 69 14.06 0.20 -3.36
C SER A 69 14.09 -0.17 -4.84
N ASP A 70 13.23 0.42 -5.64
CA ASP A 70 13.21 0.11 -7.10
C ASP A 70 14.37 0.81 -7.80
N LYS A 71 14.79 0.29 -8.93
CA LYS A 71 15.95 0.87 -9.72
C LYS A 71 17.13 1.18 -8.78
N SER A 72 17.35 0.31 -7.82
CA SER A 72 18.48 0.52 -6.86
C SER A 72 19.79 0.10 -7.53
N ALA B 1 1.93 18.67 -21.03
CA ALA B 1 2.24 17.55 -20.10
C ALA B 1 3.75 17.54 -19.80
N SER B 2 4.16 16.82 -18.78
CA SER B 2 5.61 16.76 -18.42
C SER B 2 6.37 15.96 -19.49
N VAL B 3 5.75 14.96 -20.08
CA VAL B 3 6.40 14.13 -21.14
C VAL B 3 7.64 13.42 -20.57
N ALA B 4 7.46 12.21 -20.10
CA ALA B 4 8.60 11.45 -19.52
C ALA B 4 8.34 9.93 -19.67
N THR B 5 9.18 9.11 -19.10
CA THR B 5 8.98 7.63 -19.21
C THR B 5 8.06 7.15 -18.08
N GLU B 6 6.86 7.69 -18.00
CA GLU B 6 5.91 7.28 -16.93
C GLU B 6 4.48 7.67 -17.34
N LEU B 7 3.83 6.84 -18.12
CA LEU B 7 2.44 7.13 -18.54
C LEU B 7 1.52 6.12 -17.88
N ARG B 8 1.84 4.86 -18.08
CA ARG B 8 1.06 3.73 -17.51
C ARG B 8 0.69 4.01 -16.04
N CYS B 9 1.66 4.38 -15.25
CA CYS B 9 1.41 4.67 -13.81
C CYS B 9 0.31 5.73 -13.64
N GLN B 10 -0.21 5.86 -12.44
CA GLN B 10 -1.28 6.87 -12.17
C GLN B 10 -0.72 8.04 -11.35
N CYS B 11 0.48 7.88 -10.81
CA CYS B 11 1.14 8.95 -9.97
C CYS B 11 0.79 10.37 -10.46
N LEU B 12 0.51 11.25 -9.53
CA LEU B 12 0.22 12.67 -9.89
C LEU B 12 1.56 13.36 -10.15
N GLN B 13 2.30 13.58 -9.09
CA GLN B 13 3.64 14.21 -9.17
C GLN B 13 4.31 14.02 -7.81
N THR B 14 4.18 12.82 -7.27
CA THR B 14 4.73 12.44 -5.92
C THR B 14 4.93 13.63 -4.99
N LEU B 15 3.99 13.83 -4.11
CA LEU B 15 4.12 14.94 -3.13
C LEU B 15 5.14 14.52 -2.06
N GLN B 16 5.54 15.44 -1.22
CA GLN B 16 6.55 15.10 -0.17
C GLN B 16 5.86 14.97 1.18
N GLY B 17 5.14 13.90 1.37
CA GLY B 17 4.46 13.64 2.67
C GLY B 17 3.48 14.74 2.98
N ILE B 18 2.31 14.69 2.39
CA ILE B 18 1.28 15.73 2.68
C ILE B 18 0.64 15.39 4.03
N HIS B 19 -0.40 16.08 4.40
CA HIS B 19 -1.05 15.78 5.71
C HIS B 19 -2.23 14.81 5.47
N PRO B 20 -2.44 13.90 6.40
CA PRO B 20 -3.51 12.89 6.28
C PRO B 20 -4.90 13.52 6.54
N LYS B 21 -5.66 13.06 7.52
CA LYS B 21 -7.04 13.59 7.75
C LYS B 21 -7.95 13.03 6.66
N ASN B 22 -7.54 13.17 5.42
CA ASN B 22 -8.30 12.62 4.27
C ASN B 22 -7.66 11.30 3.91
N ILE B 23 -6.37 11.34 3.73
CA ILE B 23 -5.57 10.14 3.38
C ILE B 23 -5.98 8.96 4.28
N GLN B 24 -6.69 8.00 3.72
CA GLN B 24 -7.15 6.83 4.51
C GLN B 24 -6.33 5.58 4.14
N SER B 25 -5.67 5.58 3.01
CA SER B 25 -4.86 4.38 2.62
C SER B 25 -3.83 4.73 1.54
N VAL B 26 -3.11 3.74 1.07
CA VAL B 26 -2.08 3.99 0.03
C VAL B 26 -1.73 2.66 -0.67
N ASN B 27 -1.18 2.78 -1.85
CA ASN B 27 -0.76 1.60 -2.61
C ASN B 27 0.71 1.74 -2.99
N VAL B 28 1.42 0.66 -3.03
CA VAL B 28 2.87 0.74 -3.41
C VAL B 28 3.20 -0.41 -4.37
N LYS B 29 3.52 -0.08 -5.61
CA LYS B 29 3.83 -1.12 -6.63
C LYS B 29 5.21 -0.86 -7.25
N SER B 30 5.83 -1.89 -7.77
CA SER B 30 7.17 -1.75 -8.40
C SER B 30 7.00 -1.40 -9.90
N PRO B 31 8.11 -1.21 -10.59
CA PRO B 31 8.11 -0.85 -12.04
C PRO B 31 7.77 -2.07 -12.92
N GLY B 32 7.84 -1.91 -14.23
CA GLY B 32 7.50 -3.07 -15.12
C GLY B 32 7.57 -2.65 -16.60
N PRO B 33 6.49 -2.07 -17.09
CA PRO B 33 6.40 -1.63 -18.49
C PRO B 33 7.24 -0.37 -18.75
N HIS B 34 6.95 0.37 -19.79
CA HIS B 34 7.75 1.60 -20.12
C HIS B 34 7.71 2.61 -18.97
N CYS B 35 6.71 2.57 -18.12
CA CYS B 35 6.70 3.50 -16.97
C CYS B 35 7.95 3.16 -16.15
N ALA B 36 8.20 1.88 -15.99
CA ALA B 36 9.41 1.37 -15.29
C ALA B 36 9.75 2.17 -14.04
N GLN B 37 8.76 2.69 -13.38
CA GLN B 37 9.00 3.45 -12.12
C GLN B 37 8.25 2.76 -10.98
N THR B 38 8.37 3.28 -9.80
CA THR B 38 7.65 2.66 -8.65
C THR B 38 6.18 3.07 -8.66
N GLU B 39 5.53 2.90 -7.54
CA GLU B 39 4.12 3.28 -7.41
C GLU B 39 3.91 3.55 -5.96
N VAL B 40 3.34 4.65 -5.64
CA VAL B 40 3.15 4.99 -4.24
C VAL B 40 1.94 5.90 -4.15
N ILE B 41 0.77 5.33 -4.35
CA ILE B 41 -0.46 6.16 -4.37
C ILE B 41 -1.24 6.10 -3.05
N ALA B 42 -1.37 7.23 -2.38
CA ALA B 42 -2.15 7.27 -1.13
C ALA B 42 -3.61 7.55 -1.48
N THR B 43 -4.49 6.62 -1.21
CA THR B 43 -5.92 6.86 -1.55
C THR B 43 -6.51 7.85 -0.56
N LEU B 44 -7.06 8.90 -1.08
CA LEU B 44 -7.66 9.95 -0.24
C LEU B 44 -9.00 9.48 0.35
N LYS B 45 -9.42 10.10 1.44
CA LYS B 45 -10.72 9.77 2.09
C LYS B 45 -11.85 9.93 1.10
N ASN B 46 -11.81 10.95 0.28
CA ASN B 46 -12.89 11.15 -0.72
C ASN B 46 -12.87 10.00 -1.76
N GLY B 47 -11.91 9.09 -1.64
CA GLY B 47 -11.81 7.95 -2.60
C GLY B 47 -10.98 8.42 -3.79
N ARG B 48 -9.96 9.19 -3.54
CA ARG B 48 -9.08 9.69 -4.63
C ARG B 48 -7.69 9.11 -4.40
N LYS B 49 -6.69 9.57 -5.12
CA LYS B 49 -5.33 9.01 -4.89
C LYS B 49 -4.25 10.06 -5.12
N ALA B 50 -3.16 9.92 -4.43
CA ALA B 50 -2.02 10.86 -4.61
C ALA B 50 -0.74 10.05 -4.64
N CYS B 51 0.32 10.56 -5.18
CA CYS B 51 1.57 9.78 -5.16
C CYS B 51 2.56 10.57 -4.34
N LEU B 52 3.48 9.91 -3.71
CA LEU B 52 4.49 10.63 -2.89
C LEU B 52 5.85 9.97 -3.15
N ASN B 53 6.91 10.60 -2.73
CA ASN B 53 8.27 10.03 -3.00
C ASN B 53 8.73 9.14 -1.82
N PRO B 54 8.57 7.83 -1.91
CA PRO B 54 9.03 6.95 -0.82
C PRO B 54 10.55 7.09 -0.66
N ALA B 55 11.25 7.41 -1.73
CA ALA B 55 12.72 7.66 -1.62
C ALA B 55 12.89 8.87 -0.70
N SER B 56 11.93 9.78 -0.72
CA SER B 56 11.97 10.97 0.18
C SER B 56 11.89 10.48 1.63
N PRO B 57 12.53 11.19 2.54
CA PRO B 57 12.53 10.83 3.96
C PRO B 57 11.16 11.16 4.59
N ILE B 58 10.73 12.39 4.43
CA ILE B 58 9.39 12.80 4.96
C ILE B 58 8.33 11.85 4.43
N VAL B 59 8.41 11.56 3.17
CA VAL B 59 7.42 10.67 2.54
C VAL B 59 7.60 9.26 3.08
N LYS B 60 8.81 8.81 3.29
CA LYS B 60 9.01 7.46 3.88
C LYS B 60 8.25 7.43 5.22
N LYS B 61 7.99 8.60 5.76
CA LYS B 61 7.23 8.75 7.02
C LYS B 61 5.79 8.44 6.66
N ILE B 62 5.32 9.09 5.63
CA ILE B 62 3.94 8.87 5.12
C ILE B 62 3.63 7.37 5.12
N ILE B 63 4.58 6.53 4.77
CA ILE B 63 4.32 5.06 4.80
C ILE B 63 4.21 4.60 6.23
N GLU B 64 5.20 4.94 7.01
CA GLU B 64 5.24 4.52 8.43
C GLU B 64 4.06 5.11 9.21
N LYS B 65 3.78 6.38 9.03
CA LYS B 65 2.65 7.01 9.77
C LYS B 65 1.34 6.40 9.29
N MET B 66 1.21 6.23 7.99
CA MET B 66 -0.02 5.58 7.47
C MET B 66 -0.14 4.20 8.13
N LEU B 67 1.00 3.56 8.35
CA LEU B 67 1.05 2.25 9.03
C LEU B 67 0.62 2.45 10.50
N ASN B 68 1.07 3.54 11.10
CA ASN B 68 0.74 3.88 12.54
C ASN B 68 0.20 2.67 13.34
N SER B 69 -1.11 2.50 13.42
CA SER B 69 -1.69 1.34 14.18
C SER B 69 -3.20 1.56 14.35
N ASP B 70 -4.00 0.79 13.65
CA ASP B 70 -5.48 0.95 13.76
C ASP B 70 -5.96 0.32 15.08
N LYS B 71 -7.10 0.78 15.58
CA LYS B 71 -7.68 0.25 16.87
C LYS B 71 -6.60 0.19 17.95
N SER B 72 -5.72 1.17 17.97
CA SER B 72 -4.63 1.20 19.00
C SER B 72 -5.20 1.68 20.33
N ALA A 1 -7.29 -13.56 21.12
CA ALA A 1 -7.90 -13.78 19.77
C ALA A 1 -9.10 -12.84 19.59
N SER A 2 -9.41 -12.49 18.36
CA SER A 2 -10.56 -11.58 18.10
C SER A 2 -11.39 -12.11 16.92
N VAL A 3 -12.68 -11.94 16.96
CA VAL A 3 -13.56 -12.43 15.85
C VAL A 3 -14.53 -11.33 15.44
N ALA A 4 -14.78 -11.19 14.16
CA ALA A 4 -15.72 -10.13 13.67
C ALA A 4 -16.35 -10.57 12.35
N THR A 5 -17.24 -9.77 11.81
CA THR A 5 -17.88 -10.15 10.51
C THR A 5 -16.86 -10.02 9.37
N GLU A 6 -16.38 -8.82 9.11
CA GLU A 6 -15.36 -8.61 8.03
C GLU A 6 -15.94 -9.01 6.67
N LEU A 7 -16.77 -8.17 6.09
CA LEU A 7 -17.36 -8.48 4.75
C LEU A 7 -16.87 -7.42 3.78
N ARG A 8 -17.10 -6.18 4.13
CA ARG A 8 -16.70 -5.02 3.29
C ARG A 8 -15.25 -5.20 2.79
N CYS A 9 -14.35 -5.45 3.72
CA CYS A 9 -12.90 -5.63 3.37
C CYS A 9 -12.70 -6.90 2.53
N GLN A 10 -11.57 -7.01 1.87
CA GLN A 10 -11.30 -8.21 1.01
C GLN A 10 -10.20 -9.11 1.63
N CYS A 11 -9.48 -8.62 2.62
CA CYS A 11 -8.37 -9.42 3.27
C CYS A 11 -8.72 -10.92 3.30
N LEU A 12 -7.77 -11.76 2.93
CA LEU A 12 -8.01 -13.23 2.95
C LEU A 12 -8.07 -13.67 4.42
N GLN A 13 -6.95 -13.57 5.08
CA GLN A 13 -6.83 -13.94 6.52
C GLN A 13 -5.43 -13.49 6.97
N THR A 14 -5.05 -12.30 6.55
CA THR A 14 -3.71 -11.71 6.84
C THR A 14 -2.61 -12.76 6.99
N LEU A 15 -1.88 -13.00 5.94
CA LEU A 15 -0.77 -14.00 5.99
C LEU A 15 0.42 -13.37 6.73
N GLN A 16 1.32 -14.18 7.23
CA GLN A 16 2.48 -13.65 7.98
C GLN A 16 3.72 -13.57 7.08
N GLY A 17 3.69 -12.70 6.11
CA GLY A 17 4.84 -12.51 5.21
C GLY A 17 5.01 -13.71 4.30
N ILE A 18 4.31 -13.73 3.20
CA ILE A 18 4.45 -14.86 2.24
C ILE A 18 5.62 -14.55 1.31
N HIS A 19 5.83 -15.34 0.30
CA HIS A 19 6.97 -15.06 -0.61
C HIS A 19 6.44 -14.26 -1.82
N PRO A 20 7.23 -13.33 -2.31
CA PRO A 20 6.85 -12.47 -3.44
C PRO A 20 6.92 -13.23 -4.77
N LYS A 21 7.76 -12.83 -5.72
CA LYS A 21 7.81 -13.50 -7.06
C LYS A 21 6.56 -13.08 -7.84
N ASN A 22 5.40 -13.21 -7.23
CA ASN A 22 4.13 -12.79 -7.86
C ASN A 22 3.79 -11.44 -7.26
N ILE A 23 3.78 -11.38 -5.95
CA ILE A 23 3.46 -10.14 -5.20
C ILE A 23 4.23 -8.96 -5.82
N GLN A 24 3.53 -8.08 -6.48
CA GLN A 24 4.17 -6.91 -7.12
C GLN A 24 3.84 -5.63 -6.34
N SER A 25 2.76 -5.62 -5.59
CA SER A 25 2.40 -4.39 -4.83
C SER A 25 1.52 -4.72 -3.63
N VAL A 26 1.12 -3.70 -2.90
CA VAL A 26 0.25 -3.91 -1.71
C VAL A 26 -0.49 -2.61 -1.40
N ASN A 27 -1.57 -2.73 -0.68
CA ASN A 27 -2.35 -1.56 -0.29
C ASN A 27 -2.53 -1.54 1.22
N VAL A 28 -2.59 -0.38 1.80
CA VAL A 28 -2.78 -0.29 3.27
C VAL A 28 -3.86 0.77 3.58
N LYS A 29 -5.02 0.34 4.01
CA LYS A 29 -6.13 1.28 4.29
C LYS A 29 -6.53 1.22 5.78
N SER A 30 -7.17 2.26 6.26
CA SER A 30 -7.60 2.33 7.68
C SER A 30 -8.94 1.57 7.88
N PRO A 31 -9.40 1.50 9.11
CA PRO A 31 -10.67 0.81 9.45
C PRO A 31 -11.90 1.67 9.11
N GLY A 32 -13.09 1.17 9.34
CA GLY A 32 -14.31 1.98 9.01
C GLY A 32 -15.56 1.38 9.67
N PRO A 33 -16.26 0.53 8.94
CA PRO A 33 -17.49 -0.12 9.41
C PRO A 33 -17.16 -1.29 10.36
N HIS A 34 -18.08 -2.22 10.52
CA HIS A 34 -17.83 -3.41 11.43
C HIS A 34 -16.48 -4.06 11.09
N CYS A 35 -16.03 -3.97 9.85
CA CYS A 35 -14.68 -4.48 9.52
C CYS A 35 -13.75 -3.34 9.91
N ALA A 36 -13.79 -3.04 11.18
CA ALA A 36 -13.04 -1.89 11.75
C ALA A 36 -11.57 -2.22 12.02
N GLN A 37 -11.03 -3.17 11.32
CA GLN A 37 -9.58 -3.48 11.49
C GLN A 37 -8.82 -2.66 10.44
N THR A 38 -7.55 -2.88 10.30
CA THR A 38 -6.78 -2.11 9.29
C THR A 38 -7.02 -2.71 7.90
N GLU A 39 -6.14 -2.44 6.98
CA GLU A 39 -6.26 -3.00 5.61
C GLU A 39 -4.86 -3.14 5.10
N VAL A 40 -4.54 -4.27 4.58
CA VAL A 40 -3.17 -4.47 4.13
C VAL A 40 -3.19 -5.52 3.03
N ILE A 41 -3.59 -5.13 1.84
CA ILE A 41 -3.72 -6.11 0.74
C ILE A 41 -2.52 -6.08 -0.23
N ALA A 42 -1.82 -7.17 -0.35
CA ALA A 42 -0.69 -7.25 -1.31
C ALA A 42 -1.24 -7.70 -2.66
N THR A 43 -1.16 -6.85 -3.65
CA THR A 43 -1.69 -7.24 -4.98
C THR A 43 -0.73 -8.21 -5.64
N LEU A 44 -1.23 -9.34 -6.03
CA LEU A 44 -0.41 -10.38 -6.67
C LEU A 44 -0.06 -9.99 -8.11
N LYS A 45 0.99 -10.59 -8.65
CA LYS A 45 1.43 -10.34 -10.05
C LYS A 45 0.31 -10.62 -11.02
N ASN A 46 -0.45 -11.66 -10.79
CA ASN A 46 -1.58 -11.97 -11.71
C ASN A 46 -2.73 -10.95 -11.52
N GLY A 47 -2.53 -9.95 -10.67
CA GLY A 47 -3.57 -8.93 -10.42
C GLY A 47 -4.52 -9.45 -9.36
N ARG A 48 -3.99 -10.17 -8.39
CA ARG A 48 -4.84 -10.72 -7.30
C ARG A 48 -4.52 -9.93 -6.03
N LYS A 49 -4.98 -10.37 -4.90
CA LYS A 49 -4.67 -9.62 -3.66
C LYS A 49 -4.68 -10.54 -2.44
N ALA A 50 -3.89 -10.18 -1.46
CA ALA A 50 -3.82 -10.98 -0.19
C ALA A 50 -3.72 -9.99 0.96
N CYS A 51 -4.04 -10.39 2.16
CA CYS A 51 -3.87 -9.44 3.28
C CYS A 51 -2.82 -10.04 4.20
N LEU A 52 -2.06 -9.22 4.86
CA LEU A 52 -1.01 -9.76 5.76
C LEU A 52 -1.10 -8.99 7.09
N ASN A 53 -0.40 -9.44 8.10
CA ASN A 53 -0.49 -8.76 9.42
C ASN A 53 0.64 -7.74 9.58
N PRO A 54 0.40 -6.47 9.30
CA PRO A 54 1.46 -5.45 9.47
C PRO A 54 1.85 -5.36 10.94
N ALA A 55 0.93 -5.68 11.84
CA ALA A 55 1.29 -5.72 13.28
C ALA A 55 2.37 -6.80 13.45
N SER A 56 2.32 -7.82 12.62
CA SER A 56 3.34 -8.91 12.66
C SER A 56 4.71 -8.30 12.29
N PRO A 57 5.77 -8.85 12.83
CA PRO A 57 7.14 -8.36 12.55
C PRO A 57 7.57 -8.77 11.14
N ILE A 58 7.54 -10.05 10.85
CA ILE A 58 7.91 -10.54 9.49
C ILE A 58 7.08 -9.79 8.46
N VAL A 59 5.83 -9.65 8.73
CA VAL A 59 4.94 -8.97 7.78
C VAL A 59 5.30 -7.49 7.70
N LYS A 60 5.60 -6.85 8.80
CA LYS A 60 6.03 -5.42 8.72
C LYS A 60 7.23 -5.35 7.77
N LYS A 61 7.88 -6.47 7.57
CA LYS A 61 9.03 -6.59 6.63
C LYS A 61 8.43 -6.56 5.24
N ILE A 62 7.45 -7.40 5.04
CA ILE A 62 6.72 -7.47 3.75
C ILE A 62 6.43 -6.06 3.24
N ILE A 63 6.07 -5.14 4.11
CA ILE A 63 5.81 -3.75 3.66
C ILE A 63 7.12 -3.10 3.27
N GLU A 64 8.06 -3.17 4.17
CA GLU A 64 9.38 -2.53 3.93
C GLU A 64 10.08 -3.16 2.73
N LYS A 65 10.10 -4.47 2.61
CA LYS A 65 10.78 -5.10 1.45
C LYS A 65 9.96 -4.82 0.21
N MET A 66 8.65 -4.87 0.30
CA MET A 66 7.81 -4.53 -0.88
C MET A 66 8.18 -3.10 -1.28
N LEU A 67 8.41 -2.26 -0.29
CA LEU A 67 8.84 -0.87 -0.53
C LEU A 67 10.25 -0.92 -1.15
N ASN A 68 11.10 -1.74 -0.58
CA ASN A 68 12.52 -1.91 -1.06
C ASN A 68 13.16 -0.57 -1.44
N SER A 69 14.30 -0.59 -2.11
CA SER A 69 14.98 0.68 -2.52
C SER A 69 15.22 1.56 -1.28
N ASP A 70 16.13 1.17 -0.42
CA ASP A 70 16.42 1.97 0.81
C ASP A 70 17.92 2.23 0.93
N LYS A 71 18.55 2.60 -0.17
CA LYS A 71 20.02 2.87 -0.13
C LYS A 71 20.51 3.27 -1.53
N SER A 72 20.01 2.65 -2.57
CA SER A 72 20.44 3.00 -3.96
C SER A 72 19.21 3.15 -4.87
N ALA B 1 18.59 14.97 -11.24
CA ALA B 1 17.18 15.00 -11.73
C ALA B 1 16.97 13.90 -12.79
N SER B 2 15.76 13.39 -12.91
CA SER B 2 15.49 12.33 -13.93
C SER B 2 14.18 12.64 -14.65
N VAL B 3 14.10 12.33 -15.92
CA VAL B 3 12.85 12.60 -16.69
C VAL B 3 12.47 11.35 -17.50
N ALA B 4 11.19 11.06 -17.57
CA ALA B 4 10.74 9.85 -18.33
C ALA B 4 9.30 10.08 -18.84
N THR B 5 8.76 9.13 -19.57
CA THR B 5 7.37 9.29 -20.09
C THR B 5 6.38 9.17 -18.92
N GLU B 6 6.30 8.02 -18.29
CA GLU B 6 5.38 7.82 -17.13
C GLU B 6 3.91 8.01 -17.58
N LEU B 7 3.36 7.01 -18.23
CA LEU B 7 1.94 7.10 -18.69
C LEU B 7 1.15 6.00 -18.00
N ARG B 8 1.61 4.79 -18.15
CA ARG B 8 0.94 3.59 -17.57
C ARG B 8 0.45 3.86 -16.14
N CYS B 9 1.32 4.19 -15.23
CA CYS B 9 0.89 4.42 -13.82
C CYS B 9 0.06 5.71 -13.70
N GLN B 10 -0.40 6.01 -12.52
CA GLN B 10 -1.25 7.22 -12.30
C GLN B 10 -0.50 8.28 -11.47
N CYS B 11 0.62 7.93 -10.87
CA CYS B 11 1.43 8.88 -10.01
C CYS B 11 1.20 10.35 -10.42
N LEU B 12 0.84 11.20 -9.48
CA LEU B 12 0.65 12.65 -9.81
C LEU B 12 2.04 13.25 -10.06
N GLN B 13 2.81 13.35 -9.01
CA GLN B 13 4.20 13.88 -9.09
C GLN B 13 4.84 13.66 -7.71
N THR B 14 4.59 12.49 -7.14
CA THR B 14 5.09 12.10 -5.78
C THR B 14 5.24 13.30 -4.84
N LEU B 15 4.27 13.52 -4.02
CA LEU B 15 4.33 14.63 -3.02
C LEU B 15 5.26 14.22 -1.87
N GLN B 16 5.77 15.17 -1.13
CA GLN B 16 6.68 14.84 0.00
C GLN B 16 5.92 14.82 1.32
N GLY B 17 5.10 13.82 1.49
CA GLY B 17 4.33 13.67 2.76
C GLY B 17 3.31 14.78 2.90
N ILE B 18 2.15 14.62 2.34
CA ILE B 18 1.11 15.66 2.48
C ILE B 18 0.34 15.39 3.77
N HIS B 19 -0.72 16.09 4.02
CA HIS B 19 -1.49 15.86 5.28
C HIS B 19 -2.64 14.89 4.98
N PRO B 20 -2.93 14.01 5.92
CA PRO B 20 -3.99 12.99 5.76
C PRO B 20 -5.39 13.62 5.92
N LYS B 21 -6.19 13.22 6.90
CA LYS B 21 -7.59 13.76 7.03
C LYS B 21 -8.45 13.11 5.94
N ASN B 22 -7.98 13.19 4.72
CA ASN B 22 -8.69 12.56 3.58
C ASN B 22 -7.97 11.23 3.31
N ILE B 23 -6.68 11.32 3.14
CA ILE B 23 -5.84 10.13 2.87
C ILE B 23 -6.22 8.99 3.83
N GLN B 24 -6.85 7.98 3.30
CA GLN B 24 -7.28 6.82 4.13
C GLN B 24 -6.40 5.60 3.83
N SER B 25 -5.78 5.55 2.68
CA SER B 25 -4.92 4.36 2.36
C SER B 25 -3.85 4.72 1.31
N VAL B 26 -3.08 3.75 0.94
CA VAL B 26 -2.01 3.97 -0.09
C VAL B 26 -1.64 2.63 -0.73
N ASN B 27 -1.06 2.70 -1.89
CA ASN B 27 -0.63 1.49 -2.59
C ASN B 27 0.85 1.61 -2.94
N VAL B 28 1.55 0.51 -2.96
CA VAL B 28 2.99 0.55 -3.32
C VAL B 28 3.30 -0.59 -4.30
N LYS B 29 3.54 -0.24 -5.54
CA LYS B 29 3.81 -1.28 -6.59
C LYS B 29 5.23 -1.12 -7.15
N SER B 30 5.75 -2.17 -7.75
CA SER B 30 7.13 -2.13 -8.34
C SER B 30 7.08 -1.53 -9.75
N PRO B 31 8.24 -1.36 -10.37
CA PRO B 31 8.37 -0.79 -11.74
C PRO B 31 7.99 -1.83 -12.81
N GLY B 32 8.02 -1.45 -14.08
CA GLY B 32 7.66 -2.42 -15.15
C GLY B 32 8.11 -1.90 -16.53
N PRO B 33 7.21 -1.22 -17.21
CA PRO B 33 7.47 -0.67 -18.55
C PRO B 33 8.33 0.61 -18.48
N HIS B 34 8.29 1.42 -19.51
CA HIS B 34 9.11 2.69 -19.52
C HIS B 34 8.90 3.48 -18.23
N CYS B 35 7.75 3.40 -17.62
CA CYS B 35 7.57 4.08 -16.31
C CYS B 35 8.13 3.07 -15.30
N ALA B 36 9.38 2.83 -15.45
CA ALA B 36 10.12 1.82 -14.64
C ALA B 36 10.50 2.33 -13.25
N GLN B 37 9.75 3.25 -12.72
CA GLN B 37 10.02 3.75 -11.34
C GLN B 37 9.15 2.93 -10.39
N THR B 38 9.13 3.27 -9.13
CA THR B 38 8.29 2.50 -8.17
C THR B 38 6.83 2.92 -8.31
N GLU B 39 6.04 2.67 -7.29
CA GLU B 39 4.63 3.07 -7.31
C GLU B 39 4.25 3.32 -5.88
N VAL B 40 3.64 4.42 -5.62
CA VAL B 40 3.33 4.73 -4.24
C VAL B 40 2.12 5.66 -4.23
N ILE B 41 0.94 5.10 -4.41
CA ILE B 41 -0.27 5.94 -4.52
C ILE B 41 -1.10 5.95 -3.21
N ALA B 42 -1.28 7.11 -2.63
CA ALA B 42 -2.11 7.21 -1.39
C ALA B 42 -3.55 7.44 -1.83
N THR B 43 -4.43 6.52 -1.54
CA THR B 43 -5.84 6.70 -1.96
C THR B 43 -6.50 7.70 -1.01
N LEU B 44 -7.08 8.71 -1.59
CA LEU B 44 -7.73 9.77 -0.80
C LEU B 44 -9.08 9.29 -0.24
N LYS B 45 -9.55 9.94 0.80
CA LYS B 45 -10.86 9.60 1.43
C LYS B 45 -11.99 9.65 0.40
N ASN B 46 -11.95 10.61 -0.48
CA ASN B 46 -13.02 10.69 -1.51
C ASN B 46 -12.83 9.57 -2.56
N GLY B 47 -11.87 8.70 -2.36
CA GLY B 47 -11.62 7.59 -3.32
C GLY B 47 -10.73 8.11 -4.44
N ARG B 48 -9.81 8.98 -4.10
CA ARG B 48 -8.88 9.53 -5.13
C ARG B 48 -7.52 8.93 -4.90
N LYS B 49 -6.49 9.43 -5.52
CA LYS B 49 -5.14 8.85 -5.29
C LYS B 49 -4.05 9.88 -5.53
N ALA B 50 -2.96 9.73 -4.83
CA ALA B 50 -1.80 10.65 -4.98
C ALA B 50 -0.52 9.83 -4.91
N CYS B 51 0.58 10.32 -5.38
CA CYS B 51 1.82 9.54 -5.27
C CYS B 51 2.76 10.32 -4.37
N LEU B 52 3.60 9.65 -3.65
CA LEU B 52 4.56 10.38 -2.77
C LEU B 52 5.93 9.74 -2.95
N ASN B 53 6.96 10.38 -2.45
CA ASN B 53 8.34 9.82 -2.63
C ASN B 53 8.73 8.95 -1.43
N PRO B 54 8.58 7.64 -1.51
CA PRO B 54 8.98 6.76 -0.39
C PRO B 54 10.49 6.88 -0.17
N ALA B 55 11.23 7.18 -1.22
CA ALA B 55 12.70 7.40 -1.05
C ALA B 55 12.86 8.61 -0.10
N SER B 56 11.91 9.53 -0.16
CA SER B 56 11.93 10.72 0.73
C SER B 56 11.79 10.24 2.19
N PRO B 57 12.37 10.96 3.12
CA PRO B 57 12.30 10.61 4.56
C PRO B 57 10.89 10.92 5.11
N ILE B 58 10.47 12.15 4.99
CA ILE B 58 9.10 12.55 5.46
C ILE B 58 8.08 11.60 4.85
N VAL B 59 8.23 11.35 3.59
CA VAL B 59 7.27 10.48 2.89
C VAL B 59 7.40 9.05 3.40
N LYS B 60 8.60 8.57 3.64
CA LYS B 60 8.74 7.20 4.21
C LYS B 60 7.93 7.15 5.52
N LYS B 61 7.68 8.33 6.07
CA LYS B 61 6.86 8.47 7.31
C LYS B 61 5.42 8.22 6.88
N ILE B 62 5.02 8.93 5.85
CA ILE B 62 3.66 8.78 5.28
C ILE B 62 3.29 7.30 5.20
N ILE B 63 4.21 6.45 4.82
CA ILE B 63 3.90 4.99 4.76
C ILE B 63 3.74 4.46 6.18
N GLU B 64 4.71 4.74 6.99
CA GLU B 64 4.70 4.22 8.38
C GLU B 64 3.51 4.80 9.17
N LYS B 65 3.26 6.09 9.07
CA LYS B 65 2.11 6.67 9.81
C LYS B 65 0.82 6.17 9.18
N MET B 66 0.76 6.08 7.87
CA MET B 66 -0.46 5.52 7.23
C MET B 66 -0.65 4.12 7.78
N LEU B 67 0.45 3.41 7.97
CA LEU B 67 0.41 2.06 8.57
C LEU B 67 -0.06 2.20 10.03
N ASN B 68 0.52 3.17 10.72
CA ASN B 68 0.18 3.46 12.16
C ASN B 68 0.03 2.17 12.98
N SER B 69 -0.53 2.25 14.18
CA SER B 69 -0.69 1.04 15.03
C SER B 69 0.65 0.32 15.20
N ASP B 70 1.55 0.90 15.96
CA ASP B 70 2.89 0.25 16.17
C ASP B 70 3.20 0.19 17.67
N LYS B 71 2.23 -0.22 18.46
CA LYS B 71 2.45 -0.31 19.94
C LYS B 71 1.17 -0.80 20.63
N SER B 72 0.02 -0.34 20.19
CA SER B 72 -1.26 -0.78 20.82
C SER B 72 -2.28 -1.17 19.73
N ALA A 1 -13.24 -20.91 6.71
CA ALA A 1 -12.20 -21.86 7.19
C ALA A 1 -12.32 -22.03 8.71
N SER A 2 -12.17 -20.96 9.46
CA SER A 2 -12.26 -21.05 10.95
C SER A 2 -12.64 -19.68 11.52
N VAL A 3 -13.53 -19.65 12.49
CA VAL A 3 -13.97 -18.36 13.12
C VAL A 3 -14.63 -17.46 12.06
N ALA A 4 -15.94 -17.40 12.06
CA ALA A 4 -16.65 -16.54 11.06
C ALA A 4 -16.47 -15.07 11.41
N THR A 5 -15.52 -14.41 10.78
CA THR A 5 -15.28 -12.97 11.06
C THR A 5 -14.69 -12.30 9.82
N GLU A 6 -14.82 -10.99 9.71
CA GLU A 6 -14.26 -10.24 8.53
C GLU A 6 -15.00 -10.67 7.26
N LEU A 7 -16.04 -9.96 6.88
CA LEU A 7 -16.81 -10.30 5.66
C LEU A 7 -16.67 -9.14 4.68
N ARG A 8 -17.07 -7.99 5.14
CA ARG A 8 -17.01 -6.75 4.31
C ARG A 8 -15.63 -6.59 3.66
N CYS A 9 -14.59 -6.71 4.45
CA CYS A 9 -13.20 -6.54 3.93
C CYS A 9 -12.86 -7.66 2.93
N GLN A 10 -11.72 -7.55 2.29
CA GLN A 10 -11.29 -8.59 1.32
C GLN A 10 -10.10 -9.40 1.89
N CYS A 11 -9.46 -8.91 2.94
CA CYS A 11 -8.29 -9.64 3.54
C CYS A 11 -8.59 -11.15 3.62
N LEU A 12 -7.64 -11.96 3.24
CA LEU A 12 -7.84 -13.44 3.30
C LEU A 12 -7.83 -13.85 4.77
N GLN A 13 -6.70 -13.70 5.40
CA GLN A 13 -6.53 -14.03 6.85
C GLN A 13 -5.14 -13.53 7.26
N THR A 14 -4.83 -12.32 6.83
CA THR A 14 -3.50 -11.67 7.09
C THR A 14 -2.38 -12.68 7.28
N LEU A 15 -1.68 -12.96 6.23
CA LEU A 15 -0.55 -13.93 6.30
C LEU A 15 0.64 -13.24 7.00
N GLN A 16 1.54 -14.02 7.54
CA GLN A 16 2.71 -13.42 8.25
C GLN A 16 3.91 -13.33 7.32
N GLY A 17 3.81 -12.48 6.32
CA GLY A 17 4.94 -12.29 5.37
C GLY A 17 5.10 -13.49 4.46
N ILE A 18 4.34 -13.53 3.39
CA ILE A 18 4.48 -14.66 2.43
C ILE A 18 5.63 -14.33 1.48
N HIS A 19 5.83 -15.10 0.46
CA HIS A 19 6.94 -14.80 -0.48
C HIS A 19 6.37 -14.05 -1.69
N PRO A 20 7.13 -13.11 -2.22
CA PRO A 20 6.69 -12.29 -3.37
C PRO A 20 6.77 -13.09 -4.68
N LYS A 21 7.57 -12.67 -5.66
CA LYS A 21 7.62 -13.38 -6.98
C LYS A 21 6.33 -13.03 -7.75
N ASN A 22 5.20 -13.19 -7.10
CA ASN A 22 3.91 -12.83 -7.71
C ASN A 22 3.51 -11.48 -7.15
N ILE A 23 3.53 -11.39 -5.84
CA ILE A 23 3.19 -10.14 -5.12
C ILE A 23 3.90 -8.95 -5.80
N GLN A 24 3.15 -8.13 -6.47
CA GLN A 24 3.72 -6.96 -7.18
C GLN A 24 3.46 -5.68 -6.38
N SER A 25 2.41 -5.65 -5.58
CA SER A 25 2.12 -4.42 -4.79
C SER A 25 1.28 -4.75 -3.56
N VAL A 26 0.95 -3.73 -2.80
CA VAL A 26 0.10 -3.92 -1.59
C VAL A 26 -0.65 -2.63 -1.31
N ASN A 27 -1.76 -2.72 -0.63
CA ASN A 27 -2.55 -1.52 -0.30
C ASN A 27 -2.87 -1.50 1.18
N VAL A 28 -2.53 -0.41 1.82
CA VAL A 28 -2.82 -0.28 3.28
C VAL A 28 -3.91 0.78 3.48
N LYS A 29 -5.05 0.37 3.95
CA LYS A 29 -6.19 1.32 4.15
C LYS A 29 -6.63 1.32 5.63
N SER A 30 -7.34 2.33 6.02
CA SER A 30 -7.84 2.45 7.43
C SER A 30 -9.09 1.55 7.62
N PRO A 31 -9.75 1.65 8.76
CA PRO A 31 -10.94 0.83 9.06
C PRO A 31 -12.19 1.33 8.31
N GLY A 32 -13.31 0.64 8.44
CA GLY A 32 -14.56 1.06 7.74
C GLY A 32 -15.76 0.35 8.38
N PRO A 33 -16.09 -0.82 7.86
CA PRO A 33 -17.22 -1.63 8.38
C PRO A 33 -16.81 -2.35 9.68
N HIS A 34 -17.48 -3.43 10.03
CA HIS A 34 -17.11 -4.14 11.29
C HIS A 34 -15.73 -4.80 11.14
N CYS A 35 -15.24 -4.96 9.93
CA CYS A 35 -13.86 -5.50 9.76
C CYS A 35 -12.98 -4.25 9.69
N ALA A 36 -13.20 -3.42 10.66
CA ALA A 36 -12.52 -2.12 10.76
C ALA A 36 -11.01 -2.29 10.85
N GLN A 37 -10.44 -2.32 12.04
CA GLN A 37 -8.97 -2.46 12.19
C GLN A 37 -8.26 -1.71 11.05
N THR A 38 -7.23 -2.26 10.46
CA THR A 38 -6.55 -1.57 9.33
C THR A 38 -6.89 -2.29 8.02
N GLU A 39 -6.03 -2.16 7.04
CA GLU A 39 -6.22 -2.85 5.75
C GLU A 39 -4.84 -3.02 5.20
N VAL A 40 -4.54 -4.14 4.68
CA VAL A 40 -3.18 -4.36 4.20
C VAL A 40 -3.22 -5.46 3.15
N ILE A 41 -3.61 -5.11 1.95
CA ILE A 41 -3.77 -6.13 0.89
C ILE A 41 -2.60 -6.12 -0.10
N ALA A 42 -1.90 -7.22 -0.23
CA ALA A 42 -0.79 -7.31 -1.22
C ALA A 42 -1.38 -7.78 -2.54
N THR A 43 -1.40 -6.93 -3.54
CA THR A 43 -1.97 -7.35 -4.85
C THR A 43 -1.01 -8.32 -5.52
N LEU A 44 -1.51 -9.47 -5.85
CA LEU A 44 -0.68 -10.50 -6.49
C LEU A 44 -0.37 -10.14 -7.95
N LYS A 45 0.67 -10.74 -8.49
CA LYS A 45 1.08 -10.50 -9.91
C LYS A 45 -0.06 -10.78 -10.86
N ASN A 46 -0.80 -11.82 -10.61
CA ASN A 46 -1.94 -12.14 -11.52
C ASN A 46 -3.09 -11.13 -11.32
N GLY A 47 -2.87 -10.12 -10.48
CA GLY A 47 -3.93 -9.10 -10.23
C GLY A 47 -4.84 -9.62 -9.13
N ARG A 48 -4.28 -10.35 -8.19
CA ARG A 48 -5.10 -10.89 -7.07
C ARG A 48 -4.76 -10.08 -5.83
N LYS A 49 -5.16 -10.53 -4.67
CA LYS A 49 -4.84 -9.76 -3.45
C LYS A 49 -4.82 -10.66 -2.22
N ALA A 50 -4.00 -10.29 -1.27
CA ALA A 50 -3.89 -11.04 0.02
C ALA A 50 -3.81 -10.03 1.14
N CYS A 51 -3.92 -10.45 2.37
CA CYS A 51 -3.77 -9.46 3.47
C CYS A 51 -2.70 -10.00 4.39
N LEU A 52 -1.98 -9.14 5.05
CA LEU A 52 -0.90 -9.61 5.96
C LEU A 52 -0.98 -8.76 7.24
N ASN A 53 -0.32 -9.18 8.28
CA ASN A 53 -0.39 -8.42 9.56
C ASN A 53 0.77 -7.42 9.68
N PRO A 54 0.56 -6.16 9.35
CA PRO A 54 1.63 -5.15 9.47
C PRO A 54 2.02 -5.03 10.95
N ALA A 55 1.10 -5.31 11.85
CA ALA A 55 1.46 -5.30 13.30
C ALA A 55 2.53 -6.38 13.49
N SER A 56 2.45 -7.43 12.71
CA SER A 56 3.47 -8.52 12.76
C SER A 56 4.84 -7.92 12.39
N PRO A 57 5.90 -8.46 12.94
CA PRO A 57 7.27 -7.97 12.64
C PRO A 57 7.69 -8.41 11.22
N ILE A 58 7.68 -9.70 10.97
CA ILE A 58 8.04 -10.22 9.61
C ILE A 58 7.19 -9.50 8.57
N VAL A 59 5.94 -9.35 8.85
CA VAL A 59 5.03 -8.70 7.90
C VAL A 59 5.38 -7.23 7.76
N LYS A 60 5.71 -6.56 8.84
CA LYS A 60 6.12 -5.13 8.72
C LYS A 60 7.31 -5.07 7.73
N LYS A 61 7.97 -6.21 7.56
CA LYS A 61 9.07 -6.33 6.59
C LYS A 61 8.44 -6.32 5.22
N ILE A 62 7.46 -7.17 5.05
CA ILE A 62 6.70 -7.27 3.78
C ILE A 62 6.41 -5.85 3.25
N ILE A 63 6.11 -4.91 4.11
CA ILE A 63 5.86 -3.52 3.63
C ILE A 63 7.17 -2.92 3.17
N GLU A 64 8.15 -2.97 4.04
CA GLU A 64 9.47 -2.37 3.73
C GLU A 64 10.11 -3.05 2.52
N LYS A 65 10.07 -4.37 2.46
CA LYS A 65 10.68 -5.09 1.32
C LYS A 65 9.87 -4.81 0.07
N MET A 66 8.57 -4.83 0.16
CA MET A 66 7.74 -4.50 -1.02
C MET A 66 8.10 -3.08 -1.46
N LEU A 67 8.40 -2.23 -0.49
CA LEU A 67 8.82 -0.84 -0.77
C LEU A 67 10.17 -0.87 -1.49
N ASN A 68 11.02 -1.82 -1.15
CA ASN A 68 12.37 -1.90 -1.80
C ASN A 68 12.21 -2.18 -3.30
N SER A 69 11.51 -3.25 -3.65
CA SER A 69 11.30 -3.62 -5.08
C SER A 69 12.65 -3.84 -5.77
N ASP A 70 13.07 -5.08 -5.87
CA ASP A 70 14.39 -5.40 -6.51
C ASP A 70 14.42 -4.92 -7.96
N LYS A 71 15.44 -4.18 -8.33
CA LYS A 71 15.54 -3.68 -9.73
C LYS A 71 16.93 -3.07 -9.96
N SER A 72 17.31 -2.13 -9.13
CA SER A 72 18.66 -1.49 -9.27
C SER A 72 19.65 -2.12 -8.28
N ALA B 1 2.87 20.07 -16.17
CA ALA B 1 3.35 21.18 -15.29
C ALA B 1 4.82 21.49 -15.61
N SER B 2 5.70 20.53 -15.43
CA SER B 2 7.15 20.75 -15.72
C SER B 2 7.83 19.41 -16.02
N VAL B 3 8.69 19.39 -17.02
CA VAL B 3 9.42 18.13 -17.39
C VAL B 3 8.41 17.06 -17.82
N ALA B 4 8.28 16.84 -19.11
CA ALA B 4 7.31 15.82 -19.62
C ALA B 4 7.85 14.41 -19.33
N THR B 5 7.39 13.81 -18.24
CA THR B 5 7.86 12.44 -17.88
C THR B 5 6.76 11.72 -17.08
N GLU B 6 6.81 10.40 -17.05
CA GLU B 6 5.78 9.61 -16.27
C GLU B 6 4.39 9.81 -16.91
N LEU B 7 4.01 8.92 -17.79
CA LEU B 7 2.67 9.04 -18.44
C LEU B 7 1.85 7.80 -18.09
N ARG B 8 2.40 6.66 -18.41
CA ARG B 8 1.73 5.35 -18.16
C ARG B 8 1.17 5.26 -16.73
N CYS B 9 2.01 5.40 -15.74
CA CYS B 9 1.54 5.30 -14.33
C CYS B 9 0.60 6.47 -13.99
N GLN B 10 0.06 6.46 -12.80
CA GLN B 10 -0.89 7.55 -12.38
C GLN B 10 -0.19 8.56 -11.45
N CYS B 11 0.97 8.22 -10.91
CA CYS B 11 1.71 9.13 -9.97
C CYS B 11 1.52 10.61 -10.35
N LEU B 12 1.16 11.45 -9.39
CA LEU B 12 0.99 12.90 -9.71
C LEU B 12 2.39 13.50 -9.89
N GLN B 13 3.14 13.52 -8.82
CA GLN B 13 4.53 14.04 -8.85
C GLN B 13 5.15 13.75 -7.47
N THR B 14 4.90 12.55 -6.97
CA THR B 14 5.36 12.10 -5.61
C THR B 14 5.58 13.26 -4.64
N LEU B 15 4.58 13.52 -3.85
CA LEU B 15 4.66 14.61 -2.85
C LEU B 15 5.56 14.14 -1.70
N GLN B 16 6.10 15.06 -0.94
CA GLN B 16 7.00 14.68 0.18
C GLN B 16 6.22 14.63 1.48
N GLY B 17 5.32 13.68 1.59
CA GLY B 17 4.52 13.51 2.84
C GLY B 17 3.49 14.62 2.98
N ILE B 18 2.36 14.47 2.35
CA ILE B 18 1.30 15.50 2.50
C ILE B 18 0.52 15.20 3.77
N HIS B 19 -0.55 15.88 4.01
CA HIS B 19 -1.32 15.63 5.26
C HIS B 19 -2.51 14.69 4.92
N PRO B 20 -2.83 13.79 5.83
CA PRO B 20 -3.92 12.82 5.63
C PRO B 20 -5.30 13.49 5.78
N LYS B 21 -6.14 13.06 6.72
CA LYS B 21 -7.52 13.63 6.85
C LYS B 21 -8.36 13.06 5.71
N ASN B 22 -7.88 13.16 4.50
CA ASN B 22 -8.57 12.59 3.33
C ASN B 22 -7.89 11.26 3.02
N ILE B 23 -6.60 11.31 2.88
CA ILE B 23 -5.79 10.11 2.60
C ILE B 23 -6.24 8.95 3.50
N GLN B 24 -6.89 7.97 2.93
CA GLN B 24 -7.39 6.82 3.70
C GLN B 24 -6.49 5.60 3.47
N SER B 25 -5.81 5.54 2.34
CA SER B 25 -4.92 4.37 2.08
C SER B 25 -3.84 4.71 1.07
N VAL B 26 -3.01 3.76 0.75
CA VAL B 26 -1.92 3.98 -0.24
C VAL B 26 -1.58 2.63 -0.90
N ASN B 27 -1.02 2.68 -2.07
CA ASN B 27 -0.66 1.44 -2.77
C ASN B 27 0.78 1.52 -3.26
N VAL B 28 1.57 0.55 -2.90
CA VAL B 28 3.00 0.54 -3.34
C VAL B 28 3.20 -0.61 -4.33
N LYS B 29 3.49 -0.29 -5.56
CA LYS B 29 3.67 -1.34 -6.61
C LYS B 29 5.08 -1.24 -7.22
N SER B 30 5.51 -2.28 -7.88
CA SER B 30 6.86 -2.31 -8.51
C SER B 30 6.81 -1.54 -9.86
N PRO B 31 7.89 -1.59 -10.64
CA PRO B 31 7.96 -0.89 -11.94
C PRO B 31 7.14 -1.60 -13.04
N GLY B 32 7.06 -1.03 -14.21
CA GLY B 32 6.27 -1.66 -15.33
C GLY B 32 6.69 -1.03 -16.67
N PRO B 33 6.02 0.03 -17.04
CA PRO B 33 6.29 0.76 -18.30
C PRO B 33 7.56 1.63 -18.15
N HIS B 34 7.72 2.66 -18.94
CA HIS B 34 8.93 3.53 -18.83
C HIS B 34 8.89 4.34 -17.52
N CYS B 35 7.74 4.48 -16.92
CA CYS B 35 7.68 5.17 -15.59
C CYS B 35 7.78 4.04 -14.58
N ALA B 36 8.77 3.23 -14.81
CA ALA B 36 9.04 2.03 -14.01
C ALA B 36 9.30 2.38 -12.55
N GLN B 37 10.54 2.56 -12.15
CA GLN B 37 10.86 2.87 -10.73
C GLN B 37 9.88 2.11 -9.80
N THR B 38 9.37 2.71 -8.76
CA THR B 38 8.41 2.00 -7.90
C THR B 38 7.00 2.54 -8.13
N GLU B 39 6.14 2.40 -7.16
CA GLU B 39 4.77 2.94 -7.26
C GLU B 39 4.37 3.21 -5.84
N VAL B 40 3.75 4.30 -5.60
CA VAL B 40 3.41 4.63 -4.22
C VAL B 40 2.23 5.60 -4.25
N ILE B 41 1.05 5.08 -4.45
CA ILE B 41 -0.12 5.97 -4.57
C ILE B 41 -0.98 5.99 -3.31
N ALA B 42 -1.16 7.15 -2.72
CA ALA B 42 -2.04 7.27 -1.52
C ALA B 42 -3.46 7.52 -1.99
N THR B 43 -4.35 6.58 -1.79
CA THR B 43 -5.75 6.78 -2.24
C THR B 43 -6.43 7.78 -1.32
N LEU B 44 -6.93 8.83 -1.88
CA LEU B 44 -7.59 9.88 -1.10
C LEU B 44 -8.96 9.41 -0.57
N LYS B 45 -9.46 10.08 0.45
CA LYS B 45 -10.77 9.75 1.06
C LYS B 45 -11.88 9.79 0.02
N ASN B 46 -11.84 10.75 -0.86
CA ASN B 46 -12.88 10.85 -1.92
C ASN B 46 -12.69 9.73 -2.96
N GLY B 47 -11.73 8.85 -2.74
CA GLY B 47 -11.48 7.74 -3.71
C GLY B 47 -10.55 8.26 -4.79
N ARG B 48 -9.66 9.14 -4.44
CA ARG B 48 -8.70 9.70 -5.43
C ARG B 48 -7.34 9.06 -5.17
N LYS B 49 -6.30 9.57 -5.75
CA LYS B 49 -4.96 8.97 -5.50
C LYS B 49 -3.85 9.98 -5.71
N ALA B 50 -2.80 9.82 -4.97
CA ALA B 50 -1.61 10.72 -5.10
C ALA B 50 -0.37 9.84 -5.06
N CYS B 51 0.79 10.39 -5.27
CA CYS B 51 2.01 9.55 -5.17
C CYS B 51 2.98 10.29 -4.27
N LEU B 52 3.82 9.57 -3.57
CA LEU B 52 4.78 10.25 -2.68
C LEU B 52 6.14 9.54 -2.83
N ASN B 53 7.19 10.14 -2.35
CA ASN B 53 8.53 9.50 -2.52
C ASN B 53 8.89 8.65 -1.29
N PRO B 54 8.69 7.35 -1.35
CA PRO B 54 9.04 6.49 -0.20
C PRO B 54 10.55 6.57 0.03
N ALA B 55 11.32 6.83 -1.02
CA ALA B 55 12.78 7.02 -0.84
C ALA B 55 12.97 8.22 0.09
N SER B 56 12.06 9.18 0.00
CA SER B 56 12.11 10.37 0.89
C SER B 56 11.95 9.90 2.35
N PRO B 57 12.54 10.61 3.28
CA PRO B 57 12.45 10.26 4.71
C PRO B 57 11.05 10.59 5.25
N ILE B 58 10.65 11.84 5.14
CA ILE B 58 9.29 12.26 5.59
C ILE B 58 8.25 11.34 4.97
N VAL B 59 8.41 11.08 3.70
CA VAL B 59 7.44 10.24 3.00
C VAL B 59 7.50 8.81 3.51
N LYS B 60 8.69 8.31 3.77
CA LYS B 60 8.78 6.92 4.34
C LYS B 60 7.94 6.90 5.63
N LYS B 61 7.70 8.07 6.18
CA LYS B 61 6.86 8.22 7.39
C LYS B 61 5.43 8.00 6.92
N ILE B 62 5.06 8.71 5.89
CA ILE B 62 3.72 8.59 5.28
C ILE B 62 3.32 7.11 5.21
N ILE B 63 4.25 6.23 4.91
CA ILE B 63 3.91 4.78 4.86
C ILE B 63 3.67 4.29 6.27
N GLU B 64 4.63 4.52 7.12
CA GLU B 64 4.53 4.06 8.52
C GLU B 64 3.33 4.69 9.23
N LYS B 65 3.13 5.98 9.07
CA LYS B 65 1.97 6.64 9.73
C LYS B 65 0.68 6.14 9.11
N MET B 66 0.62 6.02 7.81
CA MET B 66 -0.60 5.49 7.16
C MET B 66 -0.82 4.07 7.73
N LEU B 67 0.27 3.37 7.99
CA LEU B 67 0.19 2.02 8.58
C LEU B 67 -0.37 2.12 10.00
N ASN B 68 -0.05 3.20 10.71
CA ASN B 68 -0.56 3.36 12.11
C ASN B 68 -2.09 3.48 12.09
N SER B 69 -2.63 4.41 11.34
CA SER B 69 -4.11 4.61 11.27
C SER B 69 -4.67 4.91 12.67
N ASP B 70 -4.86 6.17 12.97
CA ASP B 70 -5.39 6.58 14.31
C ASP B 70 -6.77 5.95 14.55
N LYS B 71 -6.94 5.31 15.69
CA LYS B 71 -8.25 4.67 16.01
C LYS B 71 -8.25 4.22 17.47
N SER B 72 -7.29 3.41 17.85
CA SER B 72 -7.21 2.92 19.25
C SER B 72 -6.19 3.75 20.05
N ALA A 1 -26.66 -12.69 11.95
CA ALA A 1 -26.77 -11.83 13.17
C ALA A 1 -25.55 -12.06 14.07
N SER A 2 -24.47 -11.37 13.81
CA SER A 2 -23.23 -11.54 14.64
C SER A 2 -22.52 -10.19 14.78
N VAL A 3 -22.20 -9.79 15.98
CA VAL A 3 -21.51 -8.50 16.20
C VAL A 3 -20.02 -8.64 15.84
N ALA A 4 -19.45 -7.62 15.23
CA ALA A 4 -18.00 -7.65 14.82
C ALA A 4 -17.81 -8.67 13.68
N THR A 5 -17.75 -8.18 12.47
CA THR A 5 -17.56 -9.10 11.29
C THR A 5 -16.56 -8.46 10.31
N GLU A 6 -16.35 -9.07 9.16
CA GLU A 6 -15.39 -8.51 8.16
C GLU A 6 -15.89 -8.83 6.74
N LEU A 7 -16.74 -7.99 6.20
CA LEU A 7 -17.27 -8.23 4.84
C LEU A 7 -16.74 -7.13 3.93
N ARG A 8 -16.95 -5.91 4.34
CA ARG A 8 -16.48 -4.73 3.56
C ARG A 8 -15.04 -4.96 3.09
N CYS A 9 -14.17 -5.30 4.02
CA CYS A 9 -12.74 -5.53 3.68
C CYS A 9 -12.60 -6.79 2.81
N GLN A 10 -11.52 -6.92 2.09
CA GLN A 10 -11.32 -8.09 1.18
C GLN A 10 -10.22 -9.05 1.71
N CYS A 11 -9.50 -8.66 2.74
CA CYS A 11 -8.41 -9.51 3.29
C CYS A 11 -8.77 -11.01 3.23
N LEU A 12 -7.84 -11.84 2.81
CA LEU A 12 -8.10 -13.30 2.75
C LEU A 12 -8.14 -13.82 4.19
N GLN A 13 -7.02 -13.78 4.84
CA GLN A 13 -6.88 -14.22 6.26
C GLN A 13 -5.50 -13.77 6.74
N THR A 14 -5.12 -12.57 6.37
CA THR A 14 -3.79 -11.98 6.70
C THR A 14 -2.70 -13.05 6.80
N LEU A 15 -2.01 -13.25 5.72
CA LEU A 15 -0.89 -14.24 5.70
C LEU A 15 0.29 -13.67 6.49
N GLN A 16 1.14 -14.51 7.00
CA GLN A 16 2.30 -14.02 7.80
C GLN A 16 3.53 -13.82 6.92
N GLY A 17 3.45 -12.89 6.01
CA GLY A 17 4.60 -12.58 5.12
C GLY A 17 4.91 -13.75 4.21
N ILE A 18 4.24 -13.85 3.09
CA ILE A 18 4.53 -14.95 2.15
C ILE A 18 5.74 -14.55 1.30
N HIS A 19 6.07 -15.31 0.29
CA HIS A 19 7.24 -14.95 -0.53
C HIS A 19 6.76 -14.11 -1.74
N PRO A 20 7.57 -13.13 -2.13
CA PRO A 20 7.22 -12.23 -3.24
C PRO A 20 7.40 -12.93 -4.60
N LYS A 21 8.21 -12.40 -5.51
CA LYS A 21 8.36 -13.01 -6.88
C LYS A 21 7.09 -12.68 -7.68
N ASN A 22 5.94 -12.94 -7.10
CA ASN A 22 4.65 -12.61 -7.75
C ASN A 22 4.21 -11.28 -7.15
N ILE A 23 4.19 -11.24 -5.85
CA ILE A 23 3.79 -10.02 -5.10
C ILE A 23 4.51 -8.79 -5.69
N GLN A 24 3.78 -7.95 -6.37
CA GLN A 24 4.37 -6.73 -6.98
C GLN A 24 3.96 -5.47 -6.20
N SER A 25 2.89 -5.53 -5.44
CA SER A 25 2.49 -4.31 -4.68
C SER A 25 1.60 -4.66 -3.48
N VAL A 26 1.21 -3.66 -2.75
CA VAL A 26 0.33 -3.87 -1.57
C VAL A 26 -0.45 -2.59 -1.28
N ASN A 27 -1.57 -2.72 -0.62
CA ASN A 27 -2.38 -1.54 -0.28
C ASN A 27 -2.71 -1.58 1.21
N VAL A 28 -2.46 -0.50 1.90
CA VAL A 28 -2.76 -0.45 3.36
C VAL A 28 -3.83 0.62 3.62
N LYS A 29 -4.93 0.22 4.19
CA LYS A 29 -6.05 1.19 4.47
C LYS A 29 -6.49 1.05 5.94
N SER A 30 -7.07 2.09 6.48
CA SER A 30 -7.53 2.06 7.91
C SER A 30 -8.95 1.46 7.99
N PRO A 31 -9.50 1.37 9.20
CA PRO A 31 -10.85 0.81 9.44
C PRO A 31 -11.95 1.79 9.00
N GLY A 32 -13.20 1.46 9.24
CA GLY A 32 -14.30 2.39 8.82
C GLY A 32 -15.67 1.80 9.15
N PRO A 33 -16.16 0.93 8.29
CA PRO A 33 -17.48 0.29 8.47
C PRO A 33 -17.44 -0.77 9.59
N HIS A 34 -18.41 -1.66 9.62
CA HIS A 34 -18.44 -2.70 10.70
C HIS A 34 -17.23 -3.63 10.59
N CYS A 35 -16.56 -3.68 9.45
CA CYS A 35 -15.33 -4.52 9.35
C CYS A 35 -14.34 -3.88 10.33
N ALA A 36 -14.37 -2.55 10.37
CA ALA A 36 -13.55 -1.74 11.34
C ALA A 36 -12.15 -2.29 11.58
N GLN A 37 -11.60 -2.96 10.63
CA GLN A 37 -10.22 -3.49 10.78
C GLN A 37 -9.31 -2.70 9.85
N THR A 38 -8.05 -2.96 9.87
CA THR A 38 -7.13 -2.23 8.97
C THR A 38 -7.28 -2.79 7.55
N GLU A 39 -6.27 -2.61 6.75
CA GLU A 39 -6.30 -3.14 5.37
C GLU A 39 -4.86 -3.31 4.97
N VAL A 40 -4.52 -4.44 4.49
CA VAL A 40 -3.13 -4.66 4.14
C VAL A 40 -3.09 -5.70 3.02
N ILE A 41 -3.50 -5.30 1.84
CA ILE A 41 -3.58 -6.26 0.71
C ILE A 41 -2.36 -6.18 -0.19
N ALA A 42 -1.71 -7.29 -0.41
CA ALA A 42 -0.54 -7.31 -1.34
C ALA A 42 -1.05 -7.77 -2.70
N THR A 43 -1.02 -6.91 -3.68
CA THR A 43 -1.52 -7.32 -5.01
C THR A 43 -0.51 -8.24 -5.67
N LEU A 44 -0.95 -9.40 -6.04
CA LEU A 44 -0.07 -10.40 -6.67
C LEU A 44 0.28 -10.01 -8.10
N LYS A 45 1.38 -10.56 -8.61
CA LYS A 45 1.83 -10.29 -10.00
C LYS A 45 0.74 -10.60 -11.00
N ASN A 46 0.01 -11.67 -10.81
CA ASN A 46 -1.07 -12.01 -11.76
C ASN A 46 -2.25 -11.04 -11.58
N GLY A 47 -2.12 -10.05 -10.71
CA GLY A 47 -3.21 -9.07 -10.47
C GLY A 47 -4.16 -9.64 -9.43
N ARG A 48 -3.61 -10.35 -8.47
CA ARG A 48 -4.45 -10.93 -7.39
C ARG A 48 -4.21 -10.12 -6.13
N LYS A 49 -4.65 -10.57 -4.99
CA LYS A 49 -4.40 -9.80 -3.75
C LYS A 49 -4.45 -10.69 -2.51
N ALA A 50 -3.72 -10.32 -1.52
CA ALA A 50 -3.70 -11.10 -0.24
C ALA A 50 -3.61 -10.14 0.93
N CYS A 51 -4.04 -10.52 2.08
CA CYS A 51 -3.89 -9.61 3.23
C CYS A 51 -2.86 -10.24 4.13
N LEU A 52 -2.10 -9.44 4.84
CA LEU A 52 -1.08 -10.01 5.74
C LEU A 52 -1.19 -9.31 7.09
N ASN A 53 -0.54 -9.82 8.10
CA ASN A 53 -0.67 -9.19 9.45
C ASN A 53 0.45 -8.17 9.69
N PRO A 54 0.21 -6.89 9.43
CA PRO A 54 1.25 -5.87 9.68
C PRO A 54 1.59 -5.84 11.16
N ALA A 55 0.66 -6.22 12.01
CA ALA A 55 0.96 -6.32 13.47
C ALA A 55 2.03 -7.40 13.63
N SER A 56 2.03 -8.38 12.74
CA SER A 56 3.06 -9.47 12.78
C SER A 56 4.43 -8.84 12.46
N PRO A 57 5.48 -9.43 13.00
CA PRO A 57 6.86 -8.93 12.77
C PRO A 57 7.32 -9.28 11.36
N ILE A 58 7.29 -10.55 11.02
CA ILE A 58 7.69 -10.99 9.64
C ILE A 58 6.89 -10.19 8.63
N VAL A 59 5.63 -10.05 8.89
CA VAL A 59 4.76 -9.32 7.96
C VAL A 59 5.12 -7.84 7.94
N LYS A 60 5.43 -7.26 9.08
CA LYS A 60 5.85 -5.83 9.09
C LYS A 60 7.08 -5.72 8.15
N LYS A 61 7.72 -6.85 7.91
CA LYS A 61 8.87 -6.92 6.98
C LYS A 61 8.29 -6.80 5.59
N ILE A 62 7.30 -7.63 5.32
CA ILE A 62 6.59 -7.62 4.03
C ILE A 62 6.35 -6.17 3.58
N ILE A 63 6.00 -5.29 4.50
CA ILE A 63 5.80 -3.86 4.11
C ILE A 63 7.14 -3.25 3.77
N GLU A 64 8.07 -3.38 4.67
CA GLU A 64 9.42 -2.79 4.46
C GLU A 64 10.10 -3.40 3.24
N LYS A 65 10.07 -4.70 3.09
CA LYS A 65 10.74 -5.34 1.91
C LYS A 65 9.95 -4.98 0.65
N MET A 66 8.65 -4.95 0.71
CA MET A 66 7.86 -4.54 -0.48
C MET A 66 8.27 -3.10 -0.81
N LEU A 67 8.51 -2.32 0.22
CA LEU A 67 8.96 -0.92 0.05
C LEU A 67 10.34 -0.89 -0.64
N ASN A 68 11.17 -1.88 -0.38
CA ASN A 68 12.53 -1.91 -1.01
C ASN A 68 12.63 -3.13 -1.96
N SER A 69 13.84 -3.61 -2.21
CA SER A 69 14.04 -4.78 -3.12
C SER A 69 13.48 -4.47 -4.52
N ASP A 70 14.29 -3.91 -5.38
CA ASP A 70 13.83 -3.57 -6.76
C ASP A 70 14.81 -4.16 -7.78
N LYS A 71 14.38 -5.16 -8.53
CA LYS A 71 15.27 -5.81 -9.54
C LYS A 71 16.51 -6.39 -8.82
N SER A 72 16.32 -6.97 -7.66
CA SER A 72 17.46 -7.56 -6.90
C SER A 72 17.14 -9.01 -6.52
N ALA B 1 7.53 10.95 -29.19
CA ALA B 1 8.82 10.22 -29.36
C ALA B 1 9.82 10.68 -28.29
N SER B 2 9.76 10.09 -27.12
CA SER B 2 10.70 10.48 -26.02
C SER B 2 11.06 9.25 -25.19
N VAL B 3 12.34 9.02 -24.98
CA VAL B 3 12.78 7.83 -24.19
C VAL B 3 12.56 8.11 -22.69
N ALA B 4 12.13 7.11 -21.96
CA ALA B 4 11.89 7.28 -20.48
C ALA B 4 10.67 8.19 -20.25
N THR B 5 9.53 7.59 -20.00
CA THR B 5 8.28 8.40 -19.76
C THR B 5 7.51 7.81 -18.57
N GLU B 6 6.32 8.28 -18.32
CA GLU B 6 5.51 7.74 -17.18
C GLU B 6 4.01 7.85 -17.52
N LEU B 7 3.48 6.85 -18.18
CA LEU B 7 2.04 6.88 -18.57
C LEU B 7 1.31 5.76 -17.85
N ARG B 8 1.85 4.58 -17.97
CA ARG B 8 1.25 3.36 -17.35
C ARG B 8 0.71 3.64 -15.94
N CYS B 9 1.57 4.05 -15.03
CA CYS B 9 1.09 4.33 -13.64
C CYS B 9 0.22 5.59 -13.59
N GLN B 10 -0.26 5.93 -12.43
CA GLN B 10 -1.15 7.13 -12.29
C GLN B 10 -0.48 8.24 -11.47
N CYS B 11 0.67 7.96 -10.88
CA CYS B 11 1.42 8.96 -10.02
C CYS B 11 1.11 10.41 -10.44
N LEU B 12 0.70 11.25 -9.51
CA LEU B 12 0.43 12.68 -9.86
C LEU B 12 1.78 13.35 -10.12
N GLN B 13 2.54 13.51 -9.07
CA GLN B 13 3.89 14.13 -9.14
C GLN B 13 4.57 13.91 -7.77
N THR B 14 4.38 12.73 -7.23
CA THR B 14 4.92 12.34 -5.88
C THR B 14 5.02 13.54 -4.93
N LEU B 15 4.00 13.72 -4.15
CA LEU B 15 3.99 14.83 -3.15
C LEU B 15 4.97 14.47 -2.02
N GLN B 16 5.47 15.46 -1.32
CA GLN B 16 6.44 15.18 -0.23
C GLN B 16 5.72 15.03 1.11
N GLY B 17 4.93 14.00 1.23
CA GLY B 17 4.20 13.74 2.50
C GLY B 17 3.21 14.84 2.80
N ILE B 18 2.02 14.74 2.27
CA ILE B 18 0.99 15.77 2.55
C ILE B 18 0.33 15.42 3.90
N HIS B 19 -0.71 16.11 4.26
CA HIS B 19 -1.37 15.81 5.56
C HIS B 19 -2.51 14.80 5.32
N PRO B 20 -2.70 13.88 6.26
CA PRO B 20 -3.73 12.84 6.14
C PRO B 20 -5.14 13.41 6.41
N LYS B 21 -5.88 12.88 7.38
CA LYS B 21 -7.28 13.37 7.62
C LYS B 21 -8.18 12.81 6.50
N ASN B 22 -7.76 12.99 5.27
CA ASN B 22 -8.49 12.45 4.12
C ASN B 22 -7.80 11.15 3.73
N ILE B 23 -6.52 11.23 3.56
CA ILE B 23 -5.69 10.07 3.21
C ILE B 23 -6.04 8.87 4.11
N GLN B 24 -6.70 7.88 3.56
CA GLN B 24 -7.10 6.69 4.33
C GLN B 24 -6.22 5.49 3.97
N SER B 25 -5.60 5.49 2.82
CA SER B 25 -4.75 4.32 2.44
C SER B 25 -3.71 4.69 1.39
N VAL B 26 -2.91 3.73 1.01
CA VAL B 26 -1.87 3.95 -0.02
C VAL B 26 -1.52 2.63 -0.69
N ASN B 27 -1.01 2.70 -1.88
CA ASN B 27 -0.60 1.47 -2.60
C ASN B 27 0.82 1.62 -3.12
N VAL B 28 1.65 0.66 -2.84
CA VAL B 28 3.06 0.72 -3.31
C VAL B 28 3.32 -0.43 -4.28
N LYS B 29 3.73 -0.11 -5.49
CA LYS B 29 3.98 -1.16 -6.52
C LYS B 29 5.37 -0.92 -7.14
N SER B 30 5.96 -1.96 -7.68
CA SER B 30 7.32 -1.84 -8.31
C SER B 30 7.18 -1.41 -9.78
N PRO B 31 8.30 -1.26 -10.47
CA PRO B 31 8.33 -0.83 -11.90
C PRO B 31 7.89 -1.97 -12.83
N GLY B 32 7.97 -1.76 -14.13
CA GLY B 32 7.53 -2.85 -15.07
C GLY B 32 7.62 -2.39 -16.52
N PRO B 33 6.62 -1.65 -16.96
CA PRO B 33 6.56 -1.15 -18.35
C PRO B 33 7.58 -0.03 -18.60
N HIS B 34 7.42 0.73 -19.66
CA HIS B 34 8.40 1.82 -19.99
C HIS B 34 8.44 2.89 -18.90
N CYS B 35 7.43 3.00 -18.06
CA CYS B 35 7.55 4.01 -16.96
C CYS B 35 8.66 3.48 -16.06
N ALA B 36 8.66 2.19 -15.84
CA ALA B 36 9.72 1.51 -15.06
C ALA B 36 10.04 2.25 -13.76
N GLN B 37 9.08 2.91 -13.19
CA GLN B 37 9.29 3.62 -11.90
C GLN B 37 8.54 2.85 -10.82
N THR B 38 8.65 3.27 -9.60
CA THR B 38 7.93 2.56 -8.51
C THR B 38 6.45 2.95 -8.54
N GLU B 39 5.78 2.81 -7.43
CA GLU B 39 4.37 3.19 -7.34
C GLU B 39 4.11 3.48 -5.90
N VAL B 40 3.54 4.58 -5.61
CA VAL B 40 3.31 4.93 -4.21
C VAL B 40 2.09 5.84 -4.15
N ILE B 41 0.93 5.28 -4.35
CA ILE B 41 -0.30 6.10 -4.39
C ILE B 41 -1.06 6.08 -3.07
N ALA B 42 -1.34 7.21 -2.51
CA ALA B 42 -2.13 7.28 -1.25
C ALA B 42 -3.57 7.53 -1.62
N THR B 43 -4.44 6.59 -1.40
CA THR B 43 -5.86 6.79 -1.77
C THR B 43 -6.50 7.76 -0.79
N LEU B 44 -7.05 8.81 -1.30
CA LEU B 44 -7.69 9.84 -0.45
C LEU B 44 -9.03 9.34 0.11
N LYS B 45 -9.47 9.97 1.19
CA LYS B 45 -10.77 9.61 1.83
C LYS B 45 -11.91 9.68 0.85
N ASN B 46 -11.92 10.67 0.00
CA ASN B 46 -13.01 10.79 -1.00
C ASN B 46 -12.86 9.71 -2.10
N GLY B 47 -11.88 8.84 -1.96
CA GLY B 47 -11.65 7.77 -2.97
C GLY B 47 -10.78 8.33 -4.09
N ARG B 48 -9.86 9.20 -3.74
CA ARG B 48 -8.94 9.78 -4.76
C ARG B 48 -7.57 9.13 -4.58
N LYS B 49 -6.55 9.65 -5.20
CA LYS B 49 -5.22 9.04 -5.02
C LYS B 49 -4.11 10.05 -5.31
N ALA B 50 -2.99 9.86 -4.66
CA ALA B 50 -1.83 10.78 -4.88
C ALA B 50 -0.55 9.97 -4.80
N CYS B 51 0.50 10.43 -5.41
CA CYS B 51 1.76 9.68 -5.30
C CYS B 51 2.68 10.50 -4.42
N LEU B 52 3.56 9.86 -3.72
CA LEU B 52 4.49 10.63 -2.85
C LEU B 52 5.89 10.05 -3.07
N ASN B 53 6.91 10.72 -2.63
CA ASN B 53 8.30 10.23 -2.86
C ASN B 53 8.77 9.37 -1.69
N PRO B 54 8.64 8.05 -1.76
CA PRO B 54 9.11 7.18 -0.66
C PRO B 54 10.63 7.35 -0.51
N ALA B 55 11.32 7.71 -1.57
CA ALA B 55 12.78 7.98 -1.46
C ALA B 55 12.93 9.19 -0.52
N SER B 56 11.94 10.07 -0.52
CA SER B 56 11.95 11.26 0.38
C SER B 56 11.87 10.78 1.84
N PRO B 57 12.45 11.53 2.75
CA PRO B 57 12.43 11.17 4.19
C PRO B 57 11.04 11.43 4.78
N ILE B 58 10.56 12.65 4.66
CA ILE B 58 9.19 12.98 5.17
C ILE B 58 8.19 12.00 4.59
N VAL B 59 8.33 11.75 3.34
CA VAL B 59 7.40 10.82 2.65
C VAL B 59 7.60 9.41 3.17
N LYS B 60 8.82 8.99 3.39
CA LYS B 60 9.03 7.62 3.96
C LYS B 60 8.25 7.56 5.29
N LYS B 61 7.95 8.71 5.83
CA LYS B 61 7.15 8.82 7.07
C LYS B 61 5.73 8.50 6.68
N ILE B 62 5.26 9.18 5.66
CA ILE B 62 3.91 8.95 5.10
C ILE B 62 3.62 7.45 5.07
N ILE B 63 4.58 6.62 4.71
CA ILE B 63 4.34 5.15 4.71
C ILE B 63 4.22 4.67 6.13
N GLU B 64 5.19 5.01 6.93
CA GLU B 64 5.21 4.55 8.35
C GLU B 64 4.00 5.10 9.11
N LYS B 65 3.70 6.38 8.96
CA LYS B 65 2.53 6.95 9.69
C LYS B 65 1.24 6.38 9.11
N MET B 66 1.17 6.21 7.82
CA MET B 66 -0.04 5.59 7.23
C MET B 66 -0.16 4.19 7.82
N LEU B 67 0.98 3.55 8.02
CA LEU B 67 1.02 2.19 8.62
C LEU B 67 0.48 2.25 10.06
N ASN B 68 0.72 3.35 10.75
CA ASN B 68 0.24 3.48 12.17
C ASN B 68 -0.82 4.59 12.26
N SER B 69 -1.00 5.18 13.43
CA SER B 69 -2.02 6.27 13.62
C SER B 69 -3.42 5.76 13.27
N ASP B 70 -4.11 5.20 14.23
CA ASP B 70 -5.49 4.68 13.97
C ASP B 70 -6.45 5.27 15.01
N LYS B 71 -7.35 6.13 14.57
CA LYS B 71 -8.33 6.77 15.51
C LYS B 71 -7.56 7.56 16.58
N SER B 72 -6.50 8.23 16.19
CA SER B 72 -5.69 9.03 17.17
C SER B 72 -5.50 10.46 16.67
N ALA A 1 -20.55 -14.21 2.57
CA ALA A 1 -21.33 -12.93 2.70
C ALA A 1 -22.77 -13.27 3.13
N SER A 2 -22.99 -13.37 4.41
CA SER A 2 -24.37 -13.69 4.92
C SER A 2 -24.53 -13.16 6.36
N VAL A 3 -23.86 -13.79 7.29
CA VAL A 3 -23.96 -13.34 8.71
C VAL A 3 -22.54 -13.18 9.29
N ALA A 4 -21.86 -12.13 8.92
CA ALA A 4 -20.48 -11.89 9.43
C ALA A 4 -20.01 -10.49 9.04
N THR A 5 -19.01 -9.97 9.72
CA THR A 5 -18.50 -8.61 9.40
C THR A 5 -17.51 -8.70 8.22
N GLU A 6 -16.85 -7.61 7.90
CA GLU A 6 -15.87 -7.60 6.77
C GLU A 6 -16.59 -7.88 5.44
N LEU A 7 -16.98 -6.84 4.73
CA LEU A 7 -17.67 -7.02 3.43
C LEU A 7 -16.78 -6.38 2.38
N ARG A 8 -16.54 -5.10 2.56
CA ARG A 8 -15.66 -4.34 1.65
C ARG A 8 -14.27 -4.95 1.67
N CYS A 9 -13.73 -5.17 2.86
CA CYS A 9 -12.37 -5.77 3.00
C CYS A 9 -12.38 -7.18 2.40
N GLN A 10 -11.29 -7.60 1.81
CA GLN A 10 -11.21 -8.94 1.18
C GLN A 10 -10.10 -9.80 1.80
N CYS A 11 -9.33 -9.24 2.72
CA CYS A 11 -8.20 -9.98 3.37
C CYS A 11 -8.51 -11.48 3.53
N LEU A 12 -7.56 -12.31 3.18
CA LEU A 12 -7.75 -13.78 3.31
C LEU A 12 -7.70 -14.15 4.79
N GLN A 13 -6.54 -14.02 5.38
CA GLN A 13 -6.35 -14.32 6.83
C GLN A 13 -4.99 -13.75 7.23
N THR A 14 -4.69 -12.56 6.75
CA THR A 14 -3.38 -11.87 6.99
C THR A 14 -2.22 -12.84 7.20
N LEU A 15 -1.49 -13.07 6.15
CA LEU A 15 -0.31 -13.98 6.25
C LEU A 15 0.83 -13.25 6.97
N GLN A 16 1.77 -13.99 7.52
CA GLN A 16 2.88 -13.35 8.26
C GLN A 16 4.11 -13.21 7.37
N GLY A 17 4.02 -12.36 6.39
CA GLY A 17 5.18 -12.12 5.48
C GLY A 17 5.44 -13.33 4.60
N ILE A 18 4.73 -13.44 3.51
CA ILE A 18 4.98 -14.58 2.59
C ILE A 18 6.13 -14.20 1.66
N HIS A 19 6.40 -14.98 0.66
CA HIS A 19 7.52 -14.65 -0.26
C HIS A 19 6.95 -13.92 -1.49
N PRO A 20 7.69 -12.96 -2.01
CA PRO A 20 7.26 -12.17 -3.17
C PRO A 20 7.39 -12.98 -4.47
N LYS A 21 8.18 -12.53 -5.44
CA LYS A 21 8.30 -13.25 -6.75
C LYS A 21 7.01 -12.99 -7.55
N ASN A 22 5.88 -13.22 -6.93
CA ASN A 22 4.58 -12.95 -7.56
C ASN A 22 4.11 -11.61 -7.04
N ILE A 23 4.11 -11.47 -5.74
CA ILE A 23 3.69 -10.22 -5.07
C ILE A 23 4.33 -9.01 -5.78
N GLN A 24 3.52 -8.25 -6.48
CA GLN A 24 4.02 -7.07 -7.22
C GLN A 24 3.64 -5.78 -6.50
N SER A 25 2.64 -5.81 -5.64
CA SER A 25 2.25 -4.55 -4.93
C SER A 25 1.38 -4.86 -3.71
N VAL A 26 0.95 -3.83 -3.02
CA VAL A 26 0.09 -4.02 -1.82
C VAL A 26 -0.74 -2.76 -1.58
N ASN A 27 -1.83 -2.89 -0.89
CA ASN A 27 -2.68 -1.74 -0.58
C ASN A 27 -3.01 -1.71 0.91
N VAL A 28 -2.79 -0.59 1.54
CA VAL A 28 -3.09 -0.49 3.00
C VAL A 28 -4.24 0.52 3.21
N LYS A 29 -5.36 0.03 3.66
CA LYS A 29 -6.55 0.91 3.88
C LYS A 29 -6.87 0.99 5.38
N SER A 30 -7.78 1.86 5.74
CA SER A 30 -8.18 2.03 7.18
C SER A 30 -9.54 1.32 7.42
N PRO A 31 -10.03 1.39 8.65
CA PRO A 31 -11.31 0.75 9.04
C PRO A 31 -12.52 1.55 8.52
N GLY A 32 -13.73 1.17 8.90
CA GLY A 32 -14.93 1.91 8.41
C GLY A 32 -16.22 1.22 8.88
N PRO A 33 -16.64 0.21 8.14
CA PRO A 33 -17.87 -0.56 8.45
C PRO A 33 -17.62 -1.51 9.63
N HIS A 34 -18.42 -2.54 9.78
CA HIS A 34 -18.18 -3.52 10.91
C HIS A 34 -16.77 -4.09 10.77
N CYS A 35 -16.21 -4.08 9.57
CA CYS A 35 -14.80 -4.55 9.36
C CYS A 35 -13.96 -3.81 10.42
N ALA A 36 -14.15 -2.51 10.48
CA ALA A 36 -13.50 -1.62 11.48
C ALA A 36 -12.05 -2.03 11.81
N GLN A 37 -11.37 -2.58 10.85
CA GLN A 37 -9.96 -2.97 11.07
C GLN A 37 -9.10 -2.30 10.01
N THR A 38 -7.84 -2.61 9.97
CA THR A 38 -6.97 -1.99 8.95
C THR A 38 -7.18 -2.70 7.62
N GLU A 39 -6.29 -2.51 6.70
CA GLU A 39 -6.38 -3.19 5.39
C GLU A 39 -4.98 -3.31 4.90
N VAL A 40 -4.61 -4.44 4.42
CA VAL A 40 -3.23 -4.60 3.99
C VAL A 40 -3.19 -5.70 2.94
N ILE A 41 -3.60 -5.40 1.74
CA ILE A 41 -3.67 -6.41 0.68
C ILE A 41 -2.49 -6.35 -0.28
N ALA A 42 -1.73 -7.40 -0.37
CA ALA A 42 -0.60 -7.43 -1.34
C ALA A 42 -1.12 -8.00 -2.66
N THR A 43 -1.16 -7.18 -3.69
CA THR A 43 -1.68 -7.68 -4.99
C THR A 43 -0.64 -8.61 -5.60
N LEU A 44 -1.06 -9.80 -5.90
CA LEU A 44 -0.16 -10.82 -6.48
C LEU A 44 0.15 -10.51 -7.95
N LYS A 45 1.24 -11.07 -8.46
CA LYS A 45 1.66 -10.87 -9.87
C LYS A 45 0.54 -11.27 -10.83
N ASN A 46 -0.17 -12.33 -10.51
CA ASN A 46 -1.29 -12.76 -11.40
C ASN A 46 -2.48 -11.78 -11.27
N GLY A 47 -2.31 -10.71 -10.51
CA GLY A 47 -3.41 -9.73 -10.31
C GLY A 47 -4.34 -10.27 -9.24
N ARG A 48 -3.77 -10.92 -8.26
CA ARG A 48 -4.58 -11.48 -7.14
C ARG A 48 -4.31 -10.64 -5.90
N LYS A 49 -4.75 -11.06 -4.75
CA LYS A 49 -4.47 -10.24 -3.54
C LYS A 49 -4.39 -11.09 -2.29
N ALA A 50 -3.59 -10.66 -1.36
CA ALA A 50 -3.45 -11.38 -0.05
C ALA A 50 -3.45 -10.33 1.04
N CYS A 51 -3.71 -10.71 2.27
CA CYS A 51 -3.64 -9.70 3.33
C CYS A 51 -2.57 -10.18 4.31
N LEU A 52 -1.90 -9.29 4.97
CA LEU A 52 -0.84 -9.71 5.92
C LEU A 52 -0.99 -8.89 7.20
N ASN A 53 -0.31 -9.26 8.24
CA ASN A 53 -0.46 -8.50 9.53
C ASN A 53 0.63 -7.43 9.65
N PRO A 54 0.36 -6.19 9.31
CA PRO A 54 1.37 -5.13 9.45
C PRO A 54 1.73 -4.97 10.93
N ALA A 55 0.82 -5.31 11.82
CA ALA A 55 1.14 -5.28 13.27
C ALA A 55 2.27 -6.29 13.49
N SER A 56 2.26 -7.35 12.71
CA SER A 56 3.33 -8.40 12.79
C SER A 56 4.68 -7.74 12.44
N PRO A 57 5.75 -8.22 13.01
CA PRO A 57 7.10 -7.67 12.74
C PRO A 57 7.57 -8.10 11.35
N ILE A 58 7.61 -9.39 11.10
CA ILE A 58 8.03 -9.90 9.76
C ILE A 58 7.18 -9.22 8.69
N VAL A 59 5.92 -9.14 8.95
CA VAL A 59 5.00 -8.54 7.97
C VAL A 59 5.30 -7.05 7.82
N LYS A 60 5.58 -6.36 8.90
CA LYS A 60 5.93 -4.91 8.77
C LYS A 60 7.14 -4.83 7.82
N LYS A 61 7.84 -5.92 7.67
CA LYS A 61 8.99 -6.02 6.74
C LYS A 61 8.39 -6.06 5.36
N ILE A 62 7.44 -6.94 5.17
CA ILE A 62 6.72 -7.07 3.87
C ILE A 62 6.40 -5.69 3.33
N ILE A 63 6.04 -4.74 4.17
CA ILE A 63 5.77 -3.36 3.66
C ILE A 63 7.07 -2.73 3.23
N GLU A 64 8.02 -2.75 4.12
CA GLU A 64 9.34 -2.13 3.83
C GLU A 64 10.03 -2.81 2.65
N LYS A 65 10.05 -4.13 2.62
CA LYS A 65 10.71 -4.84 1.50
C LYS A 65 9.92 -4.59 0.22
N MET A 66 8.61 -4.63 0.30
CA MET A 66 7.80 -4.32 -0.90
C MET A 66 8.18 -2.91 -1.36
N LEU A 67 8.43 -2.04 -0.39
CA LEU A 67 8.86 -0.65 -0.71
C LEU A 67 10.25 -0.72 -1.38
N ASN A 68 11.07 -1.65 -0.94
CA ASN A 68 12.45 -1.80 -1.54
C ASN A 68 12.34 -2.54 -2.89
N SER A 69 13.43 -2.63 -3.62
CA SER A 69 13.41 -3.34 -4.93
C SER A 69 14.84 -3.46 -5.47
N ASP A 70 15.60 -4.40 -4.94
CA ASP A 70 17.01 -4.60 -5.41
C ASP A 70 17.84 -3.33 -5.12
N LYS A 71 18.42 -3.25 -3.95
CA LYS A 71 19.24 -2.04 -3.59
C LYS A 71 18.36 -0.78 -3.64
N SER A 72 17.13 -0.88 -3.20
CA SER A 72 16.22 0.30 -3.21
C SER A 72 15.50 0.44 -1.86
N ALA B 1 -1.25 12.18 -22.19
CA ALA B 1 -1.09 10.86 -22.85
C ALA B 1 -0.85 11.07 -24.35
N SER B 2 0.38 11.28 -24.74
CA SER B 2 0.69 11.49 -26.19
C SER B 2 2.15 11.11 -26.47
N VAL B 3 3.09 11.89 -25.99
CA VAL B 3 4.52 11.58 -26.21
C VAL B 3 5.27 11.64 -24.87
N ALA B 4 5.11 10.64 -24.04
CA ALA B 4 5.79 10.62 -22.72
C ALA B 4 5.62 9.25 -22.06
N THR B 5 6.46 8.91 -21.11
CA THR B 5 6.34 7.59 -20.42
C THR B 5 5.28 7.67 -19.31
N GLU B 6 5.15 6.63 -18.52
CA GLU B 6 4.14 6.63 -17.41
C GLU B 6 2.73 6.69 -17.99
N LEU B 7 2.09 5.56 -18.17
CA LEU B 7 0.71 5.51 -18.71
C LEU B 7 -0.16 4.86 -17.66
N ARG B 8 0.18 3.64 -17.33
CA ARG B 8 -0.55 2.86 -16.30
C ARG B 8 -0.53 3.62 -14.97
N CYS B 9 0.63 4.01 -14.53
CA CYS B 9 0.75 4.74 -13.23
C CYS B 9 0.07 6.12 -13.35
N GLN B 10 -0.46 6.61 -12.27
CA GLN B 10 -1.16 7.93 -12.29
C GLN B 10 -0.40 8.98 -11.45
N CYS B 11 0.61 8.55 -10.72
CA CYS B 11 1.43 9.45 -9.84
C CYS B 11 1.33 10.94 -10.26
N LEU B 12 1.01 11.80 -9.32
CA LEU B 12 0.93 13.26 -9.62
C LEU B 12 2.35 13.80 -9.78
N GLN B 13 3.07 13.86 -8.69
CA GLN B 13 4.48 14.33 -8.69
C GLN B 13 5.09 13.99 -7.33
N THR B 14 4.77 12.81 -6.84
CA THR B 14 5.23 12.31 -5.50
C THR B 14 5.46 13.43 -4.49
N LEU B 15 4.48 13.66 -3.65
CA LEU B 15 4.62 14.71 -2.60
C LEU B 15 5.54 14.18 -1.50
N GLN B 16 6.10 15.07 -0.71
CA GLN B 16 7.03 14.63 0.37
C GLN B 16 6.29 14.54 1.70
N GLY B 17 5.41 13.58 1.81
CA GLY B 17 4.66 13.37 3.08
C GLY B 17 3.68 14.51 3.33
N ILE B 18 2.52 14.44 2.74
CA ILE B 18 1.50 15.49 2.97
C ILE B 18 0.75 15.15 4.27
N HIS B 19 -0.29 15.86 4.58
CA HIS B 19 -1.03 15.55 5.83
C HIS B 19 -2.23 14.64 5.49
N PRO B 20 -2.55 13.72 6.38
CA PRO B 20 -3.66 12.77 6.17
C PRO B 20 -5.02 13.45 6.38
N LYS B 21 -5.83 12.99 7.32
CA LYS B 21 -7.20 13.58 7.53
C LYS B 21 -8.09 13.10 6.38
N ASN B 22 -7.63 13.26 5.16
CA ASN B 22 -8.38 12.79 3.98
C ASN B 22 -7.76 11.44 3.59
N ILE B 23 -6.46 11.46 3.45
CA ILE B 23 -5.69 10.24 3.09
C ILE B 23 -6.19 9.05 3.91
N GLN B 24 -6.87 8.13 3.28
CA GLN B 24 -7.41 6.95 3.98
C GLN B 24 -6.59 5.70 3.65
N SER B 25 -5.86 5.70 2.55
CA SER B 25 -5.06 4.49 2.21
C SER B 25 -3.98 4.82 1.17
N VAL B 26 -3.23 3.83 0.77
CA VAL B 26 -2.15 4.04 -0.24
C VAL B 26 -1.86 2.72 -0.96
N ASN B 27 -1.32 2.80 -2.14
CA ASN B 27 -0.97 1.59 -2.90
C ASN B 27 0.46 1.69 -3.40
N VAL B 28 1.25 0.67 -3.14
CA VAL B 28 2.66 0.68 -3.60
C VAL B 28 2.85 -0.42 -4.66
N LYS B 29 3.12 -0.02 -5.88
CA LYS B 29 3.31 -1.00 -6.99
C LYS B 29 4.77 -0.95 -7.48
N SER B 30 5.13 -1.90 -8.32
CA SER B 30 6.52 -1.96 -8.87
C SER B 30 6.53 -1.39 -10.31
N PRO B 31 7.70 -1.39 -10.94
CA PRO B 31 7.86 -0.87 -12.32
C PRO B 31 7.31 -1.84 -13.37
N GLY B 32 7.50 -1.56 -14.64
CA GLY B 32 6.98 -2.48 -15.70
C GLY B 32 7.20 -1.88 -17.09
N PRO B 33 6.30 -0.99 -17.49
CA PRO B 33 6.38 -0.33 -18.82
C PRO B 33 7.50 0.72 -18.84
N HIS B 34 7.44 1.67 -19.75
CA HIS B 34 8.53 2.71 -19.83
C HIS B 34 8.61 3.51 -18.53
N CYS B 35 7.56 3.57 -17.74
CA CYS B 35 7.67 4.30 -16.45
C CYS B 35 8.80 3.61 -15.69
N ALA B 36 8.75 2.29 -15.67
CA ALA B 36 9.82 1.47 -15.03
C ALA B 36 10.25 2.04 -13.68
N GLN B 37 9.32 2.62 -12.97
CA GLN B 37 9.63 3.18 -11.63
C GLN B 37 8.73 2.50 -10.60
N THR B 38 8.80 2.94 -9.38
CA THR B 38 7.93 2.32 -8.33
C THR B 38 6.52 2.88 -8.46
N GLU B 39 5.73 2.70 -7.43
CA GLU B 39 4.36 3.22 -7.43
C GLU B 39 4.01 3.45 -5.99
N VAL B 40 3.45 4.56 -5.70
CA VAL B 40 3.16 4.84 -4.30
C VAL B 40 2.00 5.83 -4.25
N ILE B 41 0.80 5.35 -4.45
CA ILE B 41 -0.37 6.24 -4.49
C ILE B 41 -1.19 6.21 -3.21
N ALA B 42 -1.32 7.32 -2.55
CA ALA B 42 -2.16 7.38 -1.32
C ALA B 42 -3.57 7.74 -1.73
N THR B 43 -4.51 6.82 -1.57
CA THR B 43 -5.90 7.13 -1.97
C THR B 43 -6.50 8.11 -0.97
N LEU B 44 -6.99 9.20 -1.48
CA LEU B 44 -7.58 10.24 -0.61
C LEU B 44 -8.97 9.81 -0.09
N LYS B 45 -9.40 10.44 0.98
CA LYS B 45 -10.74 10.15 1.58
C LYS B 45 -11.84 10.32 0.56
N ASN B 46 -11.72 11.31 -0.28
CA ASN B 46 -12.79 11.53 -1.33
C ASN B 46 -12.67 10.43 -2.41
N GLY B 47 -11.77 9.48 -2.23
CA GLY B 47 -11.60 8.39 -3.24
C GLY B 47 -10.69 8.93 -4.35
N ARG B 48 -9.74 9.76 -3.97
CA ARG B 48 -8.80 10.32 -4.97
C ARG B 48 -7.45 9.65 -4.77
N LYS B 49 -6.41 10.13 -5.38
CA LYS B 49 -5.09 9.48 -5.17
C LYS B 49 -3.94 10.46 -5.32
N ALA B 50 -2.89 10.21 -4.58
CA ALA B 50 -1.68 11.08 -4.65
C ALA B 50 -0.46 10.19 -4.67
N CYS B 51 0.66 10.66 -5.11
CA CYS B 51 1.87 9.81 -5.06
C CYS B 51 2.87 10.49 -4.15
N LEU B 52 3.71 9.74 -3.51
CA LEU B 52 4.71 10.36 -2.62
C LEU B 52 6.05 9.65 -2.84
N ASN B 53 7.12 10.21 -2.36
CA ASN B 53 8.45 9.58 -2.60
C ASN B 53 8.83 8.66 -1.42
N PRO B 54 8.61 7.36 -1.54
CA PRO B 54 8.99 6.43 -0.46
C PRO B 54 10.50 6.48 -0.26
N ALA B 55 11.24 6.80 -1.31
CA ALA B 55 12.72 6.96 -1.16
C ALA B 55 12.94 8.12 -0.18
N SER B 56 12.03 9.08 -0.20
CA SER B 56 12.12 10.24 0.73
C SER B 56 11.99 9.70 2.18
N PRO B 57 12.62 10.37 3.13
CA PRO B 57 12.57 9.95 4.54
C PRO B 57 11.19 10.29 5.14
N ILE B 58 10.80 11.54 5.08
CA ILE B 58 9.46 11.96 5.59
C ILE B 58 8.39 11.08 4.97
N VAL B 59 8.52 10.87 3.69
CA VAL B 59 7.52 10.08 2.97
C VAL B 59 7.58 8.62 3.43
N LYS B 60 8.75 8.09 3.64
CA LYS B 60 8.83 6.68 4.15
C LYS B 60 8.03 6.63 5.46
N LYS B 61 7.84 7.78 6.07
CA LYS B 61 7.03 7.91 7.30
C LYS B 61 5.59 7.74 6.89
N ILE B 62 5.20 8.49 5.87
CA ILE B 62 3.84 8.40 5.31
C ILE B 62 3.42 6.93 5.19
N ILE B 63 4.32 6.05 4.84
CA ILE B 63 3.95 4.60 4.77
C ILE B 63 3.74 4.08 6.17
N GLU B 64 4.72 4.30 7.00
CA GLU B 64 4.66 3.81 8.40
C GLU B 64 3.48 4.45 9.15
N LYS B 65 3.30 5.74 9.05
CA LYS B 65 2.18 6.41 9.76
C LYS B 65 0.87 5.93 9.16
N MET B 66 0.79 5.83 7.86
CA MET B 66 -0.45 5.31 7.23
C MET B 66 -0.69 3.91 7.80
N LEU B 67 0.39 3.18 8.02
CA LEU B 67 0.29 1.83 8.63
C LEU B 67 -0.23 1.99 10.07
N ASN B 68 0.19 3.04 10.74
CA ASN B 68 -0.28 3.28 12.15
C ASN B 68 -1.70 3.87 12.13
N SER B 69 -2.32 4.00 13.28
CA SER B 69 -3.69 4.57 13.35
C SER B 69 -4.09 4.80 14.82
N ASP B 70 -3.59 5.86 15.41
CA ASP B 70 -3.92 6.18 16.85
C ASP B 70 -3.41 5.04 17.75
N LYS B 71 -2.17 5.14 18.20
CA LYS B 71 -1.58 4.09 19.08
C LYS B 71 -1.58 2.73 18.35
N SER B 72 -1.29 2.74 17.07
CA SER B 72 -1.27 1.47 16.29
C SER B 72 0.00 1.38 15.44
N ALA A 1 -14.12 -16.33 2.29
CA ALA A 1 -14.56 -16.18 3.71
C ALA A 1 -16.08 -16.02 3.76
N SER A 2 -16.69 -16.47 4.83
CA SER A 2 -18.17 -16.35 4.97
C SER A 2 -18.49 -15.67 6.31
N VAL A 3 -17.85 -14.56 6.60
CA VAL A 3 -18.12 -13.84 7.87
C VAL A 3 -18.96 -12.59 7.59
N ALA A 4 -19.80 -12.21 8.51
CA ALA A 4 -20.67 -11.01 8.31
C ALA A 4 -19.91 -9.73 8.71
N THR A 5 -20.54 -8.59 8.58
CA THR A 5 -19.92 -7.27 8.96
C THR A 5 -18.55 -7.10 8.26
N GLU A 6 -18.37 -7.66 7.09
CA GLU A 6 -17.06 -7.50 6.37
C GLU A 6 -17.25 -7.84 4.88
N LEU A 7 -17.63 -6.88 4.08
CA LEU A 7 -17.82 -7.12 2.63
C LEU A 7 -16.79 -6.31 1.87
N ARG A 8 -16.77 -5.03 2.15
CA ARG A 8 -15.82 -4.09 1.49
C ARG A 8 -14.41 -4.68 1.47
N CYS A 9 -13.90 -5.06 2.62
CA CYS A 9 -12.53 -5.65 2.69
C CYS A 9 -12.52 -7.02 1.99
N GLN A 10 -11.40 -7.40 1.43
CA GLN A 10 -11.30 -8.71 0.71
C GLN A 10 -10.22 -9.61 1.30
N CYS A 11 -9.47 -9.14 2.27
CA CYS A 11 -8.34 -9.94 2.89
C CYS A 11 -8.65 -11.44 2.86
N LEU A 12 -7.69 -12.23 2.43
CA LEU A 12 -7.89 -13.72 2.37
C LEU A 12 -7.94 -14.23 3.81
N GLN A 13 -6.85 -14.13 4.50
CA GLN A 13 -6.75 -14.57 5.91
C GLN A 13 -5.40 -14.08 6.45
N THR A 14 -5.06 -12.85 6.12
CA THR A 14 -3.75 -12.22 6.51
C THR A 14 -2.64 -13.25 6.69
N LEU A 15 -1.90 -13.48 5.65
CA LEU A 15 -0.78 -14.45 5.71
C LEU A 15 0.38 -13.85 6.54
N GLN A 16 1.20 -14.69 7.11
CA GLN A 16 2.32 -14.19 7.95
C GLN A 16 3.54 -13.91 7.06
N GLY A 17 3.40 -12.99 6.14
CA GLY A 17 4.53 -12.63 5.25
C GLY A 17 4.94 -13.81 4.38
N ILE A 18 4.32 -13.96 3.24
CA ILE A 18 4.69 -15.06 2.34
C ILE A 18 5.94 -14.65 1.55
N HIS A 19 6.35 -15.41 0.59
CA HIS A 19 7.56 -15.03 -0.17
C HIS A 19 7.14 -14.18 -1.39
N PRO A 20 7.95 -13.20 -1.75
CA PRO A 20 7.65 -12.30 -2.87
C PRO A 20 7.89 -13.01 -4.23
N LYS A 21 8.72 -12.46 -5.10
CA LYS A 21 8.92 -13.08 -6.46
C LYS A 21 7.68 -12.77 -7.31
N ASN A 22 6.52 -13.03 -6.76
CA ASN A 22 5.25 -12.71 -7.46
C ASN A 22 4.77 -11.39 -6.88
N ILE A 23 4.68 -11.34 -5.58
CA ILE A 23 4.25 -10.12 -4.85
C ILE A 23 4.93 -8.88 -5.47
N GLN A 24 4.18 -8.09 -6.19
CA GLN A 24 4.73 -6.89 -6.86
C GLN A 24 4.27 -5.61 -6.15
N SER A 25 3.26 -5.67 -5.31
CA SER A 25 2.79 -4.42 -4.64
C SER A 25 1.87 -4.74 -3.46
N VAL A 26 1.37 -3.72 -2.81
CA VAL A 26 0.46 -3.92 -1.65
C VAL A 26 -0.35 -2.64 -1.39
N ASN A 27 -1.47 -2.80 -0.74
CA ASN A 27 -2.32 -1.64 -0.41
C ASN A 27 -2.71 -1.70 1.06
N VAL A 28 -2.52 -0.62 1.77
CA VAL A 28 -2.86 -0.60 3.23
C VAL A 28 -3.99 0.41 3.47
N LYS A 29 -5.13 -0.07 3.87
CA LYS A 29 -6.30 0.82 4.14
C LYS A 29 -6.68 0.77 5.63
N SER A 30 -7.41 1.75 6.10
CA SER A 30 -7.82 1.77 7.53
C SER A 30 -9.30 1.33 7.62
N PRO A 31 -9.81 1.19 8.83
CA PRO A 31 -11.21 0.77 9.07
C PRO A 31 -12.19 1.91 8.78
N GLY A 32 -13.47 1.60 8.74
CA GLY A 32 -14.49 2.66 8.45
C GLY A 32 -15.90 2.16 8.83
N PRO A 33 -16.57 1.55 7.87
CA PRO A 33 -17.94 1.02 8.07
C PRO A 33 -17.91 -0.31 8.85
N HIS A 34 -18.95 -1.11 8.75
CA HIS A 34 -19.00 -2.43 9.48
C HIS A 34 -17.72 -3.23 9.26
N CYS A 35 -17.09 -3.12 8.12
CA CYS A 35 -15.78 -3.82 7.93
C CYS A 35 -14.75 -2.89 8.57
N ALA A 36 -14.96 -2.68 9.85
CA ALA A 36 -14.14 -1.74 10.65
C ALA A 36 -12.83 -2.37 11.10
N GLN A 37 -12.05 -2.75 10.14
CA GLN A 37 -10.71 -3.33 10.41
C GLN A 37 -9.71 -2.67 9.47
N THR A 38 -8.45 -2.99 9.59
CA THR A 38 -7.44 -2.38 8.70
C THR A 38 -7.55 -2.99 7.29
N GLU A 39 -6.52 -2.85 6.52
CA GLU A 39 -6.48 -3.42 5.16
C GLU A 39 -5.04 -3.52 4.80
N VAL A 40 -4.64 -4.62 4.31
CA VAL A 40 -3.22 -4.80 4.00
C VAL A 40 -3.12 -5.82 2.87
N ILE A 41 -3.45 -5.42 1.68
CA ILE A 41 -3.46 -6.38 0.55
C ILE A 41 -2.20 -6.28 -0.31
N ALA A 42 -1.50 -7.37 -0.48
CA ALA A 42 -0.29 -7.37 -1.36
C ALA A 42 -0.71 -7.87 -2.74
N THR A 43 -0.66 -7.02 -3.74
CA THR A 43 -1.08 -7.46 -5.09
C THR A 43 0.00 -8.38 -5.67
N LEU A 44 -0.42 -9.55 -6.07
CA LEU A 44 0.51 -10.54 -6.62
C LEU A 44 0.93 -10.16 -8.05
N LYS A 45 2.05 -10.70 -8.50
CA LYS A 45 2.58 -10.44 -9.87
C LYS A 45 1.55 -10.81 -10.93
N ASN A 46 0.86 -11.89 -10.73
CA ASN A 46 -0.18 -12.29 -11.73
C ASN A 46 -1.39 -11.34 -11.66
N GLY A 47 -1.31 -10.31 -10.83
CA GLY A 47 -2.44 -9.35 -10.69
C GLY A 47 -3.44 -9.90 -9.68
N ARG A 48 -2.94 -10.58 -8.67
CA ARG A 48 -3.84 -11.13 -7.62
C ARG A 48 -3.64 -10.31 -6.36
N LYS A 49 -4.17 -10.73 -5.26
CA LYS A 49 -3.98 -9.93 -4.02
C LYS A 49 -4.12 -10.82 -2.78
N ALA A 50 -3.42 -10.46 -1.75
CA ALA A 50 -3.48 -11.25 -0.47
C ALA A 50 -3.47 -10.27 0.69
N CYS A 51 -3.87 -10.70 1.86
CA CYS A 51 -3.80 -9.78 3.01
C CYS A 51 -2.79 -10.38 3.98
N LEU A 52 -2.11 -9.57 4.72
CA LEU A 52 -1.11 -10.10 5.68
C LEU A 52 -1.32 -9.41 7.01
N ASN A 53 -0.71 -9.86 8.06
CA ASN A 53 -0.94 -9.25 9.40
C ASN A 53 0.10 -8.15 9.68
N PRO A 54 -0.21 -6.89 9.42
CA PRO A 54 0.74 -5.79 9.71
C PRO A 54 1.01 -5.76 11.22
N ALA A 55 0.03 -6.10 12.03
CA ALA A 55 0.29 -6.16 13.50
C ALA A 55 1.39 -7.21 13.73
N SER A 56 1.46 -8.20 12.86
CA SER A 56 2.52 -9.24 12.96
C SER A 56 3.88 -8.61 12.66
N PRO A 57 4.92 -9.09 13.31
CA PRO A 57 6.29 -8.58 13.10
C PRO A 57 6.84 -9.09 11.76
N ILE A 58 6.72 -10.38 11.52
CA ILE A 58 7.18 -10.97 10.23
C ILE A 58 6.51 -10.24 9.09
N VAL A 59 5.24 -10.06 9.21
CA VAL A 59 4.48 -9.38 8.15
C VAL A 59 4.87 -7.90 8.15
N LYS A 60 5.15 -7.33 9.30
CA LYS A 60 5.61 -5.92 9.33
C LYS A 60 6.88 -5.83 8.44
N LYS A 61 7.51 -6.97 8.22
CA LYS A 61 8.70 -7.07 7.34
C LYS A 61 8.18 -6.96 5.93
N ILE A 62 7.19 -7.76 5.63
CA ILE A 62 6.52 -7.73 4.30
C ILE A 62 6.34 -6.28 3.84
N ILE A 63 5.99 -5.38 4.75
CA ILE A 63 5.83 -3.95 4.36
C ILE A 63 7.21 -3.37 4.08
N GLU A 64 8.09 -3.53 5.03
CA GLU A 64 9.45 -2.99 4.91
C GLU A 64 10.18 -3.58 3.70
N LYS A 65 10.10 -4.88 3.49
CA LYS A 65 10.77 -5.50 2.32
C LYS A 65 10.05 -5.06 1.06
N MET A 66 8.75 -5.01 1.08
CA MET A 66 8.01 -4.52 -0.10
C MET A 66 8.49 -3.09 -0.38
N LEU A 67 8.84 -2.39 0.67
CA LEU A 67 9.38 -1.01 0.55
C LEU A 67 10.82 -1.11 0.01
N ASN A 68 11.55 -2.10 0.50
CA ASN A 68 12.98 -2.35 0.11
C ASN A 68 13.66 -1.09 -0.43
N SER A 69 13.95 -0.14 0.44
CA SER A 69 14.63 1.11 0.01
C SER A 69 15.07 1.91 1.25
N ASP A 70 15.75 1.27 2.16
CA ASP A 70 16.22 1.97 3.39
C ASP A 70 17.40 1.22 4.02
N LYS A 71 18.23 1.93 4.77
CA LYS A 71 19.43 1.32 5.42
C LYS A 71 20.20 0.44 4.44
N SER A 72 20.26 0.85 3.19
CA SER A 72 21.00 0.07 2.15
C SER A 72 21.23 0.94 0.90
N ALA B 1 -1.06 15.00 -16.02
CA ALA B 1 0.31 14.93 -16.62
C ALA B 1 0.23 14.60 -18.11
N SER B 2 1.16 15.09 -18.89
CA SER B 2 1.15 14.81 -20.35
C SER B 2 2.51 14.23 -20.77
N VAL B 3 2.99 13.24 -20.05
CA VAL B 3 4.31 12.63 -20.39
C VAL B 3 4.08 11.27 -21.06
N ALA B 4 4.95 10.89 -21.97
CA ALA B 4 4.79 9.58 -22.66
C ALA B 4 5.43 8.46 -21.84
N THR B 5 5.35 7.24 -22.34
CA THR B 5 5.94 6.05 -21.62
C THR B 5 5.43 5.96 -20.17
N GLU B 6 4.22 6.42 -19.91
CA GLU B 6 3.66 6.33 -18.53
C GLU B 6 2.14 6.50 -18.57
N LEU B 7 1.42 5.42 -18.75
CA LEU B 7 -0.06 5.50 -18.80
C LEU B 7 -0.60 4.73 -17.60
N ARG B 8 -0.18 3.51 -17.48
CA ARG B 8 -0.61 2.61 -16.37
C ARG B 8 -0.60 3.37 -15.04
N CYS B 9 0.54 3.91 -14.67
CA CYS B 9 0.62 4.66 -13.38
C CYS B 9 -0.21 5.94 -13.47
N GLN B 10 -0.71 6.40 -12.35
CA GLN B 10 -1.55 7.64 -12.32
C GLN B 10 -0.88 8.73 -11.49
N CYS B 11 0.22 8.42 -10.83
CA CYS B 11 0.97 9.38 -9.96
C CYS B 11 0.69 10.85 -10.33
N LEU B 12 0.28 11.65 -9.36
CA LEU B 12 0.01 13.09 -9.66
C LEU B 12 1.36 13.76 -9.93
N GLN B 13 2.16 13.85 -8.91
CA GLN B 13 3.53 14.46 -9.01
C GLN B 13 4.24 14.19 -7.68
N THR B 14 4.10 13.00 -7.17
CA THR B 14 4.69 12.57 -5.85
C THR B 14 4.88 13.76 -4.90
N LEU B 15 3.92 13.95 -4.04
CA LEU B 15 4.00 15.05 -3.04
C LEU B 15 5.00 14.67 -1.95
N GLN B 16 5.57 15.65 -1.30
CA GLN B 16 6.57 15.36 -0.23
C GLN B 16 5.86 15.14 1.10
N GLY B 17 5.05 14.12 1.16
CA GLY B 17 4.33 13.79 2.42
C GLY B 17 3.37 14.92 2.80
N ILE B 18 2.17 14.87 2.30
CA ILE B 18 1.18 15.92 2.67
C ILE B 18 0.59 15.57 4.04
N HIS B 19 -0.41 16.27 4.48
CA HIS B 19 -0.99 15.96 5.80
C HIS B 19 -2.14 14.94 5.62
N PRO B 20 -2.29 14.03 6.58
CA PRO B 20 -3.33 12.99 6.51
C PRO B 20 -4.71 13.57 6.83
N LYS B 21 -5.43 13.05 7.81
CA LYS B 21 -6.82 13.55 8.11
C LYS B 21 -7.75 13.00 7.02
N ASN B 22 -7.37 13.18 5.77
CA ASN B 22 -8.16 12.65 4.64
C ASN B 22 -7.50 11.34 4.24
N ILE B 23 -6.21 11.41 4.00
CA ILE B 23 -5.40 10.24 3.61
C ILE B 23 -5.78 9.03 4.49
N GLN B 24 -6.49 8.09 3.92
CA GLN B 24 -6.95 6.90 4.66
C GLN B 24 -6.16 5.64 4.26
N SER B 25 -5.45 5.68 3.14
CA SER B 25 -4.69 4.46 2.73
C SER B 25 -3.66 4.80 1.65
N VAL B 26 -2.96 3.79 1.18
CA VAL B 26 -1.93 4.01 0.12
C VAL B 26 -1.63 2.68 -0.58
N ASN B 27 -1.12 2.77 -1.78
CA ASN B 27 -0.75 1.56 -2.55
C ASN B 27 0.67 1.72 -3.11
N VAL B 28 1.51 0.75 -2.89
CA VAL B 28 2.90 0.84 -3.41
C VAL B 28 3.14 -0.26 -4.44
N LYS B 29 3.36 0.13 -5.68
CA LYS B 29 3.59 -0.87 -6.77
C LYS B 29 5.01 -0.70 -7.32
N SER B 30 5.52 -1.71 -8.00
CA SER B 30 6.89 -1.62 -8.58
C SER B 30 6.77 -1.35 -10.10
N PRO B 31 7.90 -1.16 -10.75
CA PRO B 31 7.93 -0.87 -12.21
C PRO B 31 7.65 -2.14 -13.03
N GLY B 32 7.45 -2.00 -14.33
CA GLY B 32 7.19 -3.19 -15.18
C GLY B 32 7.34 -2.83 -16.66
N PRO B 33 6.26 -2.42 -17.28
CA PRO B 33 6.25 -2.04 -18.72
C PRO B 33 6.87 -0.64 -18.92
N HIS B 34 6.57 0.00 -20.04
CA HIS B 34 7.15 1.37 -20.31
C HIS B 34 6.98 2.29 -19.10
N CYS B 35 5.93 2.11 -18.32
CA CYS B 35 5.80 2.92 -17.09
C CYS B 35 6.67 2.19 -16.06
N ALA B 36 7.93 2.16 -16.37
CA ALA B 36 8.93 1.42 -15.56
C ALA B 36 9.42 2.25 -14.38
N GLN B 37 8.51 2.61 -13.54
CA GLN B 37 8.85 3.37 -12.30
C GLN B 37 8.09 2.74 -11.13
N THR B 38 8.32 3.21 -9.94
CA THR B 38 7.60 2.63 -8.77
C THR B 38 6.13 3.08 -8.78
N GLU B 39 5.50 2.98 -7.65
CA GLU B 39 4.10 3.42 -7.51
C GLU B 39 3.89 3.64 -6.05
N VAL B 40 3.32 4.73 -5.70
CA VAL B 40 3.16 5.03 -4.29
C VAL B 40 1.94 5.94 -4.16
N ILE B 41 0.77 5.38 -4.27
CA ILE B 41 -0.45 6.22 -4.25
C ILE B 41 -1.17 6.18 -2.90
N ALA B 42 -1.39 7.32 -2.30
CA ALA B 42 -2.13 7.36 -1.01
C ALA B 42 -3.60 7.66 -1.30
N THR B 43 -4.48 6.72 -1.05
CA THR B 43 -5.91 6.97 -1.34
C THR B 43 -6.47 7.94 -0.32
N LEU B 44 -7.05 9.01 -0.79
CA LEU B 44 -7.61 10.04 0.09
C LEU B 44 -8.93 9.57 0.71
N LYS B 45 -9.30 10.18 1.82
CA LYS B 45 -10.57 9.84 2.54
C LYS B 45 -11.77 9.98 1.61
N ASN B 46 -11.78 10.99 0.79
CA ASN B 46 -12.92 11.17 -0.16
C ASN B 46 -12.87 10.09 -1.26
N GLY B 47 -11.93 9.18 -1.18
CA GLY B 47 -11.82 8.11 -2.21
C GLY B 47 -10.98 8.64 -3.37
N ARG B 48 -10.02 9.47 -3.07
CA ARG B 48 -9.14 10.02 -4.15
C ARG B 48 -7.79 9.35 -4.01
N LYS B 49 -6.80 9.82 -4.71
CA LYS B 49 -5.47 9.19 -4.59
C LYS B 49 -4.37 10.18 -4.97
N ALA B 50 -3.23 10.02 -4.36
CA ALA B 50 -2.08 10.91 -4.66
C ALA B 50 -0.82 10.08 -4.71
N CYS B 51 0.27 10.62 -5.18
CA CYS B 51 1.52 9.84 -5.17
C CYS B 51 2.51 10.63 -4.35
N LEU B 52 3.42 9.96 -3.70
CA LEU B 52 4.43 10.69 -2.89
C LEU B 52 5.80 10.11 -3.22
N ASN B 53 6.85 10.75 -2.79
CA ASN B 53 8.22 10.24 -3.13
C ASN B 53 8.74 9.30 -2.03
N PRO B 54 8.59 8.00 -2.18
CA PRO B 54 9.10 7.05 -1.17
C PRO B 54 10.62 7.20 -1.07
N ALA B 55 11.29 7.51 -2.16
CA ALA B 55 12.76 7.75 -2.10
C ALA B 55 12.98 8.93 -1.15
N SER B 56 12.01 9.83 -1.08
CA SER B 56 12.11 11.00 -0.16
C SER B 56 12.04 10.49 1.29
N PRO B 57 12.73 11.17 2.19
CA PRO B 57 12.73 10.80 3.63
C PRO B 57 11.40 11.23 4.27
N ILE B 58 11.01 12.47 4.06
CA ILE B 58 9.72 12.98 4.60
C ILE B 58 8.60 12.05 4.15
N VAL B 59 8.59 11.74 2.90
CA VAL B 59 7.56 10.87 2.35
C VAL B 59 7.76 9.46 2.88
N LYS B 60 9.00 9.04 3.08
CA LYS B 60 9.24 7.70 3.69
C LYS B 60 8.51 7.67 5.04
N LYS B 61 8.22 8.85 5.58
CA LYS B 61 7.47 8.99 6.84
C LYS B 61 6.04 8.68 6.51
N ILE B 62 5.53 9.32 5.49
CA ILE B 62 4.15 9.08 5.00
C ILE B 62 3.86 7.58 5.03
N ILE B 63 4.81 6.74 4.66
CA ILE B 63 4.57 5.27 4.70
C ILE B 63 4.53 4.83 6.15
N GLU B 64 5.54 5.20 6.89
CA GLU B 64 5.62 4.79 8.30
C GLU B 64 4.44 5.34 9.10
N LYS B 65 4.09 6.60 8.92
CA LYS B 65 2.92 7.17 9.66
C LYS B 65 1.65 6.51 9.16
N MET B 66 1.54 6.32 7.86
CA MET B 66 0.34 5.64 7.32
C MET B 66 0.29 4.24 7.97
N LEU B 67 1.44 3.70 8.26
CA LEU B 67 1.54 2.39 8.96
C LEU B 67 1.16 2.60 10.43
N ASN B 68 1.60 3.71 10.99
CA ASN B 68 1.35 4.08 12.43
C ASN B 68 1.03 2.85 13.30
N SER B 69 2.03 2.06 13.57
CA SER B 69 1.82 0.84 14.42
C SER B 69 3.19 0.24 14.79
N ASP B 70 4.09 1.04 15.29
CA ASP B 70 5.44 0.53 15.68
C ASP B 70 6.09 1.47 16.69
N LYS B 71 7.01 0.94 17.49
CA LYS B 71 7.71 1.75 18.54
C LYS B 71 6.72 2.62 19.32
N SER B 72 5.55 2.07 19.57
CA SER B 72 4.50 2.83 20.34
C SER B 72 3.41 1.88 20.81
N ALA A 1 -12.97 -21.65 14.69
CA ALA A 1 -12.98 -20.16 14.72
C ALA A 1 -14.12 -19.68 15.64
N SER A 2 -13.84 -18.72 16.48
CA SER A 2 -14.89 -18.20 17.41
C SER A 2 -15.66 -17.05 16.74
N VAL A 3 -14.97 -16.00 16.37
CA VAL A 3 -15.64 -14.84 15.71
C VAL A 3 -14.82 -14.40 14.49
N ALA A 4 -15.48 -14.16 13.38
CA ALA A 4 -14.75 -13.72 12.15
C ALA A 4 -14.86 -12.20 12.03
N THR A 5 -13.88 -11.48 12.49
CA THR A 5 -13.93 -9.98 12.40
C THR A 5 -13.57 -9.55 10.98
N GLU A 6 -13.98 -8.35 10.60
CA GLU A 6 -13.69 -7.83 9.23
C GLU A 6 -14.45 -8.64 8.19
N LEU A 7 -15.59 -8.15 7.76
CA LEU A 7 -16.39 -8.88 6.74
C LEU A 7 -16.31 -8.07 5.45
N ARG A 8 -16.68 -6.82 5.57
CA ARG A 8 -16.64 -5.88 4.42
C ARG A 8 -15.28 -5.94 3.73
N CYS A 9 -14.22 -5.85 4.52
CA CYS A 9 -12.83 -5.88 3.96
C CYS A 9 -12.63 -7.12 3.07
N GLN A 10 -11.55 -7.14 2.32
CA GLN A 10 -11.28 -8.29 1.39
C GLN A 10 -10.15 -9.20 1.89
N CYS A 11 -9.41 -8.78 2.90
CA CYS A 11 -8.28 -9.62 3.42
C CYS A 11 -8.65 -11.11 3.46
N LEU A 12 -7.75 -11.97 3.05
CA LEU A 12 -8.02 -13.43 3.08
C LEU A 12 -7.95 -13.91 4.52
N GLN A 13 -6.77 -13.89 5.08
CA GLN A 13 -6.56 -14.31 6.50
C GLN A 13 -5.15 -13.84 6.90
N THR A 14 -4.82 -12.61 6.52
CA THR A 14 -3.47 -12.00 6.78
C THR A 14 -2.36 -13.04 6.93
N LEU A 15 -1.66 -13.28 5.87
CA LEU A 15 -0.52 -14.25 5.91
C LEU A 15 0.63 -13.62 6.70
N GLN A 16 1.50 -14.44 7.23
CA GLN A 16 2.64 -13.91 8.04
C GLN A 16 3.88 -13.73 7.16
N GLY A 17 3.81 -12.85 6.20
CA GLY A 17 4.98 -12.56 5.33
C GLY A 17 5.24 -13.71 4.37
N ILE A 18 4.52 -13.76 3.28
CA ILE A 18 4.75 -14.83 2.28
C ILE A 18 5.93 -14.40 1.40
N HIS A 19 6.21 -15.12 0.36
CA HIS A 19 7.36 -14.73 -0.51
C HIS A 19 6.83 -13.95 -1.73
N PRO A 20 7.59 -12.98 -2.19
CA PRO A 20 7.19 -12.14 -3.33
C PRO A 20 7.36 -12.88 -4.67
N LYS A 21 8.14 -12.37 -5.61
CA LYS A 21 8.28 -13.03 -6.96
C LYS A 21 7.00 -12.75 -7.74
N ASN A 22 5.87 -13.01 -7.14
CA ASN A 22 4.55 -12.73 -7.78
C ASN A 22 4.09 -11.39 -7.21
N ILE A 23 4.10 -11.29 -5.92
CA ILE A 23 3.69 -10.06 -5.20
C ILE A 23 4.36 -8.84 -5.83
N GLN A 24 3.61 -8.03 -6.54
CA GLN A 24 4.16 -6.82 -7.18
C GLN A 24 3.73 -5.55 -6.43
N SER A 25 2.68 -5.62 -5.64
CA SER A 25 2.24 -4.40 -4.91
C SER A 25 1.34 -4.74 -3.73
N VAL A 26 0.90 -3.74 -3.01
CA VAL A 26 0.01 -3.97 -1.84
C VAL A 26 -0.82 -2.72 -1.57
N ASN A 27 -1.93 -2.88 -0.92
CA ASN A 27 -2.79 -1.74 -0.57
C ASN A 27 -3.05 -1.73 0.92
N VAL A 28 -2.78 -0.62 1.55
CA VAL A 28 -3.01 -0.52 3.03
C VAL A 28 -4.09 0.53 3.29
N LYS A 29 -5.14 0.16 3.98
CA LYS A 29 -6.25 1.12 4.27
C LYS A 29 -6.58 1.10 5.77
N SER A 30 -7.16 2.16 6.26
CA SER A 30 -7.53 2.26 7.69
C SER A 30 -8.93 1.64 7.93
N PRO A 31 -9.36 1.62 9.19
CA PRO A 31 -10.67 1.05 9.57
C PRO A 31 -11.82 2.01 9.22
N GLY A 32 -13.04 1.68 9.57
CA GLY A 32 -14.18 2.58 9.23
C GLY A 32 -15.51 1.94 9.62
N PRO A 33 -16.02 1.07 8.75
CA PRO A 33 -17.30 0.37 8.97
C PRO A 33 -17.16 -0.73 10.04
N HIS A 34 -18.04 -1.70 10.04
CA HIS A 34 -17.97 -2.81 11.06
C HIS A 34 -16.66 -3.59 10.94
N CYS A 35 -16.02 -3.56 9.79
CA CYS A 35 -14.71 -4.27 9.66
C CYS A 35 -13.77 -3.57 10.66
N ALA A 36 -13.93 -2.26 10.77
CA ALA A 36 -13.17 -1.42 11.76
C ALA A 36 -11.77 -1.95 12.03
N GLN A 37 -11.09 -2.36 11.02
CA GLN A 37 -9.69 -2.86 11.18
C GLN A 37 -8.83 -2.22 10.10
N THR A 38 -7.59 -2.60 10.03
CA THR A 38 -6.69 -2.04 9.00
C THR A 38 -6.96 -2.72 7.66
N GLU A 39 -6.06 -2.56 6.74
CA GLU A 39 -6.19 -3.20 5.42
C GLU A 39 -4.79 -3.36 4.91
N VAL A 40 -4.48 -4.49 4.41
CA VAL A 40 -3.10 -4.71 3.96
C VAL A 40 -3.10 -5.78 2.88
N ILE A 41 -3.59 -5.43 1.72
CA ILE A 41 -3.70 -6.42 0.63
C ILE A 41 -2.54 -6.34 -0.36
N ALA A 42 -1.76 -7.38 -0.47
CA ALA A 42 -0.65 -7.39 -1.46
C ALA A 42 -1.17 -7.89 -2.79
N THR A 43 -1.18 -7.06 -3.80
CA THR A 43 -1.69 -7.52 -5.11
C THR A 43 -0.66 -8.43 -5.75
N LEU A 44 -1.09 -9.60 -6.11
CA LEU A 44 -0.19 -10.60 -6.71
C LEU A 44 0.13 -10.24 -8.16
N LYS A 45 1.23 -10.80 -8.67
CA LYS A 45 1.67 -10.55 -10.07
C LYS A 45 0.56 -10.92 -11.06
N ASN A 46 -0.14 -11.99 -10.80
CA ASN A 46 -1.24 -12.39 -11.72
C ASN A 46 -2.45 -11.44 -11.54
N GLY A 47 -2.32 -10.41 -10.73
CA GLY A 47 -3.43 -9.46 -10.49
C GLY A 47 -4.33 -10.03 -9.40
N ARG A 48 -3.75 -10.70 -8.44
CA ARG A 48 -4.57 -11.27 -7.32
C ARG A 48 -4.32 -10.43 -6.09
N LYS A 49 -4.73 -10.87 -4.93
CA LYS A 49 -4.49 -10.07 -3.72
C LYS A 49 -4.45 -10.96 -2.48
N ALA A 50 -3.67 -10.54 -1.52
CA ALA A 50 -3.57 -11.30 -0.24
C ALA A 50 -3.51 -10.30 0.90
N CYS A 51 -3.81 -10.69 2.10
CA CYS A 51 -3.68 -9.73 3.21
C CYS A 51 -2.61 -10.29 4.13
N LEU A 52 -1.89 -9.45 4.80
CA LEU A 52 -0.83 -9.95 5.71
C LEU A 52 -0.95 -9.19 7.04
N ASN A 53 -0.26 -9.62 8.05
CA ASN A 53 -0.38 -8.94 9.38
C ASN A 53 0.74 -7.89 9.55
N PRO A 54 0.48 -6.63 9.24
CA PRO A 54 1.50 -5.59 9.42
C PRO A 54 1.85 -5.48 10.91
N ALA A 55 0.93 -5.84 11.78
CA ALA A 55 1.23 -5.85 13.24
C ALA A 55 2.33 -6.90 13.45
N SER A 56 2.32 -7.93 12.62
CA SER A 56 3.36 -9.00 12.69
C SER A 56 4.72 -8.38 12.34
N PRO A 57 5.79 -8.90 12.90
CA PRO A 57 7.16 -8.39 12.63
C PRO A 57 7.61 -8.83 11.23
N ILE A 58 7.62 -10.12 10.98
CA ILE A 58 8.01 -10.63 9.63
C ILE A 58 7.19 -9.91 8.58
N VAL A 59 5.92 -9.78 8.83
CA VAL A 59 5.03 -9.14 7.87
C VAL A 59 5.36 -7.65 7.77
N LYS A 60 5.70 -7.02 8.86
CA LYS A 60 6.10 -5.58 8.78
C LYS A 60 7.28 -5.49 7.78
N LYS A 61 7.94 -6.61 7.58
CA LYS A 61 9.07 -6.71 6.62
C LYS A 61 8.43 -6.67 5.24
N ILE A 62 7.44 -7.51 5.07
CA ILE A 62 6.66 -7.59 3.81
C ILE A 62 6.36 -6.17 3.31
N ILE A 63 6.04 -5.25 4.20
CA ILE A 63 5.76 -3.85 3.76
C ILE A 63 7.06 -3.24 3.29
N GLU A 64 8.06 -3.31 4.13
CA GLU A 64 9.37 -2.70 3.81
C GLU A 64 9.99 -3.34 2.57
N LYS A 65 9.98 -4.66 2.48
CA LYS A 65 10.58 -5.33 1.29
C LYS A 65 9.71 -5.05 0.08
N MET A 66 8.41 -5.08 0.22
CA MET A 66 7.53 -4.74 -0.93
C MET A 66 7.88 -3.31 -1.36
N LEU A 67 8.18 -2.47 -0.38
CA LEU A 67 8.56 -1.06 -0.65
C LEU A 67 9.87 -1.02 -1.44
N ASN A 68 10.77 -1.96 -1.19
CA ASN A 68 12.08 -1.94 -1.92
C ASN A 68 12.03 -2.94 -3.11
N SER A 69 12.89 -2.73 -4.09
CA SER A 69 12.93 -3.65 -5.26
C SER A 69 14.19 -3.36 -6.09
N ASP A 70 15.35 -3.74 -5.58
CA ASP A 70 16.62 -3.50 -6.32
C ASP A 70 16.91 -4.68 -7.26
N LYS A 71 18.01 -4.64 -7.98
CA LYS A 71 18.35 -5.75 -8.92
C LYS A 71 17.25 -5.88 -9.99
N SER A 72 16.78 -4.77 -10.51
CA SER A 72 15.71 -4.81 -11.55
C SER A 72 16.34 -4.99 -12.95
N ALA B 1 10.68 21.67 -16.91
CA ALA B 1 10.89 20.19 -16.79
C ALA B 1 11.72 19.69 -17.96
N SER B 2 12.70 18.85 -17.70
CA SER B 2 13.56 18.32 -18.80
C SER B 2 12.94 17.03 -19.35
N VAL B 3 12.78 16.03 -18.52
CA VAL B 3 12.19 14.74 -18.99
C VAL B 3 11.12 14.27 -17.99
N ALA B 4 9.99 13.84 -18.47
CA ALA B 4 8.91 13.36 -17.56
C ALA B 4 8.94 11.83 -17.51
N THR B 5 9.58 11.27 -16.51
CA THR B 5 9.66 9.79 -16.39
C THR B 5 8.34 9.24 -15.83
N GLU B 6 8.06 7.98 -16.08
CA GLU B 6 6.80 7.34 -15.58
C GLU B 6 5.60 7.97 -16.28
N LEU B 7 5.10 7.33 -17.32
CA LEU B 7 3.92 7.87 -18.06
C LEU B 7 2.76 6.94 -17.76
N ARG B 8 2.96 5.68 -18.02
CA ARG B 8 1.92 4.64 -17.78
C ARG B 8 1.34 4.79 -16.38
N CYS B 9 2.20 4.93 -15.40
CA CYS B 9 1.76 5.06 -13.98
C CYS B 9 0.74 6.21 -13.80
N GLN B 10 0.13 6.26 -12.65
CA GLN B 10 -0.88 7.33 -12.36
C GLN B 10 -0.28 8.42 -11.46
N CYS B 11 0.87 8.15 -10.87
CA CYS B 11 1.56 9.14 -9.95
C CYS B 11 1.30 10.59 -10.40
N LEU B 12 0.94 11.45 -9.47
CA LEU B 12 0.72 12.89 -9.81
C LEU B 12 2.09 13.55 -9.96
N GLN B 13 2.77 13.70 -8.86
CA GLN B 13 4.14 14.30 -8.84
C GLN B 13 4.74 14.05 -7.45
N THR B 14 4.53 12.83 -6.95
CA THR B 14 5.00 12.42 -5.58
C THR B 14 5.17 13.58 -4.61
N LEU B 15 4.17 13.81 -3.81
CA LEU B 15 4.25 14.91 -2.81
C LEU B 15 5.22 14.50 -1.70
N GLN B 16 5.75 15.45 -0.97
CA GLN B 16 6.72 15.11 0.11
C GLN B 16 5.99 15.00 1.45
N GLY B 17 5.18 13.98 1.58
CA GLY B 17 4.46 13.74 2.86
C GLY B 17 3.41 14.81 3.12
N ILE B 18 2.25 14.68 2.53
CA ILE B 18 1.17 15.67 2.77
C ILE B 18 0.48 15.29 4.10
N HIS B 19 -0.61 15.91 4.42
CA HIS B 19 -1.30 15.58 5.69
C HIS B 19 -2.48 14.63 5.39
N PRO B 20 -2.74 13.71 6.31
CA PRO B 20 -3.82 12.71 6.13
C PRO B 20 -5.20 13.33 6.37
N LYS B 21 -5.98 12.83 7.32
CA LYS B 21 -7.38 13.35 7.55
C LYS B 21 -8.27 12.85 6.40
N ASN B 22 -7.83 13.03 5.19
CA ASN B 22 -8.56 12.54 4.00
C ASN B 22 -7.90 11.22 3.60
N ILE B 23 -6.61 11.26 3.48
CA ILE B 23 -5.81 10.07 3.11
C ILE B 23 -6.21 8.88 3.98
N GLN B 24 -6.89 7.92 3.40
CA GLN B 24 -7.33 6.72 4.14
C GLN B 24 -6.50 5.50 3.75
N SER B 25 -5.83 5.52 2.61
CA SER B 25 -5.02 4.34 2.21
C SER B 25 -3.99 4.70 1.14
N VAL B 26 -3.22 3.74 0.73
CA VAL B 26 -2.18 3.98 -0.32
C VAL B 26 -1.85 2.67 -1.03
N ASN B 27 -1.35 2.79 -2.23
CA ASN B 27 -0.97 1.59 -3.01
C ASN B 27 0.48 1.71 -3.44
N VAL B 28 1.26 0.71 -3.15
CA VAL B 28 2.70 0.73 -3.54
C VAL B 28 2.96 -0.41 -4.53
N LYS B 29 3.49 -0.08 -5.68
CA LYS B 29 3.76 -1.12 -6.72
C LYS B 29 5.20 -0.99 -7.22
N SER B 30 5.74 -2.07 -7.75
CA SER B 30 7.14 -2.06 -8.28
C SER B 30 7.15 -1.58 -9.75
N PRO B 31 8.34 -1.48 -10.33
CA PRO B 31 8.51 -1.04 -11.73
C PRO B 31 8.14 -2.16 -12.73
N GLY B 32 8.35 -1.95 -14.01
CA GLY B 32 8.00 -3.01 -15.00
C GLY B 32 8.15 -2.49 -16.43
N PRO B 33 7.13 -1.78 -16.90
CA PRO B 33 7.11 -1.22 -18.27
C PRO B 33 8.06 -0.01 -18.38
N HIS B 34 7.85 0.85 -19.36
CA HIS B 34 8.74 2.04 -19.53
C HIS B 34 8.69 2.93 -18.27
N CYS B 35 7.65 2.84 -17.48
CA CYS B 35 7.62 3.64 -16.23
C CYS B 35 8.84 3.20 -15.41
N ALA B 36 9.07 1.90 -15.39
CA ALA B 36 10.25 1.30 -14.70
C ALA B 36 10.58 2.02 -13.39
N GLN B 37 9.57 2.41 -12.67
CA GLN B 37 9.79 3.09 -11.37
C GLN B 37 8.87 2.46 -10.31
N THR B 38 8.89 2.98 -9.13
CA THR B 38 8.02 2.42 -8.07
C THR B 38 6.59 2.92 -8.25
N GLU B 39 5.80 2.78 -7.22
CA GLU B 39 4.40 3.27 -7.26
C GLU B 39 4.03 3.54 -5.82
N VAL B 40 3.45 4.66 -5.57
CA VAL B 40 3.14 4.98 -4.18
C VAL B 40 1.94 5.93 -4.17
N ILE B 41 0.78 5.40 -4.44
CA ILE B 41 -0.42 6.26 -4.52
C ILE B 41 -1.27 6.19 -3.24
N ALA B 42 -1.43 7.29 -2.57
CA ALA B 42 -2.27 7.31 -1.35
C ALA B 42 -3.70 7.62 -1.76
N THR B 43 -4.60 6.70 -1.57
CA THR B 43 -6.00 6.95 -1.96
C THR B 43 -6.62 7.91 -0.96
N LEU B 44 -7.16 8.98 -1.46
CA LEU B 44 -7.78 10.01 -0.61
C LEU B 44 -9.14 9.55 -0.07
N LYS B 45 -9.58 10.15 1.02
CA LYS B 45 -10.89 9.83 1.65
C LYS B 45 -12.02 9.96 0.63
N ASN B 46 -11.97 10.96 -0.19
CA ASN B 46 -13.04 11.14 -1.21
C ASN B 46 -12.89 10.08 -2.34
N GLY B 47 -11.96 9.17 -2.19
CA GLY B 47 -11.73 8.13 -3.22
C GLY B 47 -10.82 8.68 -4.31
N ARG B 48 -9.89 9.52 -3.93
CA ARG B 48 -8.94 10.10 -4.92
C ARG B 48 -7.59 9.43 -4.73
N LYS B 49 -6.55 9.94 -5.33
CA LYS B 49 -5.23 9.29 -5.14
C LYS B 49 -4.11 10.31 -5.31
N ALA B 50 -3.03 10.08 -4.63
CA ALA B 50 -1.85 10.99 -4.74
C ALA B 50 -0.60 10.14 -4.70
N CYS B 51 0.51 10.64 -5.18
CA CYS B 51 1.74 9.85 -5.09
C CYS B 51 2.69 10.60 -4.19
N LEU B 52 3.53 9.91 -3.49
CA LEU B 52 4.49 10.59 -2.60
C LEU B 52 5.86 9.95 -2.82
N ASN B 53 6.90 10.56 -2.32
CA ASN B 53 8.27 10.01 -2.54
C ASN B 53 8.69 9.11 -1.36
N PRO B 54 8.50 7.81 -1.46
CA PRO B 54 8.92 6.91 -0.36
C PRO B 54 10.44 7.00 -0.18
N ALA B 55 11.15 7.33 -1.24
CA ALA B 55 12.63 7.53 -1.11
C ALA B 55 12.83 8.72 -0.17
N SER B 56 11.89 9.65 -0.18
CA SER B 56 11.96 10.83 0.73
C SER B 56 11.82 10.33 2.18
N PRO B 57 12.43 11.02 3.11
CA PRO B 57 12.37 10.66 4.54
C PRO B 57 10.99 11.00 5.12
N ILE B 58 10.59 12.24 5.03
CA ILE B 58 9.24 12.66 5.52
C ILE B 58 8.19 11.75 4.91
N VAL B 59 8.31 11.51 3.65
CA VAL B 59 7.34 10.67 2.96
C VAL B 59 7.45 9.23 3.44
N LYS B 60 8.64 8.76 3.71
CA LYS B 60 8.77 7.36 4.25
C LYS B 60 7.94 7.31 5.53
N LYS B 61 7.69 8.46 6.12
CA LYS B 61 6.84 8.58 7.33
C LYS B 61 5.42 8.34 6.87
N ILE B 62 5.04 9.05 5.83
CA ILE B 62 3.70 8.89 5.21
C ILE B 62 3.34 7.40 5.11
N ILE B 63 4.29 6.56 4.77
CA ILE B 63 3.98 5.10 4.70
C ILE B 63 3.74 4.59 6.11
N GLU B 64 4.67 4.86 6.97
CA GLU B 64 4.56 4.38 8.37
C GLU B 64 3.33 4.95 9.07
N LYS B 65 3.09 6.25 8.94
CA LYS B 65 1.90 6.85 9.61
C LYS B 65 0.64 6.35 8.93
N MET B 66 0.63 6.24 7.62
CA MET B 66 -0.56 5.69 6.93
C MET B 66 -0.78 4.27 7.46
N LEU B 67 0.31 3.58 7.72
CA LEU B 67 0.26 2.20 8.27
C LEU B 67 -0.38 2.24 9.67
N ASN B 68 -0.14 3.28 10.43
CA ASN B 68 -0.73 3.35 11.82
C ASN B 68 -2.01 4.20 11.81
N SER B 69 -2.86 4.00 12.80
CA SER B 69 -4.12 4.77 12.88
C SER B 69 -4.77 4.55 14.27
N ASP B 70 -4.18 5.12 15.29
CA ASP B 70 -4.75 4.95 16.67
C ASP B 70 -5.78 6.05 16.94
N LYS B 71 -6.36 6.06 18.12
CA LYS B 71 -7.39 7.10 18.47
C LYS B 71 -8.58 7.00 17.50
N SER B 72 -9.01 5.79 17.21
CA SER B 72 -10.16 5.60 16.27
C SER B 72 -11.48 5.71 17.04
N ALA A 1 -9.27 -15.22 21.25
CA ALA A 1 -9.78 -14.43 22.42
C ALA A 1 -10.45 -13.15 21.92
N SER A 2 -9.75 -12.34 21.16
CA SER A 2 -10.36 -11.07 20.63
C SER A 2 -11.25 -11.39 19.43
N VAL A 3 -12.26 -10.58 19.19
CA VAL A 3 -13.17 -10.83 18.03
C VAL A 3 -13.12 -9.63 17.08
N ALA A 4 -12.87 -9.87 15.81
CA ALA A 4 -12.81 -8.75 14.83
C ALA A 4 -13.61 -9.13 13.58
N THR A 5 -14.67 -8.43 13.31
CA THR A 5 -15.50 -8.75 12.10
C THR A 5 -14.89 -8.08 10.86
N GLU A 6 -15.00 -8.71 9.72
CA GLU A 6 -14.42 -8.14 8.47
C GLU A 6 -15.11 -8.79 7.26
N LEU A 7 -16.13 -8.16 6.75
CA LEU A 7 -16.85 -8.73 5.57
C LEU A 7 -16.49 -7.88 4.37
N ARG A 8 -16.70 -6.60 4.52
CA ARG A 8 -16.39 -5.62 3.44
C ARG A 8 -14.94 -5.81 2.97
N CYS A 9 -14.01 -5.84 3.89
CA CYS A 9 -12.57 -6.01 3.53
C CYS A 9 -12.38 -7.29 2.70
N GLN A 10 -11.28 -7.41 2.00
CA GLN A 10 -11.02 -8.60 1.15
C GLN A 10 -9.92 -9.49 1.73
N CYS A 11 -9.20 -9.02 2.73
CA CYS A 11 -8.08 -9.83 3.35
C CYS A 11 -8.39 -11.32 3.37
N LEU A 12 -7.43 -12.14 3.01
CA LEU A 12 -7.63 -13.61 3.03
C LEU A 12 -7.64 -14.05 4.51
N GLN A 13 -6.53 -13.90 5.15
CA GLN A 13 -6.37 -14.25 6.59
C GLN A 13 -5.00 -13.73 7.04
N THR A 14 -4.68 -12.53 6.63
CA THR A 14 -3.35 -11.86 6.91
C THR A 14 -2.22 -12.87 7.13
N LEU A 15 -1.46 -13.09 6.10
CA LEU A 15 -0.29 -14.03 6.20
C LEU A 15 0.85 -13.31 6.92
N GLN A 16 1.80 -14.05 7.45
CA GLN A 16 2.93 -13.42 8.17
C GLN A 16 4.15 -13.28 7.26
N GLY A 17 4.04 -12.42 6.28
CA GLY A 17 5.18 -12.17 5.36
C GLY A 17 5.43 -13.38 4.47
N ILE A 18 4.72 -13.49 3.38
CA ILE A 18 4.95 -14.62 2.45
C ILE A 18 6.11 -14.25 1.52
N HIS A 19 6.39 -15.04 0.52
CA HIS A 19 7.50 -14.70 -0.39
C HIS A 19 6.94 -13.96 -1.62
N PRO A 20 7.69 -13.01 -2.14
CA PRO A 20 7.25 -12.21 -3.29
C PRO A 20 7.38 -13.00 -4.61
N LYS A 21 8.17 -12.55 -5.58
CA LYS A 21 8.26 -13.26 -6.90
C LYS A 21 6.98 -12.97 -7.68
N ASN A 22 5.85 -13.19 -7.04
CA ASN A 22 4.53 -12.90 -7.67
C ASN A 22 4.08 -11.55 -7.11
N ILE A 23 4.11 -11.44 -5.82
CA ILE A 23 3.71 -10.20 -5.12
C ILE A 23 4.36 -8.97 -5.80
N GLN A 24 3.59 -8.18 -6.49
CA GLN A 24 4.12 -6.99 -7.18
C GLN A 24 3.71 -5.70 -6.45
N SER A 25 2.69 -5.75 -5.63
CA SER A 25 2.26 -4.50 -4.93
C SER A 25 1.40 -4.82 -3.71
N VAL A 26 0.96 -3.79 -3.01
CA VAL A 26 0.11 -3.99 -1.81
C VAL A 26 -0.72 -2.73 -1.56
N ASN A 27 -1.82 -2.88 -0.87
CA ASN A 27 -2.67 -1.72 -0.55
C ASN A 27 -2.99 -1.71 0.93
N VAL A 28 -2.77 -0.60 1.57
CA VAL A 28 -3.06 -0.50 3.03
C VAL A 28 -4.20 0.50 3.25
N LYS A 29 -5.32 0.01 3.73
CA LYS A 29 -6.51 0.88 3.97
C LYS A 29 -6.78 0.99 5.48
N SER A 30 -7.60 1.94 5.86
CA SER A 30 -7.94 2.14 7.31
C SER A 30 -9.34 1.54 7.59
N PRO A 31 -9.77 1.60 8.83
CA PRO A 31 -11.09 1.07 9.26
C PRO A 31 -12.23 2.02 8.83
N GLY A 32 -13.47 1.66 9.10
CA GLY A 32 -14.60 2.54 8.70
C GLY A 32 -15.94 1.88 9.01
N PRO A 33 -16.38 1.01 8.13
CA PRO A 33 -17.65 0.28 8.28
C PRO A 33 -17.54 -0.83 9.34
N HIS A 34 -18.41 -1.81 9.29
CA HIS A 34 -18.38 -2.92 10.30
C HIS A 34 -17.04 -3.68 10.25
N CYS A 35 -16.34 -3.68 9.14
CA CYS A 35 -15.01 -4.36 9.11
C CYS A 35 -14.12 -3.63 10.14
N ALA A 36 -14.37 -2.33 10.29
CA ALA A 36 -13.68 -1.47 11.30
C ALA A 36 -12.29 -1.98 11.69
N GLN A 37 -11.43 -2.10 10.73
CA GLN A 37 -10.04 -2.54 11.00
C GLN A 37 -9.12 -2.03 9.89
N THR A 38 -7.86 -2.33 9.98
CA THR A 38 -6.92 -1.86 8.91
C THR A 38 -7.17 -2.61 7.61
N GLU A 39 -6.26 -2.53 6.71
CA GLU A 39 -6.34 -3.24 5.43
C GLU A 39 -4.93 -3.34 4.92
N VAL A 40 -4.56 -4.47 4.45
CA VAL A 40 -3.18 -4.63 4.02
C VAL A 40 -3.14 -5.72 2.95
N ILE A 41 -3.56 -5.39 1.77
CA ILE A 41 -3.63 -6.41 0.70
C ILE A 41 -2.46 -6.34 -0.27
N ALA A 42 -1.71 -7.40 -0.39
CA ALA A 42 -0.59 -7.43 -1.37
C ALA A 42 -1.10 -7.96 -2.69
N THR A 43 -1.12 -7.14 -3.71
CA THR A 43 -1.64 -7.61 -5.01
C THR A 43 -0.62 -8.55 -5.64
N LEU A 44 -1.06 -9.72 -5.99
CA LEU A 44 -0.17 -10.74 -6.58
C LEU A 44 0.15 -10.41 -8.04
N LYS A 45 1.23 -10.97 -8.55
CA LYS A 45 1.66 -10.77 -9.96
C LYS A 45 0.55 -11.13 -10.93
N ASN A 46 -0.16 -12.21 -10.66
CA ASN A 46 -1.26 -12.61 -11.57
C ASN A 46 -2.45 -11.63 -11.42
N GLY A 47 -2.30 -10.60 -10.62
CA GLY A 47 -3.40 -9.62 -10.41
C GLY A 47 -4.32 -10.15 -9.31
N ARG A 48 -3.75 -10.82 -8.34
CA ARG A 48 -4.57 -11.37 -7.22
C ARG A 48 -4.29 -10.51 -5.99
N LYS A 49 -4.72 -10.94 -4.83
CA LYS A 49 -4.46 -10.12 -3.63
C LYS A 49 -4.40 -11.00 -2.37
N ALA A 50 -3.62 -10.57 -1.42
CA ALA A 50 -3.50 -11.32 -0.12
C ALA A 50 -3.45 -10.30 1.00
N CYS A 51 -3.71 -10.70 2.21
CA CYS A 51 -3.58 -9.71 3.31
C CYS A 51 -2.51 -10.21 4.24
N LEU A 52 -1.82 -9.34 4.90
CA LEU A 52 -0.75 -9.78 5.83
C LEU A 52 -0.88 -8.98 7.12
N ASN A 53 -0.21 -9.38 8.16
CA ASN A 53 -0.34 -8.66 9.46
C ASN A 53 0.72 -7.57 9.60
N PRO A 54 0.42 -6.32 9.28
CA PRO A 54 1.41 -5.24 9.42
C PRO A 54 1.79 -5.10 10.90
N ALA A 55 0.89 -5.44 11.80
CA ALA A 55 1.23 -5.41 13.25
C ALA A 55 2.37 -6.43 13.46
N SER A 56 2.38 -7.47 12.65
CA SER A 56 3.46 -8.50 12.73
C SER A 56 4.79 -7.83 12.36
N PRO A 57 5.88 -8.32 12.91
CA PRO A 57 7.22 -7.76 12.61
C PRO A 57 7.68 -8.20 11.22
N ILE A 58 7.73 -9.48 10.96
CA ILE A 58 8.12 -10.00 9.62
C ILE A 58 7.26 -9.32 8.57
N VAL A 59 6.00 -9.22 8.83
CA VAL A 59 5.08 -8.61 7.87
C VAL A 59 5.37 -7.13 7.73
N LYS A 60 5.65 -6.45 8.82
CA LYS A 60 6.01 -5.01 8.71
C LYS A 60 7.21 -4.90 7.75
N LYS A 61 7.91 -6.00 7.58
CA LYS A 61 9.05 -6.09 6.64
C LYS A 61 8.44 -6.10 5.25
N ILE A 62 7.51 -7.00 5.06
CA ILE A 62 6.77 -7.12 3.78
C ILE A 62 6.44 -5.72 3.23
N ILE A 63 6.07 -4.80 4.08
CA ILE A 63 5.76 -3.42 3.60
C ILE A 63 7.05 -2.75 3.18
N GLU A 64 7.99 -2.71 4.09
CA GLU A 64 9.28 -2.05 3.82
C GLU A 64 10.02 -2.72 2.66
N LYS A 65 10.03 -4.03 2.62
CA LYS A 65 10.73 -4.76 1.51
C LYS A 65 10.00 -4.50 0.21
N MET A 66 8.69 -4.59 0.22
CA MET A 66 7.92 -4.29 -1.01
C MET A 66 8.26 -2.85 -1.44
N LEU A 67 8.48 -2.00 -0.47
CA LEU A 67 8.86 -0.59 -0.73
C LEU A 67 10.28 -0.54 -1.31
N ASN A 68 11.14 -1.47 -0.92
CA ASN A 68 12.56 -1.45 -1.43
C ASN A 68 12.57 -1.67 -2.95
N SER A 69 12.09 -2.79 -3.43
CA SER A 69 12.09 -3.08 -4.91
C SER A 69 13.53 -3.10 -5.43
N ASP A 70 14.13 -4.27 -5.53
CA ASP A 70 15.54 -4.37 -6.00
C ASP A 70 15.67 -3.84 -7.44
N LYS A 71 16.48 -2.83 -7.63
CA LYS A 71 16.67 -2.26 -8.99
C LYS A 71 17.79 -1.20 -8.94
N SER A 72 18.94 -1.56 -8.44
CA SER A 72 20.08 -0.59 -8.35
C SER A 72 21.41 -1.35 -8.19
N ALA B 1 18.32 16.39 -13.44
CA ALA B 1 19.51 15.66 -13.98
C ALA B 1 19.09 14.27 -14.46
N SER B 2 18.51 13.47 -13.58
CA SER B 2 18.06 12.10 -13.98
C SER B 2 16.73 12.19 -14.76
N VAL B 3 16.48 11.25 -15.63
CA VAL B 3 15.21 11.26 -16.42
C VAL B 3 14.42 9.98 -16.14
N ALA B 4 13.17 10.12 -15.76
CA ALA B 4 12.33 8.93 -15.47
C ALA B 4 10.96 9.08 -16.15
N THR B 5 10.66 8.22 -17.08
CA THR B 5 9.34 8.31 -17.80
C THR B 5 8.26 7.60 -16.97
N GLU B 6 7.05 8.11 -17.02
CA GLU B 6 5.94 7.49 -16.25
C GLU B 6 4.60 7.94 -16.85
N LEU B 7 4.06 7.15 -17.73
CA LEU B 7 2.76 7.52 -18.36
C LEU B 7 1.70 6.60 -17.77
N ARG B 8 1.96 5.33 -17.87
CA ARG B 8 1.04 4.29 -17.34
C ARG B 8 0.67 4.61 -15.89
N CYS B 9 1.66 4.86 -15.07
CA CYS B 9 1.40 5.17 -13.63
C CYS B 9 0.43 6.36 -13.48
N GLN B 10 -0.16 6.51 -12.33
CA GLN B 10 -1.10 7.64 -12.09
C GLN B 10 -0.42 8.73 -11.23
N CYS B 11 0.69 8.40 -10.59
CA CYS B 11 1.44 9.36 -9.70
C CYS B 11 1.21 10.83 -10.10
N LEU B 12 0.87 11.67 -9.13
CA LEU B 12 0.68 13.12 -9.45
C LEU B 12 2.08 13.70 -9.67
N GLN B 13 2.86 13.74 -8.63
CA GLN B 13 4.26 14.26 -8.68
C GLN B 13 4.91 13.97 -7.32
N THR B 14 4.67 12.77 -6.81
CA THR B 14 5.18 12.32 -5.46
C THR B 14 5.40 13.46 -4.49
N LEU B 15 4.45 13.68 -3.61
CA LEU B 15 4.59 14.74 -2.59
C LEU B 15 5.50 14.24 -1.47
N GLN B 16 6.04 15.13 -0.68
CA GLN B 16 6.95 14.69 0.42
C GLN B 16 6.20 14.60 1.74
N GLY B 17 5.31 13.64 1.84
CA GLY B 17 4.55 13.43 3.09
C GLY B 17 3.56 14.56 3.33
N ILE B 18 2.40 14.47 2.74
CA ILE B 18 1.37 15.52 2.97
C ILE B 18 0.62 15.18 4.26
N HIS B 19 -0.43 15.90 4.56
CA HIS B 19 -1.17 15.60 5.82
C HIS B 19 -2.36 14.68 5.48
N PRO B 20 -2.68 13.77 6.37
CA PRO B 20 -3.78 12.81 6.17
C PRO B 20 -5.15 13.47 6.37
N LYS B 21 -5.96 13.02 7.31
CA LYS B 21 -7.35 13.60 7.49
C LYS B 21 -8.22 13.08 6.34
N ASN B 22 -7.75 13.24 5.13
CA ASN B 22 -8.47 12.73 3.94
C ASN B 22 -7.82 11.40 3.56
N ILE B 23 -6.52 11.43 3.45
CA ILE B 23 -5.73 10.23 3.10
C ILE B 23 -6.18 9.02 3.95
N GLN B 24 -6.86 8.09 3.35
CA GLN B 24 -7.35 6.89 4.09
C GLN B 24 -6.53 5.65 3.72
N SER B 25 -5.84 5.67 2.61
CA SER B 25 -5.04 4.46 2.23
C SER B 25 -3.97 4.80 1.20
N VAL B 26 -3.22 3.80 0.79
CA VAL B 26 -2.14 4.03 -0.22
C VAL B 26 -1.84 2.70 -0.94
N ASN B 27 -1.30 2.80 -2.12
CA ASN B 27 -0.95 1.59 -2.88
C ASN B 27 0.49 1.69 -3.38
N VAL B 28 1.27 0.68 -3.13
CA VAL B 28 2.69 0.70 -3.58
C VAL B 28 2.89 -0.39 -4.64
N LYS B 29 3.19 0.00 -5.84
CA LYS B 29 3.41 -0.97 -6.96
C LYS B 29 4.87 -0.94 -7.40
N SER B 30 5.28 -1.95 -8.15
CA SER B 30 6.69 -2.03 -8.64
C SER B 30 6.74 -1.57 -10.12
N PRO B 31 7.93 -1.56 -10.69
CA PRO B 31 8.14 -1.15 -12.10
C PRO B 31 7.71 -2.26 -13.07
N GLY B 32 7.83 -2.04 -14.36
CA GLY B 32 7.41 -3.09 -15.34
C GLY B 32 7.48 -2.55 -16.77
N PRO B 33 6.46 -1.83 -17.17
CA PRO B 33 6.38 -1.26 -18.53
C PRO B 33 7.31 -0.04 -18.67
N HIS B 34 7.06 0.82 -19.63
CA HIS B 34 7.94 2.02 -19.84
C HIS B 34 7.99 2.88 -18.56
N CYS B 35 6.99 2.82 -17.72
CA CYS B 35 7.05 3.61 -16.45
C CYS B 35 8.29 3.12 -15.71
N ALA B 36 8.51 1.83 -15.76
CA ALA B 36 9.72 1.19 -15.15
C ALA B 36 10.17 1.89 -13.86
N GLN B 37 9.27 2.08 -12.96
CA GLN B 37 9.60 2.72 -11.65
C GLN B 37 8.65 2.21 -10.58
N THR B 38 8.82 2.67 -9.37
CA THR B 38 7.93 2.21 -8.26
C THR B 38 6.53 2.79 -8.44
N GLU B 39 5.74 2.72 -7.39
CA GLU B 39 4.38 3.28 -7.40
C GLU B 39 4.04 3.50 -5.95
N VAL B 40 3.48 4.60 -5.65
CA VAL B 40 3.19 4.88 -4.24
C VAL B 40 2.02 5.85 -4.19
N ILE B 41 0.83 5.35 -4.40
CA ILE B 41 -0.33 6.24 -4.46
C ILE B 41 -1.17 6.21 -3.17
N ALA B 42 -1.33 7.32 -2.53
CA ALA B 42 -2.17 7.39 -1.31
C ALA B 42 -3.60 7.72 -1.73
N THR B 43 -4.51 6.79 -1.52
CA THR B 43 -5.92 7.07 -1.93
C THR B 43 -6.53 8.05 -0.94
N LEU B 44 -7.05 9.12 -1.46
CA LEU B 44 -7.67 10.17 -0.61
C LEU B 44 -9.03 9.73 -0.08
N LYS B 45 -9.48 10.36 0.98
CA LYS B 45 -10.80 10.07 1.60
C LYS B 45 -11.92 10.21 0.58
N ASN B 46 -11.86 11.20 -0.25
CA ASN B 46 -12.93 11.38 -1.28
C ASN B 46 -12.80 10.29 -2.37
N GLY B 47 -11.87 9.37 -2.20
CA GLY B 47 -11.67 8.29 -3.22
C GLY B 47 -10.76 8.83 -4.31
N ARG B 48 -9.81 9.66 -3.94
CA ARG B 48 -8.86 10.21 -4.95
C ARG B 48 -7.52 9.53 -4.74
N LYS B 49 -6.47 10.01 -5.34
CA LYS B 49 -5.16 9.37 -5.14
C LYS B 49 -4.02 10.36 -5.32
N ALA B 50 -2.95 10.14 -4.61
CA ALA B 50 -1.75 11.02 -4.73
C ALA B 50 -0.52 10.14 -4.73
N CYS B 51 0.63 10.66 -5.05
CA CYS B 51 1.83 9.81 -4.98
C CYS B 51 2.82 10.52 -4.08
N LEU B 52 3.65 9.78 -3.42
CA LEU B 52 4.65 10.42 -2.53
C LEU B 52 6.00 9.76 -2.75
N ASN B 53 7.05 10.33 -2.26
CA ASN B 53 8.41 9.74 -2.50
C ASN B 53 8.79 8.79 -1.34
N PRO B 54 8.58 7.49 -1.49
CA PRO B 54 8.96 6.55 -0.42
C PRO B 54 10.47 6.60 -0.20
N ALA B 55 11.23 6.93 -1.24
CA ALA B 55 12.70 7.09 -1.07
C ALA B 55 12.91 8.24 -0.08
N SER B 56 11.99 9.20 -0.07
CA SER B 56 12.07 10.35 0.88
C SER B 56 11.91 9.80 2.31
N PRO B 57 12.52 10.47 3.27
CA PRO B 57 12.44 10.05 4.68
C PRO B 57 11.06 10.38 5.26
N ILE B 58 10.67 11.63 5.20
CA ILE B 58 9.32 12.04 5.70
C ILE B 58 8.27 11.17 5.05
N VAL B 59 8.41 10.96 3.79
CA VAL B 59 7.43 10.15 3.05
C VAL B 59 7.49 8.71 3.51
N LYS B 60 8.67 8.17 3.72
CA LYS B 60 8.77 6.78 4.23
C LYS B 60 7.97 6.71 5.55
N LYS B 61 7.75 7.87 6.15
CA LYS B 61 6.93 7.98 7.37
C LYS B 61 5.50 7.79 6.94
N ILE B 62 5.10 8.54 5.95
CA ILE B 62 3.74 8.45 5.37
C ILE B 62 3.32 6.97 5.25
N ILE B 63 4.23 6.11 4.87
CA ILE B 63 3.87 4.66 4.77
C ILE B 63 3.68 4.11 6.17
N GLU B 64 4.68 4.27 6.97
CA GLU B 64 4.64 3.74 8.36
C GLU B 64 3.49 4.37 9.16
N LYS B 65 3.30 5.66 9.04
CA LYS B 65 2.21 6.34 9.79
C LYS B 65 0.87 5.87 9.25
N MET B 66 0.72 5.81 7.95
CA MET B 66 -0.54 5.29 7.37
C MET B 66 -0.76 3.87 7.90
N LEU B 67 0.32 3.16 8.09
CA LEU B 67 0.27 1.79 8.65
C LEU B 67 -0.15 1.84 10.12
N ASN B 68 0.23 2.89 10.82
CA ASN B 68 -0.13 2.99 12.28
C ASN B 68 -1.66 3.05 12.46
N SER B 69 -2.31 4.07 11.93
CA SER B 69 -3.80 4.18 12.08
C SER B 69 -4.15 4.32 13.57
N ASP B 70 -4.32 5.53 14.04
CA ASP B 70 -4.64 5.75 15.48
C ASP B 70 -5.99 5.09 15.83
N LYS B 71 -5.97 4.17 16.77
CA LYS B 71 -7.23 3.48 17.18
C LYS B 71 -6.94 2.58 18.40
N SER B 72 -6.35 3.12 19.43
CA SER B 72 -6.04 2.31 20.64
C SER B 72 -5.82 3.22 21.86
N ALA A 1 -12.14 -16.72 18.14
CA ALA A 1 -13.57 -16.93 18.47
C ALA A 1 -14.40 -16.97 17.17
N SER A 2 -14.14 -17.94 16.32
CA SER A 2 -14.89 -18.07 15.04
C SER A 2 -14.62 -16.86 14.13
N VAL A 3 -15.21 -16.84 12.95
CA VAL A 3 -15.00 -15.68 12.02
C VAL A 3 -16.00 -14.57 12.38
N ALA A 4 -15.51 -13.50 12.95
CA ALA A 4 -16.42 -12.38 13.36
C ALA A 4 -16.03 -11.08 12.62
N THR A 5 -17.00 -10.34 12.16
CA THR A 5 -16.76 -9.04 11.43
C THR A 5 -15.82 -9.26 10.22
N GLU A 6 -15.43 -8.18 9.56
CA GLU A 6 -14.54 -8.28 8.37
C GLU A 6 -15.26 -8.98 7.22
N LEU A 7 -16.23 -8.32 6.61
CA LEU A 7 -16.96 -8.91 5.47
C LEU A 7 -16.68 -8.03 4.25
N ARG A 8 -16.98 -6.77 4.40
CA ARG A 8 -16.76 -5.79 3.31
C ARG A 8 -15.33 -5.91 2.76
N CYS A 9 -14.37 -5.89 3.65
CA CYS A 9 -12.94 -6.00 3.24
C CYS A 9 -12.69 -7.32 2.48
N GLN A 10 -11.59 -7.42 1.79
CA GLN A 10 -11.30 -8.65 0.98
C GLN A 10 -10.16 -9.49 1.58
N CYS A 11 -9.45 -8.97 2.57
CA CYS A 11 -8.32 -9.71 3.21
C CYS A 11 -8.61 -11.22 3.26
N LEU A 12 -7.66 -12.02 2.86
CA LEU A 12 -7.86 -13.51 2.89
C LEU A 12 -7.91 -13.93 4.36
N GLN A 13 -6.80 -13.80 5.03
CA GLN A 13 -6.68 -14.15 6.47
C GLN A 13 -5.30 -13.67 6.93
N THR A 14 -4.93 -12.49 6.50
CA THR A 14 -3.60 -11.88 6.80
C THR A 14 -2.50 -12.92 6.98
N LEU A 15 -1.78 -13.17 5.91
CA LEU A 15 -0.66 -14.16 5.97
C LEU A 15 0.52 -13.53 6.73
N GLN A 16 1.35 -14.35 7.32
CA GLN A 16 2.50 -13.81 8.10
C GLN A 16 3.74 -13.67 7.22
N GLY A 17 3.68 -12.80 6.25
CA GLY A 17 4.84 -12.55 5.36
C GLY A 17 5.08 -13.73 4.42
N ILE A 18 4.39 -13.76 3.31
CA ILE A 18 4.63 -14.86 2.34
C ILE A 18 5.82 -14.46 1.47
N HIS A 19 6.10 -15.20 0.44
CA HIS A 19 7.27 -14.84 -0.42
C HIS A 19 6.77 -14.03 -1.63
N PRO A 20 7.56 -13.07 -2.07
CA PRO A 20 7.20 -12.20 -3.20
C PRO A 20 7.35 -12.96 -4.53
N LYS A 21 8.14 -12.46 -5.48
CA LYS A 21 8.28 -13.14 -6.81
C LYS A 21 6.98 -12.87 -7.61
N ASN A 22 5.86 -13.15 -7.01
CA ASN A 22 4.55 -12.88 -7.65
C ASN A 22 4.09 -11.53 -7.10
N ILE A 23 4.09 -11.42 -5.81
CA ILE A 23 3.69 -10.17 -5.12
C ILE A 23 4.34 -8.96 -5.83
N GLN A 24 3.55 -8.21 -6.54
CA GLN A 24 4.06 -7.03 -7.29
C GLN A 24 3.71 -5.74 -6.55
N SER A 25 2.72 -5.76 -5.69
CA SER A 25 2.36 -4.51 -4.96
C SER A 25 1.45 -4.82 -3.77
N VAL A 26 1.01 -3.80 -3.09
CA VAL A 26 0.12 -4.00 -1.92
C VAL A 26 -0.66 -2.72 -1.62
N ASN A 27 -1.74 -2.86 -0.92
CA ASN A 27 -2.57 -1.72 -0.55
C ASN A 27 -2.75 -1.70 0.96
N VAL A 28 -2.79 -0.54 1.55
CA VAL A 28 -2.98 -0.46 3.02
C VAL A 28 -4.11 0.53 3.32
N LYS A 29 -5.25 0.01 3.73
CA LYS A 29 -6.43 0.88 4.03
C LYS A 29 -6.64 0.98 5.54
N SER A 30 -7.41 1.96 5.96
CA SER A 30 -7.69 2.17 7.41
C SER A 30 -9.05 1.49 7.76
N PRO A 31 -9.40 1.52 9.03
CA PRO A 31 -10.68 0.92 9.51
C PRO A 31 -11.88 1.82 9.18
N GLY A 32 -13.08 1.36 9.46
CA GLY A 32 -14.30 2.18 9.17
C GLY A 32 -15.55 1.50 9.73
N PRO A 33 -16.16 0.65 8.93
CA PRO A 33 -17.39 -0.08 9.31
C PRO A 33 -17.06 -1.26 10.24
N HIS A 34 -17.93 -2.25 10.32
CA HIS A 34 -17.67 -3.44 11.21
C HIS A 34 -16.29 -4.03 10.89
N CYS A 35 -15.81 -3.87 9.68
CA CYS A 35 -14.42 -4.33 9.35
C CYS A 35 -13.55 -3.16 9.82
N ALA A 36 -13.65 -2.91 11.10
CA ALA A 36 -12.97 -1.77 11.77
C ALA A 36 -11.49 -2.05 12.05
N GLN A 37 -10.90 -2.99 11.37
CA GLN A 37 -9.45 -3.26 11.56
C GLN A 37 -8.70 -2.53 10.43
N THR A 38 -7.42 -2.77 10.29
CA THR A 38 -6.68 -2.09 9.20
C THR A 38 -6.98 -2.78 7.86
N GLU A 39 -6.13 -2.58 6.90
CA GLU A 39 -6.29 -3.23 5.58
C GLU A 39 -4.91 -3.35 5.00
N VAL A 40 -4.57 -4.46 4.49
CA VAL A 40 -3.21 -4.62 3.99
C VAL A 40 -3.20 -5.68 2.90
N ILE A 41 -3.64 -5.33 1.71
CA ILE A 41 -3.74 -6.33 0.61
C ILE A 41 -2.55 -6.27 -0.34
N ALA A 42 -1.79 -7.34 -0.45
CA ALA A 42 -0.66 -7.37 -1.41
C ALA A 42 -1.17 -7.88 -2.73
N THR A 43 -1.15 -7.07 -3.76
CA THR A 43 -1.65 -7.53 -5.07
C THR A 43 -0.63 -8.47 -5.70
N LEU A 44 -1.06 -9.63 -6.05
CA LEU A 44 -0.18 -10.65 -6.64
C LEU A 44 0.16 -10.30 -8.09
N LYS A 45 1.26 -10.84 -8.59
CA LYS A 45 1.70 -10.61 -10.00
C LYS A 45 0.60 -10.99 -10.98
N ASN A 46 -0.08 -12.06 -10.73
CA ASN A 46 -1.18 -12.48 -11.65
C ASN A 46 -2.38 -11.52 -11.51
N GLY A 47 -2.26 -10.49 -10.68
CA GLY A 47 -3.37 -9.52 -10.48
C GLY A 47 -4.30 -10.07 -9.39
N ARG A 48 -3.74 -10.72 -8.41
CA ARG A 48 -4.57 -11.27 -7.29
C ARG A 48 -4.31 -10.42 -6.05
N LYS A 49 -4.73 -10.85 -4.91
CA LYS A 49 -4.49 -10.03 -3.70
C LYS A 49 -4.48 -10.90 -2.45
N ALA A 50 -3.72 -10.48 -1.47
CA ALA A 50 -3.65 -11.22 -0.17
C ALA A 50 -3.59 -10.22 0.94
N CYS A 51 -3.91 -10.59 2.14
CA CYS A 51 -3.78 -9.61 3.24
C CYS A 51 -2.72 -10.16 4.18
N LEU A 52 -2.01 -9.32 4.86
CA LEU A 52 -0.96 -9.82 5.78
C LEU A 52 -1.06 -9.02 7.09
N ASN A 53 -0.38 -9.44 8.11
CA ASN A 53 -0.48 -8.71 9.41
C ASN A 53 0.69 -7.73 9.57
N PRO A 54 0.50 -6.47 9.25
CA PRO A 54 1.58 -5.47 9.42
C PRO A 54 1.92 -5.37 10.91
N ALA A 55 0.97 -5.68 11.77
CA ALA A 55 1.26 -5.69 13.23
C ALA A 55 2.32 -6.78 13.44
N SER A 56 2.26 -7.83 12.64
CA SER A 56 3.27 -8.93 12.71
C SER A 56 4.65 -8.33 12.36
N PRO A 57 5.70 -8.89 12.93
CA PRO A 57 7.07 -8.41 12.68
C PRO A 57 7.53 -8.82 11.28
N ILE A 58 7.54 -10.11 11.01
CA ILE A 58 7.94 -10.61 9.65
C ILE A 58 7.12 -9.88 8.60
N VAL A 59 5.86 -9.75 8.85
CA VAL A 59 4.98 -9.09 7.89
C VAL A 59 5.33 -7.62 7.77
N LYS A 60 5.65 -6.96 8.86
CA LYS A 60 6.06 -5.53 8.76
C LYS A 60 7.25 -5.47 7.78
N LYS A 61 7.92 -6.59 7.60
CA LYS A 61 9.04 -6.70 6.64
C LYS A 61 8.42 -6.69 5.27
N ILE A 62 7.43 -7.53 5.09
CA ILE A 62 6.68 -7.62 3.82
C ILE A 62 6.39 -6.20 3.30
N ILE A 63 6.07 -5.27 4.17
CA ILE A 63 5.82 -3.87 3.70
C ILE A 63 7.14 -3.27 3.24
N GLU A 64 8.12 -3.37 4.07
CA GLU A 64 9.44 -2.78 3.76
C GLU A 64 10.06 -3.45 2.52
N LYS A 65 10.04 -4.76 2.45
CA LYS A 65 10.63 -5.45 1.27
C LYS A 65 9.77 -5.18 0.04
N MET A 66 8.47 -5.19 0.19
CA MET A 66 7.59 -4.86 -0.96
C MET A 66 7.97 -3.44 -1.41
N LEU A 67 8.27 -2.59 -0.46
CA LEU A 67 8.69 -1.20 -0.74
C LEU A 67 10.01 -1.21 -1.53
N ASN A 68 10.88 -2.16 -1.24
CA ASN A 68 12.19 -2.21 -1.96
C ASN A 68 12.23 -3.43 -2.89
N SER A 69 11.98 -3.24 -4.16
CA SER A 69 12.02 -4.37 -5.13
C SER A 69 13.01 -4.04 -6.26
N ASP A 70 14.24 -3.72 -5.91
CA ASP A 70 15.26 -3.37 -6.96
C ASP A 70 16.66 -3.33 -6.31
N LYS A 71 17.69 -3.22 -7.13
CA LYS A 71 19.09 -3.17 -6.61
C LYS A 71 19.42 -4.47 -5.87
N SER A 72 19.19 -5.59 -6.54
CA SER A 72 19.49 -6.91 -5.91
C SER A 72 20.99 -7.19 -5.98
N ALA B 1 14.77 17.25 -16.03
CA ALA B 1 14.92 17.26 -17.52
C ALA B 1 13.55 17.08 -18.17
N SER B 2 12.62 17.98 -17.90
CA SER B 2 11.24 17.91 -18.50
C SER B 2 10.52 16.64 -18.00
N VAL B 3 9.30 16.43 -18.44
CA VAL B 3 8.54 15.23 -18.01
C VAL B 3 8.91 14.04 -18.92
N ALA B 4 9.65 13.10 -18.40
CA ALA B 4 10.07 11.92 -19.23
C ALA B 4 9.54 10.62 -18.62
N THR B 5 9.06 9.72 -19.45
CA THR B 5 8.52 8.40 -18.97
C THR B 5 7.40 8.60 -17.93
N GLU B 6 6.92 7.52 -17.36
CA GLU B 6 5.82 7.60 -16.34
C GLU B 6 4.52 8.09 -17.00
N LEU B 7 3.88 7.24 -17.78
CA LEU B 7 2.61 7.63 -18.43
C LEU B 7 1.53 6.67 -17.95
N ARG B 8 1.79 5.40 -18.12
CA ARG B 8 0.82 4.33 -17.72
C ARG B 8 0.32 4.55 -16.30
N CYS B 9 1.22 4.69 -15.35
CA CYS B 9 0.80 4.88 -13.93
C CYS B 9 0.02 6.19 -13.77
N GLN B 10 -0.52 6.41 -12.60
CA GLN B 10 -1.33 7.64 -12.35
C GLN B 10 -0.60 8.65 -11.45
N CYS B 11 0.51 8.24 -10.84
CA CYS B 11 1.31 9.15 -9.93
C CYS B 11 1.13 10.63 -10.31
N LEU B 12 0.74 11.47 -9.36
CA LEU B 12 0.57 12.93 -9.67
C LEU B 12 1.95 13.51 -9.93
N GLN B 13 2.74 13.57 -8.90
CA GLN B 13 4.13 14.09 -8.97
C GLN B 13 4.79 13.84 -7.60
N THR B 14 4.53 12.67 -7.05
CA THR B 14 5.04 12.26 -5.70
C THR B 14 5.22 13.45 -4.76
N LEU B 15 4.23 13.68 -3.94
CA LEU B 15 4.31 14.80 -2.94
C LEU B 15 5.26 14.38 -1.81
N GLN B 16 5.84 15.34 -1.14
CA GLN B 16 6.80 15.01 -0.04
C GLN B 16 6.07 14.93 1.30
N GLY B 17 5.20 13.96 1.43
CA GLY B 17 4.47 13.76 2.71
C GLY B 17 3.44 14.86 2.94
N ILE B 18 2.26 14.70 2.39
CA ILE B 18 1.21 15.71 2.62
C ILE B 18 0.53 15.37 3.96
N HIS B 19 -0.55 16.02 4.27
CA HIS B 19 -1.23 15.72 5.56
C HIS B 19 -2.39 14.74 5.31
N PRO B 20 -2.62 13.83 6.23
CA PRO B 20 -3.69 12.82 6.10
C PRO B 20 -5.07 13.45 6.34
N LYS B 21 -5.87 12.95 7.28
CA LYS B 21 -7.24 13.49 7.51
C LYS B 21 -8.13 13.01 6.36
N ASN B 22 -7.70 13.20 5.15
CA ASN B 22 -8.43 12.73 3.96
C ASN B 22 -7.80 11.40 3.57
N ILE B 23 -6.51 11.41 3.44
CA ILE B 23 -5.73 10.20 3.09
C ILE B 23 -6.22 9.01 3.94
N GLN B 24 -6.93 8.10 3.32
CA GLN B 24 -7.47 6.93 4.04
C GLN B 24 -6.63 5.67 3.74
N SER B 25 -5.89 5.66 2.65
CA SER B 25 -5.07 4.46 2.33
C SER B 25 -4.03 4.80 1.27
N VAL B 26 -3.29 3.80 0.85
CA VAL B 26 -2.24 4.03 -0.19
C VAL B 26 -1.89 2.71 -0.86
N ASN B 27 -1.33 2.79 -2.04
CA ASN B 27 -0.92 1.60 -2.78
C ASN B 27 0.55 1.71 -3.14
N VAL B 28 1.25 0.62 -3.12
CA VAL B 28 2.70 0.67 -3.49
C VAL B 28 2.99 -0.40 -4.54
N LYS B 29 3.21 0.01 -5.76
CA LYS B 29 3.47 -0.95 -6.86
C LYS B 29 4.96 -0.92 -7.26
N SER B 30 5.39 -1.94 -7.96
CA SER B 30 6.82 -2.02 -8.39
C SER B 30 6.94 -1.48 -9.84
N PRO B 31 8.16 -1.42 -10.35
CA PRO B 31 8.43 -0.93 -11.72
C PRO B 31 8.08 -1.98 -12.78
N GLY B 32 8.17 -1.65 -14.04
CA GLY B 32 7.84 -2.64 -15.12
C GLY B 32 8.17 -2.06 -16.50
N PRO B 33 7.21 -1.37 -17.07
CA PRO B 33 7.36 -0.75 -18.42
C PRO B 33 8.21 0.54 -18.34
N HIS B 34 8.08 1.42 -19.32
CA HIS B 34 8.89 2.69 -19.31
C HIS B 34 8.72 3.41 -17.97
N CYS B 35 7.60 3.26 -17.30
CA CYS B 35 7.48 3.87 -15.95
C CYS B 35 8.13 2.85 -15.03
N ALA B 36 9.40 2.69 -15.25
CA ALA B 36 10.20 1.67 -14.53
C ALA B 36 10.60 2.15 -13.13
N GLN B 37 9.87 3.06 -12.56
CA GLN B 37 10.15 3.52 -11.17
C GLN B 37 9.18 2.79 -10.24
N THR B 38 9.15 3.15 -8.98
CA THR B 38 8.22 2.46 -8.04
C THR B 38 6.79 2.99 -8.26
N GLU B 39 5.95 2.79 -7.28
CA GLU B 39 4.55 3.29 -7.35
C GLU B 39 4.12 3.51 -5.93
N VAL B 40 3.52 4.60 -5.65
CA VAL B 40 3.17 4.86 -4.25
C VAL B 40 1.96 5.81 -4.23
N ILE B 41 0.79 5.29 -4.47
CA ILE B 41 -0.42 6.15 -4.53
C ILE B 41 -1.25 6.13 -3.24
N ALA B 42 -1.38 7.26 -2.59
CA ALA B 42 -2.22 7.31 -1.36
C ALA B 42 -3.65 7.64 -1.76
N THR B 43 -4.56 6.72 -1.53
CA THR B 43 -5.96 6.98 -1.92
C THR B 43 -6.57 7.97 -0.93
N LEU B 44 -7.10 9.03 -1.44
CA LEU B 44 -7.71 10.08 -0.60
C LEU B 44 -9.06 9.62 -0.05
N LYS B 45 -9.50 10.24 1.04
CA LYS B 45 -10.81 9.91 1.66
C LYS B 45 -11.94 10.06 0.66
N ASN B 46 -11.88 11.08 -0.16
CA ASN B 46 -12.96 11.26 -1.18
C ASN B 46 -12.85 10.19 -2.28
N GLY B 47 -11.91 9.27 -2.15
CA GLY B 47 -11.71 8.20 -3.17
C GLY B 47 -10.80 8.74 -4.27
N ARG B 48 -9.85 9.56 -3.90
CA ARG B 48 -8.91 10.11 -4.92
C ARG B 48 -7.56 9.43 -4.72
N LYS B 49 -6.52 9.92 -5.33
CA LYS B 49 -5.20 9.26 -5.15
C LYS B 49 -4.06 10.25 -5.36
N ALA B 50 -2.98 10.02 -4.68
CA ALA B 50 -1.78 10.91 -4.83
C ALA B 50 -0.54 10.05 -4.79
N CYS B 51 0.56 10.51 -5.29
CA CYS B 51 1.79 9.69 -5.19
C CYS B 51 2.75 10.44 -4.30
N LEU B 52 3.60 9.75 -3.61
CA LEU B 52 4.57 10.44 -2.73
C LEU B 52 5.94 9.77 -2.92
N ASN B 53 6.98 10.36 -2.42
CA ASN B 53 8.33 9.76 -2.63
C ASN B 53 8.73 8.94 -1.39
N PRO B 54 8.54 7.64 -1.42
CA PRO B 54 8.94 6.79 -0.28
C PRO B 54 10.47 6.87 -0.11
N ALA B 55 11.18 7.16 -1.17
CA ALA B 55 12.65 7.36 -1.07
C ALA B 55 12.85 8.59 -0.16
N SER B 56 11.92 9.53 -0.22
CA SER B 56 11.98 10.75 0.65
C SER B 56 11.86 10.28 2.11
N PRO B 57 12.47 11.00 3.02
CA PRO B 57 12.42 10.67 4.46
C PRO B 57 11.03 10.99 5.04
N ILE B 58 10.62 12.24 4.94
CA ILE B 58 9.27 12.64 5.44
C ILE B 58 8.22 11.72 4.85
N VAL B 59 8.36 11.46 3.59
CA VAL B 59 7.38 10.61 2.89
C VAL B 59 7.48 9.19 3.42
N LYS B 60 8.66 8.69 3.66
CA LYS B 60 8.77 7.31 4.23
C LYS B 60 7.93 7.29 5.53
N LYS B 61 7.71 8.46 6.10
CA LYS B 61 6.87 8.60 7.31
C LYS B 61 5.44 8.37 6.86
N ILE B 62 5.06 9.07 5.82
CA ILE B 62 3.71 8.94 5.22
C ILE B 62 3.33 7.46 5.15
N ILE B 63 4.26 6.59 4.82
CA ILE B 63 3.93 5.13 4.78
C ILE B 63 3.69 4.64 6.19
N GLU B 64 4.61 4.94 7.05
CA GLU B 64 4.51 4.48 8.46
C GLU B 64 3.28 5.08 9.14
N LYS B 65 3.05 6.37 9.00
CA LYS B 65 1.88 7.00 9.66
C LYS B 65 0.61 6.51 8.98
N MET B 66 0.61 6.38 7.68
CA MET B 66 -0.59 5.84 6.98
C MET B 66 -0.83 4.43 7.56
N LEU B 67 0.25 3.72 7.82
CA LEU B 67 0.17 2.37 8.42
C LEU B 67 -0.48 2.46 9.81
N ASN B 68 -0.19 3.52 10.54
CA ASN B 68 -0.77 3.65 11.91
C ASN B 68 -1.83 4.77 11.95
N SER B 69 -3.09 4.42 11.87
CA SER B 69 -4.16 5.44 11.92
C SER B 69 -5.13 5.12 13.06
N ASP B 70 -4.62 4.98 14.26
CA ASP B 70 -5.50 4.65 15.43
C ASP B 70 -4.72 4.83 16.74
N LYS B 71 -5.40 4.77 17.87
CA LYS B 71 -4.72 4.92 19.20
C LYS B 71 -4.11 6.33 19.29
N SER B 72 -4.92 7.34 19.04
CA SER B 72 -4.41 8.75 19.11
C SER B 72 -4.35 9.19 20.58
N ALA A 1 -20.29 -12.73 -6.03
CA ALA A 1 -20.98 -11.81 -5.09
C ALA A 1 -20.34 -11.92 -3.70
N SER A 2 -20.29 -10.82 -2.96
CA SER A 2 -19.69 -10.86 -1.59
C SER A 2 -20.79 -11.02 -0.53
N VAL A 3 -20.42 -11.37 0.67
CA VAL A 3 -21.43 -11.55 1.75
C VAL A 3 -20.75 -11.43 3.13
N ALA A 4 -21.50 -11.10 4.16
CA ALA A 4 -20.92 -10.97 5.54
C ALA A 4 -19.97 -9.75 5.60
N THR A 5 -19.22 -9.64 6.67
CA THR A 5 -18.27 -8.49 6.81
C THR A 5 -17.15 -8.59 5.75
N GLU A 6 -17.35 -7.99 4.60
CA GLU A 6 -16.34 -8.05 3.52
C GLU A 6 -16.73 -7.09 2.37
N LEU A 7 -16.40 -5.83 2.48
CA LEU A 7 -16.73 -4.86 1.41
C LEU A 7 -15.45 -4.15 1.02
N ARG A 8 -14.85 -3.52 1.99
CA ARG A 8 -13.58 -2.78 1.79
C ARG A 8 -12.44 -3.74 1.49
N CYS A 9 -12.20 -4.67 2.38
CA CYS A 9 -11.06 -5.62 2.21
C CYS A 9 -11.55 -7.05 1.99
N GLN A 10 -10.83 -7.80 1.18
CA GLN A 10 -11.19 -9.24 0.93
C GLN A 10 -10.26 -10.15 1.76
N CYS A 11 -9.16 -9.61 2.27
CA CYS A 11 -8.15 -10.35 3.11
C CYS A 11 -8.42 -11.86 3.22
N LEU A 12 -7.53 -12.66 2.70
CA LEU A 12 -7.68 -14.14 2.80
C LEU A 12 -7.76 -14.51 4.28
N GLN A 13 -6.71 -14.21 4.99
CA GLN A 13 -6.63 -14.47 6.47
C GLN A 13 -5.29 -13.92 6.96
N THR A 14 -4.94 -12.74 6.50
CA THR A 14 -3.63 -12.08 6.84
C THR A 14 -2.50 -13.10 6.97
N LEU A 15 -1.80 -13.30 5.90
CA LEU A 15 -0.66 -14.26 5.90
C LEU A 15 0.51 -13.62 6.64
N GLN A 16 1.38 -14.43 7.19
CA GLN A 16 2.56 -13.90 7.94
C GLN A 16 3.73 -13.67 6.99
N GLY A 17 3.57 -12.73 6.10
CA GLY A 17 4.65 -12.39 5.14
C GLY A 17 4.99 -13.58 4.26
N ILE A 18 4.29 -13.74 3.16
CA ILE A 18 4.60 -14.85 2.24
C ILE A 18 5.82 -14.45 1.40
N HIS A 19 6.16 -15.20 0.40
CA HIS A 19 7.34 -14.82 -0.42
C HIS A 19 6.86 -14.00 -1.63
N PRO A 20 7.64 -13.01 -2.02
CA PRO A 20 7.29 -12.12 -3.15
C PRO A 20 7.44 -12.84 -4.50
N LYS A 21 8.20 -12.30 -5.45
CA LYS A 21 8.32 -12.93 -6.80
C LYS A 21 7.03 -12.64 -7.57
N ASN A 22 5.90 -12.91 -6.96
CA ASN A 22 4.59 -12.63 -7.58
C ASN A 22 4.12 -11.29 -7.01
N ILE A 23 4.14 -11.21 -5.70
CA ILE A 23 3.73 -9.97 -4.98
C ILE A 23 4.31 -8.74 -5.69
N GLN A 24 3.46 -8.00 -6.36
CA GLN A 24 3.89 -6.79 -7.10
C GLN A 24 3.62 -5.53 -6.28
N SER A 25 2.69 -5.58 -5.35
CA SER A 25 2.38 -4.37 -4.55
C SER A 25 1.52 -4.70 -3.34
N VAL A 26 1.18 -3.70 -2.58
CA VAL A 26 0.30 -3.89 -1.40
C VAL A 26 -0.44 -2.59 -1.11
N ASN A 27 -1.57 -2.68 -0.47
CA ASN A 27 -2.36 -1.49 -0.13
C ASN A 27 -2.70 -1.50 1.34
N VAL A 28 -2.39 -0.43 2.01
CA VAL A 28 -2.70 -0.35 3.47
C VAL A 28 -3.74 0.76 3.69
N LYS A 29 -4.87 0.41 4.24
CA LYS A 29 -5.94 1.44 4.47
C LYS A 29 -6.44 1.39 5.91
N SER A 30 -7.36 2.26 6.22
CA SER A 30 -7.95 2.34 7.59
C SER A 30 -9.31 1.60 7.60
N PRO A 31 -9.94 1.54 8.75
CA PRO A 31 -11.25 0.87 8.92
C PRO A 31 -12.40 1.72 8.36
N GLY A 32 -13.61 1.18 8.37
CA GLY A 32 -14.78 1.96 7.84
C GLY A 32 -16.08 1.15 8.01
N PRO A 33 -16.43 0.38 6.99
CA PRO A 33 -17.67 -0.45 7.00
C PRO A 33 -17.43 -1.73 7.82
N HIS A 34 -18.09 -2.82 7.48
CA HIS A 34 -17.90 -4.10 8.26
C HIS A 34 -16.41 -4.43 8.30
N CYS A 35 -15.66 -4.07 7.28
CA CYS A 35 -14.18 -4.28 7.33
C CYS A 35 -13.65 -3.14 8.20
N ALA A 36 -14.12 -3.14 9.42
CA ALA A 36 -13.80 -2.08 10.41
C ALA A 36 -12.43 -2.28 11.05
N GLN A 37 -11.61 -3.13 10.50
CA GLN A 37 -10.24 -3.32 11.05
C GLN A 37 -9.31 -2.50 10.14
N THR A 38 -8.03 -2.74 10.16
CA THR A 38 -7.14 -1.97 9.25
C THR A 38 -7.29 -2.51 7.83
N GLU A 39 -6.32 -2.27 6.99
CA GLU A 39 -6.36 -2.80 5.62
C GLU A 39 -4.95 -3.03 5.20
N VAL A 40 -4.66 -4.17 4.70
CA VAL A 40 -3.29 -4.47 4.34
C VAL A 40 -3.29 -5.55 3.26
N ILE A 41 -3.53 -5.17 2.03
CA ILE A 41 -3.63 -6.17 0.94
C ILE A 41 -2.42 -6.13 0.01
N ALA A 42 -1.79 -7.26 -0.20
CA ALA A 42 -0.62 -7.31 -1.13
C ALA A 42 -1.14 -7.79 -2.49
N THR A 43 -1.15 -6.92 -3.48
CA THR A 43 -1.66 -7.35 -4.80
C THR A 43 -0.64 -8.28 -5.46
N LEU A 44 -1.07 -9.44 -5.81
CA LEU A 44 -0.18 -10.43 -6.43
C LEU A 44 0.16 -10.05 -7.88
N LYS A 45 1.24 -10.60 -8.40
CA LYS A 45 1.67 -10.33 -9.80
C LYS A 45 0.56 -10.65 -10.79
N ASN A 46 -0.14 -11.73 -10.58
CA ASN A 46 -1.24 -12.09 -11.51
C ASN A 46 -2.42 -11.11 -11.34
N GLY A 47 -2.28 -10.12 -10.49
CA GLY A 47 -3.38 -9.14 -10.24
C GLY A 47 -4.30 -9.71 -9.17
N ARG A 48 -3.73 -10.43 -8.23
CA ARG A 48 -4.55 -11.02 -7.14
C ARG A 48 -4.32 -10.18 -5.88
N LYS A 49 -4.71 -10.67 -4.74
CA LYS A 49 -4.48 -9.88 -3.51
C LYS A 49 -4.48 -10.76 -2.28
N ALA A 50 -3.74 -10.35 -1.30
CA ALA A 50 -3.68 -11.12 -0.02
C ALA A 50 -3.62 -10.13 1.13
N CYS A 51 -3.96 -10.55 2.32
CA CYS A 51 -3.85 -9.61 3.46
C CYS A 51 -2.76 -10.14 4.35
N LEU A 52 -2.12 -9.29 5.10
CA LEU A 52 -1.05 -9.75 6.02
C LEU A 52 -1.19 -8.96 7.32
N ASN A 53 -0.58 -9.41 8.38
CA ASN A 53 -0.72 -8.68 9.68
C ASN A 53 0.37 -7.64 9.85
N PRO A 54 0.08 -6.37 9.62
CA PRO A 54 1.08 -5.31 9.86
C PRO A 54 1.39 -5.29 11.35
N ALA A 55 0.47 -5.76 12.17
CA ALA A 55 0.73 -5.88 13.63
C ALA A 55 1.83 -6.94 13.80
N SER A 56 1.84 -7.92 12.91
CA SER A 56 2.89 -8.99 12.96
C SER A 56 4.24 -8.35 12.60
N PRO A 57 5.30 -8.85 13.18
CA PRO A 57 6.66 -8.34 12.92
C PRO A 57 7.13 -8.84 11.55
N ILE A 58 6.98 -10.12 11.31
CA ILE A 58 7.36 -10.73 10.00
C ILE A 58 6.65 -9.98 8.89
N VAL A 59 5.39 -9.77 9.06
CA VAL A 59 4.61 -9.07 8.02
C VAL A 59 5.01 -7.60 7.98
N LYS A 60 5.32 -7.01 9.12
CA LYS A 60 5.81 -5.60 9.09
C LYS A 60 7.05 -5.56 8.18
N LYS A 61 7.66 -6.72 7.98
CA LYS A 61 8.83 -6.85 7.08
C LYS A 61 8.28 -6.74 5.68
N ILE A 62 7.27 -7.53 5.40
CA ILE A 62 6.60 -7.53 4.08
C ILE A 62 6.42 -6.08 3.60
N ILE A 63 6.11 -5.16 4.49
CA ILE A 63 5.97 -3.74 4.07
C ILE A 63 7.34 -3.20 3.74
N GLU A 64 8.24 -3.32 4.67
CA GLU A 64 9.61 -2.79 4.49
C GLU A 64 10.30 -3.46 3.30
N LYS A 65 10.20 -4.77 3.19
CA LYS A 65 10.85 -5.48 2.05
C LYS A 65 10.19 -5.07 0.75
N MET A 66 8.89 -5.01 0.73
CA MET A 66 8.18 -4.55 -0.49
C MET A 66 8.70 -3.13 -0.81
N LEU A 67 8.97 -2.36 0.22
CA LEU A 67 9.50 -0.99 0.04
C LEU A 67 10.93 -1.07 -0.51
N ASN A 68 11.67 -2.10 -0.17
CA ASN A 68 13.08 -2.22 -0.68
C ASN A 68 13.06 -2.55 -2.18
N SER A 69 12.33 -3.56 -2.58
CA SER A 69 12.25 -3.94 -4.03
C SER A 69 13.64 -4.38 -4.53
N ASP A 70 14.09 -5.54 -4.11
CA ASP A 70 15.42 -6.04 -4.55
C ASP A 70 15.29 -7.50 -5.05
N LYS A 71 16.38 -8.12 -5.42
CA LYS A 71 16.33 -9.53 -5.90
C LYS A 71 15.77 -10.44 -4.79
N SER A 72 16.19 -10.21 -3.57
CA SER A 72 15.69 -11.04 -2.43
C SER A 72 14.64 -10.25 -1.65
N ALA B 1 -9.49 9.87 -20.76
CA ALA B 1 -8.53 8.98 -21.46
C ALA B 1 -7.09 9.30 -21.01
N SER B 2 -6.24 8.30 -20.94
CA SER B 2 -4.83 8.54 -20.51
C SER B 2 -3.92 8.68 -21.74
N VAL B 3 -2.73 9.19 -21.55
CA VAL B 3 -1.79 9.37 -22.70
C VAL B 3 -0.34 9.47 -22.17
N ALA B 4 0.62 9.17 -23.00
CA ALA B 4 2.06 9.24 -22.58
C ALA B 4 2.36 8.16 -21.52
N THR B 5 3.52 8.24 -20.89
CA THR B 5 3.89 7.22 -19.85
C THR B 5 2.95 7.34 -18.64
N GLU B 6 1.88 6.59 -18.63
CA GLU B 6 0.91 6.65 -17.50
C GLU B 6 -0.15 5.54 -17.65
N LEU B 7 0.15 4.34 -17.19
CA LEU B 7 -0.83 3.22 -17.30
C LEU B 7 -1.01 2.64 -15.90
N ARG B 8 0.08 2.16 -15.35
CA ARG B 8 0.06 1.55 -14.00
C ARG B 8 -0.53 2.54 -12.98
N CYS B 9 0.16 3.60 -12.67
CA CYS B 9 -0.39 4.59 -11.70
C CYS B 9 -0.58 5.94 -12.38
N GLN B 10 -1.12 6.89 -11.67
CA GLN B 10 -1.37 8.24 -12.23
C GLN B 10 -0.44 9.28 -11.58
N CYS B 11 0.23 8.91 -10.49
CA CYS B 11 1.18 9.80 -9.74
C CYS B 11 1.07 11.29 -10.11
N LEU B 12 0.54 12.11 -9.23
CA LEU B 12 0.43 13.58 -9.52
C LEU B 12 1.84 14.09 -9.81
N GLN B 13 2.70 13.99 -8.83
CA GLN B 13 4.12 14.43 -8.94
C GLN B 13 4.82 14.11 -7.62
N THR B 14 4.54 12.93 -7.10
CA THR B 14 5.09 12.47 -5.78
C THR B 14 5.22 13.62 -4.79
N LEU B 15 4.21 13.79 -3.99
CA LEU B 15 4.22 14.86 -2.96
C LEU B 15 5.15 14.46 -1.82
N GLN B 16 5.69 15.41 -1.11
CA GLN B 16 6.62 15.10 0.01
C GLN B 16 5.83 14.90 1.30
N GLY B 17 5.04 13.87 1.35
CA GLY B 17 4.25 13.56 2.57
C GLY B 17 3.28 14.69 2.89
N ILE B 18 2.11 14.65 2.30
CA ILE B 18 1.10 15.69 2.61
C ILE B 18 0.45 15.34 3.95
N HIS B 19 -0.59 16.02 4.33
CA HIS B 19 -1.23 15.71 5.63
C HIS B 19 -2.38 14.71 5.39
N PRO B 20 -2.57 13.79 6.31
CA PRO B 20 -3.61 12.75 6.19
C PRO B 20 -5.02 13.34 6.43
N LYS B 21 -5.80 12.79 7.34
CA LYS B 21 -7.21 13.29 7.57
C LYS B 21 -8.08 12.78 6.41
N ASN B 22 -7.62 12.98 5.19
CA ASN B 22 -8.34 12.48 4.00
C ASN B 22 -7.67 11.18 3.61
N ILE B 23 -6.37 11.22 3.48
CA ILE B 23 -5.56 10.03 3.12
C ILE B 23 -6.06 8.79 3.90
N GLN B 24 -6.73 7.90 3.21
CA GLN B 24 -7.27 6.69 3.86
C GLN B 24 -6.35 5.50 3.62
N SER B 25 -5.54 5.53 2.58
CA SER B 25 -4.64 4.38 2.31
C SER B 25 -3.58 4.73 1.28
N VAL B 26 -2.75 3.77 0.95
CA VAL B 26 -1.69 3.98 -0.07
C VAL B 26 -1.34 2.64 -0.71
N ASN B 27 -0.85 2.68 -1.91
CA ASN B 27 -0.45 1.44 -2.60
C ASN B 27 0.96 1.56 -3.12
N VAL B 28 1.78 0.61 -2.77
CA VAL B 28 3.19 0.64 -3.25
C VAL B 28 3.43 -0.56 -4.18
N LYS B 29 3.82 -0.28 -5.41
CA LYS B 29 4.04 -1.39 -6.38
C LYS B 29 5.41 -1.26 -7.05
N SER B 30 5.71 -2.20 -7.91
CA SER B 30 7.01 -2.19 -8.64
C SER B 30 6.79 -1.63 -10.08
N PRO B 31 7.86 -1.51 -10.84
CA PRO B 31 7.80 -0.98 -12.22
C PRO B 31 7.23 -2.02 -13.21
N GLY B 32 7.03 -1.63 -14.45
CA GLY B 32 6.48 -2.59 -15.47
C GLY B 32 6.42 -1.92 -16.85
N PRO B 33 5.29 -1.32 -17.16
CA PRO B 33 5.07 -0.64 -18.46
C PRO B 33 5.77 0.73 -18.47
N HIS B 34 5.24 1.70 -19.21
CA HIS B 34 5.90 3.06 -19.25
C HIS B 34 6.06 3.57 -17.82
N CYS B 35 5.18 3.19 -16.92
CA CYS B 35 5.35 3.58 -15.50
C CYS B 35 6.40 2.60 -14.96
N ALA B 36 7.56 2.69 -15.55
CA ALA B 36 8.70 1.78 -15.24
C ALA B 36 9.45 2.20 -13.97
N GLN B 37 8.88 3.07 -13.19
CA GLN B 37 9.54 3.47 -11.91
C GLN B 37 8.83 2.69 -10.80
N THR B 38 8.97 3.08 -9.57
CA THR B 38 8.26 2.32 -8.50
C THR B 38 6.77 2.69 -8.53
N GLU B 39 6.08 2.47 -7.44
CA GLU B 39 4.66 2.85 -7.39
C GLU B 39 4.37 3.20 -5.96
N VAL B 40 3.76 4.31 -5.74
CA VAL B 40 3.51 4.73 -4.37
C VAL B 40 2.33 5.69 -4.36
N ILE B 41 1.13 5.17 -4.39
CA ILE B 41 -0.07 6.03 -4.47
C ILE B 41 -0.85 6.04 -3.15
N ALA B 42 -1.11 7.20 -2.62
CA ALA B 42 -1.92 7.28 -1.37
C ALA B 42 -3.37 7.56 -1.76
N THR B 43 -4.25 6.61 -1.56
CA THR B 43 -5.66 6.83 -1.96
C THR B 43 -6.30 7.80 -0.97
N LEU B 44 -6.84 8.86 -1.47
CA LEU B 44 -7.47 9.88 -0.61
C LEU B 44 -8.81 9.39 -0.07
N LYS B 45 -9.28 10.01 1.00
CA LYS B 45 -10.59 9.64 1.62
C LYS B 45 -11.72 9.74 0.61
N ASN B 46 -11.71 10.75 -0.22
CA ASN B 46 -12.79 10.87 -1.23
C ASN B 46 -12.63 9.79 -2.32
N GLY B 47 -11.66 8.91 -2.18
CA GLY B 47 -11.42 7.85 -3.19
C GLY B 47 -10.54 8.41 -4.29
N ARG B 48 -9.63 9.28 -3.92
CA ARG B 48 -8.69 9.89 -4.92
C ARG B 48 -7.34 9.22 -4.75
N LYS B 49 -6.31 9.77 -5.32
CA LYS B 49 -4.97 9.13 -5.15
C LYS B 49 -3.86 10.13 -5.39
N ALA B 50 -2.77 9.91 -4.74
CA ALA B 50 -1.58 10.81 -4.91
C ALA B 50 -0.32 9.96 -4.89
N CYS B 51 0.76 10.46 -5.39
CA CYS B 51 2.01 9.68 -5.33
C CYS B 51 2.95 10.40 -4.40
N LEU B 52 3.85 9.71 -3.78
CA LEU B 52 4.81 10.38 -2.87
C LEU B 52 6.17 9.71 -3.09
N ASN B 53 7.23 10.34 -2.66
CA ASN B 53 8.58 9.74 -2.90
C ASN B 53 9.01 8.85 -1.73
N PRO B 54 8.88 7.54 -1.86
CA PRO B 54 9.34 6.63 -0.79
C PRO B 54 10.86 6.80 -0.65
N ALA B 55 11.51 7.25 -1.72
CA ALA B 55 12.97 7.54 -1.64
C ALA B 55 13.13 8.74 -0.69
N SER B 56 12.14 9.61 -0.67
CA SER B 56 12.17 10.78 0.25
C SER B 56 12.04 10.28 1.69
N PRO B 57 12.68 10.95 2.62
CA PRO B 57 12.62 10.59 4.04
C PRO B 57 11.26 11.00 4.62
N ILE B 58 10.86 12.22 4.36
CA ILE B 58 9.53 12.72 4.84
C ILE B 58 8.44 11.78 4.35
N VAL B 59 8.50 11.45 3.10
CA VAL B 59 7.48 10.58 2.51
C VAL B 59 7.65 9.17 3.08
N LYS B 60 8.86 8.73 3.31
CA LYS B 60 9.06 7.38 3.94
C LYS B 60 8.30 7.39 5.28
N LYS B 61 8.03 8.59 5.79
CA LYS B 61 7.26 8.76 7.03
C LYS B 61 5.82 8.45 6.67
N ILE B 62 5.35 9.10 5.62
CA ILE B 62 3.98 8.87 5.11
C ILE B 62 3.65 7.37 5.15
N ILE B 63 4.60 6.51 4.82
CA ILE B 63 4.33 5.06 4.89
C ILE B 63 4.22 4.63 6.34
N GLU B 64 5.21 4.96 7.09
CA GLU B 64 5.25 4.58 8.53
C GLU B 64 4.07 5.20 9.29
N LYS B 65 3.79 6.46 9.07
CA LYS B 65 2.67 7.14 9.78
C LYS B 65 1.36 6.51 9.32
N MET B 66 1.20 6.30 8.04
CA MET B 66 -0.03 5.64 7.54
C MET B 66 -0.13 4.27 8.23
N LEU B 67 1.01 3.64 8.45
CA LEU B 67 1.06 2.34 9.15
C LEU B 67 0.64 2.52 10.62
N ASN B 68 0.94 3.66 11.20
CA ASN B 68 0.58 3.90 12.65
C ASN B 68 -0.95 4.06 12.77
N SER B 69 -1.54 4.93 11.98
CA SER B 69 -3.01 5.15 12.03
C SER B 69 -3.41 5.70 13.42
N ASP B 70 -3.08 6.93 13.69
CA ASP B 70 -3.43 7.55 15.01
C ASP B 70 -4.11 8.90 14.78
N LYS B 71 -4.42 9.61 15.85
CA LYS B 71 -5.07 10.96 15.71
C LYS B 71 -4.13 11.90 14.94
N SER B 72 -2.86 11.85 15.23
CA SER B 72 -1.88 12.72 14.52
C SER B 72 -1.13 11.90 13.46
N ALA A 1 -21.70 -15.15 22.06
CA ALA A 1 -21.71 -15.45 20.61
C ALA A 1 -20.27 -15.56 20.09
N SER A 2 -19.48 -14.51 20.23
CA SER A 2 -18.06 -14.53 19.76
C SER A 2 -18.01 -14.66 18.23
N VAL A 3 -17.95 -13.55 17.53
CA VAL A 3 -17.90 -13.60 16.03
C VAL A 3 -17.10 -12.40 15.50
N ALA A 4 -16.32 -12.61 14.46
CA ALA A 4 -15.51 -11.49 13.88
C ALA A 4 -16.38 -10.68 12.90
N THR A 5 -15.92 -9.52 12.51
CA THR A 5 -16.71 -8.68 11.56
C THR A 5 -15.81 -8.16 10.43
N GLU A 6 -15.96 -8.72 9.25
CA GLU A 6 -15.14 -8.27 8.08
C GLU A 6 -15.75 -8.84 6.78
N LEU A 7 -16.68 -8.13 6.18
CA LEU A 7 -17.30 -8.61 4.92
C LEU A 7 -16.86 -7.69 3.80
N ARG A 8 -17.13 -6.42 3.98
CA ARG A 8 -16.75 -5.39 2.97
C ARG A 8 -15.30 -5.60 2.53
N CYS A 9 -14.41 -5.72 3.48
CA CYS A 9 -12.96 -5.92 3.17
C CYS A 9 -12.77 -7.22 2.36
N GLN A 10 -11.63 -7.35 1.72
CA GLN A 10 -11.35 -8.57 0.88
C GLN A 10 -10.23 -9.43 1.48
N CYS A 11 -9.55 -8.95 2.51
CA CYS A 11 -8.42 -9.74 3.14
C CYS A 11 -8.76 -11.24 3.18
N LEU A 12 -7.84 -12.06 2.75
CA LEU A 12 -8.07 -13.53 2.76
C LEU A 12 -8.10 -13.99 4.22
N GLN A 13 -6.97 -13.91 4.86
CA GLN A 13 -6.84 -14.28 6.30
C GLN A 13 -5.46 -13.82 6.78
N THR A 14 -5.09 -12.63 6.36
CA THR A 14 -3.76 -12.02 6.69
C THR A 14 -2.66 -13.06 6.87
N LEU A 15 -1.92 -13.31 5.84
CA LEU A 15 -0.79 -14.29 5.91
C LEU A 15 0.37 -13.68 6.72
N GLN A 16 1.22 -14.51 7.26
CA GLN A 16 2.36 -14.00 8.08
C GLN A 16 3.60 -13.83 7.19
N GLY A 17 3.54 -12.90 6.28
CA GLY A 17 4.70 -12.63 5.40
C GLY A 17 4.99 -13.81 4.48
N ILE A 18 4.33 -13.87 3.37
CA ILE A 18 4.59 -14.98 2.41
C ILE A 18 5.82 -14.61 1.58
N HIS A 19 6.14 -15.36 0.58
CA HIS A 19 7.33 -15.02 -0.24
C HIS A 19 6.86 -14.20 -1.47
N PRO A 20 7.66 -13.24 -1.87
CA PRO A 20 7.32 -12.35 -3.01
C PRO A 20 7.49 -13.09 -4.35
N LYS A 21 8.33 -12.60 -5.26
CA LYS A 21 8.47 -13.25 -6.61
C LYS A 21 7.22 -12.89 -7.43
N ASN A 22 6.07 -13.12 -6.87
CA ASN A 22 4.79 -12.76 -7.53
C ASN A 22 4.36 -11.43 -6.96
N ILE A 23 4.31 -11.37 -5.66
CA ILE A 23 3.92 -10.14 -4.93
C ILE A 23 4.63 -8.92 -5.56
N GLN A 24 3.89 -8.11 -6.28
CA GLN A 24 4.46 -6.93 -6.95
C GLN A 24 4.05 -5.64 -6.22
N SER A 25 3.02 -5.68 -5.39
CA SER A 25 2.61 -4.44 -4.68
C SER A 25 1.70 -4.76 -3.49
N VAL A 26 1.24 -3.73 -2.81
CA VAL A 26 0.36 -3.92 -1.64
C VAL A 26 -0.44 -2.65 -1.37
N ASN A 27 -1.57 -2.79 -0.74
CA ASN A 27 -2.41 -1.63 -0.40
C ASN A 27 -2.77 -1.67 1.09
N VAL A 28 -2.53 -0.58 1.78
CA VAL A 28 -2.86 -0.54 3.22
C VAL A 28 -3.99 0.48 3.46
N LYS A 29 -5.14 -0.01 3.85
CA LYS A 29 -6.32 0.89 4.10
C LYS A 29 -6.67 0.89 5.59
N SER A 30 -7.47 1.84 6.00
CA SER A 30 -7.90 1.95 7.43
C SER A 30 -9.31 1.34 7.58
N PRO A 31 -9.82 1.31 8.80
CA PRO A 31 -11.16 0.75 9.09
C PRO A 31 -12.27 1.72 8.65
N GLY A 32 -13.52 1.39 8.87
CA GLY A 32 -14.62 2.31 8.44
C GLY A 32 -15.99 1.67 8.71
N PRO A 33 -16.42 0.81 7.82
CA PRO A 33 -17.73 0.13 7.93
C PRO A 33 -17.68 -0.96 9.02
N HIS A 34 -18.62 -1.87 9.01
CA HIS A 34 -18.65 -2.97 10.04
C HIS A 34 -17.36 -3.79 10.01
N CYS A 35 -16.65 -3.80 8.89
CA CYS A 35 -15.35 -4.54 8.84
C CYS A 35 -14.46 -3.88 9.90
N ALA A 36 -14.54 -2.56 9.97
CA ALA A 36 -13.83 -1.73 11.02
C ALA A 36 -12.45 -2.27 11.39
N GLN A 37 -11.77 -2.85 10.46
CA GLN A 37 -10.40 -3.37 10.73
C GLN A 37 -9.43 -2.64 9.80
N THR A 38 -8.19 -3.02 9.82
CA THR A 38 -7.21 -2.36 8.92
C THR A 38 -7.36 -2.94 7.51
N GLU A 39 -6.39 -2.73 6.69
CA GLU A 39 -6.42 -3.28 5.32
C GLU A 39 -4.99 -3.41 4.91
N VAL A 40 -4.61 -4.53 4.42
CA VAL A 40 -3.22 -4.71 4.05
C VAL A 40 -3.15 -5.76 2.94
N ILE A 41 -3.52 -5.36 1.75
CA ILE A 41 -3.57 -6.33 0.63
C ILE A 41 -2.34 -6.24 -0.28
N ALA A 42 -1.61 -7.31 -0.40
CA ALA A 42 -0.44 -7.34 -1.32
C ALA A 42 -0.92 -7.82 -2.68
N THR A 43 -0.90 -6.97 -3.68
CA THR A 43 -1.38 -7.42 -5.01
C THR A 43 -0.35 -8.35 -5.63
N LEU A 44 -0.78 -9.52 -5.99
CA LEU A 44 0.12 -10.52 -6.58
C LEU A 44 0.50 -10.16 -8.01
N LYS A 45 1.59 -10.71 -8.50
CA LYS A 45 2.07 -10.48 -9.88
C LYS A 45 1.00 -10.84 -10.89
N ASN A 46 0.28 -11.89 -10.63
CA ASN A 46 -0.82 -12.30 -11.57
C ASN A 46 -2.00 -11.30 -11.46
N GLY A 47 -1.85 -10.25 -10.67
CA GLY A 47 -2.94 -9.27 -10.49
C GLY A 47 -3.93 -9.82 -9.47
N ARG A 48 -3.40 -10.49 -8.47
CA ARG A 48 -4.27 -11.07 -7.41
C ARG A 48 -4.05 -10.26 -6.14
N LYS A 49 -4.53 -10.70 -5.01
CA LYS A 49 -4.30 -9.92 -3.78
C LYS A 49 -4.30 -10.82 -2.56
N ALA A 50 -3.56 -10.43 -1.56
CA ALA A 50 -3.51 -11.21 -0.29
C ALA A 50 -3.49 -10.23 0.87
N CYS A 51 -3.90 -10.63 2.03
CA CYS A 51 -3.81 -9.69 3.16
C CYS A 51 -2.80 -10.27 4.11
N LEU A 52 -2.08 -9.45 4.83
CA LEU A 52 -1.07 -9.99 5.77
C LEU A 52 -1.22 -9.25 7.11
N ASN A 53 -0.58 -9.72 8.13
CA ASN A 53 -0.74 -9.05 9.47
C ASN A 53 0.37 -8.03 9.70
N PRO A 54 0.14 -6.75 9.42
CA PRO A 54 1.17 -5.73 9.66
C PRO A 54 1.49 -5.66 11.16
N ALA A 55 0.53 -6.00 12.00
CA ALA A 55 0.81 -6.06 13.46
C ALA A 55 1.87 -7.15 13.68
N SER A 56 1.87 -8.16 12.83
CA SER A 56 2.88 -9.25 12.90
C SER A 56 4.27 -8.65 12.61
N PRO A 57 5.30 -9.21 13.19
CA PRO A 57 6.68 -8.73 12.98
C PRO A 57 7.18 -9.14 11.58
N ILE A 58 7.15 -10.42 11.29
CA ILE A 58 7.58 -10.91 9.94
C ILE A 58 6.81 -10.14 8.88
N VAL A 59 5.55 -9.99 9.09
CA VAL A 59 4.71 -9.28 8.11
C VAL A 59 5.10 -7.82 8.07
N LYS A 60 5.38 -7.22 9.20
CA LYS A 60 5.82 -5.80 9.18
C LYS A 60 7.06 -5.70 8.26
N LYS A 61 7.70 -6.84 8.04
CA LYS A 61 8.86 -6.94 7.12
C LYS A 61 8.29 -6.84 5.73
N ILE A 62 7.30 -7.64 5.47
CA ILE A 62 6.61 -7.63 4.15
C ILE A 62 6.38 -6.18 3.69
N ILE A 63 6.07 -5.29 4.60
CA ILE A 63 5.88 -3.86 4.20
C ILE A 63 7.23 -3.27 3.87
N GLU A 64 8.15 -3.42 4.78
CA GLU A 64 9.51 -2.86 4.58
C GLU A 64 10.20 -3.49 3.37
N LYS A 65 10.13 -4.79 3.24
CA LYS A 65 10.78 -5.46 2.08
C LYS A 65 10.06 -5.05 0.80
N MET A 66 8.76 -5.00 0.83
CA MET A 66 8.01 -4.56 -0.37
C MET A 66 8.48 -3.13 -0.68
N LEU A 67 8.78 -2.37 0.36
CA LEU A 67 9.29 -0.99 0.19
C LEU A 67 10.69 -1.05 -0.43
#